data_5V1X
#
_entry.id   5V1X
#
_cell.length_a   103.898
_cell.length_b   195.067
_cell.length_c   107.604
_cell.angle_alpha   90.00
_cell.angle_beta   91.34
_cell.angle_gamma   90.00
#
_symmetry.space_group_name_H-M   'P 1 21 1'
#
loop_
_entity.id
_entity.type
_entity.pdbx_description
1 polymer 'Hercynylcysteine sulfoxide lyase'
2 non-polymer 'FORMIC ACID'
3 non-polymer (1S)-2-{2-[(R)-(2R)-2-amino-2-carboxyethanesulfinyl]-1H-imidazol-4-yl}-1-carboxy-N,N,N-trimethylethan-1-aminium
4 water water
#
_entity_poly.entity_id   1
_entity_poly.type   'polypeptide(L)'
_entity_poly.pdbx_seq_one_letter_code
;MGDRGPEFVATTVELPLQQKADAAQTVTGPLPFGNSLLKEFVLDPAYRNLNHGSFGTIPSAIQQKLRSYQTAAEARPCPF
LRYQTPVLLDESRAAVANLLKVPVETVVFVANATMGVNTVLRNIVWSADGKDEILYFDTIFGACGKTIDYVIEDKRGIVS
SRCIPLIYPAEDDDVVAAFRDAIKKSREEGKRPRLAVIDVVSSMPGVRFPFEDIVKICKEEEIISCVDGAQGIGMVDLKI
TETDPDFLISNCH(LLP)WLFTPRGCAVFYVPVRNQHLIRSTLPTSHGFVPQVGNRFNPLVPAGNKSAFVSNFEFVGTVD
NSPFFCVKDAIKWREEVLGGEERIMEYMTKLAREGGQKVAEILGTRVLENSTGTLIRCAMVNIALPFVVGEDPKAPVKLT
EKEEKDVEGLYEIPHEEANMAFKWMYNVLQDEFNTFVPMTFHRRRFWARLSAQVYLEMSDFEWAGKTLKELCERVAKGEY
KESALEVDLQGDHGLSAWSHPQFEK
;
_entity_poly.pdbx_strand_id   E,F,D,C,A,B,G,H
#
# COMPACT_ATOMS: atom_id res chain seq x y z
N THR A 28 48.78 -4.89 34.49
CA THR A 28 49.69 -5.89 35.01
C THR A 28 50.35 -6.70 33.89
N GLY A 29 50.80 -7.92 34.21
CA GLY A 29 51.68 -8.65 33.32
C GLY A 29 50.94 -9.39 32.22
N PRO A 30 51.72 -10.05 31.36
CA PRO A 30 51.13 -10.79 30.23
C PRO A 30 50.43 -12.07 30.65
N LEU A 31 49.80 -12.77 29.68
CA LEU A 31 49.04 -13.95 30.04
C LEU A 31 49.91 -15.20 30.02
N PRO A 32 49.73 -16.10 30.98
CA PRO A 32 50.45 -17.38 30.92
C PRO A 32 50.01 -18.22 29.73
N PHE A 33 50.94 -19.02 29.23
CA PHE A 33 50.67 -19.89 28.09
C PHE A 33 50.03 -21.20 28.55
N GLY A 34 49.67 -22.03 27.60
CA GLY A 34 49.02 -23.30 27.88
C GLY A 34 47.54 -23.26 27.55
N ASN A 35 46.85 -24.32 27.96
CA ASN A 35 45.44 -24.51 27.62
C ASN A 35 44.55 -23.37 28.13
N SER A 36 44.97 -22.66 29.19
CA SER A 36 44.20 -21.52 29.65
C SER A 36 44.13 -20.41 28.59
N LEU A 37 45.08 -20.40 27.66
CA LEU A 37 45.08 -19.40 26.60
C LEU A 37 44.03 -19.67 25.54
N LEU A 38 43.48 -20.89 25.50
CA LEU A 38 42.44 -21.23 24.53
C LEU A 38 41.18 -20.38 24.70
N LYS A 39 40.98 -19.81 25.89
CA LYS A 39 39.85 -18.89 26.08
C LYS A 39 39.93 -17.71 25.13
N GLU A 40 41.13 -17.37 24.66
CA GLU A 40 41.32 -16.24 23.75
C GLU A 40 41.17 -16.62 22.28
N PHE A 41 41.10 -17.91 21.97
CA PHE A 41 41.02 -18.39 20.60
C PHE A 41 39.61 -18.92 20.30
N VAL A 42 39.40 -19.34 19.06
CA VAL A 42 38.08 -19.74 18.58
C VAL A 42 38.14 -21.13 17.97
N LEU A 43 39.03 -21.97 18.49
CA LEU A 43 39.09 -23.36 18.07
C LEU A 43 37.93 -24.14 18.68
N ASP A 44 37.53 -25.21 17.99
CA ASP A 44 36.55 -26.12 18.54
C ASP A 44 37.13 -26.78 19.78
N PRO A 45 36.50 -26.66 20.95
CA PRO A 45 37.04 -27.32 22.15
C PRO A 45 37.12 -28.83 22.03
N ALA A 46 36.35 -29.44 21.12
CA ALA A 46 36.47 -30.86 20.86
C ALA A 46 37.58 -31.19 19.86
N TYR A 47 38.15 -30.19 19.19
CA TYR A 47 39.21 -30.39 18.22
C TYR A 47 40.54 -29.99 18.85
N ARG A 48 41.55 -30.84 18.68
CA ARG A 48 42.89 -30.58 19.17
C ARG A 48 43.76 -30.18 17.98
N ASN A 49 44.25 -28.94 18.00
CA ASN A 49 45.00 -28.38 16.88
C ASN A 49 46.48 -28.62 17.13
N LEU A 50 46.95 -29.81 16.74
CA LEU A 50 48.36 -30.13 16.77
C LEU A 50 49.07 -29.78 15.46
N ASN A 51 48.35 -29.19 14.51
CA ASN A 51 48.89 -28.84 13.19
C ASN A 51 48.59 -27.37 12.91
N HIS A 52 49.19 -26.48 13.70
CA HIS A 52 49.02 -25.05 13.48
C HIS A 52 49.81 -24.56 12.27
N GLY A 53 50.85 -25.29 11.86
CA GLY A 53 51.75 -24.80 10.82
C GLY A 53 51.17 -24.82 9.41
N SER A 54 50.08 -25.54 9.18
CA SER A 54 49.49 -25.59 7.85
C SER A 54 48.73 -24.31 7.53
N PHE A 55 47.66 -24.03 8.29
CA PHE A 55 46.81 -22.89 8.03
C PHE A 55 46.76 -21.87 9.17
N GLY A 56 47.33 -22.19 10.33
CA GLY A 56 47.31 -21.27 11.44
C GLY A 56 45.90 -21.01 11.96
N THR A 57 45.82 -20.09 12.91
CA THR A 57 44.53 -19.67 13.44
C THR A 57 44.73 -18.32 14.11
N ILE A 58 43.63 -17.66 14.44
CA ILE A 58 43.67 -16.33 15.02
C ILE A 58 42.91 -16.30 16.33
N PRO A 59 43.30 -15.45 17.28
CA PRO A 59 42.52 -15.30 18.51
C PRO A 59 41.21 -14.57 18.24
N SER A 60 40.35 -14.59 19.26
CA SER A 60 39.03 -13.99 19.12
C SER A 60 39.10 -12.48 18.92
N ALA A 61 40.08 -11.82 19.52
CA ALA A 61 40.22 -10.39 19.34
C ALA A 61 40.58 -10.02 17.90
N ILE A 62 41.36 -10.88 17.23
CA ILE A 62 41.76 -10.59 15.86
C ILE A 62 40.62 -10.90 14.89
N GLN A 63 39.85 -11.96 15.15
CA GLN A 63 38.67 -12.23 14.34
C GLN A 63 37.68 -11.06 14.42
N GLN A 64 37.55 -10.44 15.58
CA GLN A 64 36.66 -9.29 15.72
C GLN A 64 37.17 -8.10 14.94
N LYS A 65 38.49 -7.92 14.86
CA LYS A 65 39.04 -6.86 14.04
C LYS A 65 38.82 -7.11 12.56
N LEU A 66 38.98 -8.37 12.12
CA LEU A 66 38.70 -8.73 10.74
C LEU A 66 37.29 -8.30 10.34
N ARG A 67 36.32 -8.54 11.21
CA ARG A 67 34.93 -8.19 10.91
C ARG A 67 34.66 -6.69 11.03
N SER A 68 35.47 -5.97 11.81
CA SER A 68 35.32 -4.52 11.86
C SER A 68 35.77 -3.88 10.56
N TYR A 69 36.88 -4.35 10.00
CA TYR A 69 37.27 -3.89 8.66
C TYR A 69 36.24 -4.32 7.63
N GLN A 70 35.67 -5.51 7.79
CA GLN A 70 34.60 -5.95 6.90
C GLN A 70 33.38 -5.03 7.02
N THR A 71 33.00 -4.68 8.25
CA THR A 71 31.86 -3.80 8.46
C THR A 71 32.09 -2.44 7.82
N ALA A 72 33.31 -1.89 7.97
CA ALA A 72 33.59 -0.57 7.43
C ALA A 72 33.54 -0.56 5.90
N ALA A 73 33.96 -1.66 5.26
CA ALA A 73 33.95 -1.71 3.80
C ALA A 73 32.53 -1.75 3.26
N GLU A 74 31.62 -2.42 3.95
CA GLU A 74 30.24 -2.50 3.49
C GLU A 74 29.44 -1.24 3.82
N ALA A 75 29.85 -0.50 4.86
CA ALA A 75 29.17 0.76 5.16
C ALA A 75 29.50 1.82 4.12
N ARG A 76 30.72 1.81 3.58
CA ARG A 76 31.18 2.83 2.65
C ARG A 76 32.12 2.21 1.64
N PRO A 77 31.57 1.46 0.66
CA PRO A 77 32.43 0.74 -0.30
C PRO A 77 33.49 1.64 -0.92
N CYS A 78 33.07 2.63 -1.72
CA CYS A 78 34.04 3.44 -2.44
C CYS A 78 34.91 4.29 -1.51
N PRO A 79 34.38 5.06 -0.57
CA PRO A 79 35.27 5.88 0.29
C PRO A 79 36.28 5.06 1.08
N PHE A 80 35.86 3.92 1.65
CA PHE A 80 36.78 3.11 2.44
C PHE A 80 37.80 2.39 1.56
N LEU A 81 37.31 1.63 0.58
CA LEU A 81 38.20 0.77 -0.20
C LEU A 81 39.15 1.58 -1.07
N ARG A 82 38.74 2.75 -1.55
CA ARG A 82 39.63 3.56 -2.38
C ARG A 82 40.67 4.30 -1.54
N TYR A 83 40.25 4.86 -0.40
CA TYR A 83 41.10 5.82 0.29
C TYR A 83 41.57 5.39 1.68
N GLN A 84 40.86 4.49 2.36
CA GLN A 84 41.36 3.97 3.63
C GLN A 84 42.28 2.77 3.45
N THR A 85 42.19 2.06 2.33
CA THR A 85 43.10 0.96 2.08
C THR A 85 44.56 1.40 2.02
N PRO A 86 44.93 2.49 1.32
CA PRO A 86 46.32 2.98 1.46
C PRO A 86 46.76 3.20 2.89
N VAL A 87 45.91 3.82 3.71
CA VAL A 87 46.28 4.15 5.09
C VAL A 87 46.48 2.88 5.90
N LEU A 88 45.50 1.98 5.85
CA LEU A 88 45.56 0.77 6.67
C LEU A 88 46.67 -0.17 6.24
N LEU A 89 46.96 -0.23 4.93
CA LEU A 89 48.10 -1.01 4.48
C LEU A 89 49.41 -0.44 5.02
N ASP A 90 49.52 0.89 5.06
CA ASP A 90 50.76 1.52 5.54
C ASP A 90 50.95 1.29 7.04
N GLU A 91 49.86 1.25 7.82
CA GLU A 91 49.98 0.94 9.23
C GLU A 91 50.45 -0.50 9.44
N SER A 92 49.96 -1.43 8.62
CA SER A 92 50.42 -2.81 8.71
C SER A 92 51.82 -2.97 8.15
N ARG A 93 52.23 -2.10 7.23
CA ARG A 93 53.59 -2.16 6.71
C ARG A 93 54.59 -1.65 7.73
N ALA A 94 54.26 -0.57 8.44
CA ALA A 94 55.16 -0.08 9.48
C ALA A 94 55.23 -1.05 10.65
N ALA A 95 54.10 -1.70 10.98
CA ALA A 95 54.08 -2.62 12.11
C ALA A 95 54.94 -3.84 11.84
N VAL A 96 54.83 -4.44 10.66
CA VAL A 96 55.60 -5.65 10.39
C VAL A 96 57.05 -5.32 10.08
N ALA A 97 57.34 -4.11 9.59
CA ALA A 97 58.72 -3.74 9.32
C ALA A 97 59.49 -3.51 10.62
N ASN A 98 58.85 -2.92 11.62
CA ASN A 98 59.50 -2.75 12.92
C ASN A 98 59.72 -4.09 13.60
N LEU A 99 58.77 -5.02 13.45
CA LEU A 99 58.93 -6.35 14.02
C LEU A 99 60.15 -7.05 13.45
N LEU A 100 60.30 -7.00 12.13
CA LEU A 100 61.45 -7.60 11.47
C LEU A 100 62.68 -6.70 11.49
N LYS A 101 62.58 -5.52 12.09
CA LYS A 101 63.68 -4.55 12.13
C LYS A 101 64.19 -4.25 10.72
N VAL A 102 63.25 -3.85 9.87
CA VAL A 102 63.46 -3.73 8.43
C VAL A 102 62.95 -2.37 7.97
N PRO A 103 63.59 -1.72 7.00
CA PRO A 103 63.05 -0.46 6.47
C PRO A 103 61.65 -0.66 5.91
N VAL A 104 60.75 0.25 6.25
CA VAL A 104 59.35 0.10 5.87
C VAL A 104 59.18 0.17 4.35
N GLU A 105 60.10 0.84 3.66
CA GLU A 105 60.04 0.96 2.21
C GLU A 105 60.35 -0.35 1.49
N THR A 106 60.70 -1.41 2.21
CA THR A 106 61.09 -2.67 1.61
C THR A 106 60.11 -3.81 1.91
N VAL A 107 58.92 -3.50 2.42
CA VAL A 107 57.93 -4.53 2.74
C VAL A 107 56.59 -4.15 2.12
N VAL A 108 55.93 -5.15 1.53
CA VAL A 108 54.55 -5.05 1.05
C VAL A 108 53.85 -6.35 1.41
N PHE A 109 52.57 -6.43 1.08
CA PHE A 109 51.76 -7.61 1.40
C PHE A 109 51.23 -8.25 0.13
N VAL A 110 51.30 -9.57 0.07
CA VAL A 110 50.71 -10.34 -1.03
C VAL A 110 49.75 -11.36 -0.45
N ALA A 111 49.11 -12.14 -1.33
CA ALA A 111 48.02 -13.00 -0.89
C ALA A 111 48.49 -14.11 0.04
N ASN A 112 49.61 -14.74 -0.28
CA ASN A 112 50.11 -15.88 0.50
C ASN A 112 51.53 -16.19 0.05
N ALA A 113 52.09 -17.26 0.62
CA ALA A 113 53.46 -17.64 0.29
C ALA A 113 53.57 -18.11 -1.15
N THR A 114 52.59 -18.87 -1.63
CA THR A 114 52.63 -19.33 -3.02
C THR A 114 52.59 -18.15 -3.98
N MET A 115 51.82 -17.11 -3.65
CA MET A 115 51.65 -15.98 -4.55
C MET A 115 52.96 -15.21 -4.73
N GLY A 116 53.68 -14.95 -3.64
CA GLY A 116 54.89 -14.15 -3.74
C GLY A 116 56.08 -14.88 -4.33
N VAL A 117 56.15 -16.20 -4.13
CA VAL A 117 57.18 -16.98 -4.82
C VAL A 117 56.97 -16.92 -6.32
N ASN A 118 55.70 -16.99 -6.76
CA ASN A 118 55.40 -16.79 -8.17
C ASN A 118 55.76 -15.37 -8.61
N THR A 119 55.54 -14.38 -7.75
CA THR A 119 55.87 -13.00 -8.10
C THR A 119 57.35 -12.85 -8.42
N VAL A 120 58.21 -13.53 -7.66
CA VAL A 120 59.65 -13.45 -7.92
C VAL A 120 60.00 -14.19 -9.20
N LEU A 121 59.57 -15.45 -9.31
CA LEU A 121 60.00 -16.30 -10.42
C LEU A 121 59.46 -15.85 -11.77
N ARG A 122 58.36 -15.10 -11.79
CA ARG A 122 57.77 -14.68 -13.06
C ARG A 122 58.25 -13.32 -13.54
N ASN A 123 58.84 -12.51 -12.66
CA ASN A 123 59.37 -11.22 -13.05
C ASN A 123 60.86 -11.26 -13.39
N ILE A 124 61.54 -12.37 -13.09
CA ILE A 124 62.97 -12.46 -13.39
C ILE A 124 63.16 -12.57 -14.90
N VAL A 125 64.02 -11.72 -15.44
CA VAL A 125 64.39 -11.75 -16.85
C VAL A 125 65.65 -12.59 -16.98
N TRP A 126 65.50 -13.80 -17.52
CA TRP A 126 66.62 -14.73 -17.61
C TRP A 126 67.53 -14.37 -18.78
N SER A 127 68.79 -14.80 -18.67
CA SER A 127 69.80 -14.41 -19.64
C SER A 127 69.51 -15.01 -21.00
N ALA A 128 69.91 -14.27 -22.05
CA ALA A 128 69.48 -14.56 -23.41
C ALA A 128 70.01 -15.88 -23.94
N ASP A 129 71.20 -16.29 -23.52
CA ASP A 129 71.79 -17.50 -24.09
C ASP A 129 71.04 -18.77 -23.67
N GLY A 130 70.51 -18.79 -22.45
CA GLY A 130 69.76 -19.93 -21.95
C GLY A 130 70.45 -20.80 -20.92
N LYS A 131 71.58 -20.36 -20.36
CA LYS A 131 72.31 -21.18 -19.39
C LYS A 131 71.78 -21.02 -17.96
N ASP A 132 70.90 -20.05 -17.72
CA ASP A 132 70.44 -19.78 -16.35
C ASP A 132 69.76 -21.02 -15.82
N GLU A 133 70.07 -21.41 -14.59
CA GLU A 133 69.30 -22.47 -13.99
C GLU A 133 68.94 -22.13 -12.56
N ILE A 134 67.79 -22.62 -12.14
CA ILE A 134 67.26 -22.40 -10.80
C ILE A 134 67.66 -23.57 -9.93
N LEU A 135 68.38 -23.29 -8.85
CA LEU A 135 68.72 -24.32 -7.88
C LEU A 135 67.66 -24.41 -6.80
N TYR A 136 67.31 -25.63 -6.42
CA TYR A 136 66.35 -25.86 -5.36
C TYR A 136 66.57 -27.24 -4.77
N PHE A 137 66.20 -27.40 -3.50
CA PHE A 137 66.30 -28.67 -2.82
C PHE A 137 65.01 -29.46 -2.97
N ASP A 138 65.12 -30.78 -2.82
CA ASP A 138 63.96 -31.64 -3.04
C ASP A 138 62.95 -31.59 -1.91
N THR A 139 63.27 -30.95 -0.78
CA THR A 139 62.30 -30.70 0.29
C THR A 139 61.53 -29.41 0.08
N ILE A 140 61.55 -28.86 -1.14
CA ILE A 140 60.83 -27.63 -1.41
C ILE A 140 59.33 -27.88 -1.35
N PHE A 141 58.57 -26.84 -1.03
CA PHE A 141 57.12 -26.95 -0.99
C PHE A 141 56.58 -27.30 -2.37
N GLY A 142 55.53 -28.12 -2.40
CA GLY A 142 55.07 -28.68 -3.66
C GLY A 142 54.64 -27.64 -4.67
N ALA A 143 53.91 -26.61 -4.22
CA ALA A 143 53.47 -25.57 -5.14
C ALA A 143 54.66 -24.79 -5.69
N CYS A 144 55.69 -24.58 -4.88
CA CYS A 144 56.83 -23.78 -5.32
C CYS A 144 57.68 -24.54 -6.33
N GLY A 145 57.91 -25.83 -6.10
CA GLY A 145 58.66 -26.62 -7.07
C GLY A 145 57.96 -26.70 -8.41
N LYS A 146 56.64 -26.87 -8.40
CA LYS A 146 55.89 -26.90 -9.65
C LYS A 146 55.83 -25.52 -10.30
N THR A 147 55.92 -24.45 -9.49
CA THR A 147 56.03 -23.12 -10.07
C THR A 147 57.30 -23.00 -10.91
N ILE A 148 58.37 -23.64 -10.46
CA ILE A 148 59.60 -23.69 -11.26
C ILE A 148 59.35 -24.45 -12.56
N ASP A 149 58.62 -25.57 -12.47
CA ASP A 149 58.37 -26.37 -13.67
C ASP A 149 57.53 -25.63 -14.69
N TYR A 150 56.62 -24.76 -14.25
CA TYR A 150 55.80 -24.01 -15.20
C TYR A 150 56.57 -22.83 -15.78
N VAL A 151 57.40 -22.17 -14.98
CA VAL A 151 58.21 -21.06 -15.49
C VAL A 151 59.19 -21.55 -16.55
N ILE A 152 59.72 -22.76 -16.37
CA ILE A 152 60.55 -23.36 -17.40
C ILE A 152 59.76 -23.55 -18.68
N GLU A 153 58.49 -23.95 -18.54
CA GLU A 153 57.65 -24.20 -19.71
C GLU A 153 57.21 -22.90 -20.37
N ASP A 154 56.74 -21.94 -19.57
CA ASP A 154 56.28 -20.67 -20.12
C ASP A 154 57.41 -19.92 -20.81
N LYS A 155 58.60 -19.95 -20.22
CA LYS A 155 59.77 -19.31 -20.81
C LYS A 155 60.42 -20.16 -21.90
N ARG A 156 59.87 -21.34 -22.19
CA ARG A 156 60.27 -22.14 -23.36
C ARG A 156 61.73 -22.57 -23.28
N GLY A 157 62.13 -23.10 -22.12
CA GLY A 157 63.41 -23.77 -21.98
C GLY A 157 64.63 -22.88 -21.89
N ILE A 158 64.47 -21.56 -21.82
CA ILE A 158 65.64 -20.70 -21.63
C ILE A 158 66.12 -20.68 -20.20
N VAL A 159 65.32 -21.20 -19.27
CA VAL A 159 65.75 -21.41 -17.88
C VAL A 159 65.47 -22.86 -17.53
N SER A 160 66.36 -23.47 -16.75
CA SER A 160 66.23 -24.85 -16.31
C SER A 160 66.27 -24.91 -14.79
N SER A 161 66.13 -26.12 -14.26
CA SER A 161 66.17 -26.34 -12.82
C SER A 161 67.08 -27.52 -12.51
N ARG A 162 67.59 -27.53 -11.28
CA ARG A 162 68.46 -28.61 -10.81
C ARG A 162 68.06 -28.95 -9.38
N CYS A 163 67.52 -30.15 -9.21
CA CYS A 163 67.04 -30.59 -7.90
C CYS A 163 68.20 -31.10 -7.07
N ILE A 164 68.25 -30.68 -5.81
CA ILE A 164 69.32 -31.09 -4.89
C ILE A 164 68.73 -32.03 -3.84
N PRO A 165 68.96 -33.33 -3.95
CA PRO A 165 68.35 -34.27 -2.98
C PRO A 165 68.94 -34.10 -1.60
N LEU A 166 68.09 -34.27 -0.59
CA LEU A 166 68.49 -34.14 0.80
C LEU A 166 68.05 -35.38 1.57
N ILE A 167 68.91 -35.86 2.45
CA ILE A 167 68.62 -36.99 3.34
C ILE A 167 68.53 -36.45 4.76
N TYR A 168 67.40 -36.71 5.42
CA TYR A 168 67.22 -36.28 6.81
C TYR A 168 67.20 -37.47 7.75
N PRO A 169 67.78 -37.33 8.96
CA PRO A 169 68.41 -36.15 9.57
C PRO A 169 69.62 -35.60 8.81
N ALA A 170 69.52 -34.35 8.37
CA ALA A 170 70.56 -33.72 7.56
C ALA A 170 71.44 -32.83 8.43
N GLU A 171 72.75 -33.00 8.31
CA GLU A 171 73.69 -32.10 8.96
C GLU A 171 73.79 -30.80 8.19
N ASP A 172 74.05 -29.71 8.92
CA ASP A 172 74.15 -28.40 8.27
C ASP A 172 75.31 -28.37 7.29
N ASP A 173 76.43 -29.01 7.63
CA ASP A 173 77.58 -29.07 6.74
C ASP A 173 77.24 -29.82 5.45
N ASP A 174 76.44 -30.89 5.55
CA ASP A 174 76.09 -31.67 4.37
C ASP A 174 75.18 -30.87 3.44
N VAL A 175 74.28 -30.06 4.00
CA VAL A 175 73.43 -29.21 3.18
C VAL A 175 74.27 -28.16 2.46
N VAL A 176 75.15 -27.48 3.19
CA VAL A 176 76.08 -26.54 2.58
C VAL A 176 76.92 -27.25 1.52
N ALA A 177 77.34 -28.48 1.79
CA ALA A 177 78.15 -29.23 0.85
C ALA A 177 77.38 -29.55 -0.42
N ALA A 178 76.12 -29.98 -0.29
CA ALA A 178 75.33 -30.31 -1.47
C ALA A 178 75.07 -29.06 -2.32
N PHE A 179 74.89 -27.91 -1.67
CA PHE A 179 74.69 -26.67 -2.42
C PHE A 179 75.98 -26.22 -3.10
N ARG A 180 77.11 -26.35 -2.40
CA ARG A 180 78.39 -25.97 -3.00
C ARG A 180 78.77 -26.89 -4.14
N ASP A 181 78.38 -28.17 -4.08
CA ASP A 181 78.69 -29.10 -5.15
C ASP A 181 77.67 -29.03 -6.28
N ALA A 182 76.46 -28.55 -6.01
CA ALA A 182 75.49 -28.35 -7.09
C ALA A 182 75.83 -27.12 -7.93
N ILE A 183 76.30 -26.06 -7.28
CA ILE A 183 76.80 -24.89 -8.01
C ILE A 183 77.94 -25.30 -8.92
N LYS A 184 78.78 -26.22 -8.45
CA LYS A 184 79.96 -26.62 -9.20
C LYS A 184 79.60 -27.51 -10.39
N LYS A 185 78.77 -28.54 -10.16
CA LYS A 185 78.32 -29.39 -11.25
C LYS A 185 77.58 -28.62 -12.32
N SER A 186 76.99 -27.48 -11.96
CA SER A 186 76.31 -26.64 -12.94
C SER A 186 77.30 -26.01 -13.89
N ARG A 187 78.24 -25.24 -13.36
CA ARG A 187 79.23 -24.59 -14.19
C ARG A 187 80.07 -25.61 -14.96
N GLU A 188 80.26 -26.80 -14.38
CA GLU A 188 80.98 -27.85 -15.09
C GLU A 188 80.24 -28.27 -16.35
N GLU A 189 78.91 -28.15 -16.36
CA GLU A 189 78.10 -28.43 -17.54
C GLU A 189 77.87 -27.21 -18.40
N GLY A 190 78.68 -26.16 -18.24
CA GLY A 190 78.48 -24.94 -18.99
C GLY A 190 77.23 -24.18 -18.63
N LYS A 191 76.55 -24.56 -17.55
CA LYS A 191 75.35 -23.89 -17.08
C LYS A 191 75.73 -22.75 -16.14
N ARG A 192 74.72 -21.97 -15.74
CA ARG A 192 74.95 -20.89 -14.79
C ARG A 192 73.85 -20.91 -13.73
N PRO A 193 74.20 -21.10 -12.46
CA PRO A 193 73.25 -20.89 -11.36
C PRO A 193 72.84 -19.42 -11.31
N ARG A 194 71.55 -19.17 -11.48
CA ARG A 194 71.03 -17.81 -11.44
C ARG A 194 70.26 -17.51 -10.18
N LEU A 195 69.44 -18.45 -9.70
CA LEU A 195 68.55 -18.19 -8.58
C LEU A 195 68.36 -19.46 -7.77
N ALA A 196 68.30 -19.32 -6.45
CA ALA A 196 68.16 -20.44 -5.53
C ALA A 196 66.95 -20.22 -4.64
N VAL A 197 66.03 -21.19 -4.63
CA VAL A 197 64.90 -21.17 -3.71
C VAL A 197 65.39 -21.76 -2.38
N ILE A 198 65.41 -20.94 -1.33
CA ILE A 198 65.95 -21.32 -0.03
C ILE A 198 64.85 -21.23 1.01
N ASP A 199 64.74 -22.26 1.84
CA ASP A 199 63.76 -22.29 2.92
C ASP A 199 64.35 -21.71 4.20
N VAL A 200 63.50 -21.04 4.97
CA VAL A 200 63.84 -20.72 6.36
C VAL A 200 63.54 -21.91 7.26
N VAL A 201 62.27 -22.34 7.26
CA VAL A 201 61.85 -23.58 7.89
C VAL A 201 61.05 -24.36 6.84
N SER A 202 61.49 -25.59 6.56
CA SER A 202 60.86 -26.36 5.50
C SER A 202 59.51 -26.90 5.94
N SER A 203 58.64 -27.12 4.96
CA SER A 203 57.28 -27.59 5.22
C SER A 203 57.26 -29.02 5.73
N MET A 204 57.53 -29.98 4.86
CA MET A 204 57.55 -31.39 5.22
C MET A 204 58.88 -32.02 4.84
N PRO A 205 59.68 -32.43 5.85
CA PRO A 205 59.37 -32.33 7.27
C PRO A 205 59.55 -30.92 7.84
N GLY A 206 58.77 -30.59 8.87
CA GLY A 206 58.88 -29.30 9.52
C GLY A 206 60.20 -29.16 10.24
N VAL A 207 61.17 -28.51 9.62
CA VAL A 207 62.55 -28.52 10.08
C VAL A 207 63.21 -27.19 9.74
N ARG A 208 64.01 -26.68 10.67
CA ARG A 208 64.75 -25.45 10.45
C ARG A 208 65.93 -25.71 9.51
N PHE A 209 65.98 -24.95 8.38
CA PHE A 209 66.93 -25.03 7.28
C PHE A 209 68.08 -24.04 7.49
N PRO A 210 69.33 -24.46 7.23
CA PRO A 210 70.46 -23.52 7.40
C PRO A 210 70.52 -22.48 6.31
N PHE A 211 69.60 -21.50 6.34
CA PHE A 211 69.52 -20.51 5.28
C PHE A 211 70.56 -19.41 5.42
N GLU A 212 71.12 -19.21 6.62
CA GLU A 212 72.12 -18.15 6.79
C GLU A 212 73.35 -18.40 5.92
N ASP A 213 73.76 -19.67 5.80
CA ASP A 213 74.93 -20.00 5.02
C ASP A 213 74.63 -20.03 3.53
N ILE A 214 73.49 -20.59 3.14
CA ILE A 214 73.15 -20.72 1.73
C ILE A 214 72.90 -19.35 1.11
N VAL A 215 72.32 -18.42 1.87
CA VAL A 215 72.14 -17.06 1.37
C VAL A 215 73.50 -16.37 1.21
N LYS A 216 74.42 -16.62 2.14
CA LYS A 216 75.75 -16.04 2.03
C LYS A 216 76.49 -16.58 0.81
N ILE A 217 76.35 -17.88 0.54
CA ILE A 217 77.02 -18.48 -0.62
C ILE A 217 76.44 -17.95 -1.92
N CYS A 218 75.13 -17.63 -1.93
CA CYS A 218 74.53 -17.05 -3.13
C CYS A 218 75.13 -15.68 -3.44
N LYS A 219 75.50 -14.91 -2.42
CA LYS A 219 76.19 -13.65 -2.67
C LYS A 219 77.58 -13.90 -3.23
N GLU A 220 78.29 -14.91 -2.71
CA GLU A 220 79.64 -15.20 -3.17
C GLU A 220 79.63 -15.70 -4.62
N GLU A 221 78.64 -16.51 -4.98
CA GLU A 221 78.58 -17.13 -6.29
C GLU A 221 77.67 -16.37 -7.25
N GLU A 222 77.26 -15.15 -6.90
CA GLU A 222 76.43 -14.32 -7.77
C GLU A 222 75.12 -15.04 -8.14
N ILE A 223 74.40 -15.47 -7.12
CA ILE A 223 73.14 -16.18 -7.28
C ILE A 223 72.06 -15.40 -6.54
N ILE A 224 70.92 -15.20 -7.20
CA ILE A 224 69.81 -14.50 -6.55
C ILE A 224 69.25 -15.39 -5.45
N SER A 225 69.20 -14.86 -4.23
CA SER A 225 68.68 -15.58 -3.09
C SER A 225 67.19 -15.30 -2.96
N CYS A 226 66.37 -16.30 -3.32
CA CYS A 226 64.91 -16.21 -3.23
C CYS A 226 64.48 -17.04 -2.03
N VAL A 227 64.21 -16.38 -0.91
CA VAL A 227 64.00 -17.05 0.36
C VAL A 227 62.51 -17.35 0.55
N ASP A 228 62.18 -18.63 0.72
CA ASP A 228 60.82 -19.06 1.03
C ASP A 228 60.74 -19.25 2.54
N GLY A 229 60.41 -18.16 3.24
CA GLY A 229 60.26 -18.21 4.68
C GLY A 229 58.80 -18.28 5.09
N ALA A 230 58.00 -19.04 4.35
CA ALA A 230 56.58 -19.20 4.66
C ALA A 230 56.39 -19.64 6.12
N GLN A 231 57.13 -20.67 6.53
CA GLN A 231 57.27 -21.00 7.93
C GLN A 231 58.34 -20.07 8.49
N GLY A 232 57.94 -18.91 8.97
CA GLY A 232 58.90 -17.93 9.41
C GLY A 232 58.38 -16.88 10.38
N ILE A 233 57.61 -15.91 9.86
CA ILE A 233 57.24 -14.74 10.65
C ILE A 233 56.43 -15.17 11.86
N GLY A 234 56.81 -14.66 13.03
CA GLY A 234 56.16 -15.00 14.28
C GLY A 234 56.65 -16.26 14.94
N MET A 235 57.48 -17.07 14.26
CA MET A 235 57.96 -18.34 14.81
C MET A 235 59.45 -18.34 15.06
N VAL A 236 60.25 -17.84 14.12
CA VAL A 236 61.70 -17.78 14.26
C VAL A 236 62.16 -16.37 13.93
N ASP A 237 63.44 -16.10 14.23
CA ASP A 237 64.05 -14.83 13.86
C ASP A 237 64.52 -14.93 12.42
N LEU A 238 63.91 -14.14 11.54
CA LEU A 238 64.27 -14.19 10.12
C LEU A 238 65.65 -13.60 9.86
N LYS A 239 66.14 -12.72 10.75
CA LYS A 239 67.48 -12.15 10.63
C LYS A 239 67.70 -11.51 9.26
N ILE A 240 66.68 -10.77 8.79
CA ILE A 240 66.67 -10.27 7.43
C ILE A 240 67.82 -9.29 7.20
N THR A 241 67.99 -8.32 8.11
CA THR A 241 69.03 -7.32 7.93
C THR A 241 70.41 -7.96 7.90
N GLU A 242 70.65 -8.94 8.75
CA GLU A 242 71.97 -9.56 8.83
C GLU A 242 72.24 -10.42 7.60
N THR A 243 71.35 -11.36 7.28
CA THR A 243 71.60 -12.24 6.15
C THR A 243 71.40 -11.55 4.82
N ASP A 244 70.62 -10.45 4.79
CA ASP A 244 70.51 -9.57 3.63
C ASP A 244 70.13 -10.33 2.36
N PRO A 245 68.93 -10.89 2.28
CA PRO A 245 68.55 -11.68 1.11
C PRO A 245 68.03 -10.78 -0.01
N ASP A 246 67.93 -11.37 -1.20
CA ASP A 246 67.43 -10.63 -2.36
C ASP A 246 65.91 -10.59 -2.39
N PHE A 247 65.26 -11.69 -2.02
CA PHE A 247 63.81 -11.75 -1.94
C PHE A 247 63.43 -12.70 -0.81
N LEU A 248 62.44 -12.30 -0.02
CA LEU A 248 61.98 -13.14 1.07
C LEU A 248 60.47 -13.02 1.21
N ILE A 249 59.83 -14.15 1.47
CA ILE A 249 58.39 -14.22 1.72
C ILE A 249 58.17 -14.90 3.06
N SER A 250 57.02 -14.61 3.68
CA SER A 250 56.67 -15.23 4.96
C SER A 250 55.19 -15.09 5.23
N ASN A 251 54.56 -16.19 5.66
CA ASN A 251 53.12 -16.26 5.89
C ASN A 251 52.77 -15.66 7.24
N CYS A 252 52.24 -14.43 7.23
CA CYS A 252 51.76 -13.84 8.48
C CYS A 252 50.62 -14.65 9.08
N HIS A 253 49.84 -15.32 8.23
CA HIS A 253 48.68 -16.07 8.72
C HIS A 253 49.05 -17.45 9.26
N TRP A 255 52.05 -18.07 11.49
CA TRP A 255 52.56 -17.99 12.86
C TRP A 255 52.51 -16.60 13.49
N LEU A 256 51.87 -15.62 12.82
CA LEU A 256 51.76 -14.28 13.38
C LEU A 256 50.33 -13.92 13.76
N PHE A 257 49.44 -14.91 13.85
CA PHE A 257 48.05 -14.72 14.31
C PHE A 257 47.29 -13.77 13.40
N THR A 258 47.62 -13.77 12.13
CA THR A 258 46.95 -12.95 11.12
C THR A 258 45.94 -13.80 10.36
N PRO A 259 44.75 -13.27 10.01
CA PRO A 259 43.77 -14.08 9.28
C PRO A 259 44.34 -14.60 7.97
N ARG A 260 43.84 -15.76 7.56
CA ARG A 260 44.35 -16.43 6.37
C ARG A 260 44.20 -15.56 5.14
N GLY A 261 45.21 -15.61 4.28
CA GLY A 261 45.26 -14.72 3.14
C GLY A 261 46.14 -13.53 3.42
N CYS A 262 47.32 -13.78 3.99
CA CYS A 262 48.27 -12.69 4.22
C CYS A 262 49.68 -13.23 4.27
N ALA A 263 50.59 -12.52 3.62
CA ALA A 263 52.01 -12.84 3.66
C ALA A 263 52.80 -11.59 3.30
N VAL A 264 53.85 -11.32 4.06
CA VAL A 264 54.68 -10.14 3.85
C VAL A 264 55.73 -10.45 2.79
N PHE A 265 55.95 -9.50 1.90
CA PHE A 265 56.91 -9.63 0.81
C PHE A 265 58.04 -8.63 1.04
N TYR A 266 59.22 -9.14 1.38
CA TYR A 266 60.40 -8.30 1.60
C TYR A 266 61.25 -8.29 0.34
N VAL A 267 61.49 -7.09 -0.19
CA VAL A 267 62.44 -6.89 -1.28
C VAL A 267 63.28 -5.66 -0.95
N PRO A 268 64.60 -5.77 -0.87
CA PRO A 268 65.43 -4.56 -0.74
C PRO A 268 65.30 -3.71 -1.98
N VAL A 269 65.43 -2.38 -1.81
CA VAL A 269 65.15 -1.49 -2.93
C VAL A 269 66.17 -1.66 -4.05
N ARG A 270 67.29 -2.33 -3.79
CA ARG A 270 68.21 -2.66 -4.86
C ARG A 270 67.62 -3.65 -5.85
N ASN A 271 66.61 -4.42 -5.44
CA ASN A 271 66.02 -5.45 -6.29
C ASN A 271 64.56 -5.18 -6.61
N GLN A 272 64.01 -4.04 -6.20
CA GLN A 272 62.60 -3.78 -6.44
C GLN A 272 62.32 -3.53 -7.91
N HIS A 273 63.30 -3.00 -8.65
CA HIS A 273 63.12 -2.83 -10.09
C HIS A 273 62.98 -4.17 -10.81
N LEU A 274 63.43 -5.27 -10.18
CA LEU A 274 63.31 -6.58 -10.80
C LEU A 274 61.88 -7.08 -10.78
N ILE A 275 61.07 -6.61 -9.82
CA ILE A 275 59.65 -6.94 -9.79
C ILE A 275 58.92 -5.99 -10.73
N ARG A 276 58.90 -6.34 -12.01
CA ARG A 276 58.31 -5.45 -13.02
C ARG A 276 56.81 -5.33 -12.85
N SER A 277 56.12 -6.43 -12.58
CA SER A 277 54.68 -6.44 -12.44
C SER A 277 54.28 -7.23 -11.19
N THR A 278 53.17 -6.82 -10.59
CA THR A 278 52.60 -7.56 -9.48
C THR A 278 51.87 -8.79 -10.00
N LEU A 279 51.34 -9.60 -9.08
CA LEU A 279 50.53 -10.74 -9.45
C LEU A 279 49.14 -10.61 -8.83
N PRO A 280 48.14 -10.30 -9.66
CA PRO A 280 48.28 -10.06 -11.11
C PRO A 280 48.69 -8.64 -11.47
N THR A 281 48.84 -8.39 -12.76
CA THR A 281 49.15 -7.04 -13.24
C THR A 281 47.94 -6.13 -13.09
N SER A 282 48.16 -4.91 -12.62
CA SER A 282 47.06 -4.00 -12.33
C SER A 282 47.52 -2.58 -12.66
N HIS A 283 46.88 -1.59 -12.05
CA HIS A 283 47.06 -0.20 -12.44
C HIS A 283 48.49 0.28 -12.21
N GLY A 284 49.17 -0.27 -11.21
CA GLY A 284 50.50 0.23 -10.85
C GLY A 284 51.59 -0.08 -11.84
N PHE A 285 51.37 -1.01 -12.76
CA PHE A 285 52.39 -1.35 -13.73
C PHE A 285 52.61 -0.20 -14.71
N VAL A 286 53.87 0.08 -15.01
CA VAL A 286 54.24 1.11 -15.98
C VAL A 286 55.04 0.43 -17.08
N PRO A 287 54.74 0.68 -18.35
CA PRO A 287 55.48 0.04 -19.44
C PRO A 287 56.80 0.76 -19.72
N GLN A 288 57.65 0.08 -20.47
CA GLN A 288 58.95 0.63 -20.84
C GLN A 288 58.91 1.24 -22.23
N ASN A 301 56.30 10.65 -3.06
CA ASN A 301 56.46 10.28 -1.67
C ASN A 301 56.68 8.78 -1.53
N LYS A 302 55.61 8.02 -1.75
CA LYS A 302 55.64 6.57 -1.67
C LYS A 302 56.19 6.02 -2.97
N SER A 303 57.15 5.10 -2.87
CA SER A 303 57.81 4.58 -4.06
C SER A 303 56.81 3.86 -4.96
N ALA A 304 57.16 3.77 -6.25
CA ALA A 304 56.30 3.10 -7.21
C ALA A 304 56.19 1.61 -6.91
N PHE A 305 57.24 1.00 -6.38
CA PHE A 305 57.19 -0.40 -5.98
C PHE A 305 56.12 -0.63 -4.92
N VAL A 306 56.12 0.21 -3.87
CA VAL A 306 55.13 0.07 -2.80
C VAL A 306 53.74 0.38 -3.30
N SER A 307 53.60 1.39 -4.16
CA SER A 307 52.29 1.72 -4.72
C SER A 307 51.73 0.59 -5.56
N ASN A 308 52.60 -0.18 -6.21
CA ASN A 308 52.16 -1.21 -7.15
C ASN A 308 51.32 -2.29 -6.47
N PHE A 309 51.61 -2.59 -5.20
CA PHE A 309 50.96 -3.69 -4.49
C PHE A 309 49.71 -3.28 -3.72
N GLU A 310 49.27 -2.03 -3.82
CA GLU A 310 48.11 -1.60 -3.05
C GLU A 310 46.80 -2.05 -3.70
N PHE A 311 46.72 -1.98 -5.02
CA PHE A 311 45.51 -2.38 -5.75
C PHE A 311 45.93 -3.30 -6.89
N VAL A 312 45.77 -4.61 -6.68
CA VAL A 312 46.13 -5.61 -7.68
C VAL A 312 44.91 -6.47 -7.98
N GLY A 313 43.72 -5.91 -7.82
CA GLY A 313 42.49 -6.65 -8.01
C GLY A 313 41.61 -6.54 -6.78
N THR A 314 40.29 -6.66 -7.00
CA THR A 314 39.33 -6.51 -5.92
C THR A 314 39.39 -7.73 -5.00
N VAL A 315 39.84 -7.51 -3.76
CA VAL A 315 39.88 -8.55 -2.75
C VAL A 315 39.48 -7.95 -1.40
N ASP A 316 39.03 -8.83 -0.52
CA ASP A 316 38.84 -8.47 0.88
C ASP A 316 40.22 -8.33 1.53
N ASN A 317 40.60 -7.10 1.86
CA ASN A 317 41.90 -6.82 2.45
C ASN A 317 41.88 -6.82 3.97
N SER A 318 40.79 -7.26 4.59
CA SER A 318 40.73 -7.34 6.06
C SER A 318 41.88 -8.13 6.67
N PRO A 319 42.34 -9.25 6.09
CA PRO A 319 43.54 -9.90 6.66
C PRO A 319 44.77 -9.00 6.69
N PHE A 320 45.00 -8.22 5.63
CA PHE A 320 46.17 -7.35 5.60
C PHE A 320 46.10 -6.29 6.69
N PHE A 321 44.90 -5.74 6.91
CA PHE A 321 44.75 -4.69 7.91
C PHE A 321 44.98 -5.21 9.32
N CYS A 322 44.65 -6.48 9.58
CA CYS A 322 44.78 -7.06 10.91
C CYS A 322 46.23 -7.32 11.31
N VAL A 323 47.18 -7.18 10.39
CA VAL A 323 48.58 -7.47 10.73
C VAL A 323 49.05 -6.58 11.87
N LYS A 324 48.74 -5.28 11.79
CA LYS A 324 49.12 -4.38 12.88
C LYS A 324 48.36 -4.73 14.17
N ASP A 325 47.16 -5.29 14.04
CA ASP A 325 46.39 -5.66 15.23
C ASP A 325 46.92 -6.95 15.85
N ALA A 326 47.41 -7.88 15.02
CA ALA A 326 47.98 -9.12 15.56
C ALA A 326 49.29 -8.86 16.27
N ILE A 327 50.16 -8.06 15.67
CA ILE A 327 51.44 -7.73 16.30
C ILE A 327 51.22 -7.00 17.61
N LYS A 328 50.26 -6.06 17.62
CA LYS A 328 49.91 -5.37 18.86
C LYS A 328 49.38 -6.33 19.91
N TRP A 329 48.49 -7.24 19.51
CA TRP A 329 47.91 -8.20 20.45
C TRP A 329 48.98 -9.10 21.04
N ARG A 330 49.85 -9.64 20.17
CA ARG A 330 50.93 -10.50 20.64
C ARG A 330 51.85 -9.77 21.61
N GLU A 331 51.99 -8.45 21.45
CA GLU A 331 52.86 -7.69 22.34
C GLU A 331 52.17 -7.36 23.66
N GLU A 332 50.96 -6.80 23.60
CA GLU A 332 50.30 -6.29 24.80
C GLU A 332 49.71 -7.39 25.65
N VAL A 333 49.34 -8.52 25.05
CA VAL A 333 48.62 -9.58 25.74
C VAL A 333 49.53 -10.77 26.05
N LEU A 334 50.41 -11.14 25.12
CA LEU A 334 51.27 -12.31 25.30
C LEU A 334 52.68 -11.94 25.73
N GLY A 335 53.13 -10.72 25.47
CA GLY A 335 54.43 -10.26 25.96
C GLY A 335 55.51 -10.09 24.92
N GLY A 336 55.21 -10.30 23.64
CA GLY A 336 56.16 -10.03 22.58
C GLY A 336 56.62 -11.29 21.87
N GLU A 337 57.32 -11.07 20.75
CA GLU A 337 57.70 -12.17 19.88
C GLU A 337 58.69 -13.11 20.56
N GLU A 338 59.71 -12.55 21.23
CA GLU A 338 60.77 -13.39 21.80
C GLU A 338 60.24 -14.29 22.91
N ARG A 339 59.25 -13.84 23.68
CA ARG A 339 58.62 -14.73 24.66
C ARG A 339 57.72 -15.74 23.97
N ILE A 340 57.05 -15.33 22.90
CA ILE A 340 56.20 -16.25 22.14
C ILE A 340 57.06 -17.30 21.45
N MET A 341 58.09 -16.85 20.72
CA MET A 341 58.86 -17.77 19.88
C MET A 341 59.54 -18.85 20.70
N GLU A 342 60.31 -18.44 21.72
CA GLU A 342 61.14 -19.40 22.43
C GLU A 342 60.32 -20.38 23.27
N TYR A 343 59.09 -20.02 23.64
CA TYR A 343 58.22 -21.00 24.31
C TYR A 343 57.83 -22.12 23.36
N MET A 344 57.43 -21.75 22.14
CA MET A 344 56.99 -22.75 21.17
C MET A 344 58.15 -23.63 20.71
N THR A 345 59.35 -23.06 20.58
CA THR A 345 60.52 -23.85 20.24
C THR A 345 60.89 -24.78 21.40
N LYS A 346 60.82 -24.28 22.63
CA LYS A 346 61.10 -25.13 23.79
C LYS A 346 60.06 -26.24 23.90
N LEU A 347 58.78 -25.91 23.70
CA LEU A 347 57.74 -26.94 23.75
C LEU A 347 57.87 -27.94 22.61
N ALA A 348 58.35 -27.50 21.45
CA ALA A 348 58.49 -28.41 20.32
C ALA A 348 59.50 -29.51 20.62
N ARG A 349 60.61 -29.16 21.28
CA ARG A 349 61.62 -30.16 21.62
C ARG A 349 61.10 -31.09 22.71
N GLU A 350 60.74 -30.53 23.86
CA GLU A 350 60.35 -31.34 25.01
C GLU A 350 59.10 -32.16 24.70
N GLY A 351 58.08 -31.52 24.11
CA GLY A 351 56.91 -32.26 23.71
C GLY A 351 57.17 -33.27 22.61
N GLY A 352 58.15 -32.99 21.74
CA GLY A 352 58.49 -33.93 20.69
C GLY A 352 59.15 -35.17 21.25
N GLN A 353 60.08 -35.01 22.19
CA GLN A 353 60.72 -36.15 22.82
C GLN A 353 59.76 -36.95 23.68
N LYS A 354 58.68 -36.34 24.17
CA LYS A 354 57.65 -37.10 24.86
C LYS A 354 56.90 -38.02 23.91
N VAL A 355 56.56 -37.51 22.72
CA VAL A 355 55.92 -38.35 21.71
C VAL A 355 56.87 -39.44 21.24
N ALA A 356 58.16 -39.10 21.08
CA ALA A 356 59.15 -40.11 20.72
C ALA A 356 59.32 -41.14 21.83
N GLU A 357 59.26 -40.70 23.08
CA GLU A 357 59.36 -41.62 24.21
C GLU A 357 58.13 -42.52 24.30
N ILE A 358 56.94 -41.93 24.21
CA ILE A 358 55.72 -42.71 24.33
C ILE A 358 55.65 -43.76 23.23
N LEU A 359 56.10 -43.42 22.03
CA LEU A 359 56.11 -44.35 20.91
C LEU A 359 57.37 -45.19 20.83
N GLY A 360 58.42 -44.83 21.57
CA GLY A 360 59.66 -45.59 21.53
C GLY A 360 60.50 -45.36 20.30
N THR A 361 60.26 -44.29 19.56
CA THR A 361 61.05 -44.00 18.37
C THR A 361 62.06 -42.89 18.66
N ARG A 362 62.01 -41.82 17.88
CA ARG A 362 62.94 -40.71 18.05
C ARG A 362 62.39 -39.49 17.31
N VAL A 363 63.04 -38.35 17.53
CA VAL A 363 62.70 -37.13 16.82
C VAL A 363 63.68 -36.93 15.69
N LEU A 364 63.33 -36.05 14.75
CA LEU A 364 64.18 -35.74 13.61
C LEU A 364 65.11 -34.60 13.99
N GLU A 365 66.38 -34.93 14.24
CA GLU A 365 67.35 -33.95 14.69
C GLU A 365 68.73 -34.38 14.23
N ASN A 366 69.59 -33.39 13.95
CA ASN A 366 70.97 -33.67 13.57
C ASN A 366 71.86 -33.65 14.81
N SER A 367 73.17 -33.80 14.58
CA SER A 367 74.11 -33.84 15.70
C SER A 367 74.28 -32.48 16.36
N THR A 368 74.03 -31.39 15.63
CA THR A 368 74.22 -30.05 16.16
C THR A 368 72.98 -29.47 16.82
N GLY A 369 71.87 -30.20 16.81
CA GLY A 369 70.65 -29.70 17.43
C GLY A 369 70.08 -28.47 16.75
N THR A 370 70.18 -28.41 15.43
CA THR A 370 69.76 -27.23 14.66
C THR A 370 68.51 -27.46 13.84
N LEU A 371 68.00 -28.70 13.75
CA LEU A 371 66.79 -28.94 12.99
C LEU A 371 65.55 -28.48 13.74
N ILE A 372 65.46 -28.78 15.04
CA ILE A 372 64.32 -28.35 15.84
C ILE A 372 64.59 -26.97 16.43
N ARG A 373 64.88 -26.02 15.55
CA ARG A 373 65.00 -24.62 15.96
C ARG A 373 63.79 -23.84 15.45
N CYS A 374 62.61 -24.40 15.64
CA CYS A 374 61.37 -23.77 15.23
C CYS A 374 60.27 -24.31 16.14
N ALA A 375 59.01 -24.11 15.74
CA ALA A 375 57.87 -24.53 16.55
C ALA A 375 57.27 -25.85 16.13
N MET A 376 57.91 -26.56 15.21
CA MET A 376 57.42 -27.83 14.72
C MET A 376 58.49 -28.90 14.92
N VAL A 377 58.02 -30.13 15.12
CA VAL A 377 58.90 -31.27 15.41
C VAL A 377 58.36 -32.48 14.67
N ASN A 378 59.29 -33.32 14.19
CA ASN A 378 58.95 -34.53 13.45
C ASN A 378 59.39 -35.76 14.25
N ILE A 379 58.46 -36.67 14.47
CA ILE A 379 58.72 -37.89 15.26
C ILE A 379 58.34 -39.08 14.40
N ALA A 380 59.28 -40.02 14.24
CA ALA A 380 59.04 -41.19 13.42
C ALA A 380 57.96 -42.07 14.03
N LEU A 381 57.15 -42.68 13.17
CA LEU A 381 56.16 -43.62 13.67
C LEU A 381 56.77 -45.01 13.79
N PRO A 382 56.29 -45.87 14.83
CA PRO A 382 56.93 -47.17 15.11
C PRO A 382 56.51 -48.28 14.15
N PHE A 383 56.91 -48.14 12.89
CA PHE A 383 56.79 -49.21 11.91
C PHE A 383 57.63 -48.85 10.69
N VAL A 384 57.85 -49.83 9.83
CA VAL A 384 58.66 -49.67 8.63
C VAL A 384 57.81 -50.00 7.42
N VAL A 385 58.13 -49.36 6.30
CA VAL A 385 57.50 -49.64 5.02
C VAL A 385 58.37 -50.61 4.25
N GLY A 386 57.75 -51.63 3.66
CA GLY A 386 58.48 -52.54 2.80
C GLY A 386 59.18 -51.80 1.68
N GLU A 387 60.31 -52.35 1.25
CA GLU A 387 61.09 -51.71 0.21
C GLU A 387 60.33 -51.73 -1.11
N ASP A 388 60.55 -50.71 -1.92
CA ASP A 388 59.94 -50.61 -3.24
C ASP A 388 60.95 -51.02 -4.30
N PRO A 389 60.68 -52.06 -5.10
CA PRO A 389 61.63 -52.44 -6.15
C PRO A 389 61.75 -51.43 -7.28
N LYS A 390 60.97 -50.34 -7.27
CA LYS A 390 61.05 -49.33 -8.32
C LYS A 390 62.10 -48.28 -8.04
N ALA A 391 62.38 -48.01 -6.77
CA ALA A 391 63.44 -47.12 -6.34
C ALA A 391 63.83 -47.52 -4.94
N PRO A 392 64.80 -48.42 -4.78
CA PRO A 392 65.12 -48.93 -3.44
C PRO A 392 65.87 -47.91 -2.62
N VAL A 393 65.61 -47.93 -1.32
CA VAL A 393 66.26 -47.05 -0.36
C VAL A 393 67.38 -47.86 0.30
N LYS A 394 68.61 -47.63 -0.14
CA LYS A 394 69.76 -48.20 0.55
C LYS A 394 70.05 -47.34 1.77
N LEU A 395 69.78 -47.88 2.95
CA LEU A 395 69.74 -47.08 4.17
C LEU A 395 71.05 -47.14 4.94
N THR A 396 71.26 -46.10 5.74
CA THR A 396 72.39 -46.04 6.65
C THR A 396 72.42 -47.26 7.57
N GLU A 397 73.63 -47.69 7.94
CA GLU A 397 73.77 -48.71 8.97
C GLU A 397 72.93 -48.37 10.20
N LYS A 398 73.12 -47.16 10.73
CA LYS A 398 72.30 -46.69 11.85
C LYS A 398 70.81 -46.70 11.52
N GLU A 399 70.46 -46.40 10.26
CA GLU A 399 69.06 -46.41 9.87
C GLU A 399 68.47 -47.82 9.85
N GLU A 400 69.29 -48.83 9.53
CA GLU A 400 68.82 -50.20 9.57
C GLU A 400 68.73 -50.76 10.98
N LYS A 401 69.50 -50.19 11.92
CA LYS A 401 69.41 -50.63 13.31
C LYS A 401 68.17 -50.07 14.00
N ASP A 402 67.71 -48.90 13.59
CA ASP A 402 66.56 -48.26 14.20
C ASP A 402 65.23 -48.88 13.77
N VAL A 403 65.23 -49.81 12.82
CA VAL A 403 64.00 -50.39 12.32
C VAL A 403 63.92 -51.90 12.52
N GLU A 404 64.97 -52.53 13.06
CA GLU A 404 64.92 -53.96 13.27
C GLU A 404 64.05 -54.27 14.49
N GLY A 405 63.12 -55.21 14.32
CA GLY A 405 62.09 -55.48 15.29
C GLY A 405 60.77 -54.79 15.01
N LEU A 406 60.79 -53.66 14.33
CA LEU A 406 59.56 -52.93 14.04
C LEU A 406 58.69 -53.72 13.07
N TYR A 407 57.38 -53.53 13.20
CA TYR A 407 56.44 -54.14 12.26
C TYR A 407 56.61 -53.50 10.88
N GLU A 408 56.67 -54.34 9.85
CA GLU A 408 56.84 -53.87 8.48
C GLU A 408 55.52 -53.95 7.74
N ILE A 409 55.20 -52.87 7.02
CA ILE A 409 54.01 -52.84 6.16
C ILE A 409 54.50 -52.92 4.71
N PRO A 410 53.85 -53.72 3.86
CA PRO A 410 54.30 -53.79 2.45
C PRO A 410 54.18 -52.44 1.77
N HIS A 411 55.03 -52.22 0.76
CA HIS A 411 55.16 -50.90 0.17
C HIS A 411 53.88 -50.46 -0.52
N GLU A 412 53.19 -51.38 -1.19
CA GLU A 412 51.99 -51.01 -1.92
C GLU A 412 50.86 -50.58 -0.98
N GLU A 413 50.79 -51.20 0.19
CA GLU A 413 49.79 -50.82 1.19
C GLU A 413 50.16 -49.57 1.97
N ALA A 414 51.33 -48.98 1.69
CA ALA A 414 51.76 -47.80 2.43
C ALA A 414 50.80 -46.64 2.21
N ASN A 415 50.51 -46.32 0.95
CA ASN A 415 49.58 -45.24 0.64
C ASN A 415 48.18 -45.55 1.16
N MET A 416 47.84 -46.83 1.29
CA MET A 416 46.54 -47.21 1.84
C MET A 416 46.45 -46.86 3.31
N ALA A 417 47.50 -47.18 4.08
CA ALA A 417 47.50 -46.85 5.50
C ALA A 417 47.75 -45.38 5.75
N PHE A 418 48.46 -44.71 4.85
CA PHE A 418 48.64 -43.26 4.94
C PHE A 418 47.28 -42.55 4.89
N LYS A 419 46.47 -42.88 3.88
CA LYS A 419 45.13 -42.31 3.79
C LYS A 419 44.27 -42.73 4.98
N TRP A 420 44.49 -43.94 5.52
CA TRP A 420 43.67 -44.43 6.61
C TRP A 420 43.96 -43.68 7.90
N MET A 421 45.23 -43.42 8.20
CA MET A 421 45.57 -42.71 9.42
C MET A 421 45.03 -41.28 9.40
N TYR A 422 44.97 -40.66 8.22
CA TYR A 422 44.41 -39.31 8.13
C TYR A 422 42.93 -39.30 8.48
N ASN A 423 42.17 -40.29 7.99
CA ASN A 423 40.74 -40.33 8.27
C ASN A 423 40.46 -40.71 9.71
N VAL A 424 41.31 -41.53 10.33
CA VAL A 424 41.06 -41.97 11.69
C VAL A 424 41.30 -40.84 12.69
N LEU A 425 42.38 -40.08 12.49
CA LEU A 425 42.70 -39.00 13.42
C LEU A 425 41.69 -37.86 13.34
N GLN A 426 40.90 -37.78 12.27
CA GLN A 426 39.90 -36.74 12.13
C GLN A 426 38.50 -37.21 12.54
N ASP A 427 38.06 -38.36 12.05
CA ASP A 427 36.70 -38.81 12.31
C ASP A 427 36.50 -39.40 13.69
N GLU A 428 37.57 -39.70 14.42
CA GLU A 428 37.41 -40.44 15.67
C GLU A 428 38.25 -39.87 16.80
N PHE A 429 39.51 -39.55 16.52
CA PHE A 429 40.31 -38.79 17.49
C PHE A 429 40.13 -37.29 17.35
N ASN A 430 39.48 -36.85 16.26
CA ASN A 430 39.13 -35.45 16.05
C ASN A 430 40.35 -34.55 16.18
N THR A 431 41.39 -34.89 15.44
CA THR A 431 42.61 -34.10 15.38
C THR A 431 43.12 -34.16 13.95
N PHE A 432 44.37 -33.73 13.76
CA PHE A 432 44.99 -33.86 12.45
C PHE A 432 46.50 -33.75 12.59
N VAL A 433 47.23 -34.71 12.02
CA VAL A 433 48.68 -34.74 12.06
C VAL A 433 49.20 -35.04 10.67
N PRO A 434 49.97 -34.15 10.03
CA PRO A 434 50.55 -34.47 8.74
C PRO A 434 51.82 -35.30 8.88
N MET A 435 52.06 -36.16 7.88
CA MET A 435 53.14 -37.13 7.94
C MET A 435 53.98 -37.07 6.68
N THR A 436 55.29 -36.97 6.85
CA THR A 436 56.24 -37.04 5.74
C THR A 436 56.68 -38.48 5.53
N PHE A 437 56.62 -38.93 4.28
CA PHE A 437 57.15 -40.24 3.88
C PHE A 437 58.55 -40.02 3.33
N HIS A 438 59.56 -40.49 4.06
CA HIS A 438 60.95 -40.20 3.71
C HIS A 438 61.80 -41.41 4.08
N ARG A 439 62.24 -42.16 3.07
CA ARG A 439 63.15 -43.29 3.25
C ARG A 439 62.55 -44.36 4.14
N ARG A 440 61.35 -44.81 3.78
CA ARG A 440 60.67 -45.96 4.36
C ARG A 440 60.24 -45.77 5.80
N ARG A 441 60.08 -44.54 6.29
CA ARG A 441 59.46 -44.34 7.60
C ARG A 441 58.66 -43.04 7.63
N PHE A 442 57.47 -43.12 8.19
CA PHE A 442 56.59 -41.97 8.35
C PHE A 442 57.02 -41.13 9.54
N TRP A 443 57.22 -39.83 9.29
CA TRP A 443 57.54 -38.87 10.34
C TRP A 443 56.33 -37.96 10.52
N ALA A 444 55.70 -38.04 11.69
CA ALA A 444 54.56 -37.17 12.00
C ALA A 444 55.08 -35.80 12.42
N ARG A 445 54.48 -34.74 11.85
CA ARG A 445 54.89 -33.37 12.13
C ARG A 445 53.88 -32.72 13.07
N LEU A 446 54.31 -32.42 14.28
CA LEU A 446 53.48 -31.73 15.26
C LEU A 446 53.86 -30.26 15.31
N SER A 447 52.91 -29.43 15.72
CA SER A 447 53.10 -27.98 15.78
C SER A 447 52.76 -27.50 17.19
N ALA A 448 53.78 -27.03 17.91
CA ALA A 448 53.55 -26.40 19.20
C ALA A 448 53.03 -24.97 18.99
N GLN A 449 52.43 -24.44 20.06
CA GLN A 449 51.89 -23.08 20.01
C GLN A 449 51.52 -22.64 21.41
N VAL A 450 51.35 -21.32 21.57
CA VAL A 450 51.18 -20.71 22.88
C VAL A 450 49.99 -21.26 23.66
N TYR A 451 48.98 -21.82 22.97
CA TYR A 451 47.83 -22.38 23.65
C TYR A 451 47.97 -23.88 23.91
N LEU A 452 49.16 -24.44 23.75
CA LEU A 452 49.40 -25.85 24.02
C LEU A 452 50.40 -25.99 25.16
N GLU A 453 50.45 -27.20 25.72
CA GLU A 453 51.40 -27.50 26.79
C GLU A 453 51.79 -28.98 26.68
N MET A 454 52.38 -29.52 27.75
CA MET A 454 52.92 -30.87 27.70
C MET A 454 51.83 -31.93 27.65
N SER A 455 50.67 -31.66 28.25
CA SER A 455 49.57 -32.63 28.21
C SER A 455 49.08 -32.85 26.80
N ASP A 456 49.22 -31.84 25.92
CA ASP A 456 48.77 -32.01 24.54
C ASP A 456 49.68 -32.95 23.77
N PHE A 457 51.00 -32.82 23.95
CA PHE A 457 51.92 -33.73 23.27
C PHE A 457 51.84 -35.14 23.84
N GLU A 458 51.61 -35.26 25.15
CA GLU A 458 51.34 -36.56 25.73
C GLU A 458 50.11 -37.20 25.11
N TRP A 459 49.07 -36.39 24.85
CA TRP A 459 47.91 -36.90 24.13
C TRP A 459 48.27 -37.26 22.70
N ALA A 460 49.17 -36.51 22.08
CA ALA A 460 49.58 -36.82 20.72
C ALA A 460 50.30 -38.17 20.65
N GLY A 461 51.23 -38.42 21.57
CA GLY A 461 51.89 -39.71 21.62
C GLY A 461 50.95 -40.84 21.94
N LYS A 462 50.05 -40.62 22.91
CA LYS A 462 49.06 -41.63 23.24
C LYS A 462 48.11 -41.90 22.07
N THR A 463 47.75 -40.85 21.34
CA THR A 463 46.87 -41.03 20.19
C THR A 463 47.56 -41.77 19.05
N LEU A 464 48.85 -41.49 18.84
CA LEU A 464 49.57 -42.11 17.74
C LEU A 464 49.94 -43.56 18.01
N LYS A 465 50.00 -43.98 19.27
CA LYS A 465 50.22 -45.39 19.57
C LYS A 465 48.96 -46.21 19.28
N GLU A 466 47.82 -45.73 19.76
CA GLU A 466 46.54 -46.34 19.39
C GLU A 466 46.42 -46.44 17.88
N LEU A 467 46.90 -45.41 17.15
CA LEU A 467 46.85 -45.43 15.70
C LEU A 467 47.82 -46.45 15.13
N CYS A 468 49.08 -46.44 15.60
CA CYS A 468 50.09 -47.31 15.01
C CYS A 468 49.92 -48.76 15.44
N GLU A 469 49.45 -49.01 16.66
CA GLU A 469 49.09 -50.38 17.04
C GLU A 469 47.98 -50.91 16.15
N ARG A 470 47.10 -50.03 15.66
CA ARG A 470 45.99 -50.46 14.81
C ARG A 470 46.39 -50.62 13.35
N VAL A 471 47.51 -50.02 12.91
CA VAL A 471 48.00 -50.31 11.58
C VAL A 471 48.87 -51.56 11.57
N ALA A 472 49.45 -51.93 12.71
CA ALA A 472 50.16 -53.20 12.81
C ALA A 472 49.19 -54.38 12.77
N LYS A 473 47.97 -54.19 13.25
CA LYS A 473 46.93 -55.19 13.17
C LYS A 473 46.17 -55.14 11.84
N GLY A 474 46.66 -54.37 10.87
CA GLY A 474 46.09 -54.36 9.54
C GLY A 474 44.68 -53.82 9.46
N GLU A 475 44.30 -52.90 10.35
CA GLU A 475 42.94 -52.38 10.35
C GLU A 475 42.65 -51.48 9.14
N TYR A 476 43.69 -51.01 8.44
CA TYR A 476 43.50 -50.09 7.32
C TYR A 476 42.94 -50.80 6.08
N LYS A 477 42.37 -51.98 6.26
CA LYS A 477 41.84 -52.74 5.12
C LYS A 477 40.32 -52.86 5.21
N GLY B 29 6.64 -14.21 0.27
CA GLY B 29 6.87 -13.81 -1.10
C GLY B 29 8.05 -12.87 -1.27
N PRO B 30 8.31 -12.45 -2.50
CA PRO B 30 9.42 -11.53 -2.76
C PRO B 30 9.17 -10.17 -2.12
N LEU B 31 10.25 -9.39 -2.00
CA LEU B 31 10.14 -8.07 -1.42
C LEU B 31 10.13 -6.99 -2.49
N PRO B 32 9.47 -5.87 -2.23
CA PRO B 32 9.53 -4.74 -3.17
C PRO B 32 10.92 -4.11 -3.17
N PHE B 33 11.21 -3.39 -4.24
CA PHE B 33 12.47 -2.72 -4.42
C PHE B 33 12.36 -1.27 -3.97
N GLY B 34 13.47 -0.55 -4.01
CA GLY B 34 13.52 0.83 -3.59
C GLY B 34 14.22 0.98 -2.24
N ASN B 35 14.08 2.18 -1.67
CA ASN B 35 14.80 2.50 -0.43
C ASN B 35 14.37 1.62 0.74
N SER B 36 13.19 0.99 0.67
CA SER B 36 12.81 0.08 1.73
C SER B 36 13.73 -1.14 1.78
N LEU B 37 14.31 -1.52 0.64
CA LEU B 37 15.23 -2.65 0.58
C LEU B 37 16.57 -2.36 1.25
N LEU B 38 16.82 -1.10 1.65
CA LEU B 38 18.01 -0.80 2.44
C LEU B 38 17.98 -1.50 3.79
N LYS B 39 16.80 -1.93 4.25
CA LYS B 39 16.72 -2.70 5.49
C LYS B 39 17.60 -3.95 5.41
N GLU B 40 17.69 -4.56 4.23
CA GLU B 40 18.39 -5.83 4.08
C GLU B 40 19.90 -5.67 3.97
N PHE B 41 20.39 -4.48 3.66
CA PHE B 41 21.81 -4.24 3.47
C PHE B 41 22.40 -3.59 4.72
N VAL B 42 23.70 -3.28 4.64
CA VAL B 42 24.43 -2.74 5.79
C VAL B 42 25.24 -1.52 5.37
N LEU B 43 24.64 -0.68 4.53
CA LEU B 43 25.27 0.58 4.15
C LEU B 43 25.12 1.61 5.27
N ASP B 44 26.02 2.58 5.27
CA ASP B 44 25.90 3.71 6.18
C ASP B 44 24.63 4.48 5.86
N PRO B 45 23.72 4.67 6.83
CA PRO B 45 22.49 5.43 6.54
C PRO B 45 22.74 6.87 6.13
N ALA B 46 23.90 7.44 6.46
CA ALA B 46 24.26 8.78 6.01
C ALA B 46 24.90 8.78 4.63
N TYR B 47 25.28 7.62 4.11
CA TYR B 47 26.02 7.52 2.86
C TYR B 47 25.12 7.03 1.76
N ARG B 48 25.14 7.74 0.63
CA ARG B 48 24.39 7.35 -0.55
C ARG B 48 25.27 6.48 -1.44
N ASN B 49 24.79 5.31 -1.80
CA ASN B 49 25.55 4.41 -2.69
C ASN B 49 24.99 4.56 -4.09
N LEU B 50 25.60 5.47 -4.85
CA LEU B 50 25.27 5.70 -6.25
C LEU B 50 26.27 5.04 -7.19
N ASN B 51 27.22 4.27 -6.66
CA ASN B 51 28.31 3.69 -7.43
C ASN B 51 28.48 2.21 -7.06
N HIS B 52 27.39 1.45 -7.12
CA HIS B 52 27.47 0.03 -6.81
C HIS B 52 28.36 -0.72 -7.79
N GLY B 53 28.42 -0.26 -9.04
CA GLY B 53 29.17 -0.95 -10.08
C GLY B 53 30.67 -1.03 -9.84
N SER B 54 31.18 -0.34 -8.83
CA SER B 54 32.63 -0.31 -8.59
C SER B 54 33.04 -1.47 -7.70
N PHE B 55 32.57 -1.47 -6.44
CA PHE B 55 32.97 -2.49 -5.48
C PHE B 55 31.82 -3.39 -5.02
N GLY B 56 30.58 -3.05 -5.32
CA GLY B 56 29.45 -3.85 -4.89
C GLY B 56 29.19 -3.71 -3.39
N THR B 57 28.16 -4.43 -2.95
CA THR B 57 27.84 -4.56 -1.53
C THR B 57 26.95 -5.78 -1.35
N ILE B 58 26.88 -6.26 -0.11
CA ILE B 58 26.14 -7.48 0.18
C ILE B 58 25.06 -7.21 1.22
N PRO B 59 23.91 -7.86 1.14
CA PRO B 59 22.87 -7.68 2.16
C PRO B 59 23.28 -8.36 3.45
N SER B 60 22.57 -8.02 4.54
CA SER B 60 22.95 -8.54 5.87
C SER B 60 22.91 -10.06 5.94
N ALA B 61 22.12 -10.72 5.09
CA ALA B 61 22.05 -12.18 5.13
C ALA B 61 23.33 -12.83 4.62
N ILE B 62 24.07 -12.17 3.73
CA ILE B 62 25.23 -12.80 3.09
C ILE B 62 26.52 -12.62 3.91
N GLN B 63 26.68 -11.48 4.60
CA GLN B 63 27.77 -11.26 5.56
C GLN B 63 27.74 -12.26 6.69
N GLN B 64 26.55 -12.58 7.18
CA GLN B 64 26.43 -13.58 8.24
C GLN B 64 26.79 -14.96 7.70
N LYS B 65 26.44 -15.24 6.45
CA LYS B 65 26.95 -16.44 5.78
C LYS B 65 28.46 -16.39 5.70
N LEU B 66 29.02 -15.25 5.26
CA LEU B 66 30.46 -15.08 5.16
C LEU B 66 31.14 -15.39 6.49
N ARG B 67 30.65 -14.78 7.58
CA ARG B 67 31.25 -14.99 8.89
C ARG B 67 31.01 -16.40 9.41
N SER B 68 29.88 -17.01 9.04
CA SER B 68 29.63 -18.40 9.40
C SER B 68 30.69 -19.33 8.79
N TYR B 69 31.09 -19.07 7.54
CA TYR B 69 32.12 -19.88 6.93
C TYR B 69 33.48 -19.68 7.60
N GLN B 70 33.74 -18.49 8.14
CA GLN B 70 35.02 -18.23 8.81
C GLN B 70 35.08 -18.96 10.14
N THR B 71 33.99 -18.90 10.93
CA THR B 71 33.98 -19.61 12.20
C THR B 71 34.25 -21.10 12.00
N ALA B 72 33.67 -21.70 10.97
CA ALA B 72 33.94 -23.10 10.68
C ALA B 72 35.41 -23.32 10.31
N ALA B 73 36.01 -22.36 9.60
CA ALA B 73 37.39 -22.50 9.20
C ALA B 73 38.33 -22.38 10.41
N GLU B 74 38.04 -21.45 11.32
CA GLU B 74 38.87 -21.29 12.50
C GLU B 74 38.55 -22.29 13.60
N ALA B 75 37.43 -23.00 13.51
CA ALA B 75 37.08 -23.99 14.53
C ALA B 75 37.93 -25.24 14.40
N ARG B 76 37.99 -25.82 13.20
CA ARG B 76 38.84 -26.97 12.91
C ARG B 76 39.51 -26.69 11.57
N PRO B 77 40.65 -26.00 11.57
CA PRO B 77 41.23 -25.52 10.31
C PRO B 77 41.50 -26.61 9.27
N CYS B 78 42.34 -27.59 9.58
CA CYS B 78 42.66 -28.61 8.58
C CYS B 78 41.45 -29.43 8.14
N PRO B 79 40.61 -29.97 9.03
CA PRO B 79 39.43 -30.71 8.54
C PRO B 79 38.54 -29.88 7.61
N PHE B 80 38.27 -28.63 7.96
CA PHE B 80 37.35 -27.82 7.15
C PHE B 80 38.02 -27.34 5.87
N LEU B 81 39.24 -26.83 5.96
CA LEU B 81 39.88 -26.21 4.80
C LEU B 81 40.37 -27.24 3.78
N ARG B 82 40.75 -28.43 4.22
CA ARG B 82 41.25 -29.44 3.29
C ARG B 82 40.16 -30.24 2.61
N TYR B 83 39.05 -30.50 3.30
CA TYR B 83 38.04 -31.43 2.82
C TYR B 83 36.67 -30.81 2.60
N GLN B 84 36.30 -29.78 3.37
CA GLN B 84 35.02 -29.11 3.13
C GLN B 84 35.12 -28.01 2.09
N THR B 85 36.32 -27.52 1.79
CA THR B 85 36.45 -26.49 0.76
C THR B 85 36.01 -26.99 -0.62
N PRO B 86 36.45 -28.15 -1.13
CA PRO B 86 35.97 -28.56 -2.45
C PRO B 86 34.48 -28.79 -2.51
N VAL B 87 33.87 -29.27 -1.41
CA VAL B 87 32.43 -29.45 -1.37
C VAL B 87 31.72 -28.11 -1.49
N LEU B 88 32.21 -27.10 -0.77
CA LEU B 88 31.58 -25.79 -0.80
C LEU B 88 31.86 -25.06 -2.10
N LEU B 89 33.01 -25.33 -2.74
CA LEU B 89 33.27 -24.76 -4.05
C LEU B 89 32.32 -25.33 -5.10
N ASP B 90 32.10 -26.64 -5.09
CA ASP B 90 31.25 -27.26 -6.10
C ASP B 90 29.79 -26.88 -5.91
N GLU B 91 29.36 -26.61 -4.67
CA GLU B 91 27.99 -26.17 -4.46
C GLU B 91 27.74 -24.80 -5.09
N SER B 92 28.73 -23.91 -5.05
CA SER B 92 28.59 -22.61 -5.69
C SER B 92 28.87 -22.68 -7.19
N ARG B 93 29.77 -23.58 -7.61
CA ARG B 93 29.95 -23.81 -9.05
C ARG B 93 28.69 -24.36 -9.68
N ALA B 94 27.98 -25.23 -8.98
CA ALA B 94 26.72 -25.75 -9.50
C ALA B 94 25.66 -24.64 -9.57
N ALA B 95 25.58 -23.80 -8.53
CA ALA B 95 24.55 -22.77 -8.51
C ALA B 95 24.81 -21.69 -9.55
N VAL B 96 26.09 -21.37 -9.80
CA VAL B 96 26.38 -20.28 -10.73
C VAL B 96 26.33 -20.76 -12.19
N ALA B 97 26.71 -22.00 -12.47
CA ALA B 97 26.59 -22.53 -13.83
C ALA B 97 25.13 -22.77 -14.18
N ASN B 98 24.37 -23.27 -13.22
CA ASN B 98 22.91 -23.35 -13.33
C ASN B 98 22.34 -22.02 -13.79
N LEU B 99 22.63 -20.95 -13.06
CA LEU B 99 22.09 -19.64 -13.38
C LEU B 99 22.61 -19.11 -14.71
N LEU B 100 23.88 -19.38 -15.01
CA LEU B 100 24.43 -18.99 -16.31
C LEU B 100 23.94 -19.88 -17.44
N LYS B 101 23.22 -20.97 -17.13
CA LYS B 101 22.72 -21.93 -18.12
C LYS B 101 23.88 -22.54 -18.91
N VAL B 102 24.88 -23.02 -18.17
CA VAL B 102 26.06 -23.68 -18.76
C VAL B 102 26.40 -24.90 -17.91
N PRO B 103 27.11 -25.87 -18.51
CA PRO B 103 27.52 -27.05 -17.73
C PRO B 103 28.37 -26.65 -16.53
N VAL B 104 28.36 -27.50 -15.50
CA VAL B 104 29.16 -27.21 -14.32
C VAL B 104 30.65 -27.45 -14.56
N GLU B 105 31.00 -28.27 -15.56
CA GLU B 105 32.41 -28.54 -15.88
C GLU B 105 33.11 -27.35 -16.50
N THR B 106 32.41 -26.24 -16.74
CA THR B 106 32.98 -25.12 -17.46
C THR B 106 33.17 -23.88 -16.61
N VAL B 107 32.64 -23.84 -15.39
CA VAL B 107 32.75 -22.69 -14.52
C VAL B 107 33.73 -23.00 -13.39
N VAL B 108 34.43 -21.95 -12.95
CA VAL B 108 35.41 -22.07 -11.88
C VAL B 108 35.60 -20.68 -11.29
N PHE B 109 36.05 -20.62 -10.04
CA PHE B 109 36.14 -19.36 -9.32
C PHE B 109 37.59 -18.89 -9.24
N VAL B 110 37.80 -17.61 -9.54
CA VAL B 110 39.09 -16.95 -9.37
C VAL B 110 38.91 -15.75 -8.45
N ALA B 111 40.04 -15.15 -8.08
CA ALA B 111 40.02 -14.06 -7.10
C ALA B 111 39.15 -12.90 -7.57
N ASN B 112 39.37 -12.45 -8.81
CA ASN B 112 38.64 -11.29 -9.33
C ASN B 112 38.81 -11.25 -10.85
N ALA B 113 38.20 -10.25 -11.47
CA ALA B 113 38.25 -10.15 -12.93
C ALA B 113 39.66 -9.88 -13.44
N THR B 114 40.40 -9.00 -12.77
CA THR B 114 41.78 -8.76 -13.14
C THR B 114 42.59 -10.06 -13.09
N MET B 115 42.32 -10.90 -12.09
CA MET B 115 42.99 -12.19 -11.99
C MET B 115 42.61 -13.09 -13.15
N GLY B 116 41.32 -13.14 -13.49
CA GLY B 116 40.88 -14.01 -14.57
C GLY B 116 41.42 -13.58 -15.92
N VAL B 117 41.35 -12.28 -16.20
CA VAL B 117 41.92 -11.76 -17.45
C VAL B 117 43.42 -12.04 -17.51
N ASN B 118 44.12 -11.90 -16.38
CA ASN B 118 45.53 -12.25 -16.34
C ASN B 118 45.74 -13.74 -16.58
N THR B 119 44.82 -14.58 -16.12
CA THR B 119 44.98 -16.02 -16.29
C THR B 119 44.89 -16.42 -17.75
N VAL B 120 44.08 -15.71 -18.54
CA VAL B 120 43.99 -15.99 -19.97
C VAL B 120 45.26 -15.54 -20.68
N LEU B 121 45.63 -14.27 -20.52
CA LEU B 121 46.75 -13.72 -21.28
C LEU B 121 48.07 -14.40 -20.90
N ARG B 122 48.26 -14.73 -19.62
CA ARG B 122 49.52 -15.31 -19.19
C ARG B 122 49.69 -16.76 -19.64
N ASN B 123 48.60 -17.44 -19.99
CA ASN B 123 48.67 -18.85 -20.37
C ASN B 123 48.77 -19.08 -21.87
N ILE B 124 48.30 -18.13 -22.69
CA ILE B 124 48.32 -18.31 -24.13
C ILE B 124 49.76 -18.38 -24.62
N VAL B 125 50.08 -19.41 -25.37
CA VAL B 125 51.37 -19.51 -26.05
C VAL B 125 51.21 -18.92 -27.45
N TRP B 126 52.09 -18.00 -27.80
CA TRP B 126 51.93 -17.25 -29.03
C TRP B 126 52.75 -17.90 -30.16
N SER B 127 52.32 -17.64 -31.39
CA SER B 127 52.92 -18.28 -32.56
C SER B 127 54.43 -18.04 -32.60
N ALA B 128 55.16 -19.06 -33.03
CA ALA B 128 56.62 -18.99 -33.01
C ALA B 128 57.16 -17.95 -33.99
N ASP B 129 56.41 -17.65 -35.05
CA ASP B 129 56.87 -16.65 -36.01
C ASP B 129 56.87 -15.24 -35.43
N GLY B 130 56.13 -15.00 -34.36
CA GLY B 130 56.07 -13.68 -33.77
C GLY B 130 55.10 -12.72 -34.45
N LYS B 131 54.12 -13.24 -35.17
CA LYS B 131 53.15 -12.43 -35.88
C LYS B 131 51.85 -12.24 -35.11
N ASP B 132 51.69 -12.91 -33.97
CA ASP B 132 50.47 -12.79 -33.20
C ASP B 132 50.29 -11.35 -32.72
N GLU B 133 49.03 -10.96 -32.55
CA GLU B 133 48.67 -9.62 -32.14
C GLU B 133 47.42 -9.68 -31.30
N ILE B 134 47.37 -8.87 -30.24
CA ILE B 134 46.22 -8.78 -29.35
C ILE B 134 45.43 -7.54 -29.73
N LEU B 135 44.15 -7.72 -30.04
CA LEU B 135 43.26 -6.61 -30.37
C LEU B 135 42.43 -6.23 -29.15
N TYR B 136 42.29 -4.92 -28.92
CA TYR B 136 41.51 -4.41 -27.81
C TYR B 136 41.00 -3.01 -28.15
N PHE B 137 40.02 -2.57 -27.39
CA PHE B 137 39.43 -1.25 -27.55
C PHE B 137 39.94 -0.30 -26.47
N ASP B 138 39.97 0.99 -26.77
CA ASP B 138 40.54 1.97 -25.85
C ASP B 138 39.67 2.22 -24.64
N THR B 139 38.45 1.69 -24.60
CA THR B 139 37.64 1.69 -23.39
C THR B 139 37.98 0.53 -22.45
N ILE B 140 39.13 -0.10 -22.67
CA ILE B 140 39.53 -1.25 -21.86
C ILE B 140 39.81 -0.78 -20.42
N PHE B 141 39.52 -1.67 -19.48
CA PHE B 141 39.83 -1.40 -18.08
C PHE B 141 41.34 -1.18 -17.92
N GLY B 142 41.71 -0.22 -17.08
CA GLY B 142 43.11 0.13 -16.92
C GLY B 142 43.98 -1.05 -16.55
N ALA B 143 43.50 -1.87 -15.59
CA ALA B 143 44.26 -3.06 -15.21
C ALA B 143 44.40 -4.02 -16.37
N CYS B 144 43.31 -4.25 -17.12
CA CYS B 144 43.35 -5.13 -18.28
C CYS B 144 44.31 -4.59 -19.34
N GLY B 145 44.21 -3.30 -19.66
CA GLY B 145 45.07 -2.72 -20.68
C GLY B 145 46.55 -2.86 -20.36
N LYS B 146 46.90 -2.66 -19.08
CA LYS B 146 48.30 -2.77 -18.66
C LYS B 146 48.74 -4.22 -18.52
N THR B 147 47.81 -5.17 -18.48
CA THR B 147 48.20 -6.57 -18.50
C THR B 147 48.68 -6.98 -19.89
N ILE B 148 48.00 -6.51 -20.93
CA ILE B 148 48.47 -6.72 -22.30
C ILE B 148 49.86 -6.12 -22.49
N ASP B 149 50.10 -4.95 -21.89
CA ASP B 149 51.41 -4.32 -21.99
C ASP B 149 52.49 -5.19 -21.37
N TYR B 150 52.26 -5.66 -20.13
CA TYR B 150 53.28 -6.45 -19.45
C TYR B 150 53.51 -7.78 -20.14
N VAL B 151 52.44 -8.46 -20.55
CA VAL B 151 52.58 -9.75 -21.23
C VAL B 151 53.44 -9.59 -22.47
N ILE B 152 53.26 -8.49 -23.21
CA ILE B 152 54.11 -8.22 -24.36
C ILE B 152 55.56 -8.01 -23.93
N GLU B 153 55.75 -7.32 -22.81
CA GLU B 153 57.12 -7.16 -22.29
C GLU B 153 57.66 -8.49 -21.78
N ASP B 154 56.81 -9.30 -21.16
CA ASP B 154 57.28 -10.55 -20.56
C ASP B 154 57.66 -11.57 -21.63
N LYS B 155 56.81 -11.73 -22.65
CA LYS B 155 57.12 -12.62 -23.76
C LYS B 155 58.13 -12.03 -24.73
N ARG B 156 58.62 -10.81 -24.45
CA ARG B 156 59.70 -10.16 -25.20
C ARG B 156 59.41 -10.09 -26.70
N GLY B 157 58.24 -9.55 -27.03
CA GLY B 157 57.97 -9.16 -28.39
C GLY B 157 57.51 -10.25 -29.33
N ILE B 158 57.25 -11.47 -28.83
CA ILE B 158 56.67 -12.49 -29.67
C ILE B 158 55.18 -12.23 -29.94
N VAL B 159 54.57 -11.33 -29.17
CA VAL B 159 53.19 -10.92 -29.39
C VAL B 159 53.12 -9.40 -29.27
N SER B 160 52.26 -8.78 -30.06
CA SER B 160 52.07 -7.34 -30.09
C SER B 160 50.59 -7.02 -29.84
N SER B 161 50.27 -5.73 -29.90
CA SER B 161 48.91 -5.28 -29.64
C SER B 161 48.60 -4.08 -30.50
N ARG B 162 47.32 -3.95 -30.86
CA ARG B 162 46.83 -2.78 -31.59
C ARG B 162 45.56 -2.29 -30.90
N CYS B 163 45.50 -0.98 -30.67
CA CYS B 163 44.40 -0.35 -29.93
C CYS B 163 43.37 0.21 -30.89
N ILE B 164 42.10 -0.15 -30.67
CA ILE B 164 40.99 0.32 -31.50
C ILE B 164 40.33 1.49 -30.78
N PRO B 165 40.54 2.72 -31.22
CA PRO B 165 39.88 3.86 -30.56
C PRO B 165 38.38 3.85 -30.77
N LEU B 166 37.67 4.37 -29.77
CA LEU B 166 36.21 4.44 -29.80
C LEU B 166 35.75 5.83 -29.40
N ILE B 167 34.78 6.36 -30.13
CA ILE B 167 34.12 7.62 -29.82
C ILE B 167 32.74 7.30 -29.28
N TYR B 168 32.39 7.88 -28.13
CA TYR B 168 31.08 7.67 -27.55
C TYR B 168 30.27 8.97 -27.52
N PRO B 169 28.93 8.86 -27.68
CA PRO B 169 28.13 7.65 -27.81
C PRO B 169 28.37 6.89 -29.12
N ALA B 170 28.68 5.61 -29.00
CA ALA B 170 29.08 4.79 -30.13
C ALA B 170 27.89 3.99 -30.65
N GLU B 171 27.66 4.09 -31.96
CA GLU B 171 26.71 3.20 -32.61
C GLU B 171 27.29 1.79 -32.69
N ASP B 172 26.43 0.78 -32.50
CA ASP B 172 26.91 -0.59 -32.52
C ASP B 172 27.54 -0.96 -33.85
N ASP B 173 26.98 -0.46 -34.96
CA ASP B 173 27.56 -0.75 -36.27
C ASP B 173 28.93 -0.10 -36.43
N ASP B 174 29.15 1.06 -35.83
CA ASP B 174 30.46 1.69 -35.92
C ASP B 174 31.51 0.94 -35.11
N VAL B 175 31.10 0.35 -33.99
CA VAL B 175 32.04 -0.42 -33.17
C VAL B 175 32.48 -1.68 -33.92
N VAL B 176 31.52 -2.42 -34.48
CA VAL B 176 31.86 -3.66 -35.18
C VAL B 176 32.63 -3.38 -36.46
N ALA B 177 32.40 -2.21 -37.07
CA ALA B 177 33.17 -1.86 -38.27
C ALA B 177 34.60 -1.47 -37.92
N ALA B 178 34.77 -0.71 -36.83
CA ALA B 178 36.12 -0.38 -36.38
C ALA B 178 36.89 -1.64 -35.99
N PHE B 179 36.18 -2.68 -35.54
CA PHE B 179 36.82 -3.96 -35.28
C PHE B 179 37.20 -4.67 -36.57
N ARG B 180 36.32 -4.61 -37.58
CA ARG B 180 36.61 -5.25 -38.86
C ARG B 180 37.76 -4.55 -39.57
N ASP B 181 37.84 -3.23 -39.47
CA ASP B 181 38.99 -2.53 -40.06
C ASP B 181 40.27 -2.85 -39.31
N ALA B 182 40.19 -3.12 -38.00
CA ALA B 182 41.38 -3.51 -37.25
C ALA B 182 41.86 -4.89 -37.67
N ILE B 183 40.94 -5.83 -37.89
CA ILE B 183 41.31 -7.15 -38.38
C ILE B 183 41.93 -7.04 -39.78
N LYS B 184 41.27 -6.29 -40.66
CA LYS B 184 41.76 -6.12 -42.02
C LYS B 184 43.12 -5.41 -42.05
N LYS B 185 43.26 -4.35 -41.25
CA LYS B 185 44.52 -3.60 -41.24
C LYS B 185 45.66 -4.42 -40.67
N SER B 186 45.39 -5.18 -39.60
CA SER B 186 46.44 -5.98 -38.97
C SER B 186 47.07 -6.96 -39.96
N ARG B 187 46.24 -7.56 -40.82
CA ARG B 187 46.76 -8.49 -41.81
C ARG B 187 47.58 -7.78 -42.89
N GLU B 188 47.24 -6.53 -43.20
CA GLU B 188 47.99 -5.77 -44.19
C GLU B 188 49.38 -5.38 -43.70
N GLU B 189 49.66 -5.53 -42.41
CA GLU B 189 51.00 -5.29 -41.88
C GLU B 189 51.79 -6.57 -41.68
N GLY B 190 51.24 -7.73 -42.09
CA GLY B 190 51.90 -8.99 -41.84
C GLY B 190 51.70 -9.53 -40.45
N LYS B 191 50.73 -9.00 -39.70
CA LYS B 191 50.44 -9.45 -38.35
C LYS B 191 49.26 -10.42 -38.36
N ARG B 192 49.21 -11.27 -37.34
CA ARG B 192 48.12 -12.23 -37.21
C ARG B 192 47.22 -11.83 -36.04
N PRO B 193 46.01 -11.33 -36.30
CA PRO B 193 45.08 -11.06 -35.20
C PRO B 193 44.73 -12.33 -34.45
N ARG B 194 45.36 -12.53 -33.29
CA ARG B 194 45.28 -13.79 -32.57
C ARG B 194 44.19 -13.79 -31.49
N LEU B 195 44.19 -12.78 -30.62
CA LEU B 195 43.28 -12.72 -29.49
C LEU B 195 42.65 -11.33 -29.41
N ALA B 196 41.37 -11.30 -29.08
CA ALA B 196 40.63 -10.05 -28.87
C ALA B 196 39.93 -10.11 -27.53
N VAL B 197 40.09 -9.04 -26.73
CA VAL B 197 39.45 -8.94 -25.43
C VAL B 197 38.23 -8.03 -25.57
N ILE B 198 37.06 -8.57 -25.25
CA ILE B 198 35.78 -7.91 -25.50
C ILE B 198 35.06 -7.71 -24.17
N ASP B 199 34.63 -6.48 -23.90
CA ASP B 199 33.81 -6.21 -22.74
C ASP B 199 32.38 -6.66 -22.96
N VAL B 200 31.73 -7.09 -21.88
CA VAL B 200 30.28 -7.21 -21.89
C VAL B 200 29.63 -5.86 -21.65
N VAL B 201 29.99 -5.23 -20.52
CA VAL B 201 29.67 -3.84 -20.23
C VAL B 201 30.95 -3.14 -19.81
N SER B 202 31.26 -2.04 -20.47
CA SER B 202 32.51 -1.35 -20.19
C SER B 202 32.46 -0.64 -18.84
N SER B 203 33.65 -0.35 -18.32
CA SER B 203 33.75 0.31 -17.01
C SER B 203 33.49 1.81 -17.13
N MET B 204 34.42 2.53 -17.73
CA MET B 204 34.29 3.97 -17.93
C MET B 204 34.31 4.33 -19.41
N PRO B 205 33.15 4.72 -19.98
CA PRO B 205 31.87 4.82 -19.28
C PRO B 205 31.15 3.49 -19.15
N GLY B 206 30.19 3.41 -18.22
CA GLY B 206 29.42 2.21 -18.05
C GLY B 206 28.38 2.04 -19.13
N VAL B 207 28.76 1.39 -20.24
CA VAL B 207 27.89 1.23 -21.39
C VAL B 207 27.85 -0.24 -21.80
N ARG B 208 26.69 -0.66 -22.28
CA ARG B 208 26.55 -2.00 -22.86
C ARG B 208 27.27 -2.05 -24.20
N PHE B 209 28.19 -2.97 -24.33
CA PHE B 209 29.05 -3.20 -25.49
C PHE B 209 28.45 -4.30 -26.37
N PRO B 210 28.45 -4.13 -27.70
CA PRO B 210 27.91 -5.18 -28.58
C PRO B 210 28.83 -6.39 -28.65
N PHE B 211 28.97 -7.10 -27.54
CA PHE B 211 29.92 -8.20 -27.48
C PHE B 211 29.47 -9.41 -28.29
N GLU B 212 28.17 -9.56 -28.53
CA GLU B 212 27.69 -10.67 -29.33
C GLU B 212 28.22 -10.59 -30.77
N ASP B 213 28.20 -9.39 -31.35
CA ASP B 213 28.67 -9.24 -32.73
C ASP B 213 30.18 -9.42 -32.80
N ILE B 214 30.92 -8.92 -31.82
CA ILE B 214 32.38 -8.97 -31.87
C ILE B 214 32.88 -10.40 -31.65
N VAL B 215 32.24 -11.13 -30.74
CA VAL B 215 32.65 -12.52 -30.51
C VAL B 215 32.35 -13.38 -31.74
N LYS B 216 31.19 -13.14 -32.38
CA LYS B 216 30.85 -13.90 -33.58
C LYS B 216 31.85 -13.65 -34.69
N ILE B 217 32.30 -12.40 -34.85
CA ILE B 217 33.33 -12.09 -35.84
C ILE B 217 34.64 -12.77 -35.47
N CYS B 218 34.94 -12.91 -34.17
CA CYS B 218 36.15 -13.57 -33.74
C CYS B 218 36.15 -15.04 -34.15
N LYS B 219 34.99 -15.69 -34.11
CA LYS B 219 34.91 -17.08 -34.54
C LYS B 219 35.17 -17.20 -36.04
N GLU B 220 34.50 -16.38 -36.84
CA GLU B 220 34.68 -16.42 -38.29
C GLU B 220 36.13 -16.17 -38.67
N GLU B 221 36.78 -15.23 -37.99
CA GLU B 221 38.17 -14.90 -38.26
C GLU B 221 39.16 -15.68 -37.40
N GLU B 222 38.68 -16.69 -36.66
CA GLU B 222 39.54 -17.56 -35.85
C GLU B 222 40.35 -16.76 -34.84
N ILE B 223 39.69 -15.84 -34.15
CA ILE B 223 40.30 -15.02 -33.11
C ILE B 223 39.80 -15.49 -31.76
N ILE B 224 40.73 -15.70 -30.83
CA ILE B 224 40.35 -16.05 -29.45
C ILE B 224 39.58 -14.88 -28.86
N SER B 225 38.33 -15.13 -28.48
CA SER B 225 37.49 -14.12 -27.84
C SER B 225 37.64 -14.25 -26.33
N CYS B 226 38.33 -13.28 -25.72
CA CYS B 226 38.54 -13.24 -24.27
C CYS B 226 37.56 -12.20 -23.71
N VAL B 227 36.36 -12.65 -23.36
CA VAL B 227 35.28 -11.75 -22.98
C VAL B 227 35.47 -11.31 -21.53
N ASP B 228 35.75 -10.02 -21.34
CA ASP B 228 35.85 -9.42 -20.01
C ASP B 228 34.46 -8.92 -19.62
N GLY B 229 33.72 -9.77 -18.92
CA GLY B 229 32.38 -9.41 -18.48
C GLY B 229 32.32 -9.10 -16.99
N ALA B 230 33.35 -8.39 -16.49
CA ALA B 230 33.38 -8.03 -15.08
C ALA B 230 32.08 -7.36 -14.65
N GLN B 231 31.64 -6.37 -15.42
CA GLN B 231 30.29 -5.83 -15.28
C GLN B 231 29.35 -6.76 -16.06
N GLY B 232 29.00 -7.88 -15.43
CA GLY B 232 28.24 -8.90 -16.12
C GLY B 232 27.19 -9.62 -15.30
N ILE B 233 27.58 -10.72 -14.66
CA ILE B 233 26.62 -11.58 -14.00
C ILE B 233 25.87 -10.81 -12.91
N GLY B 234 24.57 -11.06 -12.83
CA GLY B 234 23.70 -10.38 -11.89
C GLY B 234 23.09 -9.10 -12.40
N MET B 235 23.55 -8.59 -13.54
CA MET B 235 23.06 -7.34 -14.10
C MET B 235 22.50 -7.47 -15.51
N VAL B 236 23.17 -8.23 -16.38
CA VAL B 236 22.72 -8.43 -17.75
C VAL B 236 22.81 -9.91 -18.10
N ASP B 237 21.98 -10.33 -19.04
CA ASP B 237 22.04 -11.70 -19.54
C ASP B 237 23.30 -11.89 -20.37
N LEU B 238 24.16 -12.82 -19.93
CA LEU B 238 25.44 -13.02 -20.61
C LEU B 238 25.32 -13.85 -21.89
N LYS B 239 24.26 -14.66 -22.02
CA LYS B 239 24.01 -15.46 -23.22
C LYS B 239 25.26 -16.25 -23.61
N ILE B 240 25.75 -17.05 -22.65
CA ILE B 240 27.06 -17.68 -22.80
C ILE B 240 27.02 -18.76 -23.88
N THR B 241 25.96 -19.57 -23.92
CA THR B 241 25.93 -20.67 -24.87
C THR B 241 25.78 -20.18 -26.31
N GLU B 242 24.82 -19.28 -26.55
CA GLU B 242 24.59 -18.83 -27.91
C GLU B 242 25.75 -18.00 -28.45
N THR B 243 26.46 -17.29 -27.57
CA THR B 243 27.63 -16.54 -28.01
C THR B 243 28.87 -17.42 -28.10
N ASP B 244 28.96 -18.42 -27.23
CA ASP B 244 30.05 -19.40 -27.25
C ASP B 244 31.43 -18.75 -27.25
N PRO B 245 31.78 -17.99 -26.21
CA PRO B 245 33.09 -17.36 -26.17
C PRO B 245 34.18 -18.37 -25.82
N ASP B 246 35.43 -17.96 -26.07
CA ASP B 246 36.55 -18.82 -25.72
C ASP B 246 36.90 -18.71 -24.24
N PHE B 247 36.79 -17.52 -23.67
CA PHE B 247 37.03 -17.30 -22.25
C PHE B 247 36.09 -16.19 -21.78
N LEU B 248 35.54 -16.36 -20.58
CA LEU B 248 34.67 -15.35 -20.00
C LEU B 248 34.96 -15.22 -18.51
N ILE B 249 35.01 -13.97 -18.05
CA ILE B 249 35.23 -13.66 -16.65
C ILE B 249 34.16 -12.64 -16.23
N SER B 250 33.72 -12.73 -14.99
CA SER B 250 32.65 -11.86 -14.52
C SER B 250 32.69 -11.79 -12.99
N ASN B 251 32.53 -10.57 -12.46
CA ASN B 251 32.64 -10.34 -11.02
C ASN B 251 31.31 -10.62 -10.34
N CYS B 252 31.25 -11.69 -9.55
CA CYS B 252 30.06 -11.95 -8.76
C CYS B 252 29.86 -10.88 -7.69
N HIS B 253 30.94 -10.27 -7.24
CA HIS B 253 30.86 -9.29 -6.17
C HIS B 253 30.45 -7.91 -6.68
N TRP B 255 27.65 -7.41 -9.07
CA TRP B 255 26.21 -7.31 -9.25
C TRP B 255 25.42 -8.56 -8.85
N LEU B 256 26.07 -9.49 -8.16
CA LEU B 256 25.40 -10.71 -7.70
C LEU B 256 25.33 -10.80 -6.18
N PHE B 257 25.60 -9.69 -5.47
CA PHE B 257 25.48 -9.63 -4.01
C PHE B 257 26.34 -10.69 -3.32
N THR B 258 27.52 -10.95 -3.88
CA THR B 258 28.56 -11.86 -3.42
C THR B 258 29.67 -11.09 -2.73
N PRO B 259 30.17 -11.59 -1.59
CA PRO B 259 31.24 -10.88 -0.88
C PRO B 259 32.43 -10.57 -1.77
N ARG B 260 33.15 -9.51 -1.40
CA ARG B 260 34.22 -8.97 -2.22
C ARG B 260 35.32 -10.00 -2.47
N GLY B 261 35.81 -10.02 -3.70
CA GLY B 261 36.86 -10.95 -4.09
C GLY B 261 36.29 -12.25 -4.63
N CYS B 262 35.45 -12.14 -5.66
CA CYS B 262 34.84 -13.34 -6.24
C CYS B 262 34.47 -13.07 -7.69
N ALA B 263 35.09 -13.82 -8.60
CA ALA B 263 34.75 -13.77 -10.02
C ALA B 263 34.52 -15.18 -10.53
N VAL B 264 33.52 -15.34 -11.40
CA VAL B 264 33.25 -16.61 -12.04
C VAL B 264 34.02 -16.67 -13.35
N PHE B 265 34.84 -17.70 -13.51
CA PHE B 265 35.67 -17.89 -14.69
C PHE B 265 35.05 -18.97 -15.56
N TYR B 266 34.67 -18.61 -16.78
CA TYR B 266 34.05 -19.55 -17.71
C TYR B 266 35.07 -19.95 -18.78
N VAL B 267 35.31 -21.25 -18.90
CA VAL B 267 36.14 -21.80 -19.98
C VAL B 267 35.44 -23.02 -20.55
N PRO B 268 35.09 -23.04 -21.83
CA PRO B 268 34.52 -24.26 -22.42
C PRO B 268 35.52 -25.40 -22.39
N VAL B 269 34.99 -26.62 -22.44
CA VAL B 269 35.84 -27.81 -22.32
C VAL B 269 36.86 -27.86 -23.44
N ARG B 270 36.52 -27.32 -24.62
CA ARG B 270 37.47 -27.32 -25.74
C ARG B 270 38.69 -26.46 -25.48
N ASN B 271 38.61 -25.52 -24.54
CA ASN B 271 39.69 -24.58 -24.29
C ASN B 271 40.35 -24.76 -22.94
N GLN B 272 39.83 -25.64 -22.09
CA GLN B 272 40.39 -25.79 -20.75
C GLN B 272 41.83 -26.30 -20.77
N HIS B 273 42.30 -26.85 -21.89
CA HIS B 273 43.65 -27.40 -21.94
C HIS B 273 44.71 -26.33 -22.14
N LEU B 274 44.34 -25.12 -22.56
CA LEU B 274 45.31 -24.05 -22.71
C LEU B 274 45.50 -23.24 -21.44
N ILE B 275 44.54 -23.29 -20.52
CA ILE B 275 44.78 -22.79 -19.18
C ILE B 275 45.64 -23.85 -18.49
N ARG B 276 46.96 -23.74 -18.67
CA ARG B 276 47.87 -24.76 -18.17
C ARG B 276 48.18 -24.57 -16.69
N SER B 277 48.28 -23.32 -16.24
CA SER B 277 48.58 -23.01 -14.85
C SER B 277 47.61 -21.98 -14.33
N THR B 278 47.24 -22.11 -13.06
CA THR B 278 46.44 -21.10 -12.39
C THR B 278 47.31 -19.91 -12.03
N LEU B 279 46.71 -18.93 -11.36
CA LEU B 279 47.45 -17.78 -10.86
C LEU B 279 47.24 -17.62 -9.36
N PRO B 280 48.28 -17.93 -8.56
CA PRO B 280 49.59 -18.43 -8.97
C PRO B 280 49.61 -19.92 -9.31
N THR B 281 50.78 -20.44 -9.63
CA THR B 281 50.94 -21.88 -9.83
C THR B 281 50.89 -22.60 -8.49
N SER B 282 50.08 -23.64 -8.40
CA SER B 282 49.90 -24.37 -7.15
C SER B 282 50.02 -25.87 -7.41
N HIS B 283 49.52 -26.67 -6.47
CA HIS B 283 49.70 -28.12 -6.53
C HIS B 283 49.05 -28.74 -7.75
N GLY B 284 47.96 -28.14 -8.24
CA GLY B 284 47.19 -28.73 -9.33
C GLY B 284 47.89 -28.71 -10.68
N PHE B 285 49.06 -28.07 -10.78
CA PHE B 285 49.76 -28.02 -12.05
C PHE B 285 50.42 -29.36 -12.34
N VAL B 286 50.26 -29.83 -13.58
CA VAL B 286 50.91 -31.06 -14.00
C VAL B 286 51.90 -30.74 -15.11
N PRO B 287 53.20 -30.92 -14.89
CA PRO B 287 54.17 -30.62 -15.94
C PRO B 287 54.02 -31.56 -17.12
N GLN B 288 54.17 -31.02 -18.32
CA GLN B 288 54.04 -31.80 -19.55
C GLN B 288 55.37 -32.47 -19.90
N LYS B 302 35.56 -35.57 -11.75
CA LYS B 302 35.92 -34.16 -11.83
C LYS B 302 37.18 -33.97 -12.66
N SER B 303 37.14 -33.00 -13.58
CA SER B 303 38.25 -32.79 -14.49
C SER B 303 39.46 -32.22 -13.76
N ALA B 304 40.61 -32.30 -14.43
CA ALA B 304 41.83 -31.73 -13.88
C ALA B 304 41.80 -30.21 -13.93
N PHE B 305 41.10 -29.63 -14.91
CA PHE B 305 40.99 -28.19 -15.00
C PHE B 305 40.29 -27.62 -13.77
N VAL B 306 39.17 -28.22 -13.38
CA VAL B 306 38.41 -27.75 -12.23
C VAL B 306 39.22 -27.95 -10.94
N SER B 307 39.90 -29.08 -10.82
CA SER B 307 40.64 -29.38 -9.60
C SER B 307 41.81 -28.43 -9.39
N ASN B 308 42.42 -27.94 -10.48
CA ASN B 308 43.61 -27.11 -10.35
C ASN B 308 43.30 -25.79 -9.64
N PHE B 309 42.05 -25.31 -9.75
CA PHE B 309 41.66 -24.04 -9.13
C PHE B 309 41.13 -24.20 -7.71
N GLU B 310 41.02 -25.43 -7.21
CA GLU B 310 40.51 -25.63 -5.85
C GLU B 310 41.45 -25.05 -4.81
N PHE B 311 42.75 -25.29 -4.96
CA PHE B 311 43.77 -24.77 -4.04
C PHE B 311 44.83 -24.07 -4.87
N VAL B 312 44.89 -22.74 -4.78
CA VAL B 312 45.91 -21.96 -5.48
C VAL B 312 46.62 -21.06 -4.47
N GLY B 313 47.08 -21.66 -3.38
CA GLY B 313 47.60 -20.87 -2.28
C GLY B 313 46.53 -20.51 -1.28
N THR B 314 46.96 -20.38 -0.03
CA THR B 314 46.02 -20.21 1.08
C THR B 314 45.35 -18.83 1.01
N VAL B 315 44.03 -18.83 0.89
CA VAL B 315 43.24 -17.60 0.90
C VAL B 315 41.96 -17.84 1.69
N ASP B 316 41.33 -16.76 2.12
CA ASP B 316 39.97 -16.80 2.65
C ASP B 316 39.01 -17.04 1.50
N ASN B 317 38.48 -18.26 1.40
CA ASN B 317 37.59 -18.64 0.31
C ASN B 317 36.12 -18.40 0.63
N SER B 318 35.83 -17.76 1.76
CA SER B 318 34.44 -17.53 2.15
C SER B 318 33.63 -16.78 1.10
N PRO B 319 34.16 -15.74 0.42
CA PRO B 319 33.36 -15.13 -0.66
C PRO B 319 32.95 -16.11 -1.75
N PHE B 320 33.80 -17.10 -2.06
CA PHE B 320 33.42 -18.11 -3.04
C PHE B 320 32.25 -18.94 -2.54
N PHE B 321 32.29 -19.35 -1.27
CA PHE B 321 31.25 -20.23 -0.73
C PHE B 321 29.89 -19.55 -0.69
N CYS B 322 29.86 -18.22 -0.59
CA CYS B 322 28.61 -17.47 -0.48
C CYS B 322 27.90 -17.27 -1.81
N VAL B 323 28.46 -17.76 -2.93
CA VAL B 323 27.80 -17.58 -4.22
C VAL B 323 26.47 -18.29 -4.24
N LYS B 324 26.44 -19.55 -3.78
CA LYS B 324 25.21 -20.32 -3.78
C LYS B 324 24.14 -19.65 -2.92
N ASP B 325 24.55 -19.05 -1.79
CA ASP B 325 23.59 -18.36 -0.94
C ASP B 325 23.10 -17.08 -1.59
N ALA B 326 24.02 -16.29 -2.15
CA ALA B 326 23.64 -15.06 -2.82
C ALA B 326 22.63 -15.34 -3.94
N ILE B 327 22.87 -16.39 -4.73
CA ILE B 327 21.94 -16.75 -5.78
C ILE B 327 20.59 -17.16 -5.18
N LYS B 328 20.63 -18.00 -4.14
CA LYS B 328 19.39 -18.44 -3.50
C LYS B 328 18.68 -17.28 -2.80
N TRP B 329 19.45 -16.36 -2.22
CA TRP B 329 18.85 -15.19 -1.59
C TRP B 329 18.18 -14.29 -2.62
N ARG B 330 18.83 -14.10 -3.77
CA ARG B 330 18.26 -13.27 -4.83
C ARG B 330 17.02 -13.89 -5.45
N GLU B 331 16.89 -15.22 -5.40
CA GLU B 331 15.72 -15.89 -5.97
C GLU B 331 14.54 -15.96 -5.01
N GLU B 332 14.81 -16.11 -3.71
CA GLU B 332 13.74 -16.26 -2.74
C GLU B 332 13.35 -14.93 -2.09
N VAL B 333 14.32 -14.19 -1.58
CA VAL B 333 14.02 -12.90 -0.95
C VAL B 333 13.59 -11.88 -2.01
N LEU B 334 14.34 -11.80 -3.10
CA LEU B 334 13.97 -11.00 -4.25
C LEU B 334 13.30 -11.88 -5.30
N GLY B 335 12.63 -11.24 -6.25
CA GLY B 335 11.77 -11.96 -7.17
C GLY B 335 12.47 -12.87 -8.16
N GLY B 336 13.81 -12.85 -8.19
CA GLY B 336 14.56 -13.64 -9.14
C GLY B 336 15.51 -12.79 -9.97
N GLU B 337 16.31 -13.48 -10.77
CA GLU B 337 17.39 -12.81 -11.49
C GLU B 337 16.85 -11.84 -12.54
N GLU B 338 15.80 -12.21 -13.26
CA GLU B 338 15.28 -11.34 -14.29
C GLU B 338 14.58 -10.12 -13.69
N ARG B 339 13.84 -10.32 -12.60
CA ARG B 339 13.18 -9.19 -11.95
C ARG B 339 14.21 -8.19 -11.42
N ILE B 340 15.35 -8.69 -10.93
CA ILE B 340 16.40 -7.81 -10.45
C ILE B 340 16.98 -6.99 -11.60
N MET B 341 17.38 -7.65 -12.67
CA MET B 341 17.95 -6.95 -13.82
C MET B 341 16.92 -6.02 -14.47
N GLU B 342 15.67 -6.45 -14.54
CA GLU B 342 14.62 -5.62 -15.14
C GLU B 342 14.50 -4.28 -14.43
N TYR B 343 14.52 -4.29 -13.09
CA TYR B 343 14.37 -3.06 -12.33
C TYR B 343 15.59 -2.16 -12.49
N MET B 344 16.78 -2.74 -12.37
CA MET B 344 18.00 -1.93 -12.36
C MET B 344 18.21 -1.24 -13.70
N THR B 345 17.97 -1.94 -14.81
CA THR B 345 18.11 -1.34 -16.13
C THR B 345 17.09 -0.22 -16.33
N LYS B 346 15.82 -0.50 -16.02
CA LYS B 346 14.78 0.52 -16.19
C LYS B 346 15.06 1.75 -15.32
N LEU B 347 15.46 1.53 -14.06
CA LEU B 347 15.80 2.65 -13.19
C LEU B 347 17.01 3.42 -13.71
N ALA B 348 17.96 2.72 -14.34
CA ALA B 348 19.11 3.40 -14.92
C ALA B 348 18.69 4.31 -16.07
N ARG B 349 17.71 3.89 -16.87
CA ARG B 349 17.22 4.75 -17.94
C ARG B 349 16.48 5.95 -17.38
N GLU B 350 15.35 5.70 -16.70
CA GLU B 350 14.49 6.78 -16.24
C GLU B 350 15.20 7.64 -15.20
N GLY B 351 15.98 7.02 -14.31
CA GLY B 351 16.74 7.79 -13.35
C GLY B 351 17.82 8.63 -13.99
N GLY B 352 18.50 8.08 -15.00
CA GLY B 352 19.52 8.84 -15.69
C GLY B 352 18.96 9.99 -16.50
N GLN B 353 17.76 9.81 -17.08
CA GLN B 353 17.14 10.88 -17.84
C GLN B 353 16.70 12.03 -16.93
N LYS B 354 16.37 11.72 -15.68
CA LYS B 354 16.01 12.79 -14.74
C LYS B 354 17.23 13.61 -14.34
N VAL B 355 18.38 12.94 -14.15
CA VAL B 355 19.62 13.67 -13.86
C VAL B 355 19.97 14.58 -15.02
N ALA B 356 19.69 14.14 -16.25
CA ALA B 356 19.99 14.95 -17.43
C ALA B 356 19.08 16.16 -17.51
N GLU B 357 17.79 16.00 -17.18
CA GLU B 357 16.87 17.14 -17.17
C GLU B 357 17.28 18.14 -16.08
N ILE B 358 17.62 17.65 -14.89
CA ILE B 358 18.04 18.54 -13.80
C ILE B 358 19.31 19.28 -14.19
N LEU B 359 20.25 18.60 -14.84
CA LEU B 359 21.48 19.22 -15.30
C LEU B 359 21.32 19.98 -16.61
N GLY B 360 20.19 19.82 -17.30
CA GLY B 360 20.03 20.41 -18.61
C GLY B 360 20.88 19.78 -19.69
N THR B 361 21.43 18.60 -19.45
CA THR B 361 22.32 17.94 -20.40
C THR B 361 21.66 16.72 -21.00
N ARG B 362 22.41 15.62 -21.15
CA ARG B 362 21.90 14.44 -21.81
C ARG B 362 22.58 13.19 -21.26
N VAL B 363 21.85 12.08 -21.29
CA VAL B 363 22.48 10.79 -21.00
C VAL B 363 23.33 10.36 -22.20
N LEU B 364 24.19 9.38 -21.95
CA LEU B 364 25.06 8.84 -23.00
C LEU B 364 24.33 7.66 -23.66
N GLU B 365 23.97 7.83 -24.93
CA GLU B 365 23.20 6.81 -25.62
C GLU B 365 23.34 7.01 -27.12
N ASN B 366 23.34 5.90 -27.86
CA ASN B 366 23.39 5.95 -29.31
C ASN B 366 21.98 5.97 -29.88
N SER B 367 21.88 6.05 -31.22
CA SER B 367 20.59 6.23 -31.87
C SER B 367 19.68 5.01 -31.70
N THR B 368 20.22 3.85 -31.37
CA THR B 368 19.43 2.64 -31.23
C THR B 368 19.08 2.31 -29.79
N GLY B 369 19.54 3.11 -28.83
CA GLY B 369 19.21 2.86 -27.43
C GLY B 369 19.77 1.56 -26.88
N THR B 370 21.01 1.23 -27.24
CA THR B 370 21.62 -0.03 -26.83
C THR B 370 22.76 0.13 -25.83
N LEU B 371 23.14 1.37 -25.49
CA LEU B 371 24.20 1.55 -24.51
C LEU B 371 23.69 1.38 -23.08
N ILE B 372 22.49 1.89 -22.79
CA ILE B 372 21.92 1.74 -21.45
C ILE B 372 21.09 0.46 -21.43
N ARG B 373 21.73 -0.67 -21.69
CA ARG B 373 21.13 -1.98 -21.51
C ARG B 373 21.68 -2.69 -20.27
N CYS B 374 22.22 -1.93 -19.32
CA CYS B 374 22.73 -2.46 -18.07
C CYS B 374 22.11 -1.64 -16.94
N ALA B 375 22.69 -1.76 -15.74
CA ALA B 375 22.20 -1.05 -14.57
C ALA B 375 22.87 0.30 -14.35
N MET B 376 23.79 0.70 -15.23
CA MET B 376 24.51 1.95 -15.09
C MET B 376 24.17 2.89 -16.24
N VAL B 377 24.39 4.18 -16.01
CA VAL B 377 24.04 5.22 -16.97
C VAL B 377 24.97 6.39 -16.75
N ASN B 378 25.39 7.03 -17.85
CA ASN B 378 26.26 8.18 -17.83
C ASN B 378 25.48 9.42 -18.21
N ILE B 379 25.75 10.53 -17.51
CA ILE B 379 25.13 11.82 -17.79
C ILE B 379 26.23 12.85 -17.92
N ALA B 380 26.16 13.69 -18.95
CA ALA B 380 27.16 14.72 -19.16
C ALA B 380 27.01 15.85 -18.16
N LEU B 381 28.13 16.37 -17.69
CA LEU B 381 28.05 17.49 -16.77
C LEU B 381 28.02 18.81 -17.53
N PRO B 382 27.29 19.89 -16.96
CA PRO B 382 27.09 21.15 -17.71
C PRO B 382 28.30 22.08 -17.64
N PHE B 383 29.42 21.61 -18.18
CA PHE B 383 30.58 22.47 -18.42
C PHE B 383 31.39 21.86 -19.56
N VAL B 384 32.61 22.37 -19.75
CA VAL B 384 33.49 21.88 -20.80
C VAL B 384 34.91 22.21 -20.39
N VAL B 385 35.85 21.38 -20.84
CA VAL B 385 37.28 21.58 -20.57
C VAL B 385 37.91 22.27 -21.78
N GLY B 386 38.83 23.20 -21.51
CA GLY B 386 39.58 23.81 -22.58
C GLY B 386 40.42 22.81 -23.35
N GLU B 387 40.86 23.23 -24.53
CA GLU B 387 41.53 22.31 -25.43
C GLU B 387 42.95 22.02 -24.96
N ASP B 388 43.33 20.75 -25.05
CA ASP B 388 44.68 20.32 -24.76
C ASP B 388 45.57 20.59 -25.97
N PRO B 389 46.52 21.52 -25.88
CA PRO B 389 47.37 21.81 -27.05
C PRO B 389 48.22 20.63 -27.48
N LYS B 390 48.56 19.73 -26.55
CA LYS B 390 49.32 18.55 -26.91
C LYS B 390 48.50 17.60 -27.76
N ALA B 391 47.32 17.20 -27.28
CA ALA B 391 46.43 16.28 -27.98
C ALA B 391 45.07 16.95 -28.12
N PRO B 392 44.90 17.82 -29.12
CA PRO B 392 43.60 18.48 -29.30
C PRO B 392 42.62 17.57 -30.01
N VAL B 393 41.38 17.60 -29.56
CA VAL B 393 40.33 16.74 -30.09
C VAL B 393 39.43 17.58 -30.99
N LYS B 394 39.39 17.21 -32.27
CA LYS B 394 38.51 17.87 -33.24
C LYS B 394 37.07 17.58 -32.86
N LEU B 395 36.41 18.57 -32.26
CA LEU B 395 35.08 18.36 -31.73
C LEU B 395 34.04 18.31 -32.85
N THR B 396 33.13 17.35 -32.75
CA THR B 396 32.07 17.16 -33.72
C THR B 396 31.03 18.28 -33.58
N GLU B 397 30.41 18.63 -34.72
CA GLU B 397 29.49 19.77 -34.75
C GLU B 397 28.40 19.66 -33.69
N LYS B 398 27.90 18.43 -33.47
CA LYS B 398 26.87 18.22 -32.44
C LYS B 398 27.47 18.37 -31.05
N GLU B 399 28.67 17.83 -30.86
CA GLU B 399 29.36 17.99 -29.60
C GLU B 399 29.72 19.45 -29.33
N GLU B 400 29.82 20.27 -30.38
CA GLU B 400 30.14 21.68 -30.19
C GLU B 400 28.90 22.51 -29.91
N LYS B 401 27.79 22.26 -30.62
CA LYS B 401 26.55 22.95 -30.24
C LYS B 401 26.05 22.46 -28.89
N ASP B 402 26.38 21.23 -28.52
CA ASP B 402 26.09 20.74 -27.17
C ASP B 402 26.92 21.47 -26.13
N VAL B 403 28.03 22.11 -26.52
CA VAL B 403 28.83 22.88 -25.58
C VAL B 403 28.22 24.26 -25.35
N GLU B 404 27.44 24.76 -26.31
CA GLU B 404 26.44 25.83 -26.13
C GLU B 404 26.82 26.94 -25.15
N GLY B 405 28.08 27.38 -25.17
CA GLY B 405 28.49 28.45 -24.29
C GLY B 405 28.34 28.16 -22.81
N LEU B 406 28.81 26.99 -22.37
CA LEU B 406 28.85 26.71 -20.95
C LEU B 406 30.11 27.30 -20.34
N TYR B 407 30.22 27.15 -19.02
CA TYR B 407 31.48 27.47 -18.36
C TYR B 407 32.56 26.55 -18.92
N GLU B 408 33.73 27.12 -19.18
CA GLU B 408 34.86 26.35 -19.70
C GLU B 408 35.95 26.32 -18.64
N ILE B 409 36.34 25.12 -18.24
CA ILE B 409 37.49 24.92 -17.35
C ILE B 409 38.73 24.85 -18.22
N PRO B 410 39.76 25.64 -17.96
CA PRO B 410 41.02 25.47 -18.69
C PRO B 410 41.53 24.04 -18.52
N HIS B 411 42.16 23.52 -19.58
CA HIS B 411 42.64 22.15 -19.53
C HIS B 411 43.66 21.94 -18.41
N GLU B 412 44.45 22.98 -18.12
CA GLU B 412 45.41 22.90 -17.02
C GLU B 412 44.72 22.70 -15.67
N GLU B 413 43.45 23.08 -15.55
CA GLU B 413 42.71 22.95 -14.31
C GLU B 413 41.74 21.77 -14.31
N ALA B 414 41.72 20.96 -15.38
CA ALA B 414 40.77 19.87 -15.46
C ALA B 414 41.02 18.82 -14.39
N ASN B 415 42.28 18.42 -14.22
CA ASN B 415 42.62 17.43 -13.20
C ASN B 415 42.43 17.98 -11.80
N MET B 416 42.70 19.28 -11.60
CA MET B 416 42.49 19.88 -10.29
C MET B 416 41.02 19.91 -9.91
N ALA B 417 40.15 20.26 -10.86
CA ALA B 417 38.71 20.26 -10.58
C ALA B 417 38.18 18.83 -10.45
N PHE B 418 38.78 17.88 -11.16
CA PHE B 418 38.36 16.49 -11.05
C PHE B 418 38.57 15.95 -9.65
N LYS B 419 39.72 16.24 -9.05
CA LYS B 419 39.99 15.82 -7.68
C LYS B 419 39.05 16.53 -6.70
N TRP B 420 38.76 17.81 -6.95
CA TRP B 420 37.90 18.57 -6.04
C TRP B 420 36.50 17.99 -6.00
N MET B 421 35.94 17.65 -7.17
CA MET B 421 34.60 17.10 -7.21
C MET B 421 34.52 15.74 -6.51
N TYR B 422 35.59 14.94 -6.59
CA TYR B 422 35.61 13.65 -5.91
C TYR B 422 35.60 13.83 -4.40
N ASN B 423 36.43 14.75 -3.89
CA ASN B 423 36.50 14.96 -2.44
C ASN B 423 35.23 15.57 -1.90
N VAL B 424 34.67 16.57 -2.59
CA VAL B 424 33.47 17.24 -2.11
C VAL B 424 32.29 16.26 -2.07
N LEU B 425 32.18 15.40 -3.10
CA LEU B 425 31.10 14.41 -3.11
C LEU B 425 31.20 13.43 -1.95
N GLN B 426 32.40 13.25 -1.38
CA GLN B 426 32.57 12.37 -0.22
C GLN B 426 32.45 13.12 1.10
N ASP B 427 33.09 14.29 1.20
CA ASP B 427 33.18 14.99 2.48
C ASP B 427 31.92 15.80 2.78
N GLU B 428 31.31 16.40 1.77
CA GLU B 428 30.14 17.24 1.98
C GLU B 428 28.83 16.54 1.66
N PHE B 429 28.78 15.72 0.62
CA PHE B 429 27.57 15.04 0.22
C PHE B 429 27.55 13.57 0.61
N ASN B 430 28.67 13.04 1.06
CA ASN B 430 28.78 11.66 1.53
C ASN B 430 28.21 10.68 0.51
N THR B 431 28.78 10.76 -0.70
CA THR B 431 28.48 9.83 -1.77
C THR B 431 29.75 9.71 -2.61
N PHE B 432 29.65 9.06 -3.76
CA PHE B 432 30.78 8.96 -4.67
C PHE B 432 30.25 8.71 -6.07
N VAL B 433 30.67 9.55 -7.02
CA VAL B 433 30.28 9.40 -8.42
C VAL B 433 31.53 9.39 -9.30
N PRO B 434 31.88 8.27 -9.91
CA PRO B 434 33.00 8.27 -10.85
C PRO B 434 32.64 9.00 -12.12
N MET B 435 33.64 9.62 -12.75
CA MET B 435 33.43 10.45 -13.93
C MET B 435 34.44 10.07 -15.01
N THR B 436 33.94 9.88 -16.23
CA THR B 436 34.78 9.59 -17.38
C THR B 436 35.08 10.89 -18.12
N PHE B 437 36.36 11.18 -18.30
CA PHE B 437 36.81 12.33 -19.11
C PHE B 437 36.93 11.85 -20.54
N HIS B 438 35.88 12.04 -21.33
CA HIS B 438 35.84 11.59 -22.72
C HIS B 438 35.54 12.77 -23.62
N ARG B 439 36.50 13.14 -24.45
CA ARG B 439 36.36 14.23 -25.41
C ARG B 439 35.89 15.51 -24.68
N ARG B 440 36.83 16.04 -23.90
CA ARG B 440 36.70 17.28 -23.12
C ARG B 440 35.35 17.45 -22.45
N ARG B 441 34.76 16.35 -21.99
CA ARG B 441 33.53 16.38 -21.22
C ARG B 441 33.65 15.39 -20.07
N PHE B 442 32.97 15.70 -18.96
CA PHE B 442 32.89 14.81 -17.80
C PHE B 442 31.56 14.08 -17.84
N TRP B 443 31.62 12.75 -17.94
CA TRP B 443 30.42 11.92 -17.94
C TRP B 443 30.38 11.19 -16.60
N ALA B 444 29.50 11.65 -15.71
CA ALA B 444 29.32 10.99 -14.43
C ALA B 444 28.55 9.69 -14.63
N ARG B 445 29.07 8.60 -14.08
CA ARG B 445 28.41 7.30 -14.15
C ARG B 445 27.66 7.05 -12.84
N LEU B 446 26.37 6.78 -12.96
CA LEU B 446 25.54 6.40 -11.83
C LEU B 446 25.16 4.93 -11.96
N SER B 447 25.06 4.25 -10.82
CA SER B 447 24.70 2.84 -10.78
C SER B 447 23.36 2.69 -10.07
N ALA B 448 22.37 2.17 -10.79
CA ALA B 448 21.09 1.84 -10.18
C ALA B 448 21.19 0.50 -9.46
N GLN B 449 20.35 0.33 -8.44
CA GLN B 449 20.29 -0.93 -7.71
C GLN B 449 18.86 -1.17 -7.27
N VAL B 450 18.61 -2.39 -6.80
CA VAL B 450 17.28 -2.76 -6.31
C VAL B 450 16.91 -2.07 -5.01
N TYR B 451 17.88 -1.47 -4.31
CA TYR B 451 17.59 -0.70 -3.11
C TYR B 451 17.54 0.80 -3.38
N LEU B 452 17.61 1.21 -4.64
CA LEU B 452 17.45 2.60 -5.04
C LEU B 452 16.13 2.78 -5.78
N GLU B 453 15.68 4.03 -5.87
CA GLU B 453 14.46 4.37 -6.58
C GLU B 453 14.66 5.73 -7.23
N MET B 454 13.57 6.29 -7.76
CA MET B 454 13.67 7.55 -8.51
C MET B 454 14.12 8.70 -7.62
N SER B 455 13.75 8.68 -6.33
CA SER B 455 14.15 9.76 -5.44
C SER B 455 15.66 9.86 -5.30
N ASP B 456 16.38 8.74 -5.39
CA ASP B 456 17.83 8.76 -5.27
C ASP B 456 18.47 9.46 -6.45
N PHE B 457 18.03 9.15 -7.67
CA PHE B 457 18.60 9.80 -8.85
C PHE B 457 18.23 11.27 -8.91
N GLU B 458 17.07 11.64 -8.38
CA GLU B 458 16.73 13.06 -8.30
C GLU B 458 17.66 13.79 -7.32
N TRP B 459 17.93 13.18 -6.16
CA TRP B 459 18.94 13.71 -5.26
C TRP B 459 20.30 13.78 -5.95
N ALA B 460 20.64 12.75 -6.73
CA ALA B 460 21.90 12.76 -7.47
C ALA B 460 21.94 13.89 -8.48
N GLY B 461 20.81 14.16 -9.14
CA GLY B 461 20.76 15.27 -10.08
C GLY B 461 20.95 16.61 -9.39
N LYS B 462 20.24 16.84 -8.29
CA LYS B 462 20.36 18.09 -7.57
C LYS B 462 21.73 18.23 -6.93
N THR B 463 22.33 17.13 -6.47
CA THR B 463 23.68 17.18 -5.93
C THR B 463 24.68 17.59 -7.00
N LEU B 464 24.69 16.89 -8.14
CA LEU B 464 25.60 17.23 -9.22
C LEU B 464 25.35 18.63 -9.76
N LYS B 465 24.08 19.08 -9.73
CA LYS B 465 23.76 20.42 -10.22
C LYS B 465 24.51 21.48 -9.42
N GLU B 466 24.39 21.45 -8.10
CA GLU B 466 25.06 22.44 -7.28
C GLU B 466 26.57 22.25 -7.31
N LEU B 467 27.03 20.99 -7.36
CA LEU B 467 28.46 20.73 -7.47
C LEU B 467 29.06 21.39 -8.71
N CYS B 468 28.33 21.35 -9.84
CA CYS B 468 28.84 22.01 -11.04
C CYS B 468 28.68 23.52 -10.96
N GLU B 469 27.63 24.01 -10.31
CA GLU B 469 27.50 25.45 -10.08
C GLU B 469 28.70 25.98 -9.29
N ARG B 470 29.19 25.19 -8.32
CA ARG B 470 30.35 25.59 -7.56
C ARG B 470 31.64 25.40 -8.35
N VAL B 471 31.68 24.41 -9.26
CA VAL B 471 32.79 24.32 -10.20
C VAL B 471 32.81 25.52 -11.13
N ALA B 472 31.62 26.00 -11.53
CA ALA B 472 31.54 27.16 -12.41
C ALA B 472 32.09 28.41 -11.75
N LYS B 473 31.93 28.54 -10.43
CA LYS B 473 32.43 29.70 -9.70
C LYS B 473 33.91 29.57 -9.34
N GLY B 474 34.61 28.59 -9.88
CA GLY B 474 36.02 28.43 -9.59
C GLY B 474 36.33 28.05 -8.16
N GLU B 475 35.45 27.28 -7.51
CA GLU B 475 35.70 26.87 -6.13
C GLU B 475 36.77 25.80 -6.03
N TYR B 476 37.07 25.10 -7.11
CA TYR B 476 38.12 24.08 -7.09
C TYR B 476 39.53 24.66 -6.95
N LYS B 477 39.69 25.96 -6.73
CA LYS B 477 41.00 26.56 -6.60
C LYS B 477 41.26 27.03 -5.17
N THR C 28 10.46 -18.92 -71.15
CA THR C 28 9.56 -19.46 -70.13
C THR C 28 9.73 -18.74 -68.79
N GLY C 29 9.12 -17.56 -68.67
CA GLY C 29 9.18 -16.80 -67.45
C GLY C 29 8.01 -17.10 -66.53
N PRO C 30 7.73 -16.18 -65.61
CA PRO C 30 6.60 -16.40 -64.70
C PRO C 30 5.27 -16.28 -65.44
N LEU C 31 4.27 -16.97 -64.90
CA LEU C 31 2.98 -17.06 -65.58
C LEU C 31 2.26 -15.72 -65.57
N PRO C 32 1.51 -15.42 -66.63
CA PRO C 32 0.67 -14.22 -66.61
C PRO C 32 -0.49 -14.38 -65.64
N PHE C 33 -1.03 -13.24 -65.23
CA PHE C 33 -2.16 -13.20 -64.31
C PHE C 33 -3.47 -13.09 -65.08
N GLY C 34 -4.57 -13.27 -64.37
CA GLY C 34 -5.90 -13.20 -64.95
C GLY C 34 -6.62 -14.53 -64.94
N ASN C 35 -7.70 -14.59 -65.73
CA ASN C 35 -8.53 -15.78 -65.76
C ASN C 35 -7.77 -17.01 -66.23
N SER C 36 -6.73 -16.83 -67.03
CA SER C 36 -5.94 -17.96 -67.50
C SER C 36 -5.22 -18.67 -66.37
N LEU C 37 -5.08 -18.01 -65.21
CA LEU C 37 -4.41 -18.64 -64.08
C LEU C 37 -5.30 -19.62 -63.33
N LEU C 38 -6.61 -19.58 -63.57
CA LEU C 38 -7.52 -20.52 -62.93
C LEU C 38 -7.25 -21.97 -63.34
N LYS C 39 -6.49 -22.19 -64.41
CA LYS C 39 -6.04 -23.54 -64.73
C LYS C 39 -5.26 -24.16 -63.57
N GLU C 40 -4.63 -23.32 -62.76
CA GLU C 40 -3.79 -23.77 -61.66
C GLU C 40 -4.55 -23.98 -60.36
N PHE C 41 -5.81 -23.58 -60.29
CA PHE C 41 -6.57 -23.60 -59.05
C PHE C 41 -7.70 -24.63 -59.14
N VAL C 42 -8.48 -24.71 -58.06
CA VAL C 42 -9.53 -25.71 -57.87
C VAL C 42 -10.90 -25.08 -57.73
N LEU C 43 -11.01 -23.75 -57.82
CA LEU C 43 -12.30 -23.07 -57.80
C LEU C 43 -13.24 -23.65 -58.83
N ASP C 44 -14.49 -23.85 -58.42
CA ASP C 44 -15.55 -24.30 -59.31
C ASP C 44 -15.70 -23.30 -60.46
N PRO C 45 -15.60 -23.74 -61.71
CA PRO C 45 -15.70 -22.78 -62.83
C PRO C 45 -17.02 -22.04 -62.88
N ALA C 46 -18.11 -22.66 -62.42
CA ALA C 46 -19.40 -21.97 -62.37
C ALA C 46 -19.46 -20.97 -61.23
N TYR C 47 -18.67 -21.19 -60.17
CA TYR C 47 -18.62 -20.27 -59.04
C TYR C 47 -17.58 -19.17 -59.31
N ARG C 48 -17.91 -17.95 -58.89
CA ARG C 48 -17.04 -16.81 -59.09
C ARG C 48 -16.61 -16.29 -57.72
N ASN C 49 -15.32 -16.39 -57.42
CA ASN C 49 -14.79 -16.11 -56.09
C ASN C 49 -14.35 -14.65 -56.05
N LEU C 50 -15.24 -13.78 -55.57
CA LEU C 50 -14.96 -12.36 -55.39
C LEU C 50 -14.60 -12.04 -53.95
N ASN C 51 -14.41 -13.05 -53.10
CA ASN C 51 -14.18 -12.84 -51.69
C ASN C 51 -13.14 -13.82 -51.16
N HIS C 52 -11.92 -13.70 -51.71
CA HIS C 52 -10.81 -14.55 -51.29
C HIS C 52 -10.36 -14.26 -49.86
N GLY C 53 -10.76 -13.11 -49.30
CA GLY C 53 -10.26 -12.66 -48.02
C GLY C 53 -10.90 -13.29 -46.80
N SER C 54 -11.91 -14.14 -46.97
CA SER C 54 -12.53 -14.81 -45.83
C SER C 54 -11.81 -16.13 -45.51
N PHE C 55 -11.72 -17.03 -46.49
CA PHE C 55 -11.16 -18.35 -46.29
C PHE C 55 -10.02 -18.71 -47.23
N GLY C 56 -9.82 -17.94 -48.30
CA GLY C 56 -8.73 -18.22 -49.22
C GLY C 56 -8.96 -19.47 -50.04
N THR C 57 -7.96 -19.78 -50.86
CA THR C 57 -7.97 -20.98 -51.68
C THR C 57 -6.52 -21.30 -52.04
N ILE C 58 -6.29 -22.56 -52.39
CA ILE C 58 -4.94 -23.01 -52.75
C ILE C 58 -4.92 -23.44 -54.20
N PRO C 59 -3.80 -23.25 -54.91
CA PRO C 59 -3.67 -23.82 -56.25
C PRO C 59 -3.68 -25.33 -56.21
N SER C 60 -3.91 -25.93 -57.37
CA SER C 60 -3.98 -27.39 -57.46
C SER C 60 -2.69 -28.06 -57.02
N ALA C 61 -1.55 -27.41 -57.25
CA ALA C 61 -0.27 -28.00 -56.85
C ALA C 61 -0.14 -28.09 -55.34
N ILE C 62 -0.66 -27.10 -54.61
CA ILE C 62 -0.58 -27.13 -53.16
C ILE C 62 -1.53 -28.17 -52.58
N GLN C 63 -2.71 -28.33 -53.20
CA GLN C 63 -3.63 -29.37 -52.76
C GLN C 63 -3.02 -30.75 -52.91
N GLN C 64 -2.26 -30.98 -53.99
CA GLN C 64 -1.54 -32.24 -54.15
C GLN C 64 -0.46 -32.39 -53.08
N LYS C 65 0.21 -31.29 -52.74
CA LYS C 65 1.19 -31.33 -51.65
C LYS C 65 0.51 -31.69 -50.33
N LEU C 66 -0.64 -31.08 -50.05
CA LEU C 66 -1.37 -31.38 -48.81
C LEU C 66 -1.66 -32.87 -48.70
N ARG C 67 -2.07 -33.50 -49.79
CA ARG C 67 -2.45 -34.91 -49.75
C ARG C 67 -1.24 -35.85 -49.75
N SER C 68 -0.07 -35.36 -50.17
CA SER C 68 1.14 -36.18 -50.06
C SER C 68 1.62 -36.24 -48.60
N TYR C 69 1.47 -35.14 -47.86
CA TYR C 69 1.76 -35.18 -46.43
C TYR C 69 0.75 -36.06 -45.69
N GLN C 70 -0.51 -36.06 -46.15
CA GLN C 70 -1.51 -36.91 -45.51
C GLN C 70 -1.25 -38.38 -45.80
N THR C 71 -0.78 -38.70 -47.02
CA THR C 71 -0.44 -40.08 -47.34
C THR C 71 0.75 -40.55 -46.52
N ALA C 72 1.72 -39.65 -46.26
CA ALA C 72 2.90 -40.03 -45.50
C ALA C 72 2.59 -40.22 -44.02
N ALA C 73 1.60 -39.50 -43.50
CA ALA C 73 1.23 -39.64 -42.10
C ALA C 73 0.42 -40.91 -41.85
N GLU C 74 -0.29 -41.40 -42.86
CA GLU C 74 -1.05 -42.64 -42.73
C GLU C 74 -0.24 -43.87 -43.13
N ALA C 75 0.90 -43.69 -43.79
CA ALA C 75 1.72 -44.83 -44.20
C ALA C 75 2.54 -45.37 -43.03
N ARG C 76 3.26 -44.49 -42.34
CA ARG C 76 4.05 -44.84 -41.16
C ARG C 76 3.74 -43.81 -40.08
N PRO C 77 2.60 -43.98 -39.37
CA PRO C 77 2.08 -42.92 -38.50
C PRO C 77 3.04 -42.43 -37.43
N CYS C 78 3.48 -43.31 -36.53
CA CYS C 78 4.39 -42.89 -35.47
C CYS C 78 5.72 -42.36 -35.99
N PRO C 79 6.43 -43.05 -36.90
CA PRO C 79 7.72 -42.51 -37.35
C PRO C 79 7.61 -41.16 -38.05
N PHE C 80 6.52 -40.89 -38.75
CA PHE C 80 6.40 -39.62 -39.45
C PHE C 80 5.95 -38.50 -38.51
N LEU C 81 4.85 -38.71 -37.79
CA LEU C 81 4.27 -37.63 -37.01
C LEU C 81 5.07 -37.30 -35.76
N ARG C 82 5.99 -38.17 -35.34
CA ARG C 82 6.81 -37.86 -34.17
C ARG C 82 8.11 -37.14 -34.56
N TYR C 83 8.79 -37.61 -35.60
CA TYR C 83 10.14 -37.15 -35.89
C TYR C 83 10.27 -36.35 -37.18
N GLN C 84 9.37 -36.54 -38.15
CA GLN C 84 9.38 -35.72 -39.35
C GLN C 84 8.57 -34.44 -39.21
N THR C 85 7.59 -34.42 -38.30
CA THR C 85 6.81 -33.21 -38.07
C THR C 85 7.68 -32.01 -37.72
N PRO C 86 8.60 -32.08 -36.74
CA PRO C 86 9.46 -30.92 -36.50
C PRO C 86 10.41 -30.61 -37.64
N VAL C 87 10.84 -31.61 -38.40
CA VAL C 87 11.68 -31.37 -39.57
C VAL C 87 10.91 -30.54 -40.61
N LEU C 88 9.69 -30.97 -40.92
CA LEU C 88 8.88 -30.26 -41.90
C LEU C 88 8.43 -28.89 -41.39
N LEU C 89 8.15 -28.77 -40.09
CA LEU C 89 7.76 -27.48 -39.54
C LEU C 89 8.93 -26.49 -39.55
N ASP C 90 10.15 -26.98 -39.35
CA ASP C 90 11.31 -26.09 -39.41
C ASP C 90 11.62 -25.64 -40.83
N GLU C 91 11.16 -26.38 -41.84
CA GLU C 91 11.33 -25.95 -43.23
C GLU C 91 10.33 -24.85 -43.57
N SER C 92 9.06 -25.05 -43.21
CA SER C 92 8.08 -23.98 -43.38
C SER C 92 8.47 -22.75 -42.58
N ARG C 93 8.97 -22.95 -41.35
CA ARG C 93 9.39 -21.81 -40.52
C ARG C 93 10.52 -21.04 -41.18
N ALA C 94 11.49 -21.74 -41.77
CA ALA C 94 12.60 -21.06 -42.42
C ALA C 94 12.14 -20.35 -43.70
N ALA C 95 11.19 -20.95 -44.42
CA ALA C 95 10.71 -20.33 -45.65
C ALA C 95 9.97 -19.04 -45.36
N VAL C 96 9.11 -19.04 -44.35
CA VAL C 96 8.29 -17.85 -44.10
C VAL C 96 9.07 -16.80 -43.33
N ALA C 97 10.04 -17.21 -42.50
CA ALA C 97 10.88 -16.23 -41.83
C ALA C 97 11.74 -15.46 -42.83
N ASN C 98 12.20 -16.14 -43.88
CA ASN C 98 12.93 -15.46 -44.94
C ASN C 98 12.02 -14.57 -45.77
N LEU C 99 10.76 -14.98 -45.96
CA LEU C 99 9.81 -14.13 -46.66
C LEU C 99 9.48 -12.89 -45.84
N LEU C 100 9.42 -13.04 -44.52
CA LEU C 100 9.10 -11.93 -43.62
C LEU C 100 10.33 -11.11 -43.24
N LYS C 101 11.51 -11.46 -43.75
CA LYS C 101 12.75 -10.75 -43.44
C LYS C 101 12.98 -10.69 -41.93
N VAL C 102 12.74 -11.82 -41.26
CA VAL C 102 12.81 -11.88 -39.80
C VAL C 102 13.56 -13.13 -39.39
N PRO C 103 14.25 -13.06 -38.25
CA PRO C 103 14.92 -14.26 -37.72
C PRO C 103 13.94 -15.40 -37.50
N VAL C 104 14.35 -16.60 -37.91
CA VAL C 104 13.47 -17.76 -37.81
C VAL C 104 13.18 -18.12 -36.36
N GLU C 105 14.04 -17.72 -35.43
CA GLU C 105 13.80 -17.93 -34.01
C GLU C 105 12.61 -17.12 -33.48
N THR C 106 11.92 -16.36 -34.34
CA THR C 106 10.84 -15.48 -33.92
C THR C 106 9.48 -15.88 -34.51
N VAL C 107 9.40 -17.00 -35.21
CA VAL C 107 8.17 -17.40 -35.89
C VAL C 107 7.83 -18.85 -35.55
N VAL C 108 6.56 -19.10 -35.28
CA VAL C 108 5.99 -20.44 -35.17
C VAL C 108 4.66 -20.45 -35.92
N PHE C 109 3.99 -21.59 -35.91
CA PHE C 109 2.71 -21.74 -36.57
C PHE C 109 1.64 -22.10 -35.54
N VAL C 110 0.49 -21.44 -35.63
CA VAL C 110 -0.67 -21.77 -34.82
C VAL C 110 -1.84 -22.06 -35.76
N ALA C 111 -2.95 -22.50 -35.18
CA ALA C 111 -4.07 -22.96 -35.98
C ALA C 111 -4.58 -21.87 -36.92
N ASN C 112 -4.85 -20.68 -36.38
CA ASN C 112 -5.43 -19.60 -37.16
C ASN C 112 -5.17 -18.28 -36.43
N ALA C 113 -5.69 -17.19 -36.99
CA ALA C 113 -5.51 -15.88 -36.39
C ALA C 113 -6.24 -15.77 -35.06
N THR C 114 -7.46 -16.30 -34.98
CA THR C 114 -8.20 -16.29 -33.72
C THR C 114 -7.44 -17.04 -32.64
N MET C 115 -6.83 -18.17 -32.99
CA MET C 115 -6.03 -18.93 -32.02
C MET C 115 -4.81 -18.13 -31.58
N GLY C 116 -4.22 -17.36 -32.49
CA GLY C 116 -3.05 -16.57 -32.13
C GLY C 116 -3.39 -15.43 -31.19
N VAL C 117 -4.47 -14.70 -31.48
CA VAL C 117 -4.87 -13.60 -30.62
C VAL C 117 -5.19 -14.11 -29.22
N ASN C 118 -5.85 -15.27 -29.14
CA ASN C 118 -6.12 -15.87 -27.84
C ASN C 118 -4.83 -16.25 -27.12
N THR C 119 -3.85 -16.76 -27.85
CA THR C 119 -2.58 -17.13 -27.25
C THR C 119 -1.93 -15.93 -26.55
N VAL C 120 -2.01 -14.75 -27.17
CA VAL C 120 -1.42 -13.56 -26.57
C VAL C 120 -2.27 -13.09 -25.39
N LEU C 121 -3.55 -12.81 -25.64
CA LEU C 121 -4.40 -12.21 -24.62
C LEU C 121 -4.59 -13.10 -23.40
N ARG C 122 -4.45 -14.42 -23.55
CA ARG C 122 -4.60 -15.32 -22.41
C ARG C 122 -3.30 -15.54 -21.63
N ASN C 123 -2.15 -15.23 -22.22
CA ASN C 123 -0.88 -15.36 -21.53
C ASN C 123 -0.44 -14.09 -20.80
N ILE C 124 -0.94 -12.93 -21.22
CA ILE C 124 -0.55 -11.68 -20.59
C ILE C 124 -0.98 -11.70 -19.13
N VAL C 125 -0.05 -11.36 -18.25
CA VAL C 125 -0.30 -11.27 -16.81
C VAL C 125 -0.41 -9.79 -16.45
N TRP C 126 -1.55 -9.41 -15.88
CA TRP C 126 -1.91 -8.01 -15.73
C TRP C 126 -1.50 -7.47 -14.36
N SER C 127 -1.44 -6.14 -14.28
CA SER C 127 -0.92 -5.47 -13.09
C SER C 127 -1.76 -5.80 -11.87
N ALA C 128 -1.08 -5.95 -10.72
CA ALA C 128 -1.77 -6.30 -9.48
C ALA C 128 -2.71 -5.19 -9.03
N ASP C 129 -2.37 -3.93 -9.32
CA ASP C 129 -3.22 -2.82 -8.88
C ASP C 129 -4.57 -2.82 -9.59
N GLY C 130 -4.70 -3.54 -10.69
CA GLY C 130 -5.97 -3.58 -11.41
C GLY C 130 -6.24 -2.40 -12.29
N LYS C 131 -5.20 -1.68 -12.71
CA LYS C 131 -5.35 -0.49 -13.55
C LYS C 131 -5.16 -0.77 -15.03
N ASP C 132 -4.81 -1.99 -15.40
CA ASP C 132 -4.54 -2.31 -16.81
C ASP C 132 -5.82 -2.23 -17.63
N GLU C 133 -5.67 -1.83 -18.90
CA GLU C 133 -6.79 -1.66 -19.81
C GLU C 133 -6.35 -2.04 -21.21
N ILE C 134 -7.17 -2.83 -21.89
CA ILE C 134 -6.92 -3.23 -23.26
C ILE C 134 -7.62 -2.24 -24.18
N LEU C 135 -6.85 -1.62 -25.08
CA LEU C 135 -7.40 -0.66 -26.02
C LEU C 135 -7.54 -1.30 -27.40
N TYR C 136 -8.68 -1.04 -28.04
CA TYR C 136 -9.00 -1.63 -29.32
C TYR C 136 -9.98 -0.72 -30.04
N PHE C 137 -10.02 -0.83 -31.35
CA PHE C 137 -10.93 -0.05 -32.18
C PHE C 137 -12.20 -0.84 -32.45
N ASP C 138 -13.27 -0.11 -32.80
CA ASP C 138 -14.57 -0.74 -33.01
C ASP C 138 -14.67 -1.48 -34.34
N THR C 139 -13.64 -1.44 -35.18
CA THR C 139 -13.58 -2.25 -36.38
C THR C 139 -12.85 -3.56 -36.17
N ILE C 140 -12.60 -3.94 -34.92
CA ILE C 140 -11.90 -5.18 -34.62
C ILE C 140 -12.73 -6.37 -35.09
N PHE C 141 -12.04 -7.46 -35.43
CA PHE C 141 -12.72 -8.69 -35.82
C PHE C 141 -13.59 -9.18 -34.67
N GLY C 142 -14.73 -9.79 -35.02
CA GLY C 142 -15.70 -10.18 -34.01
C GLY C 142 -15.14 -11.13 -32.98
N ALA C 143 -14.48 -12.19 -33.43
CA ALA C 143 -13.92 -13.16 -32.50
C ALA C 143 -12.81 -12.55 -31.65
N CYS C 144 -12.09 -11.56 -32.19
CA CYS C 144 -11.04 -10.92 -31.43
C CYS C 144 -11.59 -9.96 -30.39
N GLY C 145 -12.69 -9.26 -30.72
CA GLY C 145 -13.32 -8.41 -29.74
C GLY C 145 -13.92 -9.20 -28.59
N LYS C 146 -14.54 -10.35 -28.89
CA LYS C 146 -15.11 -11.17 -27.84
C LYS C 146 -14.04 -11.93 -27.06
N THR C 147 -12.86 -12.12 -27.64
CA THR C 147 -11.75 -12.69 -26.86
C THR C 147 -11.39 -11.78 -25.70
N ILE C 148 -11.43 -10.47 -25.93
CA ILE C 148 -11.19 -9.51 -24.86
C ILE C 148 -12.26 -9.63 -23.79
N ASP C 149 -13.53 -9.68 -24.21
CA ASP C 149 -14.63 -9.75 -23.26
C ASP C 149 -14.55 -10.98 -22.38
N TYR C 150 -13.94 -12.07 -22.87
CA TYR C 150 -13.80 -13.26 -22.05
C TYR C 150 -12.65 -13.14 -21.06
N VAL C 151 -11.49 -12.64 -21.51
CA VAL C 151 -10.36 -12.47 -20.60
C VAL C 151 -10.71 -11.49 -19.49
N ILE C 152 -11.54 -10.48 -19.79
CA ILE C 152 -12.04 -9.59 -18.75
C ILE C 152 -12.84 -10.38 -17.72
N GLU C 153 -13.81 -11.17 -18.20
CA GLU C 153 -14.65 -11.94 -17.29
C GLU C 153 -13.85 -13.01 -16.56
N ASP C 154 -12.97 -13.71 -17.27
CA ASP C 154 -12.27 -14.84 -16.68
C ASP C 154 -11.26 -14.40 -15.63
N LYS C 155 -10.59 -13.26 -15.86
CA LYS C 155 -9.64 -12.72 -14.89
C LYS C 155 -10.30 -11.83 -13.85
N ARG C 156 -11.64 -11.89 -13.73
CA ARG C 156 -12.37 -11.31 -12.61
C ARG C 156 -12.15 -9.79 -12.48
N GLY C 157 -12.21 -9.09 -13.60
CA GLY C 157 -12.31 -7.65 -13.59
C GLY C 157 -11.03 -6.88 -13.38
N ILE C 158 -9.89 -7.55 -13.23
CA ILE C 158 -8.61 -6.84 -13.10
C ILE C 158 -8.16 -6.25 -14.42
N VAL C 159 -8.87 -6.54 -15.51
CA VAL C 159 -8.64 -5.91 -16.81
C VAL C 159 -9.98 -5.39 -17.32
N SER C 160 -9.93 -4.21 -17.94
CA SER C 160 -11.09 -3.63 -18.60
C SER C 160 -10.70 -3.27 -20.04
N SER C 161 -11.70 -2.88 -20.83
CA SER C 161 -11.50 -2.58 -22.24
C SER C 161 -11.96 -1.16 -22.55
N ARG C 162 -11.33 -0.56 -23.54
CA ARG C 162 -11.67 0.79 -24.00
C ARG C 162 -11.82 0.74 -25.51
N CYS C 163 -13.04 0.99 -25.99
CA CYS C 163 -13.35 0.93 -27.41
C CYS C 163 -13.11 2.29 -28.05
N ILE C 164 -12.42 2.29 -29.18
CA ILE C 164 -12.12 3.52 -29.91
C ILE C 164 -12.98 3.56 -31.18
N PRO C 165 -14.07 4.34 -31.19
CA PRO C 165 -14.92 4.37 -32.39
C PRO C 165 -14.21 4.98 -33.59
N LEU C 166 -14.51 4.45 -34.77
CA LEU C 166 -13.90 4.91 -36.01
C LEU C 166 -15.00 5.21 -37.01
N ILE C 167 -14.89 6.36 -37.68
CA ILE C 167 -15.82 6.78 -38.72
C ILE C 167 -15.12 6.63 -40.06
N TYR C 168 -15.64 5.75 -40.91
CA TYR C 168 -15.06 5.53 -42.24
C TYR C 168 -15.89 6.17 -43.35
N PRO C 169 -15.23 6.66 -44.42
CA PRO C 169 -13.78 6.63 -44.70
C PRO C 169 -12.95 7.48 -43.73
N ALA C 170 -11.95 6.86 -43.13
CA ALA C 170 -11.18 7.46 -42.05
C ALA C 170 -9.82 7.93 -42.54
N GLU C 171 -9.47 9.17 -42.19
CA GLU C 171 -8.13 9.66 -42.43
C GLU C 171 -7.16 9.03 -41.43
N ASP C 172 -5.91 8.86 -41.86
CA ASP C 172 -4.93 8.19 -41.02
C ASP C 172 -4.64 9.00 -39.76
N ASP C 173 -4.61 10.33 -39.87
CA ASP C 173 -4.30 11.16 -38.72
C ASP C 173 -5.48 11.24 -37.74
N ASP C 174 -6.70 11.07 -38.22
CA ASP C 174 -7.84 10.99 -37.31
C ASP C 174 -7.82 9.70 -36.52
N VAL C 175 -7.33 8.60 -37.10
CA VAL C 175 -7.19 7.35 -36.38
C VAL C 175 -6.09 7.47 -35.33
N VAL C 176 -4.96 8.09 -35.69
CA VAL C 176 -3.87 8.29 -34.75
C VAL C 176 -4.29 9.24 -33.64
N ALA C 177 -5.00 10.31 -33.99
CA ALA C 177 -5.50 11.25 -32.98
C ALA C 177 -6.48 10.57 -32.04
N ALA C 178 -7.30 9.66 -32.57
CA ALA C 178 -8.21 8.92 -31.71
C ALA C 178 -7.47 7.97 -30.78
N PHE C 179 -6.31 7.46 -31.20
CA PHE C 179 -5.53 6.57 -30.34
C PHE C 179 -4.84 7.35 -29.22
N ARG C 180 -4.31 8.53 -29.53
CA ARG C 180 -3.68 9.35 -28.50
C ARG C 180 -4.69 9.82 -27.47
N ASP C 181 -5.85 10.28 -27.93
CA ASP C 181 -6.90 10.71 -27.00
C ASP C 181 -7.48 9.56 -26.20
N ALA C 182 -7.29 8.32 -26.67
CA ALA C 182 -7.78 7.17 -25.92
C ALA C 182 -6.86 6.83 -24.76
N ILE C 183 -5.54 6.86 -24.97
CA ILE C 183 -4.61 6.64 -23.86
C ILE C 183 -4.61 7.85 -22.93
N LYS C 184 -4.93 9.03 -23.46
CA LYS C 184 -4.93 10.24 -22.64
C LYS C 184 -6.12 10.23 -21.69
N LYS C 185 -7.32 9.92 -22.20
CA LYS C 185 -8.49 9.82 -21.34
C LYS C 185 -8.38 8.63 -20.40
N SER C 186 -7.71 7.56 -20.82
CA SER C 186 -7.59 6.37 -19.97
C SER C 186 -6.83 6.68 -18.69
N ARG C 187 -5.70 7.39 -18.81
CA ARG C 187 -4.89 7.69 -17.65
C ARG C 187 -5.58 8.68 -16.71
N GLU C 188 -6.38 9.59 -17.26
CA GLU C 188 -7.06 10.58 -16.44
C GLU C 188 -8.08 9.96 -15.50
N GLU C 189 -8.53 8.74 -15.78
CA GLU C 189 -9.47 8.03 -14.91
C GLU C 189 -8.79 7.02 -14.00
N GLY C 190 -7.46 7.07 -13.90
CA GLY C 190 -6.73 6.20 -13.01
C GLY C 190 -6.43 4.83 -13.54
N LYS C 191 -6.66 4.57 -14.83
CA LYS C 191 -6.34 3.29 -15.45
C LYS C 191 -5.14 3.44 -16.35
N ARG C 192 -4.48 2.31 -16.62
CA ARG C 192 -3.21 2.32 -17.35
C ARG C 192 -3.35 1.55 -18.66
N PRO C 193 -3.18 2.22 -19.81
CA PRO C 193 -3.04 1.50 -21.09
C PRO C 193 -1.99 0.41 -21.02
N ARG C 194 -2.43 -0.85 -21.10
CA ARG C 194 -1.55 -2.01 -20.97
C ARG C 194 -1.29 -2.71 -22.29
N LEU C 195 -2.33 -3.01 -23.05
CA LEU C 195 -2.18 -3.69 -24.34
C LEU C 195 -3.12 -3.07 -25.35
N ALA C 196 -2.65 -2.96 -26.59
CA ALA C 196 -3.44 -2.46 -27.71
C ALA C 196 -3.40 -3.47 -28.84
N VAL C 197 -4.57 -3.75 -29.43
CA VAL C 197 -4.68 -4.68 -30.55
C VAL C 197 -4.84 -3.87 -31.83
N ILE C 198 -3.89 -4.03 -32.75
CA ILE C 198 -3.76 -3.18 -33.93
C ILE C 198 -3.94 -4.05 -35.17
N ASP C 199 -4.88 -3.65 -36.03
CA ASP C 199 -5.07 -4.34 -37.29
C ASP C 199 -4.03 -3.89 -38.31
N VAL C 200 -3.55 -4.85 -39.11
CA VAL C 200 -2.81 -4.50 -40.31
C VAL C 200 -3.77 -4.13 -41.43
N VAL C 201 -4.68 -5.04 -41.76
CA VAL C 201 -5.77 -4.78 -42.68
C VAL C 201 -7.05 -5.23 -41.98
N SER C 202 -7.96 -4.28 -41.72
CA SER C 202 -9.17 -4.58 -40.99
C SER C 202 -10.07 -5.51 -41.81
N SER C 203 -10.89 -6.28 -41.09
CA SER C 203 -11.79 -7.24 -41.73
C SER C 203 -12.93 -6.52 -42.44
N MET C 204 -13.85 -5.93 -41.68
CA MET C 204 -15.01 -5.26 -42.25
C MET C 204 -15.14 -3.83 -41.72
N PRO C 205 -14.95 -2.83 -42.59
CA PRO C 205 -14.60 -2.98 -44.00
C PRO C 205 -13.12 -3.34 -44.21
N GLY C 206 -12.80 -3.86 -45.39
CA GLY C 206 -11.44 -4.26 -45.69
C GLY C 206 -10.58 -3.11 -46.15
N VAL C 207 -9.82 -2.51 -45.23
CA VAL C 207 -9.00 -1.35 -45.53
C VAL C 207 -7.64 -1.49 -44.88
N ARG C 208 -6.66 -0.79 -45.45
CA ARG C 208 -5.31 -0.76 -44.91
C ARG C 208 -5.26 0.21 -43.73
N PHE C 209 -4.86 -0.29 -42.57
CA PHE C 209 -4.84 0.41 -41.28
C PHE C 209 -3.47 1.01 -41.02
N PRO C 210 -3.41 2.23 -40.47
CA PRO C 210 -2.10 2.82 -40.13
C PRO C 210 -1.47 2.17 -38.92
N PHE C 211 -1.03 0.92 -39.06
CA PHE C 211 -0.48 0.20 -37.92
C PHE C 211 0.92 0.69 -37.57
N GLU C 212 1.66 1.21 -38.55
CA GLU C 212 3.02 1.68 -38.27
C GLU C 212 3.01 2.82 -37.25
N ASP C 213 2.00 3.70 -37.33
CA ASP C 213 1.93 4.82 -36.39
C ASP C 213 1.45 4.38 -35.01
N ILE C 214 0.49 3.45 -34.96
CA ILE C 214 -0.03 3.01 -33.67
C ILE C 214 1.00 2.15 -32.95
N VAL C 215 1.71 1.29 -33.68
CA VAL C 215 2.79 0.50 -33.07
C VAL C 215 3.90 1.41 -32.59
N LYS C 216 4.19 2.48 -33.35
CA LYS C 216 5.20 3.44 -32.93
C LYS C 216 4.81 4.11 -31.62
N ILE C 217 3.55 4.53 -31.50
CA ILE C 217 3.08 5.19 -30.30
C ILE C 217 3.06 4.23 -29.11
N CYS C 218 2.81 2.95 -29.37
CA CYS C 218 2.76 1.97 -28.28
C CYS C 218 4.12 1.84 -27.60
N LYS C 219 5.20 1.95 -28.36
CA LYS C 219 6.54 1.93 -27.75
C LYS C 219 6.78 3.21 -26.95
N GLU C 220 6.38 4.36 -27.50
CA GLU C 220 6.58 5.63 -26.82
C GLU C 220 5.85 5.67 -25.48
N GLU C 221 4.67 5.05 -25.43
CA GLU C 221 3.85 5.04 -24.22
C GLU C 221 3.98 3.74 -23.43
N GLU C 222 4.86 2.82 -23.84
CA GLU C 222 5.13 1.58 -23.14
C GLU C 222 3.87 0.73 -22.99
N ILE C 223 3.29 0.37 -24.13
CA ILE C 223 2.08 -0.44 -24.18
C ILE C 223 2.32 -1.61 -25.12
N ILE C 224 1.82 -2.78 -24.73
CA ILE C 224 1.97 -3.97 -25.58
C ILE C 224 1.26 -3.75 -26.90
N SER C 225 2.00 -3.89 -27.99
CA SER C 225 1.45 -3.76 -29.34
C SER C 225 1.17 -5.17 -29.86
N CYS C 226 -0.10 -5.56 -29.79
CA CYS C 226 -0.57 -6.87 -30.27
C CYS C 226 -1.15 -6.66 -31.66
N VAL C 227 -0.41 -7.05 -32.68
CA VAL C 227 -0.78 -6.74 -34.06
C VAL C 227 -1.59 -7.89 -34.66
N ASP C 228 -2.84 -7.61 -35.00
CA ASP C 228 -3.72 -8.57 -35.66
C ASP C 228 -3.58 -8.38 -37.17
N GLY C 229 -2.62 -9.09 -37.76
CA GLY C 229 -2.40 -9.00 -39.18
C GLY C 229 -2.92 -10.22 -39.92
N ALA C 230 -4.10 -10.69 -39.54
CA ALA C 230 -4.70 -11.85 -40.21
C ALA C 230 -4.78 -11.62 -41.72
N GLN C 231 -5.33 -10.48 -42.13
CA GLN C 231 -5.22 -10.01 -43.51
C GLN C 231 -3.87 -9.32 -43.64
N GLY C 232 -2.83 -10.12 -43.88
CA GLY C 232 -1.49 -9.55 -43.93
C GLY C 232 -0.53 -10.24 -44.88
N ILE C 233 -0.09 -11.44 -44.51
CA ILE C 233 1.01 -12.08 -45.23
C ILE C 233 0.54 -12.53 -46.61
N GLY C 234 1.39 -12.30 -47.61
CA GLY C 234 1.07 -12.62 -48.99
C GLY C 234 0.30 -11.54 -49.73
N MET C 235 -0.21 -10.53 -49.03
CA MET C 235 -0.97 -9.45 -49.65
C MET C 235 -0.32 -8.09 -49.48
N VAL C 236 0.18 -7.76 -48.28
CA VAL C 236 0.87 -6.51 -48.03
C VAL C 236 2.17 -6.80 -47.32
N ASP C 237 3.10 -5.84 -47.41
CA ASP C 237 4.35 -5.93 -46.66
C ASP C 237 4.08 -5.62 -45.20
N LEU C 238 4.40 -6.58 -44.33
CA LEU C 238 4.18 -6.41 -42.90
C LEU C 238 5.21 -5.51 -42.24
N LYS C 239 6.40 -5.37 -42.84
CA LYS C 239 7.46 -4.50 -42.32
C LYS C 239 7.79 -4.85 -40.87
N ILE C 240 7.86 -6.15 -40.58
CA ILE C 240 8.02 -6.62 -39.21
C ILE C 240 9.30 -6.06 -38.60
N THR C 241 10.41 -6.12 -39.35
CA THR C 241 11.69 -5.62 -38.84
C THR C 241 11.59 -4.13 -38.53
N GLU C 242 10.96 -3.36 -39.41
CA GLU C 242 10.89 -1.91 -39.25
C GLU C 242 9.97 -1.52 -38.10
N THR C 243 8.71 -1.97 -38.13
CA THR C 243 7.76 -1.55 -37.12
C THR C 243 8.03 -2.19 -35.77
N ASP C 244 8.65 -3.37 -35.76
CA ASP C 244 9.09 -4.04 -34.54
C ASP C 244 7.94 -4.22 -33.53
N PRO C 245 6.91 -4.96 -33.87
CA PRO C 245 5.78 -5.14 -32.95
C PRO C 245 6.10 -6.16 -31.86
N ASP C 246 5.39 -6.02 -30.74
CA ASP C 246 5.58 -6.96 -29.63
C ASP C 246 5.05 -8.34 -29.97
N PHE C 247 3.87 -8.40 -30.60
CA PHE C 247 3.27 -9.65 -31.04
C PHE C 247 2.59 -9.40 -32.38
N LEU C 248 2.69 -10.38 -33.28
CA LEU C 248 2.07 -10.26 -34.59
C LEU C 248 1.53 -11.61 -35.03
N ILE C 249 0.30 -11.61 -35.52
CA ILE C 249 -0.37 -12.80 -36.05
C ILE C 249 -0.72 -12.53 -37.50
N SER C 250 -0.76 -13.59 -38.31
CA SER C 250 -1.06 -13.44 -39.73
C SER C 250 -1.45 -14.78 -40.33
N ASN C 251 -2.50 -14.76 -41.16
CA ASN C 251 -3.07 -15.98 -41.72
C ASN C 251 -2.44 -16.29 -43.07
N CYS C 252 -1.65 -17.38 -43.11
CA CYS C 252 -1.09 -17.83 -44.37
C CYS C 252 -2.17 -18.39 -45.30
N HIS C 253 -3.23 -18.95 -44.73
CA HIS C 253 -4.29 -19.54 -45.55
C HIS C 253 -5.20 -18.48 -46.18
N TRP C 255 -3.96 -15.26 -47.67
CA TRP C 255 -3.37 -14.65 -48.86
C TRP C 255 -1.99 -15.21 -49.22
N LEU C 256 -1.63 -16.38 -48.67
CA LEU C 256 -0.35 -17.00 -49.00
C LEU C 256 -0.52 -18.35 -49.66
N PHE C 257 -1.73 -18.70 -50.11
CA PHE C 257 -2.01 -19.93 -50.85
C PHE C 257 -1.66 -21.18 -50.02
N THR C 258 -1.83 -21.09 -48.72
CA THR C 258 -1.63 -22.16 -47.74
C THR C 258 -2.96 -22.81 -47.40
N PRO C 259 -3.00 -24.14 -47.23
CA PRO C 259 -4.26 -24.79 -46.85
C PRO C 259 -4.83 -24.22 -45.57
N ARG C 260 -6.17 -24.23 -45.49
CA ARG C 260 -6.84 -23.61 -44.36
C ARG C 260 -6.49 -24.32 -43.06
N GLY C 261 -6.28 -23.52 -42.02
CA GLY C 261 -5.77 -24.02 -40.77
C GLY C 261 -4.29 -23.76 -40.64
N CYS C 262 -3.85 -22.54 -40.98
CA CYS C 262 -2.45 -22.16 -40.80
C CYS C 262 -2.33 -20.66 -40.63
N ALA C 263 -1.56 -20.26 -39.62
CA ALA C 263 -1.24 -18.87 -39.37
C ALA C 263 0.16 -18.79 -38.79
N VAL C 264 0.91 -17.77 -39.21
CA VAL C 264 2.26 -17.55 -38.70
C VAL C 264 2.17 -16.65 -37.47
N PHE C 265 2.85 -17.06 -36.40
CA PHE C 265 2.84 -16.35 -35.12
C PHE C 265 4.23 -15.76 -34.91
N TYR C 266 4.31 -14.43 -34.92
CA TYR C 266 5.57 -13.72 -34.75
C TYR C 266 5.65 -13.17 -33.32
N VAL C 267 6.71 -13.53 -32.61
CA VAL C 267 7.07 -12.91 -31.34
C VAL C 267 8.58 -12.74 -31.31
N PRO C 268 9.10 -11.52 -31.18
CA PRO C 268 10.55 -11.35 -31.03
C PRO C 268 11.03 -12.01 -29.73
N VAL C 269 12.31 -12.38 -29.73
CA VAL C 269 12.86 -13.14 -28.60
C VAL C 269 12.71 -12.37 -27.30
N ARG C 270 12.70 -11.04 -27.36
CA ARG C 270 12.58 -10.24 -26.14
C ARG C 270 11.24 -10.41 -25.45
N ASN C 271 10.21 -10.87 -26.15
CA ASN C 271 8.88 -11.03 -25.58
C ASN C 271 8.43 -12.50 -25.53
N GLN C 272 9.31 -13.44 -25.90
CA GLN C 272 8.90 -14.83 -25.93
C GLN C 272 8.70 -15.42 -24.54
N HIS C 273 9.32 -14.85 -23.51
CA HIS C 273 9.10 -15.31 -22.15
C HIS C 273 7.70 -14.98 -21.65
N LEU C 274 7.02 -14.02 -22.29
CA LEU C 274 5.65 -13.68 -21.91
C LEU C 274 4.63 -14.69 -22.39
N ILE C 275 4.99 -15.51 -23.38
CA ILE C 275 4.12 -16.60 -23.85
C ILE C 275 4.41 -17.80 -22.96
N ARG C 276 3.70 -17.87 -21.83
CA ARG C 276 3.98 -18.92 -20.85
C ARG C 276 3.51 -20.29 -21.34
N SER C 277 2.30 -20.36 -21.87
CA SER C 277 1.73 -21.61 -22.36
C SER C 277 1.22 -21.42 -23.78
N THR C 278 1.22 -22.51 -24.54
CA THR C 278 0.58 -22.52 -25.85
C THR C 278 -0.92 -22.77 -25.68
N LEU C 279 -1.64 -22.70 -26.78
CA LEU C 279 -3.07 -23.02 -26.78
C LEU C 279 -3.35 -24.22 -27.66
N PRO C 280 -3.74 -25.35 -27.06
CA PRO C 280 -3.86 -25.53 -25.60
C PRO C 280 -2.53 -25.83 -24.91
N THR C 281 -2.58 -26.05 -23.60
CA THR C 281 -1.38 -26.42 -22.85
C THR C 281 -0.96 -27.84 -23.21
N SER C 282 0.32 -28.02 -23.52
CA SER C 282 0.78 -29.30 -24.04
C SER C 282 2.03 -29.77 -23.32
N HIS C 283 2.72 -30.77 -23.90
CA HIS C 283 3.88 -31.38 -23.25
C HIS C 283 5.01 -30.38 -23.02
N GLY C 284 5.04 -29.27 -23.73
CA GLY C 284 6.15 -28.34 -23.65
C GLY C 284 6.03 -27.23 -22.64
N PHE C 285 5.06 -27.29 -21.72
CA PHE C 285 4.91 -26.26 -20.71
C PHE C 285 5.86 -26.51 -19.55
N VAL C 286 6.57 -25.48 -19.11
CA VAL C 286 7.53 -25.59 -18.03
C VAL C 286 6.98 -24.82 -16.83
N PRO C 287 6.57 -25.51 -15.75
CA PRO C 287 6.13 -24.80 -14.55
C PRO C 287 7.26 -23.99 -13.93
N GLN C 288 6.90 -22.95 -13.20
CA GLN C 288 7.88 -22.08 -12.55
C GLN C 288 8.38 -22.72 -11.26
N VAL C 289 9.71 -22.82 -11.15
CA VAL C 289 10.37 -23.36 -9.96
C VAL C 289 9.80 -24.73 -9.57
N PHE C 293 15.08 -27.81 -8.92
CA PHE C 293 14.68 -27.35 -10.26
C PHE C 293 15.74 -26.48 -10.98
N ASN C 294 16.39 -26.98 -12.05
CA ASN C 294 17.58 -26.52 -12.79
C ASN C 294 17.18 -26.25 -14.24
N PRO C 295 17.36 -25.03 -14.79
CA PRO C 295 17.50 -25.01 -16.27
C PRO C 295 18.24 -26.26 -16.85
N LEU C 296 17.60 -26.92 -17.78
CA LEU C 296 18.51 -27.78 -18.54
C LEU C 296 19.17 -26.93 -19.63
N VAL C 297 20.20 -27.50 -20.23
CA VAL C 297 21.00 -26.76 -21.20
C VAL C 297 20.90 -27.39 -22.58
N PRO C 298 20.34 -26.65 -23.54
CA PRO C 298 20.43 -26.99 -24.96
C PRO C 298 21.88 -27.01 -25.45
N ALA C 299 22.07 -27.57 -26.65
CA ALA C 299 23.35 -27.43 -27.32
C ALA C 299 23.55 -26.01 -27.83
N GLY C 300 22.47 -25.32 -28.18
CA GLY C 300 22.55 -24.01 -28.77
C GLY C 300 21.88 -24.00 -30.12
N ASN C 301 20.76 -24.71 -30.20
CA ASN C 301 20.01 -24.88 -31.44
C ASN C 301 18.56 -24.46 -31.25
N LYS C 302 17.67 -25.43 -31.08
CA LYS C 302 16.25 -25.17 -30.95
C LYS C 302 15.93 -24.54 -29.59
N SER C 303 15.12 -23.49 -29.59
CA SER C 303 14.76 -22.81 -28.36
C SER C 303 13.50 -23.43 -27.76
N ALA C 304 13.29 -23.15 -26.47
CA ALA C 304 12.15 -23.72 -25.76
C ALA C 304 10.84 -23.14 -26.27
N PHE C 305 10.82 -21.85 -26.60
CA PHE C 305 9.61 -21.23 -27.14
C PHE C 305 9.21 -21.86 -28.46
N VAL C 306 10.18 -22.19 -29.31
CA VAL C 306 9.87 -22.83 -30.58
C VAL C 306 9.46 -24.28 -30.37
N SER C 307 10.12 -24.98 -29.43
CA SER C 307 9.83 -26.39 -29.21
C SER C 307 8.43 -26.60 -28.64
N ASN C 308 7.88 -25.61 -27.96
CA ASN C 308 6.58 -25.79 -27.32
C ASN C 308 5.46 -25.86 -28.34
N PHE C 309 5.57 -25.14 -29.45
CA PHE C 309 4.51 -25.10 -30.45
C PHE C 309 4.53 -26.28 -31.42
N GLU C 310 5.51 -27.19 -31.31
CA GLU C 310 5.57 -28.30 -32.25
C GLU C 310 4.42 -29.28 -32.02
N PHE C 311 4.11 -29.60 -30.77
CA PHE C 311 3.06 -30.55 -30.43
C PHE C 311 2.16 -29.91 -29.39
N VAL C 312 1.01 -29.40 -29.82
CA VAL C 312 0.06 -28.73 -28.95
C VAL C 312 -1.27 -29.47 -29.02
N GLY C 313 -1.22 -30.78 -29.13
CA GLY C 313 -2.41 -31.58 -29.34
C GLY C 313 -2.40 -32.13 -30.75
N THR C 314 -2.79 -33.40 -30.88
CA THR C 314 -2.70 -34.09 -32.16
C THR C 314 -3.64 -33.46 -33.19
N VAL C 315 -3.07 -32.95 -34.28
CA VAL C 315 -3.83 -32.37 -35.38
C VAL C 315 -3.19 -32.77 -36.70
N ASP C 316 -3.96 -32.64 -37.78
CA ASP C 316 -3.43 -32.71 -39.12
C ASP C 316 -2.58 -31.47 -39.39
N ASN C 317 -1.27 -31.62 -39.43
CA ASN C 317 -0.36 -30.52 -39.65
C ASN C 317 0.04 -30.36 -41.11
N SER C 318 -0.66 -31.02 -42.03
CA SER C 318 -0.38 -30.82 -43.45
C SER C 318 -0.47 -29.36 -43.90
N PRO C 319 -1.45 -28.56 -43.46
CA PRO C 319 -1.43 -27.13 -43.83
C PRO C 319 -0.15 -26.43 -43.44
N PHE C 320 0.40 -26.72 -42.27
CA PHE C 320 1.66 -26.12 -41.85
C PHE C 320 2.80 -26.51 -42.79
N PHE C 321 2.80 -27.76 -43.24
CA PHE C 321 3.90 -28.24 -44.08
C PHE C 321 3.88 -27.60 -45.45
N CYS C 322 2.71 -27.25 -45.96
CA CYS C 322 2.58 -26.64 -47.28
C CYS C 322 3.01 -25.17 -47.32
N VAL C 323 3.44 -24.60 -46.19
CA VAL C 323 3.88 -23.21 -46.18
C VAL C 323 5.12 -23.05 -47.03
N LYS C 324 6.10 -23.95 -46.88
CA LYS C 324 7.28 -23.90 -47.72
C LYS C 324 6.94 -24.20 -49.18
N ASP C 325 5.91 -25.02 -49.42
CA ASP C 325 5.54 -25.36 -50.79
C ASP C 325 4.77 -24.23 -51.44
N ALA C 326 3.91 -23.55 -50.68
CA ALA C 326 3.18 -22.41 -51.21
C ALA C 326 4.13 -21.26 -51.53
N ILE C 327 5.07 -20.97 -50.63
CA ILE C 327 6.01 -19.88 -50.85
C ILE C 327 6.89 -20.15 -52.06
N LYS C 328 7.37 -21.40 -52.19
CA LYS C 328 8.17 -21.75 -53.37
C LYS C 328 7.34 -21.66 -54.64
N TRP C 329 6.06 -22.04 -54.57
CA TRP C 329 5.19 -22.01 -55.75
C TRP C 329 4.98 -20.59 -56.22
N ARG C 330 4.71 -19.67 -55.29
CA ARG C 330 4.51 -18.27 -55.66
C ARG C 330 5.77 -17.65 -56.25
N GLU C 331 6.94 -18.10 -55.81
CA GLU C 331 8.20 -17.55 -56.31
C GLU C 331 8.58 -18.15 -57.67
N GLU C 332 8.46 -19.47 -57.81
CA GLU C 332 8.93 -20.15 -59.00
C GLU C 332 7.95 -20.07 -60.16
N VAL C 333 6.66 -19.89 -59.89
CA VAL C 333 5.63 -19.93 -60.92
C VAL C 333 4.99 -18.55 -61.12
N LEU C 334 4.66 -17.86 -60.03
CA LEU C 334 3.96 -16.59 -60.13
C LEU C 334 4.88 -15.37 -60.14
N GLY C 335 6.16 -15.54 -59.81
CA GLY C 335 7.13 -14.45 -59.91
C GLY C 335 7.58 -13.87 -58.60
N GLY C 336 6.95 -14.22 -57.48
CA GLY C 336 7.38 -13.76 -56.18
C GLY C 336 6.36 -12.84 -55.52
N GLU C 337 6.66 -12.49 -54.27
CA GLU C 337 5.74 -11.71 -53.46
C GLU C 337 5.55 -10.31 -54.04
N GLU C 338 6.64 -9.68 -54.49
CA GLU C 338 6.55 -8.30 -54.97
C GLU C 338 5.67 -8.19 -56.20
N ARG C 339 5.73 -9.19 -57.10
CA ARG C 339 4.89 -9.14 -58.29
C ARG C 339 3.44 -9.45 -57.95
N ILE C 340 3.22 -10.41 -57.04
CA ILE C 340 1.86 -10.80 -56.70
C ILE C 340 1.13 -9.65 -55.99
N MET C 341 1.78 -9.04 -55.01
CA MET C 341 1.12 -8.01 -54.21
C MET C 341 0.80 -6.76 -55.04
N GLU C 342 1.64 -6.44 -56.02
CA GLU C 342 1.40 -5.24 -56.82
C GLU C 342 0.21 -5.43 -57.75
N TYR C 343 0.02 -6.64 -58.27
CA TYR C 343 -1.09 -6.86 -59.21
C TYR C 343 -2.43 -6.80 -58.49
N MET C 344 -2.55 -7.47 -57.36
CA MET C 344 -3.83 -7.53 -56.66
C MET C 344 -4.22 -6.17 -56.09
N THR C 345 -3.25 -5.41 -55.60
CA THR C 345 -3.55 -4.10 -55.05
C THR C 345 -3.92 -3.12 -56.17
N LYS C 346 -3.13 -3.09 -57.24
CA LYS C 346 -3.44 -2.18 -58.35
C LYS C 346 -4.79 -2.47 -58.98
N LEU C 347 -5.20 -3.74 -58.98
CA LEU C 347 -6.47 -4.13 -59.57
C LEU C 347 -7.63 -3.93 -58.60
N ALA C 348 -7.36 -4.01 -57.29
CA ALA C 348 -8.39 -3.69 -56.31
C ALA C 348 -8.91 -2.27 -56.50
N ARG C 349 -8.01 -1.33 -56.78
CA ARG C 349 -8.41 0.06 -56.99
C ARG C 349 -9.13 0.25 -58.31
N GLU C 350 -8.47 -0.14 -59.41
CA GLU C 350 -9.06 0.07 -60.72
C GLU C 350 -10.33 -0.75 -60.88
N GLY C 351 -10.36 -1.96 -60.32
CA GLY C 351 -11.57 -2.77 -60.38
C GLY C 351 -12.64 -2.24 -59.44
N GLY C 352 -12.25 -1.78 -58.25
CA GLY C 352 -13.22 -1.19 -57.34
C GLY C 352 -13.83 0.09 -57.89
N GLN C 353 -12.99 0.93 -58.51
CA GLN C 353 -13.50 2.13 -59.15
C GLN C 353 -14.45 1.79 -60.29
N LYS C 354 -14.18 0.68 -61.00
CA LYS C 354 -15.08 0.22 -62.04
C LYS C 354 -16.43 -0.17 -61.46
N VAL C 355 -16.43 -0.87 -60.32
CA VAL C 355 -17.69 -1.22 -59.67
C VAL C 355 -18.41 0.04 -59.21
N ALA C 356 -17.66 1.03 -58.71
CA ALA C 356 -18.27 2.27 -58.26
C ALA C 356 -18.85 3.06 -59.41
N GLU C 357 -18.16 3.07 -60.56
CA GLU C 357 -18.70 3.77 -61.72
C GLU C 357 -19.88 3.03 -62.34
N ILE C 358 -19.86 1.69 -62.29
CA ILE C 358 -20.99 0.93 -62.80
C ILE C 358 -22.22 1.18 -61.95
N LEU C 359 -22.06 1.12 -60.62
CA LEU C 359 -23.15 1.41 -59.69
C LEU C 359 -23.42 2.91 -59.54
N GLY C 360 -22.48 3.75 -59.92
CA GLY C 360 -22.65 5.18 -59.75
C GLY C 360 -22.46 5.67 -58.34
N THR C 361 -21.68 4.95 -57.53
CA THR C 361 -21.44 5.30 -56.14
C THR C 361 -19.96 5.64 -55.98
N ARG C 362 -19.24 5.06 -55.02
CA ARG C 362 -17.87 5.46 -54.73
C ARG C 362 -17.18 4.31 -54.01
N VAL C 363 -15.85 4.29 -54.12
CA VAL C 363 -15.05 3.42 -53.28
C VAL C 363 -14.80 4.09 -51.93
N LEU C 364 -14.50 3.28 -50.93
CA LEU C 364 -14.23 3.78 -49.58
C LEU C 364 -12.73 4.03 -49.47
N GLU C 365 -12.34 5.30 -49.59
CA GLU C 365 -10.92 5.66 -49.54
C GLU C 365 -10.80 7.10 -49.08
N ASN C 366 -9.79 7.37 -48.25
CA ASN C 366 -9.63 8.65 -47.58
C ASN C 366 -8.95 9.66 -48.52
N SER C 367 -8.66 10.85 -47.98
CA SER C 367 -8.05 11.91 -48.77
C SER C 367 -6.60 11.60 -49.15
N THR C 368 -5.95 10.67 -48.45
CA THR C 368 -4.57 10.32 -48.72
C THR C 368 -4.44 9.12 -49.65
N GLY C 369 -5.53 8.44 -49.97
CA GLY C 369 -5.47 7.26 -50.81
C GLY C 369 -4.78 6.08 -50.14
N THR C 370 -5.04 5.86 -48.85
CA THR C 370 -4.30 4.87 -48.09
C THR C 370 -5.11 3.70 -47.57
N LEU C 371 -6.44 3.73 -47.69
CA LEU C 371 -7.23 2.56 -47.26
C LEU C 371 -7.12 1.42 -48.27
N ILE C 372 -7.16 1.72 -49.57
CA ILE C 372 -7.02 0.67 -50.58
C ILE C 372 -5.54 0.48 -50.89
N ARG C 373 -4.77 0.10 -49.87
CA ARG C 373 -3.39 -0.32 -50.06
C ARG C 373 -3.29 -1.82 -49.75
N CYS C 374 -4.18 -2.59 -50.34
CA CYS C 374 -4.23 -4.04 -50.17
C CYS C 374 -5.01 -4.63 -51.35
N ALA C 375 -5.37 -5.90 -51.24
CA ALA C 375 -6.08 -6.58 -52.31
C ALA C 375 -7.60 -6.51 -52.18
N MET C 376 -8.11 -5.76 -51.21
CA MET C 376 -9.54 -5.64 -50.99
C MET C 376 -9.98 -4.20 -51.16
N VAL C 377 -11.26 -4.03 -51.48
CA VAL C 377 -11.82 -2.72 -51.80
C VAL C 377 -13.30 -2.72 -51.42
N ASN C 378 -13.78 -1.58 -50.94
CA ASN C 378 -15.16 -1.44 -50.48
C ASN C 378 -15.88 -0.39 -51.33
N ILE C 379 -17.05 -0.77 -51.85
CA ILE C 379 -17.84 0.07 -52.74
C ILE C 379 -19.25 0.18 -52.17
N ALA C 380 -19.73 1.41 -52.00
CA ALA C 380 -21.08 1.63 -51.54
C ALA C 380 -22.09 1.22 -52.62
N LEU C 381 -23.28 0.84 -52.18
CA LEU C 381 -24.28 0.40 -53.13
C LEU C 381 -25.42 1.42 -53.24
N PRO C 382 -26.04 1.53 -54.43
CA PRO C 382 -26.91 2.68 -54.71
C PRO C 382 -28.26 2.68 -54.00
N PHE C 383 -28.36 2.09 -52.81
CA PHE C 383 -29.53 2.24 -51.98
C PHE C 383 -29.10 2.66 -50.59
N VAL C 384 -30.08 2.90 -49.71
CA VAL C 384 -29.82 3.56 -48.44
C VAL C 384 -30.85 3.09 -47.42
N VAL C 385 -30.42 2.99 -46.17
CA VAL C 385 -31.25 2.52 -45.06
C VAL C 385 -31.84 3.71 -44.31
N GLY C 386 -33.13 3.62 -43.98
CA GLY C 386 -33.74 4.63 -43.17
C GLY C 386 -33.08 4.76 -41.81
N GLU C 387 -33.25 5.93 -41.21
CA GLU C 387 -32.59 6.22 -39.94
C GLU C 387 -33.04 5.25 -38.86
N ASP C 388 -32.09 4.77 -38.08
CA ASP C 388 -32.36 3.84 -37.00
C ASP C 388 -33.03 4.57 -35.84
N PRO C 389 -34.30 4.28 -35.52
CA PRO C 389 -34.98 5.06 -34.48
C PRO C 389 -34.37 4.91 -33.10
N LYS C 390 -34.00 3.68 -32.71
CA LYS C 390 -33.42 3.48 -31.38
C LYS C 390 -32.03 4.07 -31.27
N ALA C 391 -31.29 4.12 -32.38
CA ALA C 391 -29.93 4.68 -32.39
C ALA C 391 -29.75 5.56 -33.61
N PRO C 392 -30.18 6.82 -33.53
CA PRO C 392 -29.89 7.76 -34.63
C PRO C 392 -28.41 7.79 -34.97
N VAL C 393 -28.12 8.00 -36.24
CA VAL C 393 -26.74 8.19 -36.73
C VAL C 393 -26.78 9.44 -37.61
N LYS C 394 -26.33 10.57 -37.05
CA LYS C 394 -26.34 11.83 -37.78
C LYS C 394 -25.12 11.92 -38.70
N LEU C 395 -25.37 12.30 -39.95
CA LEU C 395 -24.33 12.29 -40.97
C LEU C 395 -23.56 13.60 -40.99
N THR C 396 -22.52 13.63 -41.82
CA THR C 396 -21.71 14.81 -42.02
C THR C 396 -22.46 15.82 -42.90
N GLU C 397 -21.79 16.91 -43.26
CA GLU C 397 -22.29 17.82 -44.27
C GLU C 397 -22.06 17.30 -45.68
N LYS C 398 -21.59 16.07 -45.81
CA LYS C 398 -21.18 15.51 -47.09
C LYS C 398 -21.91 14.22 -47.43
N GLU C 399 -21.92 13.23 -46.53
CA GLU C 399 -22.61 11.98 -46.82
C GLU C 399 -24.09 12.22 -47.09
N GLU C 400 -24.73 13.09 -46.29
CA GLU C 400 -26.12 13.44 -46.51
C GLU C 400 -26.35 13.99 -47.91
N LYS C 401 -25.29 14.36 -48.62
CA LYS C 401 -25.34 14.74 -50.02
C LYS C 401 -25.15 13.54 -50.95
N ASP C 402 -24.23 12.63 -50.61
CA ASP C 402 -24.07 11.38 -51.36
C ASP C 402 -25.31 10.51 -51.31
N VAL C 403 -26.29 10.89 -50.50
CA VAL C 403 -27.52 10.13 -50.34
C VAL C 403 -28.72 10.84 -50.95
N GLU C 404 -28.60 12.13 -51.24
CA GLU C 404 -29.65 12.88 -51.91
C GLU C 404 -30.11 12.16 -53.17
N GLY C 405 -31.42 11.99 -53.29
CA GLY C 405 -32.00 11.27 -54.41
C GLY C 405 -31.87 9.77 -54.35
N LEU C 406 -30.91 9.24 -53.60
CA LEU C 406 -30.78 7.79 -53.46
C LEU C 406 -32.06 7.21 -52.87
N TYR C 407 -32.33 5.97 -53.25
CA TYR C 407 -33.53 5.28 -52.81
C TYR C 407 -33.31 4.74 -51.39
N GLU C 408 -34.28 4.97 -50.51
CA GLU C 408 -34.15 4.63 -49.10
C GLU C 408 -34.91 3.36 -48.77
N ILE C 409 -34.24 2.45 -48.05
CA ILE C 409 -34.87 1.26 -47.49
C ILE C 409 -35.22 1.59 -46.04
N PRO C 410 -36.34 1.11 -45.50
CA PRO C 410 -36.64 1.37 -44.09
C PRO C 410 -35.80 0.48 -43.19
N HIS C 411 -35.43 1.04 -42.03
CA HIS C 411 -34.47 0.37 -41.16
C HIS C 411 -34.96 -1.00 -40.73
N GLU C 412 -36.27 -1.13 -40.45
CA GLU C 412 -36.81 -2.41 -40.02
C GLU C 412 -36.68 -3.49 -41.07
N GLU C 413 -36.40 -3.12 -42.32
CA GLU C 413 -36.20 -4.09 -43.40
C GLU C 413 -34.74 -4.23 -43.81
N ALA C 414 -33.82 -3.54 -43.11
CA ALA C 414 -32.42 -3.58 -43.49
C ALA C 414 -31.84 -4.98 -43.37
N ASN C 415 -32.06 -5.62 -42.22
CA ASN C 415 -31.54 -6.98 -42.02
C ASN C 415 -32.19 -7.98 -42.97
N MET C 416 -33.47 -7.76 -43.30
CA MET C 416 -34.16 -8.68 -44.20
C MET C 416 -33.61 -8.61 -45.62
N ALA C 417 -33.35 -7.40 -46.12
CA ALA C 417 -32.77 -7.26 -47.45
C ALA C 417 -31.29 -7.66 -47.44
N PHE C 418 -30.62 -7.53 -46.30
CA PHE C 418 -29.24 -7.97 -46.19
C PHE C 418 -29.14 -9.49 -46.37
N LYS C 419 -29.96 -10.24 -45.65
CA LYS C 419 -29.97 -11.69 -45.79
C LYS C 419 -30.32 -12.11 -47.22
N TRP C 420 -31.29 -11.43 -47.82
CA TRP C 420 -31.78 -11.84 -49.13
C TRP C 420 -30.73 -11.63 -50.21
N MET C 421 -29.94 -10.55 -50.11
CA MET C 421 -28.87 -10.34 -51.08
C MET C 421 -27.82 -11.45 -50.99
N TYR C 422 -27.53 -11.92 -49.77
CA TYR C 422 -26.57 -13.01 -49.62
C TYR C 422 -27.06 -14.28 -50.28
N ASN C 423 -28.34 -14.59 -50.16
CA ASN C 423 -28.87 -15.82 -50.75
C ASN C 423 -28.96 -15.72 -52.26
N VAL C 424 -29.36 -14.56 -52.79
CA VAL C 424 -29.46 -14.40 -54.23
C VAL C 424 -28.08 -14.43 -54.89
N LEU C 425 -27.07 -13.88 -54.21
CA LEU C 425 -25.73 -13.88 -54.77
C LEU C 425 -25.18 -15.30 -54.89
N GLN C 426 -25.61 -16.21 -54.02
CA GLN C 426 -25.14 -17.59 -54.09
C GLN C 426 -26.05 -18.47 -54.94
N ASP C 427 -27.36 -18.38 -54.73
CA ASP C 427 -28.28 -19.28 -55.42
C ASP C 427 -28.48 -18.90 -56.88
N GLU C 428 -28.41 -17.61 -57.21
CA GLU C 428 -28.70 -17.13 -58.56
C GLU C 428 -27.44 -16.72 -59.32
N PHE C 429 -26.63 -15.83 -58.75
CA PHE C 429 -25.42 -15.37 -59.41
C PHE C 429 -24.19 -16.20 -59.07
N ASN C 430 -24.30 -17.11 -58.11
CA ASN C 430 -23.25 -18.09 -57.80
C ASN C 430 -21.94 -17.40 -57.39
N THR C 431 -22.05 -16.52 -56.41
CA THR C 431 -20.88 -15.82 -55.87
C THR C 431 -21.17 -15.50 -54.41
N PHE C 432 -20.22 -14.82 -53.77
CA PHE C 432 -20.42 -14.35 -52.40
C PHE C 432 -19.72 -13.00 -52.24
N VAL C 433 -20.45 -12.02 -51.74
CA VAL C 433 -19.91 -10.68 -51.52
C VAL C 433 -20.27 -10.24 -50.10
N PRO C 434 -19.29 -10.04 -49.23
CA PRO C 434 -19.59 -9.58 -47.87
C PRO C 434 -19.79 -8.06 -47.84
N MET C 435 -20.72 -7.61 -47.00
CA MET C 435 -21.11 -6.22 -46.96
C MET C 435 -21.07 -5.69 -45.52
N THR C 436 -20.40 -4.56 -45.33
CA THR C 436 -20.37 -3.87 -44.05
C THR C 436 -21.51 -2.86 -43.99
N PHE C 437 -22.30 -2.94 -42.92
CA PHE C 437 -23.32 -1.93 -42.64
C PHE C 437 -22.67 -0.83 -41.80
N HIS C 438 -22.50 0.35 -42.38
CA HIS C 438 -21.79 1.44 -41.73
C HIS C 438 -22.44 2.76 -42.11
N ARG C 439 -22.99 3.46 -41.11
CA ARG C 439 -23.56 4.79 -41.30
C ARG C 439 -24.68 4.78 -42.33
N ARG C 440 -25.59 3.81 -42.18
CA ARG C 440 -26.80 3.68 -42.99
C ARG C 440 -26.50 3.39 -44.46
N ARG C 441 -25.33 2.81 -44.74
CA ARG C 441 -24.97 2.38 -46.08
C ARG C 441 -24.51 0.92 -46.04
N PHE C 442 -24.51 0.30 -47.21
CA PHE C 442 -23.97 -1.05 -47.38
C PHE C 442 -22.72 -0.94 -48.24
N TRP C 443 -21.58 -1.35 -47.68
CA TRP C 443 -20.30 -1.31 -48.39
C TRP C 443 -19.89 -2.73 -48.72
N ALA C 444 -19.96 -3.08 -50.00
CA ALA C 444 -19.54 -4.39 -50.46
C ALA C 444 -18.02 -4.46 -50.51
N ARG C 445 -17.46 -5.56 -50.00
CA ARG C 445 -16.02 -5.77 -50.00
C ARG C 445 -15.67 -6.82 -51.05
N LEU C 446 -14.86 -6.42 -52.04
CA LEU C 446 -14.38 -7.30 -53.08
C LEU C 446 -12.89 -7.56 -52.88
N SER C 447 -12.46 -8.77 -53.25
CA SER C 447 -11.06 -9.20 -53.07
C SER C 447 -10.46 -9.53 -54.43
N ALA C 448 -9.49 -8.72 -54.86
CA ALA C 448 -8.75 -9.02 -56.07
C ALA C 448 -7.79 -10.18 -55.83
N GLN C 449 -7.45 -10.90 -56.90
CA GLN C 449 -6.55 -12.04 -56.80
C GLN C 449 -5.82 -12.21 -58.12
N VAL C 450 -4.78 -13.06 -58.09
CA VAL C 450 -3.96 -13.29 -59.27
C VAL C 450 -4.72 -14.02 -60.36
N TYR C 451 -5.79 -14.73 -60.01
CA TYR C 451 -6.63 -15.41 -61.00
C TYR C 451 -7.80 -14.55 -61.45
N LEU C 452 -7.81 -13.26 -61.10
CA LEU C 452 -8.85 -12.34 -61.49
C LEU C 452 -8.26 -11.23 -62.36
N GLU C 453 -9.14 -10.54 -63.07
CA GLU C 453 -8.76 -9.42 -63.91
C GLU C 453 -9.92 -8.43 -63.95
N MET C 454 -9.76 -7.38 -64.76
CA MET C 454 -10.75 -6.31 -64.78
C MET C 454 -12.12 -6.81 -65.20
N SER C 455 -12.19 -7.84 -66.05
CA SER C 455 -13.48 -8.35 -66.49
C SER C 455 -14.33 -8.86 -65.34
N ASP C 456 -13.70 -9.45 -64.31
CA ASP C 456 -14.46 -9.95 -63.18
C ASP C 456 -15.06 -8.81 -62.36
N PHE C 457 -14.33 -7.70 -62.22
CA PHE C 457 -14.86 -6.56 -61.48
C PHE C 457 -15.98 -5.88 -62.23
N GLU C 458 -15.95 -5.91 -63.57
CA GLU C 458 -17.09 -5.43 -64.35
C GLU C 458 -18.30 -6.35 -64.16
N TRP C 459 -18.06 -7.66 -64.10
CA TRP C 459 -19.13 -8.59 -63.77
C TRP C 459 -19.67 -8.34 -62.36
N ALA C 460 -18.78 -7.97 -61.43
CA ALA C 460 -19.22 -7.67 -60.08
C ALA C 460 -20.12 -6.44 -60.05
N GLY C 461 -19.77 -5.41 -60.83
CA GLY C 461 -20.65 -4.25 -60.92
C GLY C 461 -21.95 -4.58 -61.62
N LYS C 462 -21.90 -5.40 -62.66
CA LYS C 462 -23.12 -5.83 -63.34
C LYS C 462 -24.00 -6.66 -62.42
N THR C 463 -23.39 -7.56 -61.65
CA THR C 463 -24.17 -8.40 -60.73
C THR C 463 -24.75 -7.58 -59.59
N LEU C 464 -23.94 -6.69 -59.00
CA LEU C 464 -24.43 -5.88 -57.88
C LEU C 464 -25.47 -4.86 -58.33
N LYS C 465 -25.40 -4.38 -59.57
CA LYS C 465 -26.41 -3.46 -60.06
C LYS C 465 -27.73 -4.18 -60.33
N GLU C 466 -27.66 -5.32 -61.04
CA GLU C 466 -28.86 -6.13 -61.24
C GLU C 466 -29.51 -6.46 -59.90
N LEU C 467 -28.70 -6.64 -58.87
CA LEU C 467 -29.21 -7.06 -57.56
C LEU C 467 -29.71 -5.87 -56.73
N CYS C 468 -29.08 -4.71 -56.85
CA CYS C 468 -29.54 -3.54 -56.12
C CYS C 468 -30.83 -2.97 -56.72
N GLU C 469 -30.96 -3.03 -58.05
CA GLU C 469 -32.18 -2.58 -58.69
C GLU C 469 -33.40 -3.34 -58.19
N ARG C 470 -33.22 -4.59 -57.79
CA ARG C 470 -34.31 -5.41 -57.30
C ARG C 470 -34.57 -5.26 -55.82
N VAL C 471 -33.59 -4.76 -55.06
CA VAL C 471 -33.87 -4.33 -53.69
C VAL C 471 -34.72 -3.07 -53.72
N ALA C 472 -34.50 -2.20 -54.71
CA ALA C 472 -35.31 -0.99 -54.84
C ALA C 472 -36.76 -1.31 -55.16
N LYS C 473 -37.00 -2.42 -55.84
CA LYS C 473 -38.36 -2.90 -56.10
C LYS C 473 -38.85 -3.85 -55.02
N GLY C 474 -38.10 -3.99 -53.92
CA GLY C 474 -38.48 -4.85 -52.83
C GLY C 474 -38.73 -6.29 -53.25
N GLU C 475 -37.76 -6.89 -53.95
CA GLU C 475 -37.91 -8.30 -54.33
C GLU C 475 -37.86 -9.20 -53.12
N TYR C 476 -36.93 -8.94 -52.19
CA TYR C 476 -37.11 -9.40 -50.83
C TYR C 476 -38.46 -8.90 -50.34
N LYS C 477 -39.25 -9.77 -49.74
CA LYS C 477 -40.60 -9.37 -49.34
C LYS C 477 -40.57 -8.25 -48.30
N GLY D 29 -22.12 -58.37 -46.67
CA GLY D 29 -21.76 -58.87 -45.35
C GLY D 29 -20.52 -58.21 -44.77
N PRO D 30 -20.22 -58.52 -43.51
CA PRO D 30 -19.03 -57.94 -42.87
C PRO D 30 -17.76 -58.65 -43.29
N LEU D 31 -16.67 -57.88 -43.44
CA LEU D 31 -15.39 -58.43 -43.82
C LEU D 31 -14.73 -59.12 -42.62
N PRO D 32 -13.92 -60.14 -42.87
CA PRO D 32 -13.18 -60.78 -41.78
C PRO D 32 -12.05 -59.90 -41.28
N PHE D 33 -11.61 -60.19 -40.05
CA PHE D 33 -10.52 -59.48 -39.43
C PHE D 33 -9.20 -60.21 -39.65
N GLY D 34 -8.10 -59.53 -39.35
CA GLY D 34 -6.77 -60.06 -39.56
C GLY D 34 -6.00 -59.24 -40.57
N ASN D 35 -4.87 -59.81 -41.02
CA ASN D 35 -4.03 -59.12 -41.98
C ASN D 35 -4.72 -58.90 -43.32
N SER D 36 -5.77 -59.67 -43.63
CA SER D 36 -6.52 -59.45 -44.86
C SER D 36 -7.22 -58.11 -44.85
N LEU D 37 -7.53 -57.56 -43.67
CA LEU D 37 -8.20 -56.27 -43.59
C LEU D 37 -7.29 -55.09 -43.93
N LEU D 38 -5.98 -55.33 -44.02
CA LEU D 38 -5.07 -54.27 -44.43
C LEU D 38 -5.32 -53.81 -45.86
N LYS D 39 -6.03 -54.60 -46.66
CA LYS D 39 -6.46 -54.14 -47.97
C LYS D 39 -7.24 -52.83 -47.89
N GLU D 40 -7.99 -52.64 -46.80
CA GLU D 40 -8.84 -51.45 -46.66
C GLU D 40 -8.07 -50.25 -46.14
N PHE D 41 -6.89 -50.44 -45.56
CA PHE D 41 -6.11 -49.35 -45.01
C PHE D 41 -4.97 -48.98 -45.94
N VAL D 42 -4.26 -47.91 -45.56
CA VAL D 42 -3.22 -47.34 -46.42
C VAL D 42 -1.92 -47.22 -45.63
N LEU D 43 -1.56 -48.27 -44.91
CA LEU D 43 -0.28 -48.31 -44.22
C LEU D 43 0.82 -48.78 -45.16
N ASP D 44 2.04 -48.36 -44.87
CA ASP D 44 3.21 -48.85 -45.57
C ASP D 44 3.28 -50.38 -45.43
N PRO D 45 3.29 -51.13 -46.52
CA PRO D 45 3.31 -52.60 -46.41
C PRO D 45 4.55 -53.14 -45.70
N ALA D 46 5.65 -52.38 -45.69
CA ALA D 46 6.86 -52.78 -44.96
C ALA D 46 6.83 -52.34 -43.50
N TYR D 47 5.93 -51.44 -43.14
CA TYR D 47 5.80 -50.95 -41.77
C TYR D 47 4.73 -51.76 -41.04
N ARG D 48 4.97 -52.01 -39.75
CA ARG D 48 4.03 -52.74 -38.91
C ARG D 48 3.43 -51.78 -37.89
N ASN D 49 2.10 -51.63 -37.91
CA ASN D 49 1.42 -50.74 -36.98
C ASN D 49 1.12 -51.53 -35.71
N LEU D 50 2.06 -51.50 -34.78
CA LEU D 50 1.87 -52.10 -33.46
C LEU D 50 1.43 -51.08 -32.43
N ASN D 51 1.40 -49.79 -32.78
CA ASN D 51 1.06 -48.72 -31.86
C ASN D 51 -0.03 -47.84 -32.47
N HIS D 52 -1.18 -48.46 -32.72
CA HIS D 52 -2.34 -47.71 -33.22
C HIS D 52 -2.85 -46.71 -32.18
N GLY D 53 -2.64 -47.00 -30.90
CA GLY D 53 -3.19 -46.16 -29.84
C GLY D 53 -2.69 -44.74 -29.84
N SER D 54 -1.51 -44.49 -30.43
CA SER D 54 -0.94 -43.15 -30.41
C SER D 54 -1.72 -42.20 -31.31
N PHE D 55 -1.57 -42.35 -32.63
CA PHE D 55 -2.18 -41.44 -33.59
C PHE D 55 -3.29 -42.07 -34.40
N GLY D 56 -3.47 -43.38 -34.33
CA GLY D 56 -4.50 -44.05 -35.10
C GLY D 56 -4.21 -44.02 -36.60
N THR D 57 -5.14 -44.61 -37.35
CA THR D 57 -5.07 -44.57 -38.80
C THR D 57 -6.48 -44.76 -39.37
N ILE D 58 -6.64 -44.38 -40.63
CA ILE D 58 -7.95 -44.43 -41.27
C ILE D 58 -7.91 -45.41 -42.44
N PRO D 59 -9.01 -46.10 -42.73
CA PRO D 59 -9.08 -46.89 -43.95
C PRO D 59 -9.15 -46.00 -45.18
N SER D 60 -8.92 -46.61 -46.34
CA SER D 60 -8.86 -45.84 -47.58
C SER D 60 -10.19 -45.15 -47.87
N ALA D 61 -11.31 -45.82 -47.59
CA ALA D 61 -12.62 -45.22 -47.87
C ALA D 61 -12.81 -43.92 -47.10
N ILE D 62 -12.33 -43.87 -45.86
CA ILE D 62 -12.44 -42.63 -45.08
C ILE D 62 -11.45 -41.59 -45.60
N GLN D 63 -10.32 -42.04 -46.15
CA GLN D 63 -9.35 -41.09 -46.72
C GLN D 63 -9.95 -40.36 -47.91
N GLN D 64 -10.72 -41.05 -48.74
CA GLN D 64 -11.35 -40.38 -49.88
C GLN D 64 -12.47 -39.46 -49.43
N LYS D 65 -13.20 -39.84 -48.37
CA LYS D 65 -14.19 -38.94 -47.80
C LYS D 65 -13.55 -37.64 -47.34
N LEU D 66 -12.40 -37.75 -46.65
CA LEU D 66 -11.66 -36.56 -46.24
C LEU D 66 -11.35 -35.66 -47.43
N ARG D 67 -10.83 -36.23 -48.50
CA ARG D 67 -10.45 -35.43 -49.67
C ARG D 67 -11.68 -34.94 -50.42
N SER D 68 -12.81 -35.65 -50.33
CA SER D 68 -14.04 -35.17 -50.93
C SER D 68 -14.54 -33.90 -50.25
N TYR D 69 -14.44 -33.83 -48.93
CA TYR D 69 -14.91 -32.64 -48.21
C TYR D 69 -14.07 -31.41 -48.56
N GLN D 70 -12.76 -31.59 -48.70
CA GLN D 70 -11.88 -30.46 -48.97
C GLN D 70 -12.08 -29.91 -50.38
N THR D 71 -12.20 -30.80 -51.37
CA THR D 71 -12.48 -30.35 -52.73
C THR D 71 -13.79 -29.58 -52.79
N ALA D 72 -14.78 -30.00 -51.99
CA ALA D 72 -16.01 -29.22 -51.86
C ALA D 72 -15.75 -27.87 -51.20
N ALA D 73 -14.79 -27.82 -50.27
CA ALA D 73 -14.47 -26.54 -49.63
C ALA D 73 -13.70 -25.63 -50.57
N GLU D 74 -12.76 -26.18 -51.33
CA GLU D 74 -11.97 -25.36 -52.25
C GLU D 74 -12.73 -25.02 -53.53
N ALA D 75 -13.77 -25.79 -53.86
CA ALA D 75 -14.56 -25.48 -55.05
C ALA D 75 -15.29 -24.16 -54.88
N ARG D 76 -16.01 -24.00 -53.78
CA ARG D 76 -16.76 -22.78 -53.49
C ARG D 76 -16.59 -22.48 -52.02
N PRO D 77 -15.51 -21.78 -51.64
CA PRO D 77 -15.17 -21.60 -50.22
C PRO D 77 -16.30 -21.05 -49.36
N CYS D 78 -16.73 -19.81 -49.61
CA CYS D 78 -17.74 -19.18 -48.76
C CYS D 78 -19.04 -19.97 -48.71
N PRO D 79 -19.68 -20.35 -49.84
CA PRO D 79 -20.95 -21.10 -49.72
C PRO D 79 -20.82 -22.38 -48.91
N PHE D 80 -19.73 -23.11 -49.05
CA PHE D 80 -19.59 -24.40 -48.37
C PHE D 80 -19.20 -24.23 -46.91
N LEU D 81 -18.16 -23.43 -46.65
CA LEU D 81 -17.64 -23.32 -45.29
C LEU D 81 -18.59 -22.57 -44.38
N ARG D 82 -19.40 -21.67 -44.92
CA ARG D 82 -20.31 -20.91 -44.06
C ARG D 82 -21.58 -21.70 -43.76
N TYR D 83 -22.14 -22.40 -44.75
CA TYR D 83 -23.49 -22.94 -44.65
C TYR D 83 -23.56 -24.46 -44.69
N GLN D 84 -22.54 -25.14 -45.20
CA GLN D 84 -22.51 -26.60 -45.14
C GLN D 84 -21.81 -27.11 -43.89
N THR D 85 -20.90 -26.33 -43.32
CA THR D 85 -20.22 -26.73 -42.08
C THR D 85 -21.19 -27.10 -40.97
N PRO D 86 -22.19 -26.28 -40.61
CA PRO D 86 -23.13 -26.72 -39.57
C PRO D 86 -23.92 -27.95 -39.97
N VAL D 87 -24.29 -28.09 -41.24
CA VAL D 87 -25.04 -29.26 -41.68
C VAL D 87 -24.23 -30.53 -41.45
N LEU D 88 -22.96 -30.50 -41.83
CA LEU D 88 -22.11 -31.67 -41.71
C LEU D 88 -21.64 -31.91 -40.28
N LEU D 89 -21.40 -30.84 -39.51
CA LEU D 89 -21.11 -31.02 -38.09
C LEU D 89 -22.26 -31.71 -37.37
N ASP D 90 -23.49 -31.35 -37.73
CA ASP D 90 -24.66 -31.95 -37.07
C ASP D 90 -24.86 -33.39 -37.49
N GLU D 91 -24.58 -33.72 -38.75
CA GLU D 91 -24.68 -35.11 -39.18
C GLU D 91 -23.70 -35.99 -38.41
N SER D 92 -22.50 -35.46 -38.14
CA SER D 92 -21.53 -36.20 -37.34
C SER D 92 -21.89 -36.20 -35.86
N ARG D 93 -22.51 -35.13 -35.37
CA ARG D 93 -22.96 -35.11 -33.98
C ARG D 93 -24.07 -36.12 -33.74
N ALA D 94 -24.98 -36.28 -34.71
CA ALA D 94 -26.05 -37.25 -34.56
C ALA D 94 -25.55 -38.68 -34.60
N ALA D 95 -24.60 -38.97 -35.50
CA ALA D 95 -24.07 -40.32 -35.61
C ALA D 95 -23.26 -40.70 -34.38
N VAL D 96 -22.46 -39.77 -33.85
CA VAL D 96 -21.61 -40.10 -32.71
C VAL D 96 -22.42 -40.21 -31.43
N ALA D 97 -23.53 -39.47 -31.32
CA ALA D 97 -24.37 -39.56 -30.13
C ALA D 97 -25.25 -40.80 -30.15
N ASN D 98 -25.64 -41.27 -31.34
CA ASN D 98 -26.35 -42.53 -31.42
C ASN D 98 -25.46 -43.71 -31.02
N LEU D 99 -24.16 -43.63 -31.35
CA LEU D 99 -23.23 -44.66 -30.90
C LEU D 99 -23.07 -44.62 -29.39
N LEU D 100 -22.83 -43.43 -28.83
CA LEU D 100 -22.69 -43.26 -27.40
C LEU D 100 -23.99 -43.46 -26.64
N LYS D 101 -25.13 -43.49 -27.34
CA LYS D 101 -26.45 -43.59 -26.71
C LYS D 101 -26.68 -42.42 -25.74
N VAL D 102 -26.31 -41.22 -26.18
CA VAL D 102 -26.56 -40.00 -25.40
C VAL D 102 -27.31 -39.03 -26.30
N PRO D 103 -28.01 -38.06 -25.70
CA PRO D 103 -28.68 -37.04 -26.52
C PRO D 103 -27.67 -36.25 -27.34
N VAL D 104 -28.04 -35.96 -28.59
CA VAL D 104 -27.16 -35.21 -29.48
C VAL D 104 -26.88 -33.81 -28.96
N GLU D 105 -27.79 -33.25 -28.14
CA GLU D 105 -27.58 -31.93 -27.56
C GLU D 105 -26.45 -31.90 -26.53
N THR D 106 -25.77 -33.03 -26.29
CA THR D 106 -24.68 -33.07 -25.32
C THR D 106 -23.31 -33.26 -25.96
N VAL D 107 -23.24 -33.51 -27.27
CA VAL D 107 -21.98 -33.82 -27.95
C VAL D 107 -21.67 -32.72 -28.95
N VAL D 108 -20.42 -32.24 -28.91
CA VAL D 108 -19.83 -31.44 -29.97
C VAL D 108 -18.43 -31.97 -30.23
N PHE D 109 -17.75 -31.37 -31.20
CA PHE D 109 -16.42 -31.80 -31.61
C PHE D 109 -15.39 -30.72 -31.30
N VAL D 110 -14.18 -31.16 -30.94
CA VAL D 110 -13.05 -30.27 -30.70
C VAL D 110 -11.84 -30.87 -31.38
N ALA D 111 -10.76 -30.07 -31.43
CA ALA D 111 -9.57 -30.46 -32.18
C ALA D 111 -9.03 -31.81 -31.71
N ASN D 112 -8.82 -31.96 -30.40
CA ASN D 112 -8.24 -33.20 -29.87
C ASN D 112 -8.53 -33.26 -28.37
N ALA D 113 -8.07 -34.34 -27.74
CA ALA D 113 -8.33 -34.54 -26.32
C ALA D 113 -7.68 -33.46 -25.47
N THR D 114 -6.45 -33.06 -25.83
CA THR D 114 -5.77 -31.99 -25.12
C THR D 114 -6.59 -30.70 -25.16
N MET D 115 -7.23 -30.42 -26.30
CA MET D 115 -8.01 -29.20 -26.44
C MET D 115 -9.23 -29.22 -25.53
N GLY D 116 -9.89 -30.37 -25.42
CA GLY D 116 -11.09 -30.47 -24.60
C GLY D 116 -10.80 -30.49 -23.11
N VAL D 117 -9.70 -31.15 -22.72
CA VAL D 117 -9.30 -31.09 -21.31
C VAL D 117 -8.97 -29.66 -20.92
N ASN D 118 -8.33 -28.92 -21.82
CA ASN D 118 -8.09 -27.50 -21.58
C ASN D 118 -9.40 -26.71 -21.58
N THR D 119 -10.38 -27.14 -22.38
CA THR D 119 -11.66 -26.43 -22.41
C THR D 119 -12.39 -26.54 -21.08
N VAL D 120 -12.25 -27.67 -20.39
CA VAL D 120 -12.88 -27.84 -19.09
C VAL D 120 -12.12 -27.10 -18.01
N LEU D 121 -10.80 -27.34 -17.91
CA LEU D 121 -10.01 -26.78 -16.82
C LEU D 121 -9.92 -25.25 -16.90
N ARG D 122 -9.87 -24.69 -18.10
CA ARG D 122 -9.72 -23.24 -18.23
C ARG D 122 -11.03 -22.48 -18.01
N ASN D 123 -12.16 -23.18 -18.04
CA ASN D 123 -13.46 -22.53 -17.91
C ASN D 123 -14.08 -22.69 -16.52
N ILE D 124 -13.56 -23.59 -15.70
CA ILE D 124 -14.12 -23.81 -14.37
C ILE D 124 -13.84 -22.60 -13.50
N VAL D 125 -14.89 -22.04 -12.92
CA VAL D 125 -14.77 -20.91 -12.00
C VAL D 125 -14.51 -21.45 -10.60
N TRP D 126 -13.34 -21.13 -10.06
CA TRP D 126 -12.90 -21.70 -8.79
C TRP D 126 -13.41 -20.88 -7.61
N SER D 127 -13.41 -21.51 -6.44
CA SER D 127 -14.01 -20.91 -5.25
C SER D 127 -13.28 -19.63 -4.84
N ALA D 128 -14.03 -18.70 -4.26
CA ALA D 128 -13.48 -17.40 -3.88
C ALA D 128 -12.48 -17.53 -2.74
N ASP D 129 -12.77 -18.38 -1.75
CA ASP D 129 -11.88 -18.53 -0.61
C ASP D 129 -10.50 -19.05 -1.00
N GLY D 130 -10.38 -19.70 -2.15
CA GLY D 130 -9.09 -20.17 -2.63
C GLY D 130 -8.67 -21.52 -2.11
N LYS D 131 -9.61 -22.38 -1.75
CA LYS D 131 -9.32 -23.69 -1.20
C LYS D 131 -9.64 -24.83 -2.17
N ASP D 132 -9.85 -24.53 -3.44
CA ASP D 132 -10.19 -25.57 -4.41
C ASP D 132 -8.96 -26.42 -4.73
N GLU D 133 -9.18 -27.71 -4.93
CA GLU D 133 -8.11 -28.64 -5.25
C GLU D 133 -8.53 -29.53 -6.42
N ILE D 134 -7.59 -29.75 -7.33
CA ILE D 134 -7.76 -30.68 -8.45
C ILE D 134 -7.05 -31.98 -8.10
N LEU D 135 -7.80 -33.08 -8.10
CA LEU D 135 -7.24 -34.40 -7.85
C LEU D 135 -6.96 -35.11 -9.16
N TYR D 136 -5.80 -35.76 -9.24
CA TYR D 136 -5.45 -36.52 -10.43
C TYR D 136 -4.45 -37.61 -10.05
N PHE D 137 -4.36 -38.62 -10.90
CA PHE D 137 -3.47 -39.75 -10.71
C PHE D 137 -2.17 -39.54 -11.47
N ASP D 138 -1.07 -40.05 -10.92
CA ASP D 138 0.23 -39.80 -11.52
C ASP D 138 0.42 -40.53 -12.85
N THR D 139 -0.51 -41.38 -13.25
CA THR D 139 -0.55 -41.92 -14.59
C THR D 139 -1.20 -40.96 -15.59
N ILE D 140 -1.47 -39.71 -15.15
CA ILE D 140 -2.11 -38.72 -16.01
C ILE D 140 -1.30 -38.54 -17.28
N PHE D 141 -2.00 -38.34 -18.40
CA PHE D 141 -1.33 -37.98 -19.64
C PHE D 141 -0.57 -36.69 -19.46
N GLY D 142 0.68 -36.66 -19.93
CA GLY D 142 1.57 -35.54 -19.74
C GLY D 142 0.95 -34.17 -19.98
N ALA D 143 0.46 -33.93 -21.20
CA ALA D 143 -0.11 -32.63 -21.54
C ALA D 143 -1.28 -32.28 -20.63
N CYS D 144 -2.07 -33.27 -20.21
CA CYS D 144 -3.17 -33.01 -19.28
C CYS D 144 -2.63 -32.56 -17.92
N GLY D 145 -1.64 -33.27 -17.38
CA GLY D 145 -1.11 -32.91 -16.09
C GLY D 145 -0.45 -31.54 -16.08
N LYS D 146 0.21 -31.19 -17.18
CA LYS D 146 0.83 -29.87 -17.29
C LYS D 146 -0.19 -28.78 -17.58
N THR D 147 -1.40 -29.15 -18.03
CA THR D 147 -2.49 -28.19 -18.11
C THR D 147 -2.97 -27.81 -16.72
N ILE D 148 -3.05 -28.78 -15.82
CA ILE D 148 -3.33 -28.49 -14.41
C ILE D 148 -2.32 -27.50 -13.87
N ASP D 149 -1.03 -27.71 -14.17
CA ASP D 149 0.02 -26.83 -13.66
C ASP D 149 -0.19 -25.40 -14.13
N TYR D 150 -0.46 -25.21 -15.43
CA TYR D 150 -0.59 -23.85 -15.96
C TYR D 150 -1.82 -23.16 -15.41
N VAL D 151 -2.97 -23.86 -15.40
CA VAL D 151 -4.19 -23.27 -14.86
C VAL D 151 -3.99 -22.82 -13.43
N ILE D 152 -3.26 -23.61 -12.64
CA ILE D 152 -2.93 -23.23 -11.27
C ILE D 152 -2.10 -21.95 -11.26
N GLU D 153 -1.17 -21.82 -12.21
CA GLU D 153 -0.36 -20.62 -12.30
C GLU D 153 -1.15 -19.44 -12.88
N ASP D 154 -1.98 -19.71 -13.89
CA ASP D 154 -2.74 -18.65 -14.53
C ASP D 154 -3.76 -18.04 -13.58
N LYS D 155 -4.38 -18.88 -12.75
CA LYS D 155 -5.35 -18.41 -11.76
C LYS D 155 -4.69 -17.97 -10.45
N ARG D 156 -3.37 -18.12 -10.34
CA ARG D 156 -2.58 -17.56 -9.23
C ARG D 156 -3.03 -18.08 -7.88
N GLY D 157 -2.86 -19.39 -7.68
CA GLY D 157 -3.04 -19.99 -6.38
C GLY D 157 -4.45 -20.06 -5.86
N ILE D 158 -5.46 -19.59 -6.62
CA ILE D 158 -6.84 -19.76 -6.21
C ILE D 158 -7.26 -21.22 -6.23
N VAL D 159 -6.48 -22.07 -6.89
CA VAL D 159 -6.70 -23.51 -6.93
C VAL D 159 -5.33 -24.17 -6.94
N SER D 160 -5.26 -25.38 -6.37
CA SER D 160 -4.04 -26.17 -6.34
C SER D 160 -4.37 -27.60 -6.72
N SER D 161 -3.34 -28.44 -6.80
CA SER D 161 -3.49 -29.82 -7.23
C SER D 161 -2.98 -30.78 -6.18
N ARG D 162 -3.47 -32.01 -6.26
CA ARG D 162 -3.02 -33.10 -5.40
C ARG D 162 -2.83 -34.34 -6.26
N CYS D 163 -1.58 -34.73 -6.47
CA CYS D 163 -1.27 -35.87 -7.31
C CYS D 163 -1.39 -37.17 -6.51
N ILE D 164 -2.11 -38.14 -7.07
CA ILE D 164 -2.34 -39.43 -6.42
C ILE D 164 -1.39 -40.43 -7.06
N PRO D 165 -0.38 -40.93 -6.34
CA PRO D 165 0.55 -41.90 -6.95
C PRO D 165 -0.09 -43.26 -7.12
N LEU D 166 0.29 -43.94 -8.20
CA LEU D 166 -0.23 -45.27 -8.50
C LEU D 166 0.93 -46.23 -8.76
N ILE D 167 0.77 -47.45 -8.28
CA ILE D 167 1.73 -48.52 -8.50
C ILE D 167 1.04 -49.62 -9.30
N TYR D 168 1.52 -49.84 -10.52
CA TYR D 168 0.96 -50.88 -11.37
C TYR D 168 1.86 -52.11 -11.36
N PRO D 169 1.26 -53.32 -11.47
CA PRO D 169 -0.17 -53.61 -11.64
C PRO D 169 -1.01 -53.28 -10.42
N ALA D 170 -2.05 -52.48 -10.63
CA ALA D 170 -2.88 -51.95 -9.55
C ALA D 170 -4.23 -52.65 -9.53
N GLU D 171 -4.62 -53.14 -8.37
CA GLU D 171 -5.99 -53.62 -8.17
C GLU D 171 -6.95 -52.44 -8.16
N ASP D 172 -8.19 -52.70 -8.58
CA ASP D 172 -9.17 -51.62 -8.64
C ASP D 172 -9.51 -51.09 -7.26
N ASP D 173 -9.56 -51.97 -6.26
CA ASP D 173 -9.91 -51.55 -4.91
C ASP D 173 -8.85 -50.63 -4.31
N ASP D 174 -7.57 -50.92 -4.60
CA ASP D 174 -6.51 -50.05 -4.12
C ASP D 174 -6.51 -48.70 -4.84
N VAL D 175 -6.89 -48.69 -6.12
CA VAL D 175 -7.05 -47.42 -6.82
C VAL D 175 -8.18 -46.61 -6.21
N VAL D 176 -9.29 -47.27 -5.87
CA VAL D 176 -10.38 -46.60 -5.18
C VAL D 176 -9.93 -46.12 -3.81
N ALA D 177 -9.17 -46.95 -3.10
CA ALA D 177 -8.74 -46.59 -1.75
C ALA D 177 -7.79 -45.41 -1.76
N ALA D 178 -6.89 -45.36 -2.76
CA ALA D 178 -5.97 -44.23 -2.84
C ALA D 178 -6.68 -42.93 -3.19
N PHE D 179 -7.77 -43.03 -3.96
CA PHE D 179 -8.55 -41.84 -4.28
C PHE D 179 -9.28 -41.32 -3.04
N ARG D 180 -9.90 -42.22 -2.28
CA ARG D 180 -10.61 -41.81 -1.08
C ARG D 180 -9.67 -41.21 -0.05
N ASP D 181 -8.47 -41.76 0.09
CA ASP D 181 -7.50 -41.19 1.02
C ASP D 181 -7.09 -39.79 0.59
N ALA D 182 -7.10 -39.50 -0.71
CA ALA D 182 -6.80 -38.15 -1.17
C ALA D 182 -7.94 -37.19 -0.84
N ILE D 183 -9.18 -37.62 -1.05
CA ILE D 183 -10.33 -36.80 -0.68
C ILE D 183 -10.35 -36.56 0.82
N LYS D 184 -10.07 -37.60 1.60
CA LYS D 184 -10.11 -37.49 3.06
C LYS D 184 -8.95 -36.63 3.58
N LYS D 185 -7.74 -36.89 3.09
CA LYS D 185 -6.59 -36.10 3.52
C LYS D 185 -6.65 -34.69 2.96
N SER D 186 -7.33 -34.51 1.82
CA SER D 186 -7.50 -33.18 1.24
C SER D 186 -8.13 -32.23 2.25
N ARG D 187 -9.28 -32.60 2.77
CA ARG D 187 -9.99 -31.70 3.67
C ARG D 187 -9.23 -31.48 4.97
N GLU D 188 -8.50 -32.51 5.42
CA GLU D 188 -7.74 -32.39 6.66
C GLU D 188 -6.69 -31.30 6.61
N GLU D 189 -6.20 -30.91 5.45
CA GLU D 189 -5.32 -29.75 5.43
C GLU D 189 -6.05 -28.48 5.01
N GLY D 190 -7.38 -28.49 5.02
CA GLY D 190 -8.15 -27.29 4.78
C GLY D 190 -8.24 -26.96 3.31
N LYS D 191 -8.33 -27.98 2.46
CA LYS D 191 -8.53 -27.85 1.02
C LYS D 191 -9.86 -28.47 0.65
N ARG D 192 -10.34 -28.15 -0.55
CA ARG D 192 -11.64 -28.62 -0.99
C ARG D 192 -11.50 -29.42 -2.27
N PRO D 193 -11.71 -30.76 -2.26
CA PRO D 193 -11.72 -31.50 -3.52
C PRO D 193 -12.84 -31.02 -4.44
N ARG D 194 -12.47 -30.25 -5.46
CA ARG D 194 -13.42 -29.61 -6.37
C ARG D 194 -13.56 -30.33 -7.70
N LEU D 195 -12.46 -30.81 -8.27
CA LEU D 195 -12.50 -31.43 -9.59
C LEU D 195 -11.47 -32.55 -9.65
N ALA D 196 -11.83 -33.64 -10.32
CA ALA D 196 -10.95 -34.79 -10.49
C ALA D 196 -10.82 -35.13 -11.97
N VAL D 197 -9.58 -35.38 -12.40
CA VAL D 197 -9.29 -35.81 -13.77
C VAL D 197 -9.19 -37.33 -13.78
N ILE D 198 -10.08 -37.97 -14.52
CA ILE D 198 -10.21 -39.42 -14.51
C ILE D 198 -10.00 -39.95 -15.93
N ASP D 199 -9.23 -41.03 -16.05
CA ASP D 199 -9.07 -41.70 -17.32
C ASP D 199 -10.11 -42.81 -17.47
N VAL D 200 -10.37 -43.18 -18.72
CA VAL D 200 -11.04 -44.45 -19.00
C VAL D 200 -10.01 -45.55 -19.23
N VAL D 201 -9.04 -45.28 -20.10
CA VAL D 201 -7.86 -46.10 -20.29
C VAL D 201 -6.66 -45.16 -20.24
N SER D 202 -5.68 -45.50 -19.41
CA SER D 202 -4.52 -44.62 -19.26
C SER D 202 -3.63 -44.68 -20.49
N SER D 203 -2.80 -43.65 -20.64
CA SER D 203 -1.86 -43.60 -21.76
C SER D 203 -0.68 -44.54 -21.54
N MET D 204 0.20 -44.17 -20.61
CA MET D 204 1.38 -44.99 -20.28
C MET D 204 1.38 -45.37 -18.79
N PRO D 205 1.12 -46.66 -18.49
CA PRO D 205 0.85 -47.73 -19.45
C PRO D 205 -0.60 -47.73 -19.94
N GLY D 206 -0.86 -48.44 -21.03
CA GLY D 206 -2.20 -48.52 -21.57
C GLY D 206 -3.03 -49.56 -20.86
N VAL D 207 -3.78 -49.14 -19.84
CA VAL D 207 -4.58 -50.05 -19.03
C VAL D 207 -5.96 -49.44 -18.81
N ARG D 208 -6.95 -50.32 -18.70
CA ARG D 208 -8.30 -49.92 -18.33
C ARG D 208 -8.30 -49.39 -16.90
N PHE D 209 -8.96 -48.25 -16.69
CA PHE D 209 -9.07 -47.59 -15.39
C PHE D 209 -10.48 -47.76 -14.83
N PRO D 210 -10.62 -48.00 -13.53
CA PRO D 210 -11.98 -48.14 -12.97
C PRO D 210 -12.69 -46.80 -12.85
N PHE D 211 -13.06 -46.22 -14.01
CA PHE D 211 -13.65 -44.89 -13.99
C PHE D 211 -15.07 -44.91 -13.44
N GLU D 212 -15.77 -46.05 -13.54
CA GLU D 212 -17.11 -46.13 -12.98
C GLU D 212 -17.09 -45.92 -11.47
N ASP D 213 -16.08 -46.45 -10.79
CA ASP D 213 -15.99 -46.29 -9.34
C ASP D 213 -15.56 -44.88 -8.97
N ILE D 214 -14.63 -44.30 -9.73
CA ILE D 214 -14.11 -42.98 -9.38
C ILE D 214 -15.11 -41.88 -9.70
N VAL D 215 -15.80 -41.98 -10.85
CA VAL D 215 -16.82 -40.99 -11.19
C VAL D 215 -17.95 -41.02 -10.17
N LYS D 216 -18.34 -42.22 -9.72
CA LYS D 216 -19.42 -42.36 -8.76
C LYS D 216 -19.05 -41.74 -7.42
N ILE D 217 -17.80 -41.92 -6.97
CA ILE D 217 -17.37 -41.33 -5.71
C ILE D 217 -17.31 -39.82 -5.82
N CYS D 218 -17.03 -39.29 -7.02
CA CYS D 218 -16.98 -37.84 -7.20
C CYS D 218 -18.34 -37.20 -6.96
N LYS D 219 -19.44 -37.93 -7.24
CA LYS D 219 -20.76 -37.36 -7.09
C LYS D 219 -21.13 -37.15 -5.62
N GLU D 220 -20.89 -38.16 -4.79
CA GLU D 220 -21.22 -38.02 -3.37
C GLU D 220 -20.37 -36.96 -2.70
N GLU D 221 -19.05 -37.05 -2.87
CA GLU D 221 -18.13 -36.03 -2.39
C GLU D 221 -18.33 -34.72 -3.14
N GLU D 222 -19.23 -34.72 -4.13
CA GLU D 222 -19.55 -33.55 -4.93
C GLU D 222 -18.30 -32.96 -5.56
N ILE D 223 -17.65 -33.79 -6.37
CA ILE D 223 -16.46 -33.42 -7.11
C ILE D 223 -16.80 -33.44 -8.59
N ILE D 224 -16.32 -32.44 -9.32
CA ILE D 224 -16.48 -32.44 -10.77
C ILE D 224 -15.69 -33.60 -11.36
N SER D 225 -16.39 -34.52 -12.01
CA SER D 225 -15.75 -35.63 -12.70
C SER D 225 -15.42 -35.18 -14.12
N CYS D 226 -14.14 -34.85 -14.35
CA CYS D 226 -13.65 -34.41 -15.65
C CYS D 226 -12.90 -35.60 -16.27
N VAL D 227 -13.64 -36.44 -16.99
CA VAL D 227 -13.10 -37.73 -17.43
C VAL D 227 -12.32 -37.53 -18.73
N ASP D 228 -11.04 -37.91 -18.70
CA ASP D 228 -10.17 -37.89 -19.87
C ASP D 228 -10.29 -39.22 -20.58
N GLY D 229 -11.14 -39.28 -21.60
CA GLY D 229 -11.42 -40.53 -22.25
C GLY D 229 -10.82 -40.68 -23.64
N ALA D 230 -9.65 -40.08 -23.85
CA ALA D 230 -9.01 -40.11 -25.17
C ALA D 230 -8.91 -41.53 -25.71
N GLN D 231 -8.45 -42.46 -24.88
CA GLN D 231 -8.45 -43.88 -25.23
C GLN D 231 -9.82 -44.47 -24.89
N GLY D 232 -10.82 -44.06 -25.65
CA GLY D 232 -12.18 -44.40 -25.31
C GLY D 232 -13.07 -44.84 -26.45
N ILE D 233 -13.63 -43.87 -27.18
CA ILE D 233 -14.63 -44.19 -28.20
C ILE D 233 -14.00 -45.06 -29.29
N GLY D 234 -14.74 -46.10 -29.69
CA GLY D 234 -14.28 -47.03 -30.70
C GLY D 234 -13.46 -48.19 -30.19
N MET D 235 -13.15 -48.22 -28.90
CA MET D 235 -12.38 -49.30 -28.29
C MET D 235 -13.10 -49.93 -27.10
N VAL D 236 -13.71 -49.11 -26.24
CA VAL D 236 -14.38 -49.60 -25.04
C VAL D 236 -15.70 -48.87 -24.87
N ASP D 237 -16.69 -49.58 -24.33
CA ASP D 237 -17.96 -48.96 -23.98
C ASP D 237 -17.72 -47.92 -22.90
N LEU D 238 -18.11 -46.67 -23.19
CA LEU D 238 -17.85 -45.57 -22.28
C LEU D 238 -18.91 -45.40 -21.20
N LYS D 239 -20.08 -46.01 -21.36
CA LYS D 239 -21.10 -46.07 -20.32
C LYS D 239 -21.46 -44.67 -19.82
N ILE D 240 -21.76 -43.78 -20.77
CA ILE D 240 -21.96 -42.37 -20.44
C ILE D 240 -23.28 -42.17 -19.72
N THR D 241 -24.35 -42.82 -20.18
CA THR D 241 -25.64 -42.71 -19.51
C THR D 241 -25.57 -43.25 -18.09
N GLU D 242 -24.95 -44.43 -17.92
CA GLU D 242 -24.92 -45.09 -16.62
C GLU D 242 -24.07 -44.31 -15.62
N THR D 243 -22.79 -44.11 -15.93
CA THR D 243 -21.90 -43.47 -14.98
C THR D 243 -22.14 -41.96 -14.88
N ASP D 244 -22.64 -41.35 -15.95
CA ASP D 244 -23.06 -39.96 -15.99
C ASP D 244 -21.96 -39.03 -15.48
N PRO D 245 -20.87 -38.86 -16.22
CA PRO D 245 -19.84 -37.91 -15.80
C PRO D 245 -20.29 -36.48 -16.05
N ASP D 246 -19.57 -35.55 -15.42
CA ASP D 246 -19.86 -34.14 -15.64
C ASP D 246 -19.24 -33.62 -16.92
N PHE D 247 -18.08 -34.15 -17.29
CA PHE D 247 -17.42 -33.82 -18.55
C PHE D 247 -16.71 -35.08 -19.04
N LEU D 248 -16.81 -35.33 -20.35
CA LEU D 248 -16.08 -36.44 -20.96
C LEU D 248 -15.66 -36.03 -22.36
N ILE D 249 -14.41 -36.36 -22.69
CA ILE D 249 -13.89 -36.20 -24.04
C ILE D 249 -13.26 -37.52 -24.47
N SER D 250 -13.30 -37.79 -25.78
CA SER D 250 -12.71 -38.99 -26.33
C SER D 250 -12.23 -38.72 -27.75
N ASN D 251 -11.11 -39.32 -28.13
CA ASN D 251 -10.51 -39.12 -29.44
C ASN D 251 -11.14 -40.07 -30.45
N CYS D 252 -11.80 -39.51 -31.47
CA CYS D 252 -12.31 -40.35 -32.55
C CYS D 252 -11.20 -40.82 -33.47
N HIS D 253 -10.13 -40.04 -33.59
CA HIS D 253 -9.06 -40.39 -34.51
C HIS D 253 -8.18 -41.51 -33.97
N TRP D 255 -9.35 -44.44 -32.06
CA TRP D 255 -9.92 -45.78 -32.20
C TRP D 255 -11.27 -45.85 -32.93
N LEU D 256 -11.64 -44.78 -33.64
CA LEU D 256 -12.88 -44.78 -34.40
C LEU D 256 -12.63 -44.64 -35.90
N PHE D 257 -11.39 -44.83 -36.36
CA PHE D 257 -11.03 -44.78 -37.78
C PHE D 257 -11.41 -43.45 -38.41
N THR D 258 -11.44 -42.39 -37.63
CA THR D 258 -11.70 -41.00 -37.97
C THR D 258 -10.38 -40.29 -38.31
N PRO D 259 -10.37 -39.44 -39.34
CA PRO D 259 -9.15 -38.72 -39.68
C PRO D 259 -8.55 -38.00 -38.49
N ARG D 260 -7.23 -37.81 -38.55
CA ARG D 260 -6.48 -37.27 -37.43
C ARG D 260 -6.95 -35.87 -37.07
N GLY D 261 -7.09 -35.62 -35.77
CA GLY D 261 -7.55 -34.34 -35.28
C GLY D 261 -9.05 -34.30 -35.11
N CYS D 262 -9.60 -35.21 -34.31
CA CYS D 262 -11.02 -35.17 -33.97
C CYS D 262 -11.24 -35.79 -32.60
N ALA D 263 -11.87 -35.03 -31.70
CA ALA D 263 -12.27 -35.51 -30.39
C ALA D 263 -13.71 -35.10 -30.14
N VAL D 264 -14.51 -36.03 -29.61
CA VAL D 264 -15.89 -35.76 -29.25
C VAL D 264 -15.94 -35.26 -27.81
N PHE D 265 -16.68 -34.18 -27.57
CA PHE D 265 -16.76 -33.54 -26.27
C PHE D 265 -18.17 -33.71 -25.73
N TYR D 266 -18.34 -34.59 -24.74
CA TYR D 266 -19.62 -34.79 -24.10
C TYR D 266 -19.73 -33.88 -22.88
N VAL D 267 -20.79 -33.08 -22.85
CA VAL D 267 -21.15 -32.28 -21.67
C VAL D 267 -22.66 -32.43 -21.48
N PRO D 268 -23.12 -32.97 -20.35
CA PRO D 268 -24.57 -32.97 -20.10
C PRO D 268 -25.08 -31.54 -20.02
N VAL D 269 -26.36 -31.36 -20.35
CA VAL D 269 -26.93 -30.02 -20.38
C VAL D 269 -26.91 -29.38 -19.00
N ARG D 270 -26.85 -30.18 -17.93
CA ARG D 270 -26.77 -29.61 -16.59
C ARG D 270 -25.52 -28.75 -16.41
N ASN D 271 -24.46 -29.03 -17.18
CA ASN D 271 -23.18 -28.36 -17.01
C ASN D 271 -22.78 -27.49 -18.19
N GLN D 272 -23.53 -27.51 -19.29
CA GLN D 272 -23.12 -26.79 -20.49
C GLN D 272 -22.96 -25.29 -20.24
N HIS D 273 -23.58 -24.77 -19.19
CA HIS D 273 -23.36 -23.36 -18.82
C HIS D 273 -21.98 -23.16 -18.20
N LEU D 274 -21.42 -24.20 -17.58
CA LEU D 274 -20.08 -24.09 -17.00
C LEU D 274 -19.04 -23.77 -18.07
N ILE D 275 -19.23 -24.27 -19.28
CA ILE D 275 -18.36 -23.93 -20.41
C ILE D 275 -18.79 -22.56 -20.91
N ARG D 276 -18.14 -21.50 -20.40
CA ARG D 276 -18.55 -20.15 -20.74
C ARG D 276 -18.04 -19.74 -22.12
N SER D 277 -16.90 -20.27 -22.55
CA SER D 277 -16.37 -19.98 -23.86
C SER D 277 -15.66 -21.21 -24.41
N THR D 278 -15.67 -21.34 -25.73
CA THR D 278 -14.92 -22.40 -26.37
C THR D 278 -13.44 -22.05 -26.37
N LEU D 279 -12.63 -23.03 -26.79
CA LEU D 279 -11.21 -22.80 -26.95
C LEU D 279 -10.84 -22.92 -28.42
N PRO D 280 -10.51 -21.78 -29.05
CA PRO D 280 -10.46 -20.46 -28.41
C PRO D 280 -11.79 -19.72 -28.43
N THR D 281 -11.84 -18.56 -27.78
CA THR D 281 -13.02 -17.71 -27.84
C THR D 281 -13.25 -17.23 -29.28
N SER D 282 -14.50 -17.29 -29.72
CA SER D 282 -14.84 -16.90 -31.09
C SER D 282 -16.20 -16.21 -31.08
N HIS D 283 -16.87 -16.23 -32.23
CA HIS D 283 -18.09 -15.44 -32.40
C HIS D 283 -19.21 -15.90 -31.48
N GLY D 284 -19.27 -17.19 -31.17
CA GLY D 284 -20.35 -17.73 -30.38
C GLY D 284 -20.29 -17.44 -28.89
N PHE D 285 -19.31 -16.67 -28.43
CA PHE D 285 -19.21 -16.33 -27.02
C PHE D 285 -20.23 -15.27 -26.66
N VAL D 286 -20.97 -15.50 -25.58
CA VAL D 286 -21.98 -14.56 -25.10
C VAL D 286 -21.44 -13.93 -23.81
N PRO D 287 -21.06 -12.65 -23.83
CA PRO D 287 -20.58 -12.02 -22.60
C PRO D 287 -21.66 -12.03 -21.53
N GLN D 288 -21.21 -12.14 -20.27
CA GLN D 288 -22.16 -12.22 -19.17
C GLN D 288 -22.97 -10.95 -19.03
N VAL D 289 -22.40 -9.81 -19.39
CA VAL D 289 -23.13 -8.55 -19.38
C VAL D 289 -23.31 -8.03 -20.81
N ASN D 301 -33.67 -27.16 -33.43
CA ASN D 301 -33.27 -25.95 -32.73
C ASN D 301 -32.03 -26.20 -31.89
N LYS D 302 -30.94 -25.50 -32.20
CA LYS D 302 -29.70 -25.70 -31.47
C LYS D 302 -29.62 -24.78 -30.26
N SER D 303 -28.87 -25.23 -29.26
CA SER D 303 -28.57 -24.44 -28.08
C SER D 303 -27.41 -23.48 -28.36
N ALA D 304 -27.19 -22.57 -27.42
CA ALA D 304 -26.04 -21.69 -27.52
C ALA D 304 -24.73 -22.45 -27.34
N PHE D 305 -24.75 -23.51 -26.52
CA PHE D 305 -23.54 -24.31 -26.29
C PHE D 305 -23.11 -25.01 -27.57
N VAL D 306 -24.03 -25.75 -28.20
CA VAL D 306 -23.71 -26.44 -29.46
C VAL D 306 -23.34 -25.43 -30.54
N SER D 307 -24.05 -24.31 -30.59
CA SER D 307 -23.78 -23.29 -31.60
C SER D 307 -22.39 -22.69 -31.46
N ASN D 308 -21.87 -22.62 -30.23
CA ASN D 308 -20.60 -21.95 -30.01
C ASN D 308 -19.42 -22.73 -30.60
N PHE D 309 -19.57 -24.05 -30.73
CA PHE D 309 -18.47 -24.92 -31.15
C PHE D 309 -18.39 -25.13 -32.65
N GLU D 310 -19.12 -24.34 -33.45
CA GLU D 310 -19.13 -24.57 -34.89
C GLU D 310 -18.08 -23.76 -35.62
N PHE D 311 -17.82 -22.52 -35.20
CA PHE D 311 -16.83 -21.65 -35.82
C PHE D 311 -15.96 -21.08 -34.71
N VAL D 312 -14.95 -21.85 -34.31
CA VAL D 312 -14.06 -21.46 -33.22
C VAL D 312 -12.70 -21.07 -33.80
N GLY D 313 -12.71 -20.56 -35.02
CA GLY D 313 -11.47 -20.28 -35.73
C GLY D 313 -11.36 -21.13 -36.99
N THR D 314 -10.86 -20.53 -38.06
CA THR D 314 -10.86 -21.20 -39.37
C THR D 314 -9.89 -22.38 -39.36
N VAL D 315 -10.43 -23.59 -39.53
CA VAL D 315 -9.65 -24.81 -39.61
C VAL D 315 -10.24 -25.67 -40.71
N ASP D 316 -9.54 -26.76 -41.03
CA ASP D 316 -10.07 -27.79 -41.92
C ASP D 316 -10.92 -28.73 -41.08
N ASN D 317 -12.24 -28.63 -41.24
CA ASN D 317 -13.18 -29.42 -40.46
C ASN D 317 -13.50 -30.76 -41.09
N SER D 318 -12.83 -31.12 -42.18
CA SER D 318 -13.07 -32.41 -42.82
C SER D 318 -12.94 -33.61 -41.88
N PRO D 319 -11.96 -33.68 -40.97
CA PRO D 319 -11.98 -34.77 -39.98
C PRO D 319 -13.27 -34.84 -39.18
N PHE D 320 -13.80 -33.69 -38.74
CA PHE D 320 -15.10 -33.70 -38.05
C PHE D 320 -16.19 -34.20 -38.96
N PHE D 321 -16.17 -33.78 -40.23
CA PHE D 321 -17.20 -34.19 -41.19
C PHE D 321 -17.18 -35.70 -41.42
N CYS D 322 -16.01 -36.32 -41.35
CA CYS D 322 -15.85 -37.74 -41.63
C CYS D 322 -16.29 -38.64 -40.48
N VAL D 323 -16.72 -38.08 -39.35
CA VAL D 323 -17.11 -38.91 -38.21
C VAL D 323 -18.29 -39.81 -38.58
N LYS D 324 -19.29 -39.25 -39.27
CA LYS D 324 -20.48 -40.02 -39.60
C LYS D 324 -20.14 -41.20 -40.52
N ASP D 325 -19.18 -41.02 -41.42
CA ASP D 325 -18.84 -42.08 -42.36
C ASP D 325 -18.06 -43.19 -41.68
N ALA D 326 -17.03 -42.83 -40.89
CA ALA D 326 -16.27 -43.83 -40.16
C ALA D 326 -17.19 -44.69 -39.29
N ILE D 327 -18.21 -44.07 -38.70
CA ILE D 327 -19.16 -44.83 -37.89
C ILE D 327 -20.02 -45.74 -38.75
N LYS D 328 -20.66 -45.18 -39.78
CA LYS D 328 -21.51 -45.98 -40.66
C LYS D 328 -20.69 -47.04 -41.40
N TRP D 329 -19.46 -46.70 -41.78
CA TRP D 329 -18.62 -47.66 -42.50
C TRP D 329 -18.12 -48.75 -41.57
N ARG D 330 -17.90 -48.43 -40.29
CA ARG D 330 -17.55 -49.48 -39.32
C ARG D 330 -18.70 -50.44 -39.09
N GLU D 331 -19.94 -49.98 -39.24
CA GLU D 331 -21.10 -50.85 -39.06
C GLU D 331 -21.48 -51.59 -40.34
N GLU D 332 -21.26 -50.99 -41.51
CA GLU D 332 -21.62 -51.65 -42.76
C GLU D 332 -20.55 -52.65 -43.18
N VAL D 333 -19.34 -52.16 -43.45
CA VAL D 333 -18.30 -53.03 -43.99
C VAL D 333 -17.80 -53.99 -42.91
N LEU D 334 -17.61 -53.51 -41.69
CA LEU D 334 -17.26 -54.36 -40.57
C LEU D 334 -18.52 -54.76 -39.80
N GLY D 335 -18.36 -55.73 -38.90
CA GLY D 335 -19.52 -56.28 -38.22
C GLY D 335 -20.28 -55.28 -37.37
N GLY D 336 -19.58 -54.27 -36.86
CA GLY D 336 -20.20 -53.30 -35.97
C GLY D 336 -19.31 -52.91 -34.82
N GLU D 337 -19.79 -52.01 -33.96
CA GLU D 337 -18.94 -51.49 -32.89
C GLU D 337 -18.55 -52.57 -31.90
N GLU D 338 -19.49 -53.44 -31.53
CA GLU D 338 -19.18 -54.43 -30.51
C GLU D 338 -18.32 -55.57 -31.06
N ARG D 339 -18.51 -55.96 -32.32
CA ARG D 339 -17.65 -56.97 -32.92
C ARG D 339 -16.21 -56.46 -33.01
N ILE D 340 -16.04 -55.19 -33.38
CA ILE D 340 -14.71 -54.60 -33.46
C ILE D 340 -14.06 -54.57 -32.08
N MET D 341 -14.76 -53.99 -31.09
CA MET D 341 -14.21 -53.89 -29.75
C MET D 341 -13.90 -55.25 -29.15
N GLU D 342 -14.76 -56.24 -29.42
CA GLU D 342 -14.54 -57.58 -28.86
C GLU D 342 -13.28 -58.21 -29.42
N TYR D 343 -13.06 -58.10 -30.74
CA TYR D 343 -11.88 -58.70 -31.35
C TYR D 343 -10.60 -58.04 -30.84
N MET D 344 -10.60 -56.71 -30.72
CA MET D 344 -9.39 -56.00 -30.32
C MET D 344 -9.02 -56.28 -28.87
N THR D 345 -10.01 -56.47 -28.00
CA THR D 345 -9.71 -56.81 -26.61
C THR D 345 -9.27 -58.26 -26.49
N LYS D 346 -10.02 -59.18 -27.12
CA LYS D 346 -9.69 -60.60 -27.03
C LYS D 346 -8.29 -60.89 -27.54
N LEU D 347 -7.90 -60.25 -28.65
CA LEU D 347 -6.56 -60.46 -29.18
C LEU D 347 -5.50 -59.80 -28.30
N ALA D 348 -5.85 -58.71 -27.62
CA ALA D 348 -4.89 -58.02 -26.78
C ALA D 348 -4.36 -58.93 -25.67
N ARG D 349 -5.18 -59.89 -25.23
CA ARG D 349 -4.73 -60.90 -24.28
C ARG D 349 -3.77 -61.86 -24.89
N GLU D 350 -4.38 -62.74 -25.69
CA GLU D 350 -3.67 -63.85 -26.26
C GLU D 350 -2.44 -63.36 -27.01
N GLY D 351 -2.56 -62.21 -27.68
CA GLY D 351 -1.41 -61.59 -28.30
C GLY D 351 -0.38 -61.19 -27.27
N GLY D 352 -0.78 -60.34 -26.32
CA GLY D 352 0.14 -59.93 -25.26
C GLY D 352 0.64 -61.11 -24.44
N GLN D 353 -0.24 -62.08 -24.17
CA GLN D 353 0.18 -63.27 -23.45
C GLN D 353 1.22 -64.06 -24.25
N LYS D 354 1.06 -64.13 -25.56
CA LYS D 354 2.06 -64.81 -26.38
C LYS D 354 3.38 -64.03 -26.39
N VAL D 355 3.31 -62.70 -26.43
CA VAL D 355 4.52 -61.89 -26.30
C VAL D 355 5.18 -62.16 -24.94
N ALA D 356 4.37 -62.32 -23.89
CA ALA D 356 4.92 -62.63 -22.58
C ALA D 356 5.60 -63.99 -22.55
N GLU D 357 5.01 -64.97 -23.24
CA GLU D 357 5.62 -66.30 -23.32
C GLU D 357 6.93 -66.27 -24.10
N ILE D 358 6.97 -65.50 -25.19
CA ILE D 358 8.18 -65.42 -26.01
C ILE D 358 9.31 -64.77 -25.22
N LEU D 359 9.02 -63.68 -24.51
CA LEU D 359 10.02 -63.00 -23.71
C LEU D 359 10.27 -63.68 -22.36
N GLY D 360 9.40 -64.60 -21.95
CA GLY D 360 9.53 -65.19 -20.63
C GLY D 360 9.18 -64.25 -19.50
N THR D 361 8.53 -63.13 -19.80
CA THR D 361 8.16 -62.14 -18.79
C THR D 361 6.66 -62.27 -18.52
N ARG D 362 5.88 -61.19 -18.47
CA ARG D 362 4.47 -61.28 -18.13
C ARG D 362 3.74 -60.08 -18.71
N VAL D 363 2.42 -60.23 -18.85
CA VAL D 363 1.58 -59.09 -19.17
C VAL D 363 1.27 -58.30 -17.91
N LEU D 364 0.96 -57.03 -18.09
CA LEU D 364 0.61 -56.15 -16.97
C LEU D 364 -0.87 -56.33 -16.65
N GLU D 365 -1.17 -57.11 -15.63
CA GLU D 365 -2.53 -57.40 -15.24
C GLU D 365 -2.62 -57.51 -13.72
N ASN D 366 -3.79 -57.20 -13.18
CA ASN D 366 -4.05 -57.37 -11.75
C ASN D 366 -4.81 -58.68 -11.52
N SER D 367 -5.06 -58.97 -10.23
CA SER D 367 -5.61 -60.27 -9.86
C SER D 367 -7.03 -60.48 -10.36
N THR D 368 -7.74 -59.42 -10.75
CA THR D 368 -9.12 -59.53 -11.20
C THR D 368 -9.25 -59.45 -12.71
N GLY D 369 -8.13 -59.39 -13.44
CA GLY D 369 -8.18 -59.36 -14.89
C GLY D 369 -8.85 -58.13 -15.47
N THR D 370 -8.63 -56.96 -14.85
CA THR D 370 -9.34 -55.75 -15.23
C THR D 370 -8.46 -54.69 -15.87
N LEU D 371 -7.16 -54.93 -15.99
CA LEU D 371 -6.31 -53.96 -16.67
C LEU D 371 -6.43 -54.07 -18.18
N ILE D 372 -6.57 -55.28 -18.71
CA ILE D 372 -6.67 -55.47 -20.16
C ILE D 372 -8.13 -55.59 -20.56
N ARG D 373 -8.90 -54.52 -20.32
CA ARG D 373 -10.25 -54.39 -20.83
C ARG D 373 -10.31 -53.33 -21.93
N CYS D 374 -9.31 -53.37 -22.83
CA CYS D 374 -9.24 -52.47 -23.97
C CYS D 374 -8.46 -53.18 -25.07
N ALA D 375 -8.03 -52.42 -26.07
CA ALA D 375 -7.28 -52.98 -27.20
C ALA D 375 -5.78 -52.92 -27.00
N MET D 376 -5.31 -52.50 -25.83
CA MET D 376 -3.88 -52.35 -25.58
C MET D 376 -3.46 -53.26 -24.44
N VAL D 377 -2.20 -53.72 -24.50
CA VAL D 377 -1.64 -54.65 -23.53
C VAL D 377 -0.17 -54.30 -23.33
N ASN D 378 0.27 -54.35 -22.08
CA ASN D 378 1.64 -54.04 -21.71
C ASN D 378 2.37 -55.33 -21.34
N ILE D 379 3.63 -55.42 -21.76
CA ILE D 379 4.47 -56.58 -21.48
C ILE D 379 5.79 -56.09 -20.92
N ALA D 380 6.24 -56.70 -19.82
CA ALA D 380 7.52 -56.34 -19.24
C ALA D 380 8.66 -56.88 -20.09
N LEU D 381 9.76 -56.16 -20.07
CA LEU D 381 10.92 -56.64 -20.82
C LEU D 381 11.97 -57.24 -19.90
N PRO D 382 12.66 -58.26 -20.43
CA PRO D 382 13.66 -59.00 -19.64
C PRO D 382 14.95 -58.25 -19.34
N PHE D 383 14.88 -57.17 -18.55
CA PHE D 383 16.05 -56.45 -18.07
C PHE D 383 15.56 -55.42 -17.07
N VAL D 384 16.50 -54.83 -16.32
CA VAL D 384 16.16 -53.82 -15.32
C VAL D 384 17.19 -52.71 -15.27
N VAL D 385 16.71 -51.54 -14.87
CA VAL D 385 17.56 -50.38 -14.59
C VAL D 385 18.11 -50.51 -13.18
N GLY D 386 19.37 -50.10 -13.00
CA GLY D 386 19.94 -50.05 -11.68
C GLY D 386 19.25 -49.03 -10.80
N GLU D 387 19.42 -49.20 -9.49
CA GLU D 387 18.78 -48.31 -8.53
C GLU D 387 19.27 -46.88 -8.72
N ASP D 388 18.32 -45.93 -8.69
CA ASP D 388 18.63 -44.52 -8.75
C ASP D 388 18.58 -43.96 -7.34
N PRO D 389 19.72 -43.61 -6.73
CA PRO D 389 19.68 -43.17 -5.33
C PRO D 389 18.99 -41.84 -5.12
N LYS D 390 18.87 -41.02 -6.17
CA LYS D 390 18.11 -39.78 -6.05
C LYS D 390 16.64 -40.07 -5.81
N ALA D 391 16.11 -41.11 -6.44
CA ALA D 391 14.72 -41.53 -6.26
C ALA D 391 14.69 -43.05 -6.19
N PRO D 392 15.18 -43.63 -5.10
CA PRO D 392 15.24 -45.10 -4.99
C PRO D 392 13.88 -45.66 -4.59
N VAL D 393 13.39 -46.61 -5.38
CA VAL D 393 12.11 -47.25 -5.13
C VAL D 393 12.39 -48.69 -4.68
N LYS D 394 11.93 -49.03 -3.48
CA LYS D 394 12.06 -50.39 -3.00
C LYS D 394 11.03 -51.26 -3.71
N LEU D 395 11.41 -52.50 -4.00
CA LEU D 395 10.58 -53.40 -4.78
C LEU D 395 9.85 -54.38 -3.88
N THR D 396 8.59 -54.65 -4.21
CA THR D 396 7.85 -55.73 -3.58
C THR D 396 8.63 -57.03 -3.71
N GLU D 397 8.46 -57.92 -2.71
CA GLU D 397 9.07 -59.23 -2.80
C GLU D 397 8.75 -59.92 -4.12
N LYS D 398 7.53 -59.70 -4.63
CA LYS D 398 7.17 -60.23 -5.95
C LYS D 398 8.03 -59.58 -7.04
N GLU D 399 8.18 -58.26 -6.99
CA GLU D 399 8.96 -57.55 -8.00
C GLU D 399 10.42 -57.95 -7.95
N GLU D 400 11.03 -57.89 -6.76
CA GLU D 400 12.43 -58.26 -6.61
C GLU D 400 12.66 -59.69 -7.05
N LYS D 401 11.74 -60.60 -6.72
CA LYS D 401 11.90 -62.00 -7.06
C LYS D 401 11.74 -62.24 -8.55
N ASP D 402 10.90 -61.45 -9.21
CA ASP D 402 10.67 -61.62 -10.64
C ASP D 402 11.80 -61.04 -11.49
N VAL D 403 12.93 -60.68 -10.89
CA VAL D 403 13.97 -59.95 -11.61
C VAL D 403 15.33 -60.59 -11.37
N GLU D 404 15.42 -61.50 -10.40
CA GLU D 404 16.60 -62.33 -10.32
C GLU D 404 16.70 -63.21 -11.57
N GLY D 405 17.92 -63.47 -12.00
CA GLY D 405 18.12 -64.20 -13.24
C GLY D 405 17.98 -63.32 -14.47
N LEU D 406 17.29 -62.20 -14.32
CA LEU D 406 17.25 -61.25 -15.42
C LEU D 406 18.37 -60.23 -15.29
N TYR D 407 18.63 -59.58 -16.39
CA TYR D 407 19.85 -58.84 -16.63
C TYR D 407 19.63 -57.35 -16.33
N GLU D 408 20.70 -56.64 -15.98
CA GLU D 408 20.55 -55.32 -15.37
C GLU D 408 21.32 -54.26 -16.16
N ILE D 409 20.65 -53.14 -16.45
CA ILE D 409 21.25 -51.99 -17.10
C ILE D 409 21.47 -50.89 -16.06
N PRO D 410 22.62 -50.23 -16.05
CA PRO D 410 22.83 -49.10 -15.12
C PRO D 410 21.81 -47.98 -15.35
N HIS D 411 21.58 -47.20 -14.29
CA HIS D 411 20.57 -46.15 -14.38
C HIS D 411 21.00 -45.01 -15.30
N GLU D 412 22.28 -44.65 -15.26
CA GLU D 412 22.76 -43.57 -16.11
C GLU D 412 22.63 -43.91 -17.60
N GLU D 413 22.42 -45.18 -17.93
CA GLU D 413 22.24 -45.62 -19.30
C GLU D 413 20.79 -45.99 -19.60
N ALA D 414 19.87 -45.74 -18.67
CA ALA D 414 18.48 -46.15 -18.86
C ALA D 414 17.83 -45.39 -20.01
N ASN D 415 17.85 -44.05 -19.94
CA ASN D 415 17.23 -43.24 -20.98
C ASN D 415 17.87 -43.50 -22.34
N MET D 416 19.18 -43.71 -22.35
CA MET D 416 19.90 -43.86 -23.61
C MET D 416 19.62 -45.22 -24.24
N ALA D 417 19.54 -46.27 -23.43
CA ALA D 417 19.07 -47.56 -23.95
C ALA D 417 17.62 -47.44 -24.42
N PHE D 418 16.81 -46.66 -23.71
CA PHE D 418 15.41 -46.46 -24.09
C PHE D 418 15.31 -45.89 -25.49
N LYS D 419 16.05 -44.82 -25.77
CA LYS D 419 15.96 -44.16 -27.06
C LYS D 419 16.65 -44.96 -28.16
N TRP D 420 17.74 -45.66 -27.83
CA TRP D 420 18.37 -46.54 -28.80
C TRP D 420 17.41 -47.62 -29.25
N MET D 421 16.58 -48.13 -28.33
CA MET D 421 15.59 -49.13 -28.71
C MET D 421 14.55 -48.56 -29.66
N TYR D 422 14.14 -47.30 -29.44
CA TYR D 422 13.19 -46.66 -30.35
C TYR D 422 13.77 -46.54 -31.75
N ASN D 423 15.05 -46.20 -31.86
CA ASN D 423 15.67 -46.03 -33.17
C ASN D 423 15.81 -47.36 -33.90
N VAL D 424 16.14 -48.43 -33.17
CA VAL D 424 16.33 -49.73 -33.80
C VAL D 424 15.01 -50.29 -34.29
N LEU D 425 13.95 -50.17 -33.49
CA LEU D 425 12.65 -50.70 -33.88
C LEU D 425 12.07 -49.99 -35.09
N GLN D 426 12.58 -48.80 -35.43
CA GLN D 426 12.15 -48.09 -36.63
C GLN D 426 13.09 -48.32 -37.80
N ASP D 427 14.39 -48.12 -37.60
CA ASP D 427 15.34 -48.21 -38.72
C ASP D 427 15.55 -49.64 -39.18
N GLU D 428 15.44 -50.62 -38.27
CA GLU D 428 15.79 -52.00 -38.59
C GLU D 428 14.59 -52.95 -38.62
N PHE D 429 13.60 -52.75 -37.75
CA PHE D 429 12.42 -53.60 -37.75
C PHE D 429 11.21 -52.94 -38.40
N ASN D 430 11.28 -51.64 -38.68
CA ASN D 430 10.21 -50.90 -39.35
C ASN D 430 8.90 -51.02 -38.59
N THR D 431 8.94 -50.61 -37.32
CA THR D 431 7.76 -50.58 -36.47
C THR D 431 7.98 -49.51 -35.39
N PHE D 432 7.12 -49.52 -34.38
CA PHE D 432 7.27 -48.62 -33.25
C PHE D 432 6.53 -49.20 -32.07
N VAL D 433 7.19 -49.25 -30.91
CA VAL D 433 6.59 -49.80 -29.69
C VAL D 433 6.87 -48.85 -28.53
N PRO D 434 5.86 -48.17 -27.99
CA PRO D 434 6.11 -47.29 -26.84
C PRO D 434 6.33 -48.11 -25.58
N MET D 435 7.20 -47.61 -24.71
CA MET D 435 7.57 -48.32 -23.50
C MET D 435 7.37 -47.42 -22.29
N THR D 436 6.73 -47.96 -21.26
CA THR D 436 6.54 -47.25 -20.00
C THR D 436 7.65 -47.63 -19.03
N PHE D 437 8.32 -46.62 -18.47
CA PHE D 437 9.33 -46.84 -17.45
C PHE D 437 8.65 -46.74 -16.09
N HIS D 438 8.42 -47.89 -15.46
CA HIS D 438 7.69 -47.95 -14.20
C HIS D 438 8.44 -48.86 -13.24
N ARG D 439 8.97 -48.27 -12.16
CA ARG D 439 9.62 -49.02 -11.09
C ARG D 439 10.76 -49.90 -11.63
N ARG D 440 11.75 -49.22 -12.22
CA ARG D 440 13.00 -49.84 -12.67
C ARG D 440 12.76 -50.90 -13.76
N ARG D 441 11.70 -50.74 -14.53
CA ARG D 441 11.33 -51.72 -15.55
C ARG D 441 10.74 -51.00 -16.77
N PHE D 442 10.93 -51.61 -17.93
CA PHE D 442 10.37 -51.12 -19.19
C PHE D 442 9.16 -51.97 -19.54
N TRP D 443 8.01 -51.32 -19.75
CA TRP D 443 6.76 -51.99 -20.10
C TRP D 443 6.35 -51.55 -21.50
N ALA D 444 6.60 -52.41 -22.48
CA ALA D 444 6.24 -52.10 -23.86
C ALA D 444 4.73 -52.21 -24.05
N ARG D 445 4.15 -51.22 -24.73
CA ARG D 445 2.71 -51.14 -24.93
C ARG D 445 2.38 -51.46 -26.38
N LEU D 446 1.66 -52.56 -26.59
CA LEU D 446 1.22 -52.97 -27.92
C LEU D 446 -0.26 -52.68 -28.09
N SER D 447 -0.63 -52.18 -29.27
CA SER D 447 -2.00 -51.86 -29.60
C SER D 447 -2.53 -52.89 -30.59
N ALA D 448 -3.59 -53.59 -30.20
CA ALA D 448 -4.27 -54.51 -31.10
C ALA D 448 -5.17 -53.73 -32.05
N GLN D 449 -5.54 -54.39 -33.15
CA GLN D 449 -6.45 -53.78 -34.11
C GLN D 449 -7.17 -54.89 -34.88
N VAL D 450 -8.21 -54.49 -35.61
CA VAL D 450 -8.97 -55.42 -36.43
C VAL D 450 -8.21 -55.82 -37.70
N TYR D 451 -7.13 -55.11 -38.04
CA TYR D 451 -6.28 -55.49 -39.15
C TYR D 451 -5.02 -56.23 -38.71
N LEU D 452 -4.91 -56.54 -37.43
CA LEU D 452 -3.84 -57.38 -36.91
C LEU D 452 -4.40 -58.75 -36.54
N GLU D 453 -3.49 -59.73 -36.43
CA GLU D 453 -3.85 -61.06 -35.95
C GLU D 453 -2.70 -61.58 -35.10
N MET D 454 -2.76 -62.87 -34.76
CA MET D 454 -1.81 -63.43 -33.81
C MET D 454 -0.38 -63.37 -34.32
N SER D 455 -0.20 -63.53 -35.63
CA SER D 455 1.15 -63.49 -36.20
C SER D 455 1.83 -62.15 -35.97
N ASP D 456 1.04 -61.09 -35.78
CA ASP D 456 1.64 -59.78 -35.52
C ASP D 456 2.21 -59.71 -34.12
N PHE D 457 1.65 -60.44 -33.16
CA PHE D 457 2.16 -60.41 -31.80
C PHE D 457 3.27 -61.44 -31.56
N GLU D 458 3.35 -62.49 -32.37
CA GLU D 458 4.53 -63.33 -32.36
C GLU D 458 5.71 -62.59 -32.97
N TRP D 459 5.50 -61.92 -34.10
CA TRP D 459 6.53 -61.06 -34.67
C TRP D 459 6.94 -59.99 -33.67
N ALA D 460 5.95 -59.37 -33.01
CA ALA D 460 6.27 -58.38 -31.98
C ALA D 460 7.08 -59.00 -30.85
N GLY D 461 6.69 -60.20 -30.41
CA GLY D 461 7.43 -60.86 -29.34
C GLY D 461 8.85 -61.20 -29.73
N LYS D 462 9.02 -61.87 -30.88
CA LYS D 462 10.36 -62.27 -31.32
C LYS D 462 11.22 -61.07 -31.65
N THR D 463 10.62 -59.98 -32.14
CA THR D 463 11.36 -58.75 -32.38
C THR D 463 11.91 -58.18 -31.09
N LEU D 464 11.04 -58.01 -30.08
CA LEU D 464 11.50 -57.55 -28.78
C LEU D 464 12.47 -58.55 -28.16
N LYS D 465 12.31 -59.84 -28.48
CA LYS D 465 13.24 -60.85 -27.97
C LYS D 465 14.65 -60.62 -28.50
N GLU D 466 14.78 -60.38 -29.80
CA GLU D 466 16.09 -60.07 -30.36
C GLU D 466 16.61 -58.75 -29.84
N LEU D 467 15.75 -57.72 -29.83
CA LEU D 467 16.17 -56.38 -29.46
C LEU D 467 16.64 -56.32 -28.00
N CYS D 468 16.04 -57.13 -27.12
CA CYS D 468 16.49 -57.16 -25.74
C CYS D 468 17.76 -58.00 -25.56
N GLU D 469 17.95 -59.01 -26.40
CA GLU D 469 19.22 -59.75 -26.39
C GLU D 469 20.38 -58.85 -26.80
N ARG D 470 20.11 -57.85 -27.64
CA ARG D 470 21.14 -56.88 -28.01
C ARG D 470 21.31 -55.80 -26.94
N VAL D 471 20.27 -55.53 -26.17
CA VAL D 471 20.45 -54.74 -24.95
C VAL D 471 21.23 -55.54 -23.92
N ALA D 472 21.08 -56.87 -23.93
CA ALA D 472 21.87 -57.71 -23.04
C ALA D 472 23.35 -57.68 -23.39
N LYS D 473 23.67 -57.55 -24.68
CA LYS D 473 25.06 -57.54 -25.13
C LYS D 473 25.64 -56.14 -25.23
N GLY D 474 24.91 -55.12 -24.77
CA GLY D 474 25.45 -53.79 -24.71
C GLY D 474 25.54 -53.04 -26.03
N GLU D 475 24.76 -53.43 -27.03
CA GLU D 475 24.82 -52.76 -28.32
C GLU D 475 24.30 -51.33 -28.27
N TYR D 476 23.41 -51.03 -27.31
CA TYR D 476 22.90 -49.67 -27.14
C TYR D 476 24.03 -48.69 -26.85
N LYS D 477 25.09 -49.15 -26.19
CA LYS D 477 26.28 -48.32 -25.94
C LYS D 477 27.41 -48.68 -26.89
N GLY E 29 3.06 -12.92 11.55
CA GLY E 29 3.16 -12.59 12.96
C GLY E 29 4.19 -11.52 13.26
N PRO E 30 4.42 -11.25 14.55
CA PRO E 30 5.41 -10.24 14.91
C PRO E 30 6.83 -10.74 14.71
N LEU E 31 7.74 -9.80 14.45
CA LEU E 31 9.11 -10.17 14.13
C LEU E 31 9.87 -10.57 15.39
N PRO E 32 10.85 -11.46 15.26
CA PRO E 32 11.68 -11.83 16.42
C PRO E 32 12.56 -10.68 16.87
N PHE E 33 13.08 -10.82 18.08
CA PHE E 33 14.00 -9.85 18.65
C PHE E 33 15.45 -10.29 18.46
N GLY E 34 16.36 -9.36 18.69
CA GLY E 34 17.77 -9.59 18.50
C GLY E 34 18.34 -8.70 17.42
N ASN E 35 19.55 -9.02 16.99
CA ASN E 35 20.24 -8.23 15.97
C ASN E 35 19.50 -8.22 14.64
N SER E 36 18.63 -9.19 14.38
CA SER E 36 17.85 -9.18 13.15
C SER E 36 16.91 -7.98 13.10
N LEU E 37 16.55 -7.40 14.26
CA LEU E 37 15.68 -6.24 14.30
C LEU E 37 16.41 -4.94 13.96
N LEU E 38 17.74 -4.96 13.88
CA LEU E 38 18.48 -3.80 13.42
C LEU E 38 18.09 -3.38 12.01
N LYS E 39 17.55 -4.31 11.21
CA LYS E 39 17.11 -3.96 9.87
C LYS E 39 15.95 -2.97 9.91
N GLU E 40 15.19 -2.95 11.00
CA GLU E 40 14.10 -2.00 11.16
C GLU E 40 14.56 -0.65 11.69
N PHE E 41 15.82 -0.53 12.10
CA PHE E 41 16.34 0.70 12.67
C PHE E 41 17.43 1.28 11.79
N VAL E 42 17.67 2.58 11.96
CA VAL E 42 18.62 3.31 11.11
C VAL E 42 19.88 3.62 11.90
N LEU E 43 20.30 2.69 12.77
CA LEU E 43 21.56 2.83 13.46
C LEU E 43 22.72 2.47 12.52
N ASP E 44 23.81 3.22 12.64
CA ASP E 44 25.01 2.95 11.86
C ASP E 44 25.45 1.50 12.06
N PRO E 45 25.70 0.75 10.99
CA PRO E 45 26.11 -0.66 11.16
C PRO E 45 27.44 -0.83 11.87
N ALA E 46 28.28 0.21 11.92
CA ALA E 46 29.55 0.13 12.63
C ALA E 46 29.43 0.54 14.09
N TYR E 47 28.34 1.19 14.48
CA TYR E 47 28.15 1.68 15.84
C TYR E 47 27.30 0.70 16.64
N ARG E 48 27.75 0.38 17.85
CA ARG E 48 27.03 -0.51 18.75
C ARG E 48 26.33 0.34 19.79
N ASN E 49 25.00 0.44 19.68
CA ASN E 49 24.21 1.29 20.57
C ASN E 49 23.89 0.49 21.84
N LEU E 50 24.80 0.56 22.80
CA LEU E 50 24.57 -0.04 24.11
C LEU E 50 23.90 0.93 25.08
N ASN E 51 23.68 2.18 24.68
CA ASN E 51 23.16 3.20 25.57
C ASN E 51 21.86 3.80 25.04
N HIS E 52 20.86 2.95 24.80
CA HIS E 52 19.58 3.45 24.33
C HIS E 52 18.89 4.34 25.36
N GLY E 53 19.20 4.17 26.64
CA GLY E 53 18.52 4.91 27.69
C GLY E 53 18.74 6.41 27.65
N SER E 54 19.83 6.86 27.04
CA SER E 54 20.13 8.30 27.01
C SER E 54 19.20 9.04 26.07
N PHE E 55 19.35 8.84 24.76
CA PHE E 55 18.61 9.58 23.76
C PHE E 55 17.61 8.75 22.97
N GLY E 56 17.58 7.44 23.18
CA GLY E 56 16.71 6.58 22.40
C GLY E 56 17.07 6.57 20.92
N THR E 57 16.28 5.85 20.14
CA THR E 57 16.41 5.87 18.69
C THR E 57 15.08 5.39 18.10
N ILE E 58 14.90 5.64 16.81
CA ILE E 58 13.60 5.37 16.19
C ILE E 58 13.79 4.43 15.00
N PRO E 59 12.83 3.55 14.74
CA PRO E 59 12.91 2.73 13.53
C PRO E 59 12.65 3.57 12.29
N SER E 60 13.04 3.02 11.14
CA SER E 60 12.85 3.74 9.88
C SER E 60 11.37 4.04 9.63
N ALA E 61 10.48 3.13 10.04
CA ALA E 61 9.06 3.35 9.83
C ALA E 61 8.58 4.61 10.54
N ILE E 62 9.08 4.87 11.76
CA ILE E 62 8.70 6.08 12.48
C ILE E 62 9.39 7.30 11.88
N GLN E 63 10.59 7.11 11.32
CA GLN E 63 11.27 8.22 10.67
C GLN E 63 10.53 8.67 9.42
N GLN E 64 9.98 7.72 8.66
CA GLN E 64 9.16 8.08 7.51
C GLN E 64 7.82 8.66 7.92
N LYS E 65 7.36 8.39 9.14
CA LYS E 65 6.21 9.12 9.68
C LYS E 65 6.59 10.54 10.07
N LEU E 66 7.77 10.70 10.69
CA LEU E 66 8.24 12.01 11.10
C LEU E 66 8.31 12.97 9.92
N ARG E 67 8.87 12.52 8.80
CA ARG E 67 9.06 13.38 7.64
C ARG E 67 7.77 13.62 6.87
N SER E 68 6.77 12.75 7.02
CA SER E 68 5.47 13.01 6.42
C SER E 68 4.80 14.22 7.06
N TYR E 69 4.79 14.27 8.40
CA TYR E 69 4.25 15.45 9.08
C TYR E 69 5.01 16.71 8.73
N GLN E 70 6.31 16.58 8.41
CA GLN E 70 7.10 17.75 8.06
C GLN E 70 6.75 18.26 6.66
N THR E 71 6.45 17.36 5.73
CA THR E 71 6.01 17.80 4.42
C THR E 71 4.61 18.39 4.48
N ALA E 72 3.74 17.80 5.29
CA ALA E 72 2.40 18.35 5.46
C ALA E 72 2.44 19.72 6.11
N ALA E 73 3.43 19.98 6.96
CA ALA E 73 3.57 21.30 7.57
C ALA E 73 4.06 22.32 6.56
N GLU E 74 4.97 21.93 5.67
CA GLU E 74 5.54 22.87 4.71
C GLU E 74 4.69 23.02 3.45
N ALA E 75 3.80 22.07 3.17
CA ALA E 75 2.93 22.19 2.00
C ALA E 75 1.96 23.35 2.16
N ARG E 76 1.17 23.32 3.23
CA ARG E 76 0.25 24.41 3.57
C ARG E 76 0.49 24.76 5.04
N PRO E 77 1.38 25.71 5.31
CA PRO E 77 1.73 26.02 6.71
C PRO E 77 0.57 26.42 7.60
N CYS E 78 -0.09 27.54 7.30
CA CYS E 78 -1.18 27.99 8.17
C CYS E 78 -2.33 27.01 8.24
N PRO E 79 -2.83 26.42 7.13
CA PRO E 79 -3.90 25.42 7.29
C PRO E 79 -3.50 24.21 8.12
N PHE E 80 -2.30 23.67 7.94
CA PHE E 80 -1.91 22.49 8.68
C PHE E 80 -1.64 22.82 10.15
N LEU E 81 -0.79 23.81 10.40
CA LEU E 81 -0.30 24.06 11.75
C LEU E 81 -1.34 24.59 12.70
N ARG E 82 -2.50 25.05 12.20
CA ARG E 82 -3.55 25.55 13.07
C ARG E 82 -4.70 24.57 13.28
N TYR E 83 -5.01 23.72 12.30
CA TYR E 83 -6.09 22.75 12.43
C TYR E 83 -5.64 21.32 12.58
N GLN E 84 -4.54 20.94 11.93
CA GLN E 84 -4.12 19.55 12.04
C GLN E 84 -3.31 19.32 13.30
N THR E 85 -2.67 20.36 13.82
CA THR E 85 -1.95 20.20 15.09
C THR E 85 -2.86 19.74 16.22
N PRO E 86 -3.99 20.40 16.52
CA PRO E 86 -4.85 19.88 17.60
C PRO E 86 -5.42 18.51 17.31
N VAL E 87 -5.75 18.23 16.05
CA VAL E 87 -6.35 16.93 15.70
C VAL E 87 -5.35 15.81 15.92
N LEU E 88 -4.12 15.99 15.42
CA LEU E 88 -3.12 14.94 15.52
C LEU E 88 -2.52 14.86 16.92
N LEU E 89 -2.52 15.96 17.67
CA LEU E 89 -2.11 15.90 19.08
C LEU E 89 -3.07 15.03 19.87
N ASP E 90 -4.37 15.22 19.67
CA ASP E 90 -5.36 14.44 20.40
C ASP E 90 -5.36 12.98 19.96
N GLU E 91 -5.00 12.70 18.70
CA GLU E 91 -4.84 11.32 18.27
C GLU E 91 -3.69 10.65 19.01
N SER E 92 -2.59 11.37 19.21
CA SER E 92 -1.49 10.84 20.01
C SER E 92 -1.84 10.83 21.49
N ARG E 93 -2.59 11.84 21.95
CA ARG E 93 -3.02 11.87 23.35
C ARG E 93 -3.95 10.69 23.66
N ALA E 94 -4.84 10.35 22.73
CA ALA E 94 -5.74 9.23 22.94
C ALA E 94 -4.99 7.91 22.90
N ALA E 95 -4.01 7.79 22.02
CA ALA E 95 -3.26 6.54 21.90
C ALA E 95 -2.40 6.28 23.14
N VAL E 96 -1.70 7.31 23.61
CA VAL E 96 -0.80 7.12 24.75
C VAL E 96 -1.59 6.95 26.04
N ALA E 97 -2.78 7.56 26.12
CA ALA E 97 -3.62 7.38 27.31
C ALA E 97 -4.17 5.96 27.38
N ASN E 98 -4.47 5.35 26.22
CA ASN E 98 -4.89 3.95 26.23
C ASN E 98 -3.75 3.04 26.65
N LEU E 99 -2.52 3.36 26.22
CA LEU E 99 -1.38 2.54 26.59
C LEU E 99 -1.17 2.53 28.10
N LEU E 100 -1.25 3.70 28.73
CA LEU E 100 -1.06 3.84 30.16
C LEU E 100 -2.37 3.84 30.93
N LYS E 101 -3.44 3.33 30.32
CA LYS E 101 -4.76 3.12 30.92
C LYS E 101 -5.37 4.36 31.57
N VAL E 102 -4.75 5.52 31.44
CA VAL E 102 -5.26 6.74 32.07
C VAL E 102 -6.32 7.39 31.18
N PRO E 103 -7.21 8.21 31.73
CA PRO E 103 -8.12 9.00 30.88
C PRO E 103 -7.34 10.00 30.04
N VAL E 104 -7.88 10.32 28.86
CA VAL E 104 -7.17 11.17 27.91
C VAL E 104 -7.09 12.60 28.40
N GLU E 105 -8.04 13.03 29.23
CA GLU E 105 -8.03 14.40 29.75
C GLU E 105 -6.91 14.65 30.75
N THR E 106 -6.17 13.61 31.14
CA THR E 106 -5.11 13.74 32.13
C THR E 106 -3.71 13.81 31.52
N VAL E 107 -3.58 13.68 30.19
CA VAL E 107 -2.28 13.62 29.55
C VAL E 107 -2.17 14.73 28.51
N VAL E 108 -1.00 15.37 28.48
CA VAL E 108 -0.59 16.31 27.44
C VAL E 108 0.86 16.01 27.09
N PHE E 109 1.39 16.72 26.09
CA PHE E 109 2.77 16.53 25.65
C PHE E 109 3.58 17.80 25.88
N VAL E 110 4.84 17.62 26.29
CA VAL E 110 5.80 18.70 26.44
C VAL E 110 7.11 18.27 25.79
N ALA E 111 8.03 19.22 25.67
CA ALA E 111 9.24 19.03 24.88
C ALA E 111 10.06 17.84 25.37
N ASN E 112 10.24 17.71 26.68
CA ASN E 112 11.09 16.66 27.23
C ASN E 112 10.83 16.57 28.73
N ALA E 113 11.50 15.61 29.37
CA ALA E 113 11.34 15.44 30.81
C ALA E 113 11.83 16.65 31.57
N THR E 114 12.95 17.23 31.13
CA THR E 114 13.47 18.43 31.78
C THR E 114 12.47 19.58 31.70
N MET E 115 11.73 19.67 30.58
CA MET E 115 10.76 20.74 30.42
C MET E 115 9.60 20.60 31.40
N GLY E 116 9.06 19.38 31.52
CA GLY E 116 7.90 19.19 32.37
C GLY E 116 8.20 19.16 33.85
N VAL E 117 9.39 18.68 34.23
CA VAL E 117 9.81 18.81 35.63
C VAL E 117 9.92 20.28 35.99
N ASN E 118 10.37 21.11 35.04
CA ASN E 118 10.33 22.55 35.25
C ASN E 118 8.90 23.07 35.28
N THR E 119 7.99 22.47 34.50
CA THR E 119 6.61 22.93 34.49
C THR E 119 5.97 22.82 35.86
N VAL E 120 6.23 21.71 36.56
CA VAL E 120 5.64 21.52 37.89
C VAL E 120 6.28 22.47 38.89
N LEU E 121 7.60 22.34 39.09
CA LEU E 121 8.29 23.08 40.14
C LEU E 121 8.13 24.59 40.00
N ARG E 122 7.99 25.10 38.78
CA ARG E 122 7.88 26.54 38.58
C ARG E 122 6.45 27.04 38.75
N ASN E 123 5.45 26.18 38.64
CA ASN E 123 4.05 26.57 38.82
C ASN E 123 3.59 26.46 40.25
N ILE E 124 4.24 25.63 41.07
CA ILE E 124 3.78 25.42 42.44
C ILE E 124 3.87 26.73 43.21
N VAL E 125 2.78 27.08 43.89
CA VAL E 125 2.75 28.25 44.75
C VAL E 125 3.05 27.81 46.17
N TRP E 126 4.12 28.33 46.74
CA TRP E 126 4.62 27.88 48.03
C TRP E 126 3.97 28.66 49.16
N SER E 127 4.04 28.09 50.37
CA SER E 127 3.31 28.63 51.52
C SER E 127 3.86 29.98 51.94
N ALA E 128 2.96 30.86 52.39
CA ALA E 128 3.35 32.21 52.77
C ALA E 128 4.27 32.21 53.99
N ASP E 129 4.13 31.26 54.90
CA ASP E 129 4.97 31.22 56.10
C ASP E 129 6.42 30.87 55.78
N GLY E 130 6.72 30.42 54.57
CA GLY E 130 8.09 30.15 54.17
C GLY E 130 8.67 28.86 54.68
N LYS E 131 7.82 27.93 55.14
CA LYS E 131 8.28 26.66 55.69
C LYS E 131 8.25 25.52 54.68
N ASP E 132 7.86 25.78 53.44
CA ASP E 132 7.75 24.71 52.45
C ASP E 132 9.14 24.18 52.09
N GLU E 133 9.23 22.86 51.93
CA GLU E 133 10.48 22.19 51.65
C GLU E 133 10.28 21.19 50.51
N ILE E 134 11.28 21.09 49.64
CA ILE E 134 11.27 20.17 48.50
C ILE E 134 12.22 19.03 48.82
N LEU E 135 11.69 17.81 48.87
CA LEU E 135 12.48 16.62 49.19
C LEU E 135 12.88 15.89 47.93
N TYR E 136 14.14 15.45 47.87
CA TYR E 136 14.64 14.72 46.73
C TYR E 136 15.82 13.86 47.16
N PHE E 137 16.08 12.82 46.38
CA PHE E 137 17.19 11.91 46.63
C PHE E 137 18.42 12.35 45.86
N ASP E 138 19.60 11.99 46.36
CA ASP E 138 20.83 12.47 45.74
C ASP E 138 21.13 11.79 44.41
N THR E 139 20.36 10.75 44.05
CA THR E 139 20.43 10.17 42.72
C THR E 139 19.56 10.92 41.71
N ILE E 140 19.03 12.08 42.10
CA ILE E 140 18.21 12.87 41.20
C ILE E 140 19.02 13.23 39.95
N PHE E 141 18.32 13.31 38.81
CA PHE E 141 18.95 13.76 37.58
C PHE E 141 19.49 15.17 37.76
N GLY E 142 20.75 15.37 37.38
CA GLY E 142 21.43 16.64 37.67
C GLY E 142 20.67 17.86 37.18
N ALA E 143 19.98 17.74 36.03
CA ALA E 143 19.20 18.87 35.52
C ALA E 143 17.97 19.11 36.39
N CYS E 144 17.33 18.04 36.87
CA CYS E 144 16.21 18.19 37.79
C CYS E 144 16.67 18.72 39.15
N GLY E 145 17.88 18.36 39.56
CA GLY E 145 18.39 18.91 40.81
C GLY E 145 18.70 20.39 40.71
N LYS E 146 19.30 20.82 39.60
CA LYS E 146 19.59 22.23 39.41
C LYS E 146 18.32 23.05 39.23
N THR E 147 17.25 22.43 38.73
CA THR E 147 15.97 23.13 38.66
C THR E 147 15.47 23.47 40.05
N ILE E 148 15.56 22.51 40.98
CA ILE E 148 15.23 22.78 42.38
C ILE E 148 16.09 23.91 42.92
N ASP E 149 17.38 23.91 42.59
CA ASP E 149 18.27 24.98 43.03
C ASP E 149 17.81 26.33 42.51
N TYR E 150 17.47 26.41 41.22
CA TYR E 150 17.08 27.70 40.65
C TYR E 150 15.75 28.18 41.22
N VAL E 151 14.76 27.29 41.31
CA VAL E 151 13.44 27.68 41.81
C VAL E 151 13.55 28.22 43.24
N ILE E 152 14.46 27.67 44.04
CA ILE E 152 14.70 28.22 45.37
C ILE E 152 15.28 29.62 45.27
N GLU E 153 16.25 29.81 44.37
CA GLU E 153 16.83 31.14 44.20
C GLU E 153 15.83 32.10 43.58
N ASP E 154 15.06 31.64 42.59
CA ASP E 154 14.11 32.51 41.91
C ASP E 154 13.02 32.99 42.86
N LYS E 155 12.59 32.12 43.78
CA LYS E 155 11.56 32.49 44.73
C LYS E 155 12.12 33.12 46.01
N ARG E 156 13.44 33.11 46.18
CA ARG E 156 14.12 33.83 47.26
C ARG E 156 13.70 33.36 48.65
N GLY E 157 14.25 32.24 49.11
CA GLY E 157 14.15 31.85 50.50
C GLY E 157 12.79 31.42 50.99
N ILE E 158 11.73 31.55 50.18
CA ILE E 158 10.41 31.11 50.62
C ILE E 158 10.32 29.59 50.61
N VAL E 159 11.08 28.93 49.74
CA VAL E 159 11.10 27.48 49.65
C VAL E 159 12.56 27.02 49.75
N SER E 160 12.75 25.80 50.26
CA SER E 160 14.07 25.24 50.46
C SER E 160 14.05 23.78 50.03
N SER E 161 15.22 23.15 50.00
CA SER E 161 15.37 21.78 49.54
C SER E 161 15.87 20.87 50.67
N ARG E 162 15.57 19.59 50.53
CA ARG E 162 15.93 18.55 51.50
C ARG E 162 16.49 17.37 50.73
N CYS E 163 17.82 17.22 50.73
CA CYS E 163 18.48 16.17 49.98
C CYS E 163 18.63 14.91 50.82
N ILE E 164 18.18 13.78 50.29
CA ILE E 164 18.20 12.48 50.96
C ILE E 164 19.31 11.65 50.32
N PRO E 165 20.44 11.45 51.00
CA PRO E 165 21.52 10.64 50.42
C PRO E 165 21.16 9.17 50.34
N LEU E 166 21.66 8.51 49.29
CA LEU E 166 21.43 7.10 49.07
C LEU E 166 22.75 6.39 48.83
N ILE E 167 22.81 5.13 49.26
CA ILE E 167 23.97 4.26 49.03
C ILE E 167 23.49 3.06 48.23
N TYR E 168 24.05 2.89 47.03
CA TYR E 168 23.71 1.75 46.20
C TYR E 168 24.82 0.71 46.27
N PRO E 169 24.46 -0.60 46.24
CA PRO E 169 23.11 -1.14 46.09
C PRO E 169 22.21 -0.89 47.30
N ALA E 170 21.03 -0.31 47.03
CA ALA E 170 20.13 0.16 48.07
C ALA E 170 18.94 -0.80 48.20
N GLU E 171 18.77 -1.34 49.41
CA GLU E 171 17.55 -2.06 49.72
C GLU E 171 16.36 -1.09 49.71
N ASP E 172 15.20 -1.60 49.33
CA ASP E 172 14.06 -0.71 49.12
C ASP E 172 13.56 -0.09 50.42
N ASP E 173 13.51 -0.87 51.51
CA ASP E 173 13.05 -0.30 52.77
C ASP E 173 14.07 0.67 53.35
N ASP E 174 15.36 0.44 53.10
CA ASP E 174 16.35 1.44 53.49
C ASP E 174 16.12 2.74 52.74
N VAL E 175 15.68 2.66 51.48
CA VAL E 175 15.31 3.86 50.74
C VAL E 175 14.05 4.48 51.34
N VAL E 176 13.04 3.65 51.64
CA VAL E 176 11.79 4.15 52.21
C VAL E 176 12.04 4.74 53.60
N ALA E 177 12.83 4.05 54.41
CA ALA E 177 13.12 4.56 55.75
C ALA E 177 13.91 5.86 55.71
N ALA E 178 14.80 6.00 54.71
CA ALA E 178 15.50 7.28 54.54
C ALA E 178 14.54 8.40 54.18
N PHE E 179 13.44 8.07 53.50
CA PHE E 179 12.44 9.08 53.18
C PHE E 179 11.60 9.42 54.41
N ARG E 180 11.18 8.41 55.18
CA ARG E 180 10.47 8.66 56.42
C ARG E 180 11.31 9.51 57.37
N ASP E 181 12.60 9.20 57.50
CA ASP E 181 13.46 9.98 58.36
C ASP E 181 13.57 11.42 57.87
N ALA E 182 13.56 11.63 56.55
CA ALA E 182 13.64 12.97 56.01
C ALA E 182 12.37 13.78 56.33
N ILE E 183 11.20 13.16 56.19
CA ILE E 183 9.95 13.84 56.54
C ILE E 183 9.94 14.16 58.02
N LYS E 184 10.28 13.18 58.86
CA LYS E 184 10.27 13.37 60.31
C LYS E 184 11.24 14.46 60.73
N LYS E 185 12.47 14.40 60.23
CA LYS E 185 13.45 15.43 60.57
C LYS E 185 12.95 16.82 60.16
N SER E 186 12.38 16.92 58.96
CA SER E 186 12.08 18.22 58.35
C SER E 186 11.28 19.13 59.29
N ARG E 187 10.28 18.59 59.97
CA ARG E 187 9.48 19.43 60.86
C ARG E 187 10.16 19.69 62.20
N GLU E 188 11.07 18.82 62.62
CA GLU E 188 11.81 19.11 63.85
C GLU E 188 12.60 20.40 63.70
N GLU E 189 13.01 20.74 62.48
CA GLU E 189 13.59 22.06 62.21
C GLU E 189 12.55 23.15 62.05
N GLY E 190 11.26 22.82 62.14
CA GLY E 190 10.21 23.79 61.90
C GLY E 190 9.86 23.99 60.45
N LYS E 191 10.35 23.13 59.57
CA LYS E 191 10.03 23.19 58.15
C LYS E 191 8.85 22.30 57.81
N ARG E 192 8.30 22.51 56.63
CA ARG E 192 7.15 21.73 56.16
C ARG E 192 7.53 20.99 54.89
N PRO E 193 7.62 19.66 54.91
CA PRO E 193 7.69 18.92 53.64
C PRO E 193 6.48 19.27 52.79
N ARG E 194 6.73 19.65 51.56
CA ARG E 194 5.67 20.10 50.68
C ARG E 194 5.57 19.29 49.39
N LEU E 195 6.70 18.98 48.77
CA LEU E 195 6.73 18.29 47.49
C LEU E 195 7.98 17.42 47.44
N ALA E 196 7.84 16.24 46.83
CA ALA E 196 8.95 15.32 46.68
C ALA E 196 9.09 14.95 45.21
N VAL E 197 10.33 14.89 44.73
CA VAL E 197 10.66 14.48 43.37
C VAL E 197 11.08 13.02 43.41
N ILE E 198 10.30 12.17 42.76
CA ILE E 198 10.46 10.72 42.86
C ILE E 198 10.72 10.15 41.46
N ASP E 199 11.71 9.27 41.35
CA ASP E 199 12.01 8.61 40.10
C ASP E 199 11.24 7.31 39.96
N VAL E 200 10.85 6.99 38.73
CA VAL E 200 10.41 5.65 38.42
C VAL E 200 11.62 4.74 38.20
N VAL E 201 12.52 5.14 37.31
CA VAL E 201 13.82 4.52 37.14
C VAL E 201 14.87 5.62 37.19
N SER E 202 15.87 5.44 38.04
CA SER E 202 16.91 6.46 38.17
C SER E 202 17.82 6.49 36.94
N SER E 203 18.47 7.64 36.75
CA SER E 203 19.33 7.82 35.58
C SER E 203 20.71 7.20 35.83
N MET E 204 21.45 7.74 36.78
CA MET E 204 22.78 7.24 37.11
C MET E 204 22.91 6.99 38.61
N PRO E 205 22.94 5.72 39.02
CA PRO E 205 22.88 4.54 38.14
C PRO E 205 21.47 4.23 37.66
N GLY E 206 21.36 3.43 36.59
CA GLY E 206 20.07 3.08 36.05
C GLY E 206 19.43 1.95 36.81
N VAL E 207 18.60 2.29 37.81
CA VAL E 207 17.99 1.30 38.68
C VAL E 207 16.49 1.58 38.79
N ARG E 208 15.73 0.51 39.03
CA ARG E 208 14.31 0.65 39.32
C ARG E 208 14.14 1.20 40.73
N PHE E 209 13.49 2.33 40.84
CA PHE E 209 13.27 2.98 42.13
C PHE E 209 11.95 2.50 42.74
N PRO E 210 11.87 2.36 44.09
CA PRO E 210 10.60 1.96 44.73
C PRO E 210 9.62 3.12 44.81
N PHE E 211 9.12 3.55 43.65
CA PHE E 211 8.26 4.72 43.61
C PHE E 211 6.85 4.46 44.12
N GLU E 212 6.39 3.20 44.09
CA GLU E 212 5.05 2.91 44.61
C GLU E 212 4.96 3.21 46.10
N ASP E 213 6.01 2.87 46.86
CA ASP E 213 5.98 3.11 48.29
C ASP E 213 6.10 4.60 48.61
N ILE E 214 7.00 5.29 47.93
CA ILE E 214 7.22 6.71 48.23
C ILE E 214 5.99 7.53 47.87
N VAL E 215 5.28 7.15 46.79
CA VAL E 215 4.08 7.88 46.42
C VAL E 215 2.96 7.62 47.43
N LYS E 216 2.86 6.38 47.93
CA LYS E 216 1.85 6.08 48.94
C LYS E 216 2.14 6.81 50.25
N ILE E 217 3.42 6.92 50.62
CA ILE E 217 3.76 7.68 51.82
C ILE E 217 3.49 9.16 51.60
N CYS E 218 3.63 9.65 50.38
CA CYS E 218 3.33 11.05 50.10
C CYS E 218 1.85 11.35 50.30
N LYS E 219 0.98 10.40 49.93
CA LYS E 219 -0.46 10.57 50.17
C LYS E 219 -0.77 10.60 51.66
N GLU E 220 -0.10 9.74 52.44
CA GLU E 220 -0.34 9.71 53.88
C GLU E 220 0.07 11.02 54.54
N GLU E 221 1.25 11.52 54.19
CA GLU E 221 1.79 12.75 54.77
C GLU E 221 1.37 13.99 54.01
N GLU E 222 0.46 13.86 53.04
CA GLU E 222 -0.03 14.98 52.23
C GLU E 222 1.14 15.75 51.60
N ILE E 223 1.84 15.03 50.72
CA ILE E 223 2.99 15.56 49.99
C ILE E 223 2.70 15.45 48.49
N ILE E 224 2.98 16.53 47.76
CA ILE E 224 2.88 16.50 46.31
C ILE E 224 3.89 15.49 45.77
N SER E 225 3.39 14.44 45.11
CA SER E 225 4.25 13.41 44.52
C SER E 225 4.52 13.79 43.08
N CYS E 226 5.62 14.51 42.86
CA CYS E 226 6.08 14.88 41.52
C CYS E 226 7.01 13.78 41.04
N VAL E 227 6.48 12.86 40.24
CA VAL E 227 7.22 11.66 39.84
C VAL E 227 7.92 11.92 38.51
N ASP E 228 9.24 11.88 38.55
CA ASP E 228 10.09 11.98 37.36
C ASP E 228 10.28 10.58 36.80
N GLY E 229 9.34 10.16 35.94
CA GLY E 229 9.44 8.88 35.29
C GLY E 229 10.01 8.96 33.90
N ALA E 230 11.04 9.80 33.72
CA ALA E 230 11.68 9.96 32.41
C ALA E 230 12.11 8.60 31.85
N GLN E 231 12.75 7.78 32.67
CA GLN E 231 13.03 6.39 32.32
C GLN E 231 11.80 5.57 32.69
N GLY E 232 10.79 5.66 31.83
CA GLY E 232 9.52 5.03 32.18
C GLY E 232 8.76 4.41 31.03
N ILE E 233 8.06 5.25 30.26
CA ILE E 233 7.09 4.74 29.30
C ILE E 233 7.80 3.93 28.22
N GLY E 234 7.20 2.79 27.87
CA GLY E 234 7.82 1.86 26.95
C GLY E 234 8.84 0.93 27.55
N MET E 235 9.15 1.08 28.84
CA MET E 235 10.12 0.22 29.52
C MET E 235 9.53 -0.52 30.71
N VAL E 236 8.84 0.18 31.61
CA VAL E 236 8.27 -0.44 32.80
C VAL E 236 6.84 0.03 32.97
N ASP E 237 6.01 -0.82 33.56
CA ASP E 237 4.61 -0.47 33.83
C ASP E 237 4.57 0.62 34.89
N LEU E 238 3.95 1.74 34.56
CA LEU E 238 3.93 2.89 35.47
C LEU E 238 2.88 2.76 36.56
N LYS E 239 1.83 1.97 36.34
CA LYS E 239 0.79 1.69 37.33
C LYS E 239 0.22 2.99 37.90
N ILE E 240 -0.50 3.70 37.03
CA ILE E 240 -1.00 5.02 37.42
C ILE E 240 -2.30 4.93 38.21
N THR E 241 -3.02 3.78 38.19
CA THR E 241 -4.13 3.57 39.12
C THR E 241 -3.64 3.69 40.55
N GLU E 242 -2.79 2.73 40.93
CA GLU E 242 -2.51 2.40 42.33
C GLU E 242 -1.65 3.46 42.97
N THR E 243 -0.74 4.04 42.20
CA THR E 243 0.10 5.09 42.73
C THR E 243 -0.66 6.40 42.78
N ASP E 244 -1.47 6.69 41.76
CA ASP E 244 -2.25 7.92 41.68
C ASP E 244 -1.38 9.14 42.00
N PRO E 245 -0.32 9.38 41.24
CA PRO E 245 0.59 10.49 41.57
C PRO E 245 -0.07 11.84 41.27
N ASP E 246 0.43 12.87 41.94
CA ASP E 246 -0.05 14.21 41.68
C ASP E 246 0.46 14.73 40.35
N PHE E 247 1.69 14.37 39.98
CA PHE E 247 2.28 14.73 38.70
C PHE E 247 3.18 13.60 38.25
N LEU E 248 3.13 13.28 36.96
CA LEU E 248 4.01 12.27 36.39
C LEU E 248 4.46 12.72 35.00
N ILE E 249 5.71 12.43 34.68
CA ILE E 249 6.29 12.75 33.39
C ILE E 249 7.09 11.53 32.92
N SER E 250 7.23 11.41 31.60
CA SER E 250 7.95 10.26 31.04
C SER E 250 8.34 10.59 29.60
N ASN E 251 9.59 10.27 29.26
CA ASN E 251 10.12 10.53 27.92
C ASN E 251 9.63 9.46 26.96
N CYS E 252 8.79 9.85 26.00
CA CYS E 252 8.38 8.91 24.97
C CYS E 252 9.52 8.59 24.00
N HIS E 253 10.51 9.47 23.90
CA HIS E 253 11.59 9.27 22.95
C HIS E 253 12.65 8.34 23.49
N TRP E 255 12.08 5.34 25.39
CA TRP E 255 11.77 3.90 25.33
C TRP E 255 10.45 3.56 24.65
N LEU E 256 9.82 4.55 24.01
CA LEU E 256 8.60 4.31 23.24
C LEU E 256 8.83 4.48 21.74
N PHE E 257 10.08 4.62 21.30
CA PHE E 257 10.44 4.71 19.89
C PHE E 257 9.82 5.94 19.21
N THR E 258 9.53 6.98 20.00
CA THR E 258 9.07 8.27 19.51
C THR E 258 10.28 9.14 19.16
N PRO E 259 10.24 9.92 18.08
CA PRO E 259 11.36 10.84 17.78
C PRO E 259 11.66 11.73 18.97
N ARG E 260 12.90 12.20 19.06
CA ARG E 260 13.30 12.91 20.27
C ARG E 260 12.70 14.31 20.31
N GLY E 261 12.34 14.73 21.51
CA GLY E 261 11.56 15.92 21.72
C GLY E 261 10.12 15.57 22.02
N CYS E 262 9.89 14.52 22.81
CA CYS E 262 8.53 14.13 23.18
C CYS E 262 8.52 13.50 24.55
N ALA E 263 7.79 14.11 25.47
CA ALA E 263 7.54 13.57 26.80
C ALA E 263 6.06 13.69 27.11
N VAL E 264 5.50 12.65 27.72
CA VAL E 264 4.09 12.65 28.09
C VAL E 264 3.95 13.24 29.49
N PHE E 265 3.03 14.18 29.64
CA PHE E 265 2.80 14.86 30.91
C PHE E 265 1.46 14.39 31.47
N TYR E 266 1.50 13.71 32.60
CA TYR E 266 0.30 13.20 33.25
C TYR E 266 -0.04 14.08 34.45
N VAL E 267 -1.27 14.59 34.46
CA VAL E 267 -1.78 15.34 35.61
C VAL E 267 -3.22 14.91 35.86
N PRO E 268 -3.56 14.39 37.03
CA PRO E 268 -4.97 14.15 37.35
C PRO E 268 -5.71 15.47 37.39
N VAL E 269 -7.01 15.42 37.05
CA VAL E 269 -7.82 16.63 36.94
C VAL E 269 -7.81 17.41 38.25
N ARG E 270 -7.73 16.71 39.38
CA ARG E 270 -7.74 17.37 40.68
C ARG E 270 -6.60 18.37 40.85
N ASN E 271 -5.53 18.24 40.07
CA ASN E 271 -4.36 19.10 40.20
C ASN E 271 -4.09 19.97 38.99
N GLN E 272 -4.90 19.85 37.93
CA GLN E 272 -4.61 20.60 36.71
C GLN E 272 -4.72 22.10 36.93
N HIS E 273 -5.53 22.53 37.90
CA HIS E 273 -5.62 23.95 38.23
C HIS E 273 -4.30 24.49 38.75
N LEU E 274 -3.44 23.63 39.31
CA LEU E 274 -2.15 24.06 39.81
C LEU E 274 -1.18 24.38 38.69
N ILE E 275 -1.41 23.87 37.48
CA ILE E 275 -0.59 24.23 36.32
C ILE E 275 -1.23 25.49 35.74
N ARG E 276 -0.87 26.64 36.32
CA ARG E 276 -1.41 27.91 35.86
C ARG E 276 -0.97 28.22 34.44
N SER E 277 0.26 27.88 34.10
CA SER E 277 0.85 28.23 32.82
C SER E 277 1.74 27.11 32.32
N THR E 278 1.89 27.04 31.01
CA THR E 278 2.84 26.13 30.39
C THR E 278 4.23 26.75 30.39
N LEU E 279 5.20 26.01 29.87
CA LEU E 279 6.54 26.52 29.70
C LEU E 279 6.93 26.45 28.23
N PRO E 280 6.97 27.61 27.55
CA PRO E 280 6.72 28.95 28.09
C PRO E 280 5.25 29.31 28.19
N THR E 281 4.94 30.49 28.72
CA THR E 281 3.57 31.01 28.68
C THR E 281 3.20 31.36 27.25
N SER E 282 2.02 30.93 26.81
CA SER E 282 1.61 31.21 25.44
C SER E 282 0.16 31.68 25.38
N HIS E 283 -0.50 31.44 24.25
CA HIS E 283 -1.85 31.96 24.05
C HIS E 283 -2.85 31.29 24.97
N GLY E 284 -2.63 30.02 25.34
CA GLY E 284 -3.57 29.30 26.17
C GLY E 284 -3.63 29.77 27.61
N PHE E 285 -2.79 30.73 28.01
CA PHE E 285 -2.78 31.18 29.39
C PHE E 285 -4.00 32.04 29.68
N VAL E 286 -4.64 31.78 30.82
CA VAL E 286 -5.80 32.55 31.26
C VAL E 286 -5.38 33.39 32.47
N PRO E 287 -5.09 34.67 32.29
CA PRO E 287 -4.64 35.49 33.42
C PRO E 287 -5.75 35.72 34.43
N GLN E 288 -5.34 36.18 35.61
CA GLN E 288 -6.32 36.49 36.66
C GLN E 288 -7.04 37.81 36.37
N VAL E 289 -6.32 38.80 35.84
CA VAL E 289 -6.89 40.10 35.50
C VAL E 289 -6.83 40.27 33.98
N GLY E 290 -7.98 40.44 33.36
CA GLY E 290 -8.06 40.60 31.92
C GLY E 290 -8.89 39.54 31.22
N ASN E 301 -15.21 22.35 24.24
CA ASN E 301 -15.62 21.26 25.12
C ASN E 301 -14.42 20.66 25.86
N LYS E 302 -13.25 20.74 25.23
CA LYS E 302 -12.03 20.24 25.86
C LYS E 302 -11.54 21.24 26.90
N SER E 303 -10.93 20.70 27.97
CA SER E 303 -10.55 21.51 29.11
C SER E 303 -9.49 22.55 28.73
N ALA E 304 -9.40 23.60 29.56
CA ALA E 304 -8.41 24.64 29.33
C ALA E 304 -7.00 24.12 29.55
N PHE E 305 -6.82 23.19 30.49
CA PHE E 305 -5.50 22.59 30.72
C PHE E 305 -5.00 21.88 29.47
N VAL E 306 -5.87 21.09 28.84
CA VAL E 306 -5.47 20.37 27.63
C VAL E 306 -5.19 21.34 26.48
N SER E 307 -6.08 22.32 26.28
CA SER E 307 -5.89 23.29 25.21
C SER E 307 -4.72 24.22 25.47
N ASN E 308 -4.26 24.33 26.72
CA ASN E 308 -3.13 25.21 27.02
C ASN E 308 -1.83 24.67 26.44
N PHE E 309 -1.68 23.35 26.37
CA PHE E 309 -0.47 22.70 25.89
C PHE E 309 -0.47 22.49 24.38
N GLU E 310 -1.45 23.04 23.66
CA GLU E 310 -1.52 22.80 22.22
C GLU E 310 -0.58 23.72 21.45
N PHE E 311 -0.57 25.02 21.80
CA PHE E 311 0.31 26.00 21.15
C PHE E 311 1.07 26.73 22.23
N VAL E 312 2.33 26.33 22.44
CA VAL E 312 3.15 26.86 23.52
C VAL E 312 4.43 27.46 22.95
N GLY E 313 4.31 28.12 21.80
CA GLY E 313 5.47 28.59 21.08
C GLY E 313 5.72 27.71 19.87
N THR E 314 6.02 28.34 18.74
CA THR E 314 6.15 27.62 17.48
C THR E 314 7.34 26.67 17.51
N VAL E 315 7.06 25.37 17.38
CA VAL E 315 8.07 24.33 17.32
C VAL E 315 7.68 23.34 16.23
N ASP E 316 8.53 22.34 16.04
CA ASP E 316 8.21 21.22 15.14
C ASP E 316 7.56 20.13 15.99
N ASN E 317 6.23 20.04 15.91
CA ASN E 317 5.45 19.09 16.69
C ASN E 317 5.40 17.70 16.07
N SER E 318 6.18 17.45 15.02
CA SER E 318 6.19 16.12 14.41
C SER E 318 6.52 15.00 15.39
N PRO E 319 7.45 15.14 16.35
CA PRO E 319 7.62 14.08 17.34
C PRO E 319 6.35 13.76 18.10
N PHE E 320 5.59 14.78 18.51
CA PHE E 320 4.34 14.53 19.22
C PHE E 320 3.36 13.74 18.37
N PHE E 321 3.30 14.02 17.07
CA PHE E 321 2.34 13.35 16.19
C PHE E 321 2.67 11.87 16.02
N CYS E 322 3.95 11.51 16.10
CA CYS E 322 4.38 10.13 15.87
C CYS E 322 4.11 9.20 17.05
N VAL E 323 3.62 9.71 18.18
CA VAL E 323 3.36 8.86 19.33
C VAL E 323 2.38 7.75 18.95
N LYS E 324 1.27 8.13 18.31
CA LYS E 324 0.29 7.12 17.92
C LYS E 324 0.86 6.15 16.90
N ASP E 325 1.83 6.58 16.09
CA ASP E 325 2.46 5.69 15.13
C ASP E 325 3.51 4.81 15.80
N ALA E 326 4.24 5.35 16.77
CA ALA E 326 5.20 4.54 17.51
C ALA E 326 4.49 3.45 18.31
N ILE E 327 3.34 3.78 18.91
CA ILE E 327 2.58 2.79 19.66
C ILE E 327 2.01 1.74 18.72
N LYS E 328 1.50 2.16 17.56
CA LYS E 328 0.95 1.21 16.60
C LYS E 328 2.03 0.29 16.05
N TRP E 329 3.21 0.85 15.74
CA TRP E 329 4.30 0.03 15.22
C TRP E 329 4.83 -0.94 16.28
N ARG E 330 4.99 -0.48 17.51
CA ARG E 330 5.41 -1.37 18.59
C ARG E 330 4.40 -2.49 18.79
N GLU E 331 3.13 -2.21 18.53
CA GLU E 331 2.11 -3.25 18.64
C GLU E 331 2.21 -4.21 17.45
N GLU E 332 1.74 -3.78 16.27
CA GLU E 332 1.52 -4.71 15.17
C GLU E 332 2.80 -5.35 14.65
N VAL E 333 3.96 -4.74 14.87
CA VAL E 333 5.21 -5.22 14.30
C VAL E 333 6.05 -5.98 15.33
N LEU E 334 6.02 -5.54 16.59
CA LEU E 334 6.85 -6.17 17.62
C LEU E 334 6.08 -7.10 18.55
N GLY E 335 4.76 -6.97 18.63
CA GLY E 335 3.95 -7.86 19.44
C GLY E 335 3.23 -7.21 20.61
N GLY E 336 3.56 -5.98 20.98
CA GLY E 336 2.89 -5.31 22.08
C GLY E 336 3.79 -4.90 23.21
N GLU E 337 3.33 -3.97 24.04
CA GLU E 337 4.16 -3.44 25.11
C GLU E 337 4.62 -4.52 26.09
N GLU E 338 3.78 -5.52 26.33
CA GLU E 338 4.16 -6.60 27.25
C GLU E 338 5.36 -7.37 26.72
N ARG E 339 5.36 -7.69 25.43
CA ARG E 339 6.45 -8.48 24.84
C ARG E 339 7.75 -7.69 24.82
N ILE E 340 7.67 -6.39 24.54
CA ILE E 340 8.87 -5.57 24.44
C ILE E 340 9.54 -5.42 25.81
N MET E 341 8.75 -5.03 26.81
CA MET E 341 9.31 -4.75 28.13
C MET E 341 9.91 -5.99 28.78
N GLU E 342 9.21 -7.13 28.67
CA GLU E 342 9.70 -8.35 29.31
C GLU E 342 11.02 -8.80 28.70
N TYR E 343 11.18 -8.66 27.38
CA TYR E 343 12.43 -9.06 26.73
C TYR E 343 13.59 -8.19 27.19
N MET E 344 13.38 -6.88 27.29
CA MET E 344 14.47 -5.98 27.65
C MET E 344 14.91 -6.18 29.10
N THR E 345 13.95 -6.36 30.02
CA THR E 345 14.32 -6.59 31.41
C THR E 345 15.06 -7.91 31.57
N LYS E 346 14.56 -8.97 30.92
CA LYS E 346 15.22 -10.27 31.01
C LYS E 346 16.62 -10.21 30.39
N LEU E 347 16.77 -9.50 29.28
CA LEU E 347 18.09 -9.35 28.66
C LEU E 347 19.02 -8.49 29.51
N ALA E 348 18.47 -7.54 30.26
CA ALA E 348 19.30 -6.71 31.12
C ALA E 348 19.86 -7.50 32.29
N ARG E 349 19.07 -8.44 32.84
CA ARG E 349 19.58 -9.29 33.91
C ARG E 349 20.67 -10.23 33.41
N GLU E 350 20.32 -11.10 32.45
CA GLU E 350 21.27 -12.10 31.97
C GLU E 350 22.45 -11.46 31.26
N GLY E 351 22.20 -10.42 30.46
CA GLY E 351 23.29 -9.73 29.79
C GLY E 351 24.22 -9.05 30.77
N GLY E 352 23.67 -8.36 31.77
CA GLY E 352 24.49 -7.76 32.79
C GLY E 352 25.34 -8.78 33.53
N GLN E 353 24.75 -9.94 33.84
CA GLN E 353 25.50 -11.00 34.51
C GLN E 353 26.65 -11.49 33.65
N LYS E 354 26.43 -11.58 32.33
CA LYS E 354 27.52 -11.96 31.43
C LYS E 354 28.67 -10.97 31.50
N VAL E 355 28.35 -9.68 31.51
CA VAL E 355 29.39 -8.65 31.63
C VAL E 355 30.12 -8.78 32.96
N ALA E 356 29.37 -9.06 34.03
CA ALA E 356 29.98 -9.20 35.35
C ALA E 356 30.93 -10.39 35.39
N GLU E 357 30.60 -11.47 34.68
CA GLU E 357 31.48 -12.64 34.67
C GLU E 357 32.72 -12.38 33.84
N ILE E 358 32.57 -11.75 32.67
CA ILE E 358 33.73 -11.39 31.86
C ILE E 358 34.64 -10.44 32.62
N LEU E 359 34.05 -9.45 33.29
CA LEU E 359 34.83 -8.51 34.10
C LEU E 359 35.27 -9.09 35.44
N GLY E 360 34.62 -10.16 35.90
CA GLY E 360 34.93 -10.70 37.21
C GLY E 360 34.38 -9.89 38.37
N THR E 361 33.54 -8.89 38.10
CA THR E 361 33.01 -8.00 39.13
C THR E 361 31.55 -8.39 39.39
N ARG E 362 30.62 -7.44 39.49
CA ARG E 362 29.26 -7.71 39.93
C ARG E 362 28.31 -6.75 39.25
N VAL E 363 27.07 -7.19 39.09
CA VAL E 363 26.01 -6.28 38.72
C VAL E 363 25.50 -5.56 39.97
N LEU E 364 24.89 -4.39 39.76
CA LEU E 364 24.35 -3.62 40.86
C LEU E 364 22.96 -4.16 41.19
N GLU E 365 22.82 -4.76 42.37
CA GLU E 365 21.53 -5.30 42.81
C GLU E 365 21.48 -5.35 44.32
N ASN E 366 20.27 -5.25 44.85
CA ASN E 366 20.01 -5.40 46.26
C ASN E 366 19.62 -6.86 46.56
N SER E 367 19.34 -7.15 47.83
CA SER E 367 19.06 -8.51 48.26
C SER E 367 17.69 -9.02 47.83
N THR E 368 16.87 -8.18 47.19
CA THR E 368 15.53 -8.59 46.77
C THR E 368 15.37 -8.61 45.26
N GLY E 369 16.39 -8.26 44.50
CA GLY E 369 16.30 -8.33 43.05
C GLY E 369 15.39 -7.28 42.44
N THR E 370 15.25 -6.12 43.09
CA THR E 370 14.30 -5.11 42.65
C THR E 370 14.92 -3.97 41.88
N LEU E 371 16.26 -3.89 41.79
CA LEU E 371 16.90 -2.82 41.05
C LEU E 371 16.81 -3.05 39.54
N ILE E 372 17.17 -4.26 39.08
CA ILE E 372 17.13 -4.56 37.66
C ILE E 372 15.72 -4.99 37.28
N ARG E 373 14.74 -4.14 37.60
CA ARG E 373 13.38 -4.30 37.10
C ARG E 373 13.10 -3.35 35.94
N CYS E 374 14.12 -3.05 35.15
CA CYS E 374 14.01 -2.20 33.97
C CYS E 374 14.93 -2.78 32.91
N ALA E 375 15.10 -2.02 31.82
CA ALA E 375 15.92 -2.47 30.70
C ALA E 375 17.39 -2.14 30.85
N MET E 376 17.78 -1.41 31.90
CA MET E 376 19.16 -1.01 32.10
C MET E 376 19.76 -1.74 33.30
N VAL E 377 21.09 -1.88 33.28
CA VAL E 377 21.81 -2.64 34.29
C VAL E 377 23.20 -2.03 34.43
N ASN E 378 23.72 -2.05 35.66
CA ASN E 378 25.02 -1.48 35.97
C ASN E 378 25.97 -2.58 36.41
N ILE E 379 27.24 -2.43 36.04
CA ILE E 379 28.27 -3.42 36.36
C ILE E 379 29.52 -2.68 36.84
N ALA E 380 30.07 -3.11 37.96
CA ALA E 380 31.27 -2.49 38.50
C ALA E 380 32.48 -2.78 37.61
N LEU E 381 33.40 -1.81 37.57
CA LEU E 381 34.59 -2.02 36.74
C LEU E 381 35.76 -2.52 37.60
N PRO E 382 36.60 -3.40 37.06
CA PRO E 382 37.62 -4.07 37.88
C PRO E 382 38.77 -3.16 38.29
N PHE E 383 38.45 -2.05 38.96
CA PHE E 383 39.47 -1.21 39.59
C PHE E 383 38.76 -0.36 40.65
N VAL E 384 39.56 0.42 41.38
CA VAL E 384 39.04 1.28 42.44
C VAL E 384 39.73 2.63 42.34
N VAL E 385 39.02 3.68 42.77
CA VAL E 385 39.57 5.03 42.82
C VAL E 385 40.09 5.28 44.23
N GLY E 386 41.27 5.89 44.31
CA GLY E 386 41.81 6.23 45.62
C GLY E 386 40.91 7.20 46.37
N GLU E 387 41.01 7.15 47.70
CA GLU E 387 40.14 7.96 48.53
C GLU E 387 40.45 9.44 48.36
N ASP E 388 39.39 10.25 48.28
CA ASP E 388 39.55 11.68 48.14
C ASP E 388 39.80 12.29 49.51
N PRO E 389 40.95 12.94 49.74
CA PRO E 389 41.19 13.55 51.07
C PRO E 389 40.18 14.62 51.42
N LYS E 390 39.77 15.42 50.42
CA LYS E 390 38.83 16.51 50.66
C LYS E 390 37.44 16.00 51.02
N ALA E 391 37.11 14.78 50.60
CA ALA E 391 35.80 14.19 50.86
C ALA E 391 35.93 12.68 50.92
N PRO E 392 36.41 12.15 52.03
CA PRO E 392 36.65 10.71 52.13
C PRO E 392 35.36 9.93 52.35
N VAL E 393 35.34 8.71 51.82
CA VAL E 393 34.20 7.82 51.94
C VAL E 393 34.65 6.58 52.69
N LYS E 394 34.02 6.31 53.83
CA LYS E 394 34.29 5.09 54.58
C LYS E 394 33.44 3.97 53.98
N LEU E 395 34.11 2.98 53.40
CA LEU E 395 33.41 1.88 52.76
C LEU E 395 33.02 0.81 53.78
N THR E 396 31.87 0.19 53.56
CA THR E 396 31.54 -1.01 54.31
C THR E 396 32.57 -2.09 54.03
N GLU E 397 32.68 -3.05 54.95
CA GLU E 397 33.69 -4.09 54.78
C GLU E 397 33.40 -4.95 53.56
N LYS E 398 32.13 -5.16 53.24
CA LYS E 398 31.79 -5.89 52.02
C LYS E 398 32.23 -5.12 50.77
N GLU E 399 32.24 -3.79 50.85
CA GLU E 399 32.78 -2.98 49.76
C GLU E 399 34.31 -3.01 49.75
N GLU E 400 34.93 -2.98 50.93
CA GLU E 400 36.39 -3.07 51.00
C GLU E 400 36.89 -4.41 50.49
N LYS E 401 36.10 -5.48 50.70
CA LYS E 401 36.54 -6.81 50.30
C LYS E 401 36.54 -6.97 48.77
N ASP E 402 35.53 -6.42 48.10
CA ASP E 402 35.50 -6.46 46.64
C ASP E 402 36.53 -5.53 46.01
N VAL E 403 37.10 -4.61 46.76
CA VAL E 403 38.00 -3.61 46.20
C VAL E 403 39.46 -4.10 46.12
N GLU E 404 39.88 -4.93 47.06
CA GLU E 404 41.28 -5.36 47.10
C GLU E 404 41.60 -6.31 45.96
N GLY E 405 42.90 -6.45 45.68
CA GLY E 405 43.36 -7.12 44.49
C GLY E 405 43.14 -6.35 43.21
N LEU E 406 42.29 -5.33 43.24
CA LEU E 406 42.02 -4.49 42.08
C LEU E 406 43.02 -3.34 42.02
N TYR E 407 43.47 -3.03 40.81
CA TYR E 407 44.29 -1.85 40.58
C TYR E 407 43.57 -0.60 41.09
N GLU E 408 44.34 0.34 41.61
CA GLU E 408 43.79 1.56 42.18
C GLU E 408 44.28 2.77 41.39
N ILE E 409 43.35 3.67 41.07
CA ILE E 409 43.67 4.95 40.44
C ILE E 409 43.63 6.02 41.51
N PRO E 410 44.64 6.89 41.59
CA PRO E 410 44.55 8.01 42.53
C PRO E 410 43.36 8.90 42.20
N HIS E 411 42.76 9.48 43.25
CA HIS E 411 41.59 10.33 43.05
C HIS E 411 41.88 11.49 42.12
N GLU E 412 43.13 12.00 42.13
CA GLU E 412 43.48 13.12 41.27
C GLU E 412 43.32 12.77 39.80
N GLU E 413 43.57 11.51 39.43
CA GLU E 413 43.47 11.06 38.06
C GLU E 413 42.13 10.41 37.74
N ALA E 414 41.14 10.52 38.64
CA ALA E 414 39.86 9.87 38.41
C ALA E 414 39.12 10.53 37.25
N ASN E 415 39.23 11.85 37.11
CA ASN E 415 38.48 12.55 36.07
C ASN E 415 39.12 12.37 34.70
N MET E 416 40.46 12.38 34.63
CA MET E 416 41.12 12.20 33.34
C MET E 416 41.01 10.77 32.86
N ALA E 417 40.99 9.80 33.78
CA ALA E 417 40.71 8.42 33.38
C ALA E 417 39.28 8.27 32.90
N PHE E 418 38.34 8.97 33.54
CA PHE E 418 36.94 8.93 33.14
C PHE E 418 36.76 9.40 31.70
N LYS E 419 37.34 10.56 31.37
CA LYS E 419 37.12 11.13 30.04
C LYS E 419 37.84 10.32 28.98
N TRP E 420 39.05 9.82 29.29
CA TRP E 420 39.79 9.01 28.33
C TRP E 420 39.03 7.73 28.00
N MET E 421 38.27 7.17 28.94
CA MET E 421 37.47 5.99 28.66
C MET E 421 36.34 6.32 27.69
N TYR E 422 35.67 7.46 27.89
CA TYR E 422 34.62 7.86 26.96
C TYR E 422 35.16 8.05 25.55
N ASN E 423 36.33 8.70 25.43
CA ASN E 423 36.87 8.97 24.11
C ASN E 423 37.32 7.69 23.42
N VAL E 424 37.98 6.79 24.14
CA VAL E 424 38.45 5.55 23.54
C VAL E 424 37.26 4.67 23.15
N LEU E 425 36.22 4.62 23.99
CA LEU E 425 35.05 3.82 23.66
C LEU E 425 34.38 4.30 22.37
N GLN E 426 34.54 5.58 22.03
CA GLN E 426 33.93 6.12 20.82
C GLN E 426 34.88 6.05 19.61
N ASP E 427 36.16 6.38 19.79
CA ASP E 427 37.07 6.45 18.68
C ASP E 427 37.61 5.07 18.28
N GLU E 428 37.85 4.19 19.25
CA GLU E 428 38.40 2.87 18.97
C GLU E 428 37.35 1.78 18.87
N PHE E 429 36.36 1.78 19.75
CA PHE E 429 35.38 0.71 19.81
C PHE E 429 34.04 1.07 19.19
N ASN E 430 33.85 2.33 18.80
CA ASN E 430 32.62 2.79 18.15
C ASN E 430 31.39 2.40 18.97
N THR E 431 31.42 2.75 20.24
CA THR E 431 30.28 2.59 21.13
C THR E 431 30.32 3.72 22.14
N PHE E 432 29.39 3.70 23.09
CA PHE E 432 29.37 4.66 24.18
C PHE E 432 28.70 4.02 25.38
N VAL E 433 29.35 4.10 26.53
CA VAL E 433 28.84 3.51 27.76
C VAL E 433 28.95 4.52 28.90
N PRO E 434 27.83 5.02 29.43
CA PRO E 434 27.91 5.94 30.57
C PRO E 434 28.27 5.20 31.84
N MET E 435 28.97 5.91 32.73
CA MET E 435 29.48 5.32 33.96
C MET E 435 29.15 6.22 35.15
N THR E 436 28.69 5.61 36.24
CA THR E 436 28.36 6.32 37.47
C THR E 436 29.53 6.18 38.44
N PHE E 437 30.06 7.32 38.89
CA PHE E 437 31.09 7.34 39.92
C PHE E 437 30.40 7.37 41.28
N HIS E 438 30.50 6.26 42.02
CA HIS E 438 29.80 6.12 43.29
C HIS E 438 30.64 5.31 44.24
N ARG E 439 31.01 5.91 45.38
CA ARG E 439 31.72 5.24 46.46
C ARG E 439 33.00 4.57 45.96
N ARG E 440 33.86 5.40 45.37
CA ARG E 440 35.20 5.03 44.89
C ARG E 440 35.17 4.05 43.71
N ARG E 441 34.02 3.84 43.08
CA ARG E 441 33.87 2.83 42.04
C ARG E 441 33.12 3.39 40.84
N PHE E 442 33.46 2.86 39.67
CA PHE E 442 32.77 3.21 38.43
C PHE E 442 31.84 2.06 38.05
N TRP E 443 30.57 2.39 37.80
CA TRP E 443 29.56 1.41 37.39
C TRP E 443 29.09 1.76 35.99
N ALA E 444 29.36 0.87 35.03
CA ALA E 444 28.98 1.10 33.65
C ALA E 444 27.53 0.74 33.42
N ARG E 445 26.74 1.70 32.94
CA ARG E 445 25.32 1.49 32.69
C ARG E 445 25.11 1.08 31.24
N LEU E 446 24.65 -0.15 31.04
CA LEU E 446 24.28 -0.64 29.73
C LEU E 446 22.77 -0.66 29.59
N SER E 447 22.29 -0.51 28.36
CA SER E 447 20.86 -0.45 28.07
C SER E 447 20.51 -1.56 27.09
N ALA E 448 19.75 -2.55 27.58
CA ALA E 448 19.27 -3.59 26.68
C ALA E 448 18.19 -3.03 25.76
N GLN E 449 17.98 -3.71 24.64
CA GLN E 449 16.97 -3.29 23.68
C GLN E 449 16.53 -4.49 22.87
N VAL E 450 15.35 -4.36 22.24
CA VAL E 450 14.80 -5.45 21.44
C VAL E 450 15.60 -5.70 20.17
N TYR E 451 16.53 -4.82 19.82
CA TYR E 451 17.45 -5.08 18.72
C TYR E 451 18.81 -5.58 19.18
N LEU E 452 18.99 -5.78 20.49
CA LEU E 452 20.20 -6.36 21.05
C LEU E 452 19.91 -7.78 21.51
N GLU E 453 20.99 -8.55 21.68
CA GLU E 453 20.89 -9.91 22.19
C GLU E 453 22.11 -10.20 23.06
N MET E 454 22.22 -11.44 23.53
CA MET E 454 23.25 -11.79 24.51
C MET E 454 24.65 -11.57 23.95
N SER E 455 24.85 -11.79 22.65
CA SER E 455 26.17 -11.61 22.06
C SER E 455 26.64 -10.16 22.15
N ASP E 456 25.70 -9.20 22.22
CA ASP E 456 26.09 -7.81 22.38
C ASP E 456 26.65 -7.55 23.77
N PHE E 457 26.04 -8.12 24.81
CA PHE E 457 26.59 -7.98 26.15
C PHE E 457 27.88 -8.76 26.32
N GLU E 458 28.12 -9.78 25.50
CA GLU E 458 29.44 -10.41 25.47
C GLU E 458 30.49 -9.46 24.91
N TRP E 459 30.16 -8.75 23.83
CA TRP E 459 31.08 -7.79 23.23
C TRP E 459 31.34 -6.62 24.18
N ALA E 460 30.29 -6.09 24.81
CA ALA E 460 30.46 -5.02 25.79
C ALA E 460 31.35 -5.47 26.95
N GLY E 461 31.18 -6.71 27.40
CA GLY E 461 32.02 -7.22 28.47
C GLY E 461 33.47 -7.32 28.07
N LYS E 462 33.73 -7.91 26.89
CA LYS E 462 35.10 -8.04 26.42
C LYS E 462 35.73 -6.68 26.11
N THR E 463 34.93 -5.73 25.65
CA THR E 463 35.44 -4.38 25.40
C THR E 463 35.82 -3.68 26.70
N LEU E 464 34.89 -3.67 27.66
CA LEU E 464 35.16 -3.03 28.96
C LEU E 464 36.36 -3.69 29.65
N LYS E 465 36.48 -5.02 29.52
CA LYS E 465 37.60 -5.71 30.15
C LYS E 465 38.94 -5.22 29.60
N GLU E 466 39.04 -5.14 28.27
CA GLU E 466 40.29 -4.70 27.66
C GLU E 466 40.50 -3.20 27.89
N LEU E 467 39.42 -2.42 27.90
CA LEU E 467 39.55 -1.00 28.24
C LEU E 467 40.12 -0.82 29.64
N CYS E 468 39.60 -1.58 30.61
CA CYS E 468 40.09 -1.45 31.98
C CYS E 468 41.52 -1.98 32.14
N GLU E 469 41.90 -2.96 31.32
CA GLU E 469 43.29 -3.42 31.35
C GLU E 469 44.25 -2.34 30.89
N ARG E 470 43.83 -1.52 29.92
CA ARG E 470 44.64 -0.39 29.49
C ARG E 470 44.58 0.76 30.48
N VAL E 471 43.47 0.90 31.21
CA VAL E 471 43.42 1.84 32.33
C VAL E 471 44.43 1.44 33.40
N ALA E 472 44.50 0.14 33.71
CA ALA E 472 45.43 -0.32 34.74
C ALA E 472 46.88 -0.14 34.32
N LYS E 473 47.17 -0.19 33.02
CA LYS E 473 48.51 0.10 32.52
C LYS E 473 48.81 1.59 32.49
N GLY E 474 47.83 2.44 32.79
CA GLY E 474 48.06 3.87 32.79
C GLY E 474 47.99 4.54 31.43
N GLU E 475 47.33 3.91 30.45
CA GLU E 475 47.22 4.48 29.12
C GLU E 475 46.43 5.79 29.10
N TYR E 476 45.70 6.11 30.18
CA TYR E 476 44.97 7.37 30.24
C TYR E 476 45.88 8.57 30.42
N LYS E 477 47.20 8.38 30.41
CA LYS E 477 48.15 9.48 30.46
C LYS E 477 49.51 9.05 29.94
N GLY F 29 25.34 33.68 -11.65
CA GLY F 29 24.45 34.73 -11.18
C GLY F 29 23.33 34.20 -10.30
N PRO F 30 22.82 35.04 -9.40
CA PRO F 30 21.74 34.61 -8.51
C PRO F 30 20.45 34.37 -9.28
N LEU F 31 19.58 33.55 -8.69
CA LEU F 31 18.33 33.23 -9.34
C LEU F 31 17.40 34.45 -9.33
N PRO F 32 16.59 34.60 -10.38
CA PRO F 32 15.57 35.66 -10.36
C PRO F 32 14.48 35.35 -9.36
N PHE F 33 13.92 36.42 -8.79
CA PHE F 33 12.82 36.30 -7.83
C PHE F 33 11.50 36.12 -8.58
N GLY F 34 10.44 35.90 -7.80
CA GLY F 34 9.11 35.75 -8.35
C GLY F 34 8.63 34.31 -8.37
N ASN F 35 7.55 34.10 -9.13
CA ASN F 35 6.90 32.80 -9.22
C ASN F 35 7.74 31.72 -9.90
N SER F 36 8.99 31.99 -10.27
CA SER F 36 9.86 30.94 -10.76
C SER F 36 10.57 30.21 -9.63
N LEU F 37 10.53 30.74 -8.42
CA LEU F 37 11.27 30.20 -7.28
C LEU F 37 10.56 29.06 -6.57
N LEU F 38 9.28 28.80 -6.90
CA LEU F 38 8.57 27.73 -6.20
C LEU F 38 9.21 26.37 -6.42
N LYS F 39 9.84 26.15 -7.58
CA LYS F 39 10.52 24.89 -7.82
C LYS F 39 11.67 24.68 -6.84
N GLU F 40 12.10 25.72 -6.13
CA GLU F 40 13.09 25.59 -5.07
C GLU F 40 12.47 25.42 -3.70
N PHE F 41 11.16 25.60 -3.56
CA PHE F 41 10.45 25.43 -2.30
C PHE F 41 9.53 24.22 -2.39
N VAL F 42 8.83 23.94 -1.29
CA VAL F 42 8.02 22.74 -1.20
C VAL F 42 6.59 23.06 -0.76
N LEU F 43 6.03 24.14 -1.29
CA LEU F 43 4.63 24.48 -1.02
C LEU F 43 3.72 23.76 -2.00
N ASP F 44 2.55 23.37 -1.51
CA ASP F 44 1.53 22.78 -2.38
C ASP F 44 1.19 23.75 -3.50
N PRO F 45 1.23 23.34 -4.77
CA PRO F 45 0.94 24.30 -5.85
C PRO F 45 -0.49 24.82 -5.84
N ALA F 46 -1.47 23.94 -5.63
CA ALA F 46 -2.87 24.39 -5.59
C ALA F 46 -3.10 25.40 -4.47
N TYR F 47 -2.32 25.31 -3.40
CA TYR F 47 -2.31 26.31 -2.34
C TYR F 47 -1.28 27.39 -2.68
N ARG F 48 -1.47 28.56 -2.09
CA ARG F 48 -0.44 29.58 -2.19
C ARG F 48 -0.45 30.39 -0.90
N ASN F 49 0.74 30.79 -0.48
CA ASN F 49 0.97 31.31 0.86
C ASN F 49 1.15 32.82 0.77
N LEU F 50 0.11 33.55 1.13
CA LEU F 50 0.18 35.00 1.28
C LEU F 50 0.51 35.43 2.70
N ASN F 51 0.64 34.47 3.62
CA ASN F 51 0.93 34.75 5.02
C ASN F 51 2.21 34.04 5.47
N HIS F 52 3.34 34.40 4.86
CA HIS F 52 4.63 33.84 5.25
C HIS F 52 5.06 34.29 6.64
N GLY F 53 4.54 35.43 7.12
CA GLY F 53 5.00 36.00 8.37
C GLY F 53 4.66 35.20 9.60
N SER F 54 3.68 34.30 9.52
CA SER F 54 3.29 33.51 10.68
C SER F 54 4.29 32.41 10.96
N PHE F 55 4.20 31.31 10.20
CA PHE F 55 5.04 30.15 10.42
C PHE F 55 6.17 30.02 9.41
N GLY F 56 6.16 30.82 8.35
CA GLY F 56 7.20 30.75 7.34
C GLY F 56 7.22 29.41 6.61
N THR F 57 8.31 29.20 5.90
CA THR F 57 8.57 27.94 5.21
C THR F 57 10.03 27.91 4.80
N ILE F 58 10.46 26.76 4.30
CA ILE F 58 11.86 26.55 3.96
C ILE F 58 11.98 26.04 2.53
N PRO F 59 13.09 26.30 1.85
CA PRO F 59 13.29 25.70 0.52
C PRO F 59 13.62 24.22 0.63
N SER F 60 13.53 23.55 -0.53
CA SER F 60 13.78 22.11 -0.58
C SER F 60 15.21 21.78 -0.17
N ALA F 61 16.16 22.68 -0.44
CA ALA F 61 17.55 22.44 -0.06
C ALA F 61 17.71 22.39 1.44
N ILE F 62 17.00 23.27 2.16
CA ILE F 62 17.13 23.30 3.62
C ILE F 62 16.40 22.14 4.26
N GLN F 63 15.23 21.78 3.73
CA GLN F 63 14.55 20.57 4.19
C GLN F 63 15.43 19.34 4.01
N GLN F 64 16.24 19.31 2.95
CA GLN F 64 17.18 18.21 2.77
C GLN F 64 18.29 18.25 3.81
N LYS F 65 18.80 19.44 4.12
CA LYS F 65 19.82 19.56 5.16
C LYS F 65 19.25 19.10 6.51
N LEU F 66 18.01 19.49 6.81
CA LEU F 66 17.36 19.07 8.04
C LEU F 66 17.41 17.56 8.20
N ARG F 67 17.03 16.82 7.17
CA ARG F 67 16.99 15.37 7.25
C ARG F 67 18.37 14.74 7.29
N SER F 68 19.39 15.43 6.77
CA SER F 68 20.76 14.95 6.95
C SER F 68 21.17 15.00 8.42
N TYR F 69 20.75 16.05 9.14
CA TYR F 69 21.03 16.13 10.56
C TYR F 69 20.20 15.11 11.33
N GLN F 70 18.95 14.88 10.93
CA GLN F 70 18.15 13.84 11.55
C GLN F 70 18.81 12.47 11.35
N THR F 71 19.29 12.20 10.13
CA THR F 71 19.96 10.92 9.86
C THR F 71 21.24 10.79 10.66
N ALA F 72 22.01 11.88 10.79
CA ALA F 72 23.27 11.82 11.53
C ALA F 72 23.03 11.56 13.02
N ALA F 73 21.91 12.02 13.55
CA ALA F 73 21.64 11.85 14.98
C ALA F 73 21.17 10.44 15.32
N GLU F 74 20.55 9.74 14.36
CA GLU F 74 20.10 8.37 14.62
C GLU F 74 21.15 7.33 14.27
N ALA F 75 22.15 7.68 13.46
CA ALA F 75 23.20 6.74 13.13
C ALA F 75 24.12 6.49 14.32
N ARG F 76 24.46 7.54 15.05
CA ARG F 76 25.28 7.44 16.26
C ARG F 76 24.73 8.43 17.28
N PRO F 77 23.67 8.06 18.02
CA PRO F 77 22.99 9.01 18.90
C PRO F 77 23.92 9.70 19.90
N CYS F 78 24.53 8.94 20.80
CA CYS F 78 25.38 9.54 21.82
C CYS F 78 26.58 10.28 21.25
N PRO F 79 27.37 9.71 20.32
CA PRO F 79 28.53 10.46 19.82
C PRO F 79 28.16 11.75 19.10
N PHE F 80 26.98 11.80 18.47
CA PHE F 80 26.56 12.99 17.74
C PHE F 80 25.88 14.00 18.66
N LEU F 81 24.81 13.57 19.34
CA LEU F 81 24.02 14.51 20.13
C LEU F 81 24.82 15.12 21.28
N ARG F 82 25.84 14.41 21.78
CA ARG F 82 26.65 14.93 22.87
C ARG F 82 27.79 15.81 22.39
N TYR F 83 28.50 15.39 21.33
CA TYR F 83 29.73 16.06 20.93
C TYR F 83 29.64 16.79 19.61
N GLN F 84 28.70 16.44 18.73
CA GLN F 84 28.52 17.19 17.49
C GLN F 84 27.51 18.32 17.63
N THR F 85 26.58 18.21 18.58
CA THR F 85 25.69 19.34 18.85
C THR F 85 26.45 20.61 19.19
N PRO F 86 27.44 20.62 20.10
CA PRO F 86 28.17 21.87 20.35
C PRO F 86 28.89 22.40 19.12
N VAL F 87 29.47 21.51 18.32
CA VAL F 87 30.20 21.95 17.13
C VAL F 87 29.25 22.54 16.10
N LEU F 88 28.13 21.86 15.85
CA LEU F 88 27.18 22.34 14.85
C LEU F 88 26.44 23.59 15.33
N LEU F 89 26.19 23.70 16.64
CA LEU F 89 25.59 24.92 17.17
C LEU F 89 26.53 26.11 17.02
N ASP F 90 27.83 25.89 17.23
CA ASP F 90 28.79 26.98 17.10
C ASP F 90 28.91 27.46 15.66
N GLU F 91 28.77 26.56 14.69
CA GLU F 91 28.80 26.98 13.29
C GLU F 91 27.58 27.83 12.94
N SER F 92 26.41 27.45 13.45
CA SER F 92 25.22 28.28 13.23
C SER F 92 25.34 29.61 13.96
N ARG F 93 25.88 29.60 15.18
CA ARG F 93 26.07 30.84 15.93
C ARG F 93 27.01 31.78 15.20
N ALA F 94 28.07 31.24 14.59
CA ALA F 94 29.03 32.09 13.89
C ALA F 94 28.45 32.65 12.60
N ALA F 95 27.63 31.87 11.91
CA ALA F 95 27.03 32.34 10.65
C ALA F 95 25.99 33.41 10.91
N VAL F 96 25.27 33.33 12.03
CA VAL F 96 24.23 34.32 12.31
C VAL F 96 24.79 35.54 13.03
N ALA F 97 25.87 35.38 13.80
CA ALA F 97 26.54 36.55 14.35
C ALA F 97 27.17 37.39 13.25
N ASN F 98 27.69 36.72 12.20
CA ASN F 98 28.25 37.44 11.07
C ASN F 98 27.18 38.22 10.32
N LEU F 99 26.02 37.60 10.09
CA LEU F 99 24.91 38.29 9.42
C LEU F 99 24.45 39.50 10.23
N LEU F 100 24.27 39.33 11.54
CA LEU F 100 23.85 40.42 12.40
C LEU F 100 24.98 41.39 12.73
N LYS F 101 26.22 41.08 12.33
CA LYS F 101 27.38 41.94 12.59
C LYS F 101 27.60 42.13 14.08
N VAL F 102 27.33 41.09 14.86
CA VAL F 102 27.53 41.12 16.31
C VAL F 102 28.53 40.04 16.65
N PRO F 103 29.24 40.17 17.79
CA PRO F 103 30.17 39.13 18.19
C PRO F 103 29.46 37.81 18.43
N VAL F 104 30.18 36.71 18.20
CA VAL F 104 29.56 35.38 18.28
C VAL F 104 29.27 34.99 19.72
N GLU F 105 30.05 35.50 20.68
CA GLU F 105 29.80 35.18 22.08
C GLU F 105 28.63 35.99 22.67
N THR F 106 27.87 36.67 21.83
CA THR F 106 26.67 37.39 22.26
C THR F 106 25.39 36.76 21.74
N VAL F 107 25.47 35.62 21.08
CA VAL F 107 24.33 35.04 20.37
C VAL F 107 24.22 33.55 20.68
N VAL F 108 22.99 33.09 20.91
CA VAL F 108 22.69 31.68 21.14
C VAL F 108 21.30 31.41 20.58
N PHE F 109 20.97 30.14 20.39
CA PHE F 109 19.70 29.75 19.80
C PHE F 109 18.75 29.18 20.85
N VAL F 110 17.48 29.58 20.76
CA VAL F 110 16.41 29.07 21.61
C VAL F 110 15.28 28.60 20.70
N ALA F 111 14.26 27.99 21.33
CA ALA F 111 13.20 27.33 20.57
C ALA F 111 12.46 28.31 19.67
N ASN F 112 11.91 29.38 20.25
CA ASN F 112 11.14 30.34 19.48
C ASN F 112 11.15 31.67 20.21
N ALA F 113 10.54 32.69 19.59
CA ALA F 113 10.52 34.01 20.17
C ALA F 113 9.78 34.02 21.51
N THR F 114 8.66 33.30 21.59
CA THR F 114 7.94 33.17 22.86
C THR F 114 8.87 32.62 23.95
N MET F 115 9.70 31.64 23.59
CA MET F 115 10.68 31.12 24.54
C MET F 115 11.72 32.19 24.89
N GLY F 116 12.12 32.99 23.90
CA GLY F 116 13.12 34.03 24.16
C GLY F 116 12.61 35.12 25.08
N VAL F 117 11.37 35.56 24.88
CA VAL F 117 10.81 36.60 25.74
C VAL F 117 10.58 36.05 27.14
N ASN F 118 10.17 34.79 27.25
CA ASN F 118 10.02 34.17 28.56
C ASN F 118 11.35 34.05 29.29
N THR F 119 12.43 33.74 28.56
CA THR F 119 13.73 33.61 29.18
C THR F 119 14.16 34.92 29.86
N VAL F 120 13.83 36.05 29.23
CA VAL F 120 14.15 37.35 29.84
C VAL F 120 13.27 37.59 31.06
N LEU F 121 11.95 37.70 30.83
CA LEU F 121 11.04 38.22 31.85
C LEU F 121 11.04 37.38 33.13
N ARG F 122 11.50 36.14 33.08
CA ARG F 122 11.55 35.31 34.28
C ARG F 122 12.91 35.32 34.96
N ASN F 123 13.96 35.76 34.28
CA ASN F 123 15.28 35.85 34.89
C ASN F 123 15.53 37.20 35.56
N ILE F 124 14.78 38.23 35.19
CA ILE F 124 14.99 39.55 35.78
C ILE F 124 14.50 39.53 37.22
N VAL F 125 15.37 39.95 38.14
CA VAL F 125 15.04 40.05 39.55
C VAL F 125 14.64 41.49 39.84
N TRP F 126 13.38 41.70 40.22
CA TRP F 126 12.83 43.04 40.36
C TRP F 126 13.23 43.66 41.69
N SER F 127 13.08 44.99 41.76
CA SER F 127 13.48 45.73 42.95
C SER F 127 12.70 45.27 44.17
N ALA F 128 13.39 45.25 45.33
CA ALA F 128 12.76 44.79 46.56
C ALA F 128 11.69 45.75 47.08
N ASP F 129 11.65 46.99 46.60
CA ASP F 129 10.69 47.95 47.10
C ASP F 129 9.30 47.79 46.51
N GLY F 130 9.18 47.14 45.36
CA GLY F 130 7.89 46.86 44.75
C GLY F 130 7.44 47.83 43.68
N LYS F 131 8.30 48.76 43.27
CA LYS F 131 7.92 49.82 42.35
C LYS F 131 8.25 49.49 40.89
N ASP F 132 8.86 48.34 40.61
CA ASP F 132 9.22 48.02 39.24
C ASP F 132 7.99 47.76 38.38
N GLU F 133 8.03 48.26 37.15
CA GLU F 133 6.90 48.19 36.24
C GLU F 133 7.40 47.88 34.83
N ILE F 134 6.65 47.04 34.11
CA ILE F 134 6.99 46.63 32.76
C ILE F 134 6.14 47.44 31.79
N LEU F 135 6.78 48.31 31.02
CA LEU F 135 6.08 49.09 30.00
C LEU F 135 5.95 48.28 28.71
N TYR F 136 4.77 48.32 28.11
CA TYR F 136 4.55 47.64 26.84
C TYR F 136 3.39 48.30 26.11
N PHE F 137 3.45 48.24 24.78
CA PHE F 137 2.42 48.81 23.92
C PHE F 137 1.32 47.79 23.65
N ASP F 138 0.13 48.30 23.30
CA ASP F 138 -1.02 47.42 23.12
C ASP F 138 -0.93 46.55 21.87
N THR F 139 -0.01 46.84 20.94
CA THR F 139 0.23 45.96 19.80
C THR F 139 1.18 44.81 20.13
N ILE F 140 1.38 44.52 21.42
CA ILE F 140 2.27 43.44 21.82
C ILE F 140 1.67 42.10 21.42
N PHE F 141 2.54 41.17 21.02
CA PHE F 141 2.10 39.83 20.68
C PHE F 141 1.38 39.18 21.86
N GLY F 142 0.29 38.46 21.56
CA GLY F 142 -0.57 37.95 22.60
C GLY F 142 0.16 37.07 23.61
N ALA F 143 0.94 36.11 23.10
CA ALA F 143 1.71 35.24 23.99
C ALA F 143 2.69 36.03 24.82
N CYS F 144 3.33 37.04 24.22
CA CYS F 144 4.23 37.89 24.98
C CYS F 144 3.48 38.68 26.05
N GLY F 145 2.36 39.31 25.66
CA GLY F 145 1.57 40.05 26.63
C GLY F 145 1.15 39.19 27.81
N LYS F 146 0.69 37.96 27.54
CA LYS F 146 0.29 37.07 28.61
C LYS F 146 1.48 36.61 29.45
N THR F 147 2.70 36.66 28.90
CA THR F 147 3.88 36.37 29.70
C THR F 147 4.06 37.40 30.82
N ILE F 148 3.76 38.66 30.53
CA ILE F 148 3.83 39.69 31.57
C ILE F 148 2.84 39.37 32.68
N ASP F 149 1.61 38.99 32.32
CA ASP F 149 0.58 38.73 33.32
C ASP F 149 0.98 37.58 34.23
N TYR F 150 1.60 36.53 33.66
CA TYR F 150 1.98 35.39 34.49
C TYR F 150 3.10 35.74 35.44
N VAL F 151 4.11 36.48 34.96
CA VAL F 151 5.24 36.82 35.82
C VAL F 151 4.80 37.75 36.95
N ILE F 152 3.85 38.64 36.67
CA ILE F 152 3.27 39.46 37.74
C ILE F 152 2.59 38.57 38.77
N GLU F 153 1.81 37.59 38.31
CA GLU F 153 1.11 36.69 39.22
C GLU F 153 2.08 35.77 39.95
N ASP F 154 3.05 35.19 39.22
CA ASP F 154 3.99 34.26 39.82
C ASP F 154 4.83 34.93 40.90
N LYS F 155 5.28 36.16 40.65
CA LYS F 155 6.17 36.88 41.57
C LYS F 155 5.41 37.65 42.66
N ARG F 156 4.10 37.41 42.81
CA ARG F 156 3.33 37.94 43.94
C ARG F 156 3.28 39.47 43.95
N GLY F 157 3.05 40.06 42.77
CA GLY F 157 2.80 41.48 42.66
C GLY F 157 3.98 42.39 42.87
N ILE F 158 5.19 41.85 43.08
CA ILE F 158 6.38 42.68 43.22
C ILE F 158 6.63 43.53 41.97
N VAL F 159 6.08 43.10 40.82
CA VAL F 159 6.19 43.85 39.58
C VAL F 159 4.78 44.08 39.04
N SER F 160 4.59 45.17 38.31
CA SER F 160 3.33 45.48 37.66
C SER F 160 3.60 45.81 36.19
N SER F 161 2.53 46.15 35.46
CA SER F 161 2.63 46.43 34.04
C SER F 161 1.82 47.66 33.69
N ARG F 162 2.17 48.29 32.58
CA ARG F 162 1.50 49.49 32.09
C ARG F 162 1.35 49.38 30.58
N CYS F 163 0.12 49.16 30.11
CA CYS F 163 -0.15 49.07 28.69
C CYS F 163 -0.24 50.47 28.08
N ILE F 164 0.36 50.63 26.91
CA ILE F 164 0.37 51.90 26.18
C ILE F 164 -0.45 51.72 24.91
N PRO F 165 -1.66 52.29 24.84
CA PRO F 165 -2.47 52.12 23.63
C PRO F 165 -1.89 52.88 22.44
N LEU F 166 -2.17 52.36 21.25
CA LEU F 166 -1.68 52.95 20.01
C LEU F 166 -2.82 53.02 19.00
N ILE F 167 -2.93 54.17 18.33
CA ILE F 167 -3.86 54.35 17.23
C ILE F 167 -3.08 54.27 15.93
N TYR F 168 -3.46 53.31 15.07
CA TYR F 168 -2.82 53.18 13.76
C TYR F 168 -3.75 53.69 12.66
N PRO F 169 -3.19 54.35 11.63
CA PRO F 169 -1.76 54.58 11.38
C PRO F 169 -1.10 55.53 12.38
N ALA F 170 -0.02 55.05 13.00
CA ALA F 170 0.66 55.78 14.07
C ALA F 170 1.89 56.47 13.53
N GLU F 171 2.04 57.76 13.85
CA GLU F 171 3.28 58.46 13.55
C GLU F 171 4.38 58.02 14.49
N ASP F 172 5.62 58.06 14.00
CA ASP F 172 6.75 57.64 14.82
C ASP F 172 6.92 58.54 16.03
N ASP F 173 6.83 59.87 15.82
CA ASP F 173 7.00 60.80 16.94
C ASP F 173 5.86 60.69 17.94
N ASP F 174 4.69 60.23 17.52
CA ASP F 174 3.56 60.12 18.44
C ASP F 174 3.66 58.87 19.32
N VAL F 175 4.30 57.80 18.83
CA VAL F 175 4.57 56.65 19.68
C VAL F 175 5.66 57.01 20.69
N VAL F 176 6.68 57.75 20.24
CA VAL F 176 7.72 58.22 21.14
C VAL F 176 7.12 59.08 22.24
N ALA F 177 6.18 59.97 21.89
CA ALA F 177 5.53 60.80 22.90
C ALA F 177 4.71 59.95 23.86
N ALA F 178 3.92 59.02 23.32
CA ALA F 178 3.11 58.15 24.17
C ALA F 178 3.98 57.27 25.06
N PHE F 179 5.19 56.94 24.62
CA PHE F 179 6.13 56.22 25.48
C PHE F 179 6.67 57.12 26.57
N ARG F 180 7.06 58.35 26.21
CA ARG F 180 7.49 59.32 27.22
C ARG F 180 6.35 59.69 28.16
N ASP F 181 5.10 59.64 27.68
CA ASP F 181 3.97 59.97 28.53
C ASP F 181 3.71 58.89 29.57
N ALA F 182 3.98 57.62 29.24
CA ALA F 182 3.77 56.53 30.19
C ALA F 182 4.88 56.49 31.24
N ILE F 183 6.09 56.95 30.89
CA ILE F 183 7.15 57.04 31.88
C ILE F 183 6.83 58.13 32.90
N LYS F 184 6.24 59.24 32.44
CA LYS F 184 5.88 60.32 33.36
C LYS F 184 4.77 59.88 34.31
N LYS F 185 3.71 59.25 33.77
CA LYS F 185 2.63 58.78 34.61
C LYS F 185 3.10 57.67 35.54
N SER F 186 4.05 56.84 35.10
CA SER F 186 4.53 55.74 35.93
C SER F 186 5.14 56.25 37.23
N ARG F 187 5.95 57.31 37.15
CA ARG F 187 6.56 57.86 38.36
C ARG F 187 5.58 58.67 39.18
N GLU F 188 4.63 59.35 38.54
CA GLU F 188 3.61 60.10 39.27
C GLU F 188 2.70 59.19 40.07
N GLU F 189 2.58 57.92 39.68
CA GLU F 189 1.84 56.93 40.46
C GLU F 189 2.72 56.18 41.45
N GLY F 190 3.98 56.59 41.59
CA GLY F 190 4.88 55.97 42.53
C GLY F 190 5.57 54.72 42.04
N LYS F 191 5.51 54.42 40.75
CA LYS F 191 6.13 53.23 40.18
C LYS F 191 7.48 53.59 39.56
N ARG F 192 8.24 52.54 39.23
CA ARG F 192 9.54 52.68 38.58
C ARG F 192 9.53 51.92 37.27
N PRO F 193 9.53 52.58 36.11
CA PRO F 193 9.67 51.85 34.85
C PRO F 193 11.01 51.13 34.79
N ARG F 194 10.97 49.79 34.82
CA ARG F 194 12.17 48.99 34.95
C ARG F 194 12.63 48.37 33.63
N LEU F 195 11.68 47.94 32.79
CA LEU F 195 12.04 47.32 31.52
C LEU F 195 10.83 47.40 30.59
N ALA F 196 11.11 47.52 29.29
CA ALA F 196 10.08 47.74 28.28
C ALA F 196 10.17 46.67 27.19
N VAL F 197 9.00 46.24 26.71
CA VAL F 197 8.89 45.27 25.63
C VAL F 197 8.66 46.05 24.34
N ILE F 198 9.65 46.02 23.45
CA ILE F 198 9.65 46.83 22.23
C ILE F 198 9.71 45.89 21.03
N ASP F 199 8.83 46.13 20.06
CA ASP F 199 8.83 45.35 18.82
C ASP F 199 9.75 45.96 17.80
N VAL F 200 10.34 45.10 16.96
CA VAL F 200 10.98 45.58 15.73
C VAL F 200 9.95 45.74 14.63
N VAL F 201 9.19 44.69 14.37
CA VAL F 201 8.06 44.72 13.44
C VAL F 201 6.90 44.03 14.13
N SER F 202 5.77 44.73 14.24
CA SER F 202 4.65 44.20 14.99
C SER F 202 3.97 43.05 14.26
N SER F 203 3.31 42.20 15.04
CA SER F 203 2.60 41.06 14.48
C SER F 203 1.31 41.50 13.79
N MET F 204 0.38 42.05 14.56
CA MET F 204 -0.91 42.49 14.03
C MET F 204 -1.24 43.89 14.53
N PRO F 205 -1.21 44.89 13.62
CA PRO F 205 -0.89 44.75 12.20
C PRO F 205 0.61 44.64 11.93
N GLY F 206 0.99 44.01 10.82
CA GLY F 206 2.38 43.89 10.44
C GLY F 206 2.98 45.23 10.10
N VAL F 207 3.66 45.86 11.05
CA VAL F 207 4.09 47.25 10.93
C VAL F 207 5.48 47.42 11.50
N ARG F 208 6.34 48.12 10.78
CA ARG F 208 7.65 48.50 11.30
C ARG F 208 7.47 49.49 12.45
N PHE F 209 8.02 49.16 13.58
CA PHE F 209 7.94 49.96 14.80
C PHE F 209 9.17 50.83 14.95
N PRO F 210 9.03 52.09 15.51
CA PRO F 210 10.22 52.94 15.75
C PRO F 210 11.01 52.48 16.97
N PHE F 211 11.57 51.27 16.87
CA PHE F 211 12.27 50.71 18.03
C PHE F 211 13.58 51.42 18.29
N GLU F 212 14.19 52.01 17.26
CA GLU F 212 15.43 52.75 17.46
C GLU F 212 15.26 53.86 18.49
N ASP F 213 14.17 54.61 18.39
CA ASP F 213 13.97 55.73 19.32
C ASP F 213 13.56 55.24 20.70
N ILE F 214 12.77 54.17 20.77
CA ILE F 214 12.34 53.66 22.07
C ILE F 214 13.50 53.03 22.82
N VAL F 215 14.39 52.34 22.10
CA VAL F 215 15.56 51.74 22.74
C VAL F 215 16.52 52.84 23.20
N LYS F 216 16.65 53.91 22.43
CA LYS F 216 17.49 55.03 22.84
C LYS F 216 16.99 55.66 24.12
N ILE F 217 15.67 55.87 24.23
CA ILE F 217 15.10 56.52 25.40
C ILE F 217 15.21 55.64 26.64
N CYS F 218 15.13 54.31 26.47
CA CYS F 218 15.27 53.41 27.61
C CYS F 218 16.62 53.56 28.28
N LYS F 219 17.67 53.84 27.50
CA LYS F 219 18.99 54.04 28.10
C LYS F 219 19.02 55.32 28.95
N GLU F 220 18.32 56.37 28.48
CA GLU F 220 18.33 57.63 29.21
C GLU F 220 17.47 57.56 30.47
N GLU F 221 16.41 56.78 30.46
CA GLU F 221 15.52 56.64 31.61
C GLU F 221 15.88 55.46 32.50
N GLU F 222 17.05 54.85 32.28
CA GLU F 222 17.49 53.68 33.05
C GLU F 222 16.45 52.56 32.99
N ILE F 223 15.89 52.35 31.80
CA ILE F 223 14.94 51.28 31.53
C ILE F 223 15.65 50.25 30.67
N ILE F 224 15.53 48.98 31.04
CA ILE F 224 16.15 47.92 30.27
C ILE F 224 15.30 47.65 29.03
N SER F 225 15.97 47.50 27.88
CA SER F 225 15.26 47.32 26.61
C SER F 225 15.20 45.82 26.29
N CYS F 226 13.97 45.30 26.21
CA CYS F 226 13.71 43.92 25.85
C CYS F 226 13.03 43.94 24.48
N VAL F 227 13.81 43.70 23.43
CA VAL F 227 13.36 43.93 22.05
C VAL F 227 12.79 42.63 21.50
N ASP F 228 11.47 42.60 21.30
CA ASP F 228 10.80 41.48 20.64
C ASP F 228 10.88 41.70 19.13
N GLY F 229 11.96 41.20 18.53
CA GLY F 229 12.14 41.33 17.11
C GLY F 229 11.83 40.05 16.37
N ALA F 230 10.76 39.35 16.80
CA ALA F 230 10.38 38.09 16.19
C ALA F 230 10.21 38.23 14.68
N GLN F 231 9.51 39.28 14.25
CA GLN F 231 9.48 39.66 12.83
C GLN F 231 10.72 40.50 12.58
N GLY F 232 11.81 39.86 12.19
CA GLY F 232 13.06 40.57 12.04
C GLY F 232 14.08 39.95 11.11
N ILE F 233 14.85 38.98 11.63
CA ILE F 233 16.05 38.52 10.92
C ILE F 233 15.69 37.97 9.55
N GLY F 234 16.40 38.45 8.53
CA GLY F 234 16.12 38.10 7.17
C GLY F 234 15.09 38.96 6.46
N MET F 235 14.36 39.79 7.21
CA MET F 235 13.37 40.71 6.64
C MET F 235 13.77 42.17 6.78
N VAL F 236 14.26 42.58 7.95
CA VAL F 236 14.69 43.95 8.17
C VAL F 236 16.07 43.92 8.82
N ASP F 237 16.77 45.05 8.71
CA ASP F 237 18.03 45.23 9.42
C ASP F 237 17.73 45.47 10.90
N LEU F 238 18.13 44.52 11.75
CA LEU F 238 17.85 44.64 13.18
C LEU F 238 18.63 45.77 13.82
N LYS F 239 19.79 46.13 13.26
CA LYS F 239 20.59 47.27 13.70
C LYS F 239 20.99 47.12 15.18
N ILE F 240 21.58 45.97 15.50
CA ILE F 240 21.87 45.66 16.89
C ILE F 240 23.00 46.53 17.42
N THR F 241 24.10 46.64 16.67
CA THR F 241 25.26 47.37 17.16
C THR F 241 25.01 48.88 17.20
N GLU F 242 24.07 49.40 16.41
CA GLU F 242 23.79 50.83 16.45
C GLU F 242 22.71 51.18 17.48
N THR F 243 21.83 50.24 17.82
CA THR F 243 20.84 50.47 18.85
C THR F 243 21.27 49.95 20.22
N ASP F 244 22.19 48.98 20.25
CA ASP F 244 22.73 48.41 21.48
C ASP F 244 21.62 48.02 22.47
N PRO F 245 20.72 47.12 22.09
CA PRO F 245 19.66 46.71 23.01
C PRO F 245 20.18 45.78 24.10
N ASP F 246 19.50 45.80 25.24
CA ASP F 246 19.90 44.94 26.35
C ASP F 246 19.56 43.48 26.05
N PHE F 247 18.45 43.24 25.36
CA PHE F 247 18.03 41.90 24.98
C PHE F 247 17.23 41.99 23.69
N LEU F 248 17.48 41.04 22.77
CA LEU F 248 16.74 40.96 21.52
C LEU F 248 16.53 39.50 21.15
N ILE F 249 15.33 39.20 20.65
CA ILE F 249 14.98 37.87 20.16
C ILE F 249 14.41 38.02 18.75
N SER F 250 14.66 37.04 17.90
CA SER F 250 14.19 37.10 16.52
C SER F 250 14.00 35.69 15.99
N ASN F 251 12.95 35.48 15.21
CA ASN F 251 12.61 34.16 14.68
C ASN F 251 13.37 33.92 13.37
N CYS F 252 14.34 33.01 13.41
CA CYS F 252 14.99 32.60 12.17
C CYS F 252 14.04 31.80 11.28
N HIS F 253 13.03 31.17 11.87
CA HIS F 253 12.11 30.34 11.09
C HIS F 253 11.02 31.14 10.40
N TRP F 255 11.60 34.45 8.78
CA TRP F 255 12.07 35.20 7.61
C TRP F 255 13.53 34.93 7.21
N LEU F 256 14.10 33.81 7.68
CA LEU F 256 15.44 33.42 7.30
C LEU F 256 15.48 32.03 6.68
N PHE F 257 14.30 31.43 6.42
CA PHE F 257 14.19 30.12 5.76
C PHE F 257 14.89 29.04 6.59
N THR F 258 14.77 29.15 7.90
CA THR F 258 15.22 28.18 8.89
C THR F 258 14.06 27.29 9.30
N PRO F 259 14.29 25.97 9.39
CA PRO F 259 13.18 25.06 9.70
C PRO F 259 12.46 25.46 10.98
N ARG F 260 11.19 25.08 11.05
CA ARG F 260 10.30 25.53 12.11
C ARG F 260 10.85 25.18 13.48
N GLY F 261 10.82 26.15 14.40
CA GLY F 261 11.32 25.98 15.73
C GLY F 261 12.75 26.43 15.89
N CYS F 262 13.04 27.68 15.51
CA CYS F 262 14.36 28.25 15.74
C CYS F 262 14.25 29.77 15.86
N ALA F 263 14.80 30.30 16.96
CA ALA F 263 14.91 31.73 17.18
C ALA F 263 16.31 32.07 17.66
N VAL F 264 16.78 33.25 17.25
CA VAL F 264 18.12 33.72 17.58
C VAL F 264 18.01 34.66 18.78
N PHE F 265 18.82 34.42 19.81
CA PHE F 265 18.77 35.16 21.06
C PHE F 265 20.05 35.98 21.17
N TYR F 266 19.90 37.30 21.31
CA TYR F 266 21.04 38.20 21.45
C TYR F 266 21.06 38.79 22.85
N VAL F 267 22.21 38.67 23.51
CA VAL F 267 22.47 39.33 24.79
C VAL F 267 23.90 39.86 24.77
N PRO F 268 24.12 41.15 24.94
CA PRO F 268 25.49 41.65 25.07
C PRO F 268 26.14 41.07 26.32
N VAL F 269 27.47 40.98 26.29
CA VAL F 269 28.20 40.35 27.38
C VAL F 269 27.89 41.04 28.71
N ARG F 270 27.75 42.37 28.69
CA ARG F 270 27.49 43.13 29.90
C ARG F 270 26.18 42.75 30.59
N ASN F 271 25.26 42.12 29.86
CA ASN F 271 23.95 41.77 30.41
C ASN F 271 23.72 40.27 30.51
N GLN F 272 24.74 39.45 30.23
CA GLN F 272 24.53 38.00 30.22
C GLN F 272 24.38 37.44 31.62
N HIS F 273 24.96 38.10 32.63
CA HIS F 273 24.81 37.61 34.01
C HIS F 273 23.36 37.66 34.48
N LEU F 274 22.53 38.50 33.86
CA LEU F 274 21.14 38.63 34.27
C LEU F 274 20.31 37.40 33.91
N ILE F 275 20.81 36.53 33.03
CA ILE F 275 20.10 35.33 32.63
C ILE F 275 20.64 34.20 33.51
N ARG F 276 20.06 34.06 34.70
CA ARG F 276 20.54 33.07 35.66
C ARG F 276 20.31 31.65 35.15
N SER F 277 19.09 31.36 34.73
CA SER F 277 18.72 30.02 34.27
C SER F 277 18.22 30.07 32.84
N THR F 278 18.41 28.97 32.12
CA THR F 278 17.77 28.79 30.83
C THR F 278 16.30 28.45 31.04
N LEU F 279 15.58 28.30 29.94
CA LEU F 279 14.21 27.83 30.00
C LEU F 279 14.06 26.61 29.11
N PRO F 280 14.00 25.42 29.72
CA PRO F 280 14.01 25.17 31.16
C PRO F 280 15.40 25.13 31.80
N THR F 281 15.44 24.97 33.12
CA THR F 281 16.72 24.86 33.82
C THR F 281 17.39 23.52 33.50
N SER F 282 18.70 23.56 33.31
CA SER F 282 19.41 22.41 32.78
C SER F 282 20.78 22.28 33.46
N HIS F 283 21.65 21.46 32.85
CA HIS F 283 22.92 21.09 33.47
C HIS F 283 23.84 22.29 33.66
N GLY F 284 23.73 23.31 32.81
CA GLY F 284 24.63 24.44 32.89
C GLY F 284 24.32 25.48 33.94
N PHE F 285 23.22 25.33 34.67
CA PHE F 285 22.86 26.31 35.70
C PHE F 285 23.88 26.28 36.83
N VAL F 286 24.27 27.47 37.29
CA VAL F 286 25.26 27.64 38.33
C VAL F 286 24.62 28.40 39.48
N PRO F 287 24.24 27.70 40.55
CA PRO F 287 23.69 28.40 41.72
C PRO F 287 24.75 29.25 42.42
N GLN F 288 24.31 30.39 42.94
CA GLN F 288 25.21 31.31 43.61
C GLN F 288 25.18 31.12 45.12
N LYS F 302 34.78 29.13 25.73
CA LYS F 302 33.34 29.24 25.73
C LYS F 302 32.82 29.62 27.11
N SER F 303 32.01 30.67 27.18
CA SER F 303 31.53 31.17 28.46
C SER F 303 30.43 30.28 29.01
N ALA F 304 30.07 30.52 30.27
CA ALA F 304 28.99 29.76 30.90
C ALA F 304 27.64 30.13 30.30
N PHE F 305 27.50 31.38 29.83
CA PHE F 305 26.25 31.77 29.16
C PHE F 305 26.04 30.98 27.87
N VAL F 306 27.05 30.98 27.00
CA VAL F 306 26.92 30.25 25.74
C VAL F 306 26.80 28.76 26.00
N SER F 307 27.58 28.24 26.93
CA SER F 307 27.56 26.81 27.23
C SER F 307 26.25 26.35 27.85
N ASN F 308 25.52 27.26 28.51
CA ASN F 308 24.28 26.87 29.18
C ASN F 308 23.16 26.59 28.18
N PHE F 309 23.15 27.29 27.04
CA PHE F 309 22.09 27.12 26.04
C PHE F 309 22.33 25.96 25.09
N GLU F 310 23.40 25.18 25.28
CA GLU F 310 23.68 24.06 24.38
C GLU F 310 22.74 22.89 24.65
N PHE F 311 22.56 22.52 25.92
CA PHE F 311 21.71 21.41 26.31
C PHE F 311 20.73 21.90 27.37
N VAL F 312 19.46 22.06 26.98
CA VAL F 312 18.43 22.52 27.90
C VAL F 312 17.26 21.53 27.86
N GLY F 313 17.58 20.26 27.68
CA GLY F 313 16.56 19.23 27.50
C GLY F 313 16.65 18.65 26.11
N THR F 314 16.39 17.34 26.01
CA THR F 314 16.56 16.62 24.75
C THR F 314 15.50 17.07 23.75
N VAL F 315 15.95 17.65 22.63
CA VAL F 315 15.08 18.09 21.55
C VAL F 315 15.75 17.76 20.22
N ASP F 316 14.97 17.85 19.16
CA ASP F 316 15.49 17.78 17.80
C ASP F 316 16.12 19.13 17.47
N ASN F 317 17.45 19.19 17.48
CA ASN F 317 18.18 20.42 17.21
C ASN F 317 18.48 20.63 15.73
N SER F 318 17.95 19.77 14.85
CA SER F 318 18.14 19.96 13.42
C SER F 318 17.78 21.36 12.93
N PRO F 319 16.74 22.03 13.43
CA PRO F 319 16.50 23.42 12.99
C PRO F 319 17.66 24.35 13.29
N PHE F 320 18.21 24.31 14.51
CA PHE F 320 19.33 25.17 14.85
C PHE F 320 20.50 24.93 13.92
N PHE F 321 20.76 23.67 13.57
CA PHE F 321 21.89 23.34 12.69
C PHE F 321 21.72 23.96 11.31
N CYS F 322 20.50 24.05 10.82
CA CYS F 322 20.23 24.56 9.48
C CYS F 322 20.40 26.08 9.37
N VAL F 323 20.69 26.78 10.46
CA VAL F 323 20.83 28.23 10.40
C VAL F 323 22.03 28.61 9.52
N LYS F 324 23.14 27.90 9.67
CA LYS F 324 24.29 28.15 8.79
C LYS F 324 23.95 27.80 7.35
N ASP F 325 23.09 26.80 7.14
CA ASP F 325 22.76 26.37 5.78
C ASP F 325 21.75 27.28 5.13
N ALA F 326 20.80 27.82 5.91
CA ALA F 326 19.84 28.77 5.36
C ALA F 326 20.51 30.08 4.98
N ILE F 327 21.44 30.54 5.81
CA ILE F 327 22.17 31.77 5.52
C ILE F 327 23.03 31.61 4.27
N LYS F 328 23.73 30.48 4.16
CA LYS F 328 24.55 30.23 2.97
C LYS F 328 23.69 30.12 1.72
N TRP F 329 22.55 29.43 1.82
CA TRP F 329 21.67 29.30 0.67
C TRP F 329 21.20 30.67 0.18
N ARG F 330 20.81 31.54 1.11
CA ARG F 330 20.36 32.87 0.74
C ARG F 330 21.48 33.70 0.12
N GLU F 331 22.73 33.39 0.45
CA GLU F 331 23.87 34.13 -0.08
C GLU F 331 24.35 33.54 -1.41
N GLU F 332 24.48 32.21 -1.49
CA GLU F 332 25.03 31.58 -2.70
C GLU F 332 23.98 31.46 -3.80
N VAL F 333 22.75 31.09 -3.43
CA VAL F 333 21.70 30.85 -4.42
C VAL F 333 20.97 32.14 -4.78
N LEU F 334 20.53 32.89 -3.79
CA LEU F 334 19.95 34.21 -4.01
C LEU F 334 21.07 35.24 -3.95
N GLY F 335 20.72 36.52 -3.98
CA GLY F 335 21.75 37.55 -4.01
C GLY F 335 22.31 37.94 -2.66
N GLY F 336 21.72 37.46 -1.58
CA GLY F 336 22.11 37.86 -0.24
C GLY F 336 20.97 38.53 0.50
N GLU F 337 21.26 38.89 1.76
CA GLU F 337 20.23 39.48 2.61
C GLU F 337 19.72 40.80 2.04
N GLU F 338 20.62 41.63 1.51
CA GLU F 338 20.21 42.93 0.99
C GLU F 338 19.26 42.78 -0.21
N ARG F 339 19.63 41.94 -1.17
CA ARG F 339 18.76 41.75 -2.33
C ARG F 339 17.43 41.12 -1.95
N ILE F 340 17.43 40.27 -0.93
CA ILE F 340 16.18 39.64 -0.48
C ILE F 340 15.27 40.65 0.18
N MET F 341 15.79 41.37 1.18
CA MET F 341 14.97 42.33 1.91
C MET F 341 14.53 43.47 0.99
N GLU F 342 15.43 43.95 0.14
CA GLU F 342 15.09 45.03 -0.78
C GLU F 342 13.93 44.66 -1.69
N TYR F 343 13.88 43.40 -2.13
CA TYR F 343 12.79 42.96 -3.01
C TYR F 343 11.46 42.91 -2.26
N MET F 344 11.43 42.20 -1.13
CA MET F 344 10.18 41.96 -0.43
C MET F 344 9.58 43.25 0.13
N THR F 345 10.42 44.20 0.56
CA THR F 345 9.90 45.48 1.03
C THR F 345 9.28 46.26 -0.12
N LYS F 346 9.96 46.29 -1.28
CA LYS F 346 9.39 46.97 -2.44
C LYS F 346 8.09 46.31 -2.89
N LEU F 347 8.04 44.98 -2.87
CA LEU F 347 6.82 44.28 -3.25
C LEU F 347 5.70 44.49 -2.23
N ALA F 348 6.06 44.78 -0.97
CA ALA F 348 5.04 45.00 0.04
C ALA F 348 4.27 46.29 -0.22
N ARG F 349 4.99 47.37 -0.54
CA ARG F 349 4.33 48.64 -0.84
C ARG F 349 3.52 48.55 -2.13
N GLU F 350 4.18 48.19 -3.24
CA GLU F 350 3.53 48.22 -4.54
C GLU F 350 2.46 47.14 -4.65
N GLY F 351 2.76 45.94 -4.17
CA GLY F 351 1.74 44.90 -4.14
C GLY F 351 0.59 45.24 -3.23
N GLY F 352 0.89 45.85 -2.07
CA GLY F 352 -0.17 46.26 -1.17
C GLY F 352 -1.01 47.38 -1.74
N GLN F 353 -0.37 48.35 -2.39
CA GLN F 353 -1.12 49.42 -3.05
C GLN F 353 -2.00 48.88 -4.17
N LYS F 354 -1.53 47.82 -4.86
CA LYS F 354 -2.37 47.16 -5.85
C LYS F 354 -3.63 46.58 -5.21
N VAL F 355 -3.49 45.95 -4.04
CA VAL F 355 -4.65 45.44 -3.32
C VAL F 355 -5.54 46.60 -2.85
N ALA F 356 -4.93 47.72 -2.48
CA ALA F 356 -5.71 48.86 -2.01
C ALA F 356 -6.58 49.43 -3.12
N GLU F 357 -6.05 49.49 -4.35
CA GLU F 357 -6.83 50.03 -5.46
C GLU F 357 -7.90 49.06 -5.91
N ILE F 358 -7.61 47.75 -5.87
CA ILE F 358 -8.61 46.75 -6.24
C ILE F 358 -9.77 46.77 -5.24
N LEU F 359 -9.46 47.01 -3.96
CA LEU F 359 -10.49 47.10 -2.93
C LEU F 359 -11.08 48.50 -2.80
N GLY F 360 -10.47 49.50 -3.40
CA GLY F 360 -10.95 50.86 -3.25
C GLY F 360 -10.74 51.44 -1.87
N THR F 361 -9.85 50.86 -1.08
CA THR F 361 -9.54 51.33 0.26
C THR F 361 -8.13 51.91 0.27
N ARG F 362 -7.24 51.50 1.16
CA ARG F 362 -5.92 52.08 1.29
C ARG F 362 -5.07 51.18 2.17
N VAL F 363 -3.76 51.35 2.07
CA VAL F 363 -2.81 50.61 2.89
C VAL F 363 -2.55 51.41 4.16
N LEU F 364 -2.28 50.72 5.25
CA LEU F 364 -1.98 51.39 6.51
C LEU F 364 -0.55 51.93 6.47
N GLU F 365 -0.42 53.25 6.60
CA GLU F 365 0.86 53.93 6.47
C GLU F 365 0.74 55.29 7.12
N ASN F 366 1.84 55.79 7.66
CA ASN F 366 1.86 57.10 8.30
C ASN F 366 2.37 58.15 7.32
N SER F 367 2.39 59.40 7.78
CA SER F 367 2.81 60.51 6.93
C SER F 367 4.26 60.38 6.48
N THR F 368 5.09 59.68 7.23
CA THR F 368 6.51 59.55 6.93
C THR F 368 6.83 58.33 6.05
N GLY F 369 5.85 57.48 5.79
CA GLY F 369 6.10 56.28 5.00
C GLY F 369 7.01 55.28 5.68
N THR F 370 6.93 55.14 7.00
CA THR F 370 7.85 54.31 7.77
C THR F 370 7.21 53.07 8.36
N LEU F 371 5.91 52.84 8.13
CA LEU F 371 5.29 51.61 8.63
C LEU F 371 5.58 50.43 7.72
N ILE F 372 5.52 50.61 6.40
CA ILE F 372 5.78 49.52 5.48
C ILE F 372 7.27 49.47 5.19
N ARG F 373 8.07 49.41 6.24
CA ARG F 373 9.50 49.15 6.14
C ARG F 373 9.81 47.70 6.51
N CYS F 374 9.12 46.79 5.83
CA CYS F 374 9.29 45.36 6.00
C CYS F 374 8.63 44.63 4.84
N ALA F 375 8.40 43.32 4.98
CA ALA F 375 7.79 42.53 3.92
C ALA F 375 6.31 42.32 4.12
N MET F 376 5.70 42.98 5.10
CA MET F 376 4.28 42.84 5.39
C MET F 376 3.58 44.18 5.18
N VAL F 377 2.34 44.11 4.70
CA VAL F 377 1.53 45.30 4.43
C VAL F 377 0.10 45.01 4.87
N ASN F 378 -0.58 46.03 5.37
CA ASN F 378 -1.95 45.92 5.85
C ASN F 378 -2.85 46.81 5.01
N ILE F 379 -3.91 46.22 4.47
CA ILE F 379 -4.88 46.94 3.64
C ILE F 379 -6.24 46.83 4.29
N ALA F 380 -6.89 47.97 4.49
CA ALA F 380 -8.23 47.98 5.05
C ALA F 380 -9.22 47.34 4.08
N LEU F 381 -10.29 46.79 4.63
CA LEU F 381 -11.31 46.16 3.80
C LEU F 381 -12.60 46.96 3.83
N PRO F 382 -13.34 46.99 2.73
CA PRO F 382 -14.46 47.93 2.61
C PRO F 382 -15.70 47.57 3.42
N PHE F 383 -15.56 47.36 4.73
CA PHE F 383 -16.70 47.33 5.63
C PHE F 383 -16.48 48.26 6.79
N VAL F 384 -17.48 48.26 7.67
CA VAL F 384 -17.39 48.85 8.99
C VAL F 384 -18.10 47.93 9.96
N VAL F 385 -17.45 47.67 11.08
CA VAL F 385 -18.11 46.99 12.19
C VAL F 385 -18.98 48.01 12.91
N GLY F 386 -20.19 47.59 13.27
CA GLY F 386 -21.05 48.43 14.09
C GLY F 386 -20.34 48.86 15.36
N GLU F 387 -20.65 50.05 15.85
CA GLU F 387 -20.05 50.50 17.10
C GLU F 387 -20.51 49.60 18.24
N ASP F 388 -19.55 49.10 19.02
CA ASP F 388 -19.78 48.19 20.13
C ASP F 388 -20.23 48.93 21.38
N PRO F 389 -21.54 49.02 21.68
CA PRO F 389 -21.99 49.92 22.76
C PRO F 389 -21.27 49.72 24.10
N LYS F 390 -20.59 48.59 24.26
CA LYS F 390 -19.90 48.26 25.49
C LYS F 390 -18.49 48.82 25.55
N ALA F 391 -17.75 48.74 24.45
CA ALA F 391 -16.48 49.44 24.27
C ALA F 391 -16.50 50.18 22.94
N PRO F 392 -17.34 51.21 22.81
CA PRO F 392 -17.38 51.97 21.56
C PRO F 392 -16.20 52.92 21.39
N VAL F 393 -15.87 53.13 20.13
CA VAL F 393 -14.68 53.88 19.70
C VAL F 393 -15.01 55.36 19.50
N LYS F 394 -13.97 56.16 19.31
CA LYS F 394 -14.08 57.49 18.72
C LYS F 394 -13.31 57.48 17.40
N LEU F 395 -13.84 58.16 16.39
CA LEU F 395 -13.26 58.13 15.06
C LEU F 395 -12.86 59.54 14.64
N THR F 396 -11.67 59.66 14.07
CA THR F 396 -11.11 60.94 13.66
C THR F 396 -11.89 61.48 12.46
N GLU F 397 -11.51 62.67 12.01
CA GLU F 397 -12.23 63.36 10.94
C GLU F 397 -12.44 62.47 9.73
N LYS F 398 -11.39 61.78 9.30
CA LYS F 398 -11.43 61.03 8.07
C LYS F 398 -11.49 59.52 8.28
N GLU F 399 -11.17 59.04 9.49
CA GLU F 399 -11.64 57.73 9.90
C GLU F 399 -13.16 57.67 9.79
N GLU F 400 -13.85 58.75 10.15
CA GLU F 400 -15.30 58.83 10.08
C GLU F 400 -15.81 58.98 8.65
N LYS F 401 -14.92 59.22 7.67
CA LYS F 401 -15.38 59.30 6.30
C LYS F 401 -14.97 58.12 5.43
N ASP F 402 -13.93 57.38 5.79
CA ASP F 402 -13.62 56.21 4.97
C ASP F 402 -14.63 55.09 5.23
N VAL F 403 -15.88 55.47 5.48
CA VAL F 403 -16.96 54.56 5.85
C VAL F 403 -18.21 55.01 5.11
N GLU F 404 -18.02 55.66 3.96
CA GLU F 404 -19.12 56.16 3.14
C GLU F 404 -19.57 55.10 2.17
N GLY F 405 -20.88 54.88 2.11
CA GLY F 405 -21.44 53.88 1.20
C GLY F 405 -20.88 52.50 1.43
N LEU F 406 -20.03 52.36 2.45
CA LEU F 406 -19.46 51.07 2.78
C LEU F 406 -20.51 50.20 3.45
N TYR F 407 -20.51 48.92 3.10
CA TYR F 407 -21.40 47.97 3.73
C TYR F 407 -21.13 47.91 5.22
N GLU F 408 -22.20 47.72 6.00
CA GLU F 408 -22.11 47.68 7.45
C GLU F 408 -22.75 46.40 7.95
N ILE F 409 -21.98 45.62 8.70
CA ILE F 409 -22.48 44.42 9.38
C ILE F 409 -23.00 44.85 10.74
N PRO F 410 -23.90 44.09 11.37
CA PRO F 410 -24.08 44.25 12.80
C PRO F 410 -22.80 43.80 13.48
N HIS F 411 -22.52 44.41 14.62
CA HIS F 411 -21.23 44.16 15.22
C HIS F 411 -21.22 42.91 16.09
N GLU F 412 -22.39 42.36 16.44
CA GLU F 412 -22.46 41.10 17.16
C GLU F 412 -21.89 39.93 16.37
N GLU F 413 -21.56 40.12 15.08
CA GLU F 413 -20.91 39.09 14.29
C GLU F 413 -19.62 39.59 13.65
N ALA F 414 -19.02 40.65 14.20
CA ALA F 414 -17.69 41.05 13.75
C ALA F 414 -16.71 39.90 13.89
N ASN F 415 -16.85 39.11 14.95
CA ASN F 415 -16.02 37.92 15.16
C ASN F 415 -16.58 36.69 14.45
N MET F 416 -17.90 36.63 14.27
CA MET F 416 -18.48 35.52 13.52
C MET F 416 -18.10 35.60 12.04
N ALA F 417 -18.25 36.78 11.43
CA ALA F 417 -17.80 36.96 10.06
C ALA F 417 -16.28 36.83 9.96
N PHE F 418 -15.55 37.22 11.00
CA PHE F 418 -14.12 37.00 11.06
C PHE F 418 -13.77 35.53 10.88
N LYS F 419 -14.56 34.65 11.50
CA LYS F 419 -14.34 33.21 11.34
C LYS F 419 -14.86 32.70 10.01
N TRP F 420 -15.91 33.34 9.47
CA TRP F 420 -16.47 32.87 8.20
C TRP F 420 -15.48 33.02 7.06
N MET F 421 -14.91 34.22 6.89
CA MET F 421 -13.99 34.44 5.78
C MET F 421 -12.67 33.71 5.97
N TYR F 422 -12.32 33.36 7.21
CA TYR F 422 -11.15 32.51 7.43
C TYR F 422 -11.37 31.13 6.83
N ASN F 423 -12.49 30.49 7.17
CA ASN F 423 -12.78 29.16 6.65
C ASN F 423 -12.99 29.19 5.14
N VAL F 424 -13.57 30.27 4.62
CA VAL F 424 -13.88 30.35 3.19
C VAL F 424 -12.60 30.52 2.38
N LEU F 425 -11.69 31.38 2.85
CA LEU F 425 -10.45 31.60 2.11
C LEU F 425 -9.55 30.37 2.07
N GLN F 426 -9.83 29.35 2.86
CA GLN F 426 -9.04 28.13 2.88
C GLN F 426 -9.71 26.98 2.13
N ASP F 427 -10.98 26.70 2.42
CA ASP F 427 -11.69 25.63 1.74
C ASP F 427 -12.10 26.03 0.33
N GLU F 428 -12.41 27.31 0.11
CA GLU F 428 -12.90 27.79 -1.17
C GLU F 428 -11.85 28.46 -2.03
N PHE F 429 -10.81 29.03 -1.42
CA PHE F 429 -9.79 29.76 -2.16
C PHE F 429 -8.37 29.26 -1.92
N ASN F 430 -8.15 28.40 -0.92
CA ASN F 430 -6.85 27.75 -0.69
C ASN F 430 -5.75 28.77 -0.40
N THR F 431 -6.00 29.59 0.62
CA THR F 431 -5.02 30.55 1.11
C THR F 431 -5.35 30.87 2.57
N PHE F 432 -4.52 31.72 3.17
CA PHE F 432 -4.78 32.18 4.53
C PHE F 432 -4.32 33.63 4.65
N VAL F 433 -5.23 34.49 5.09
CA VAL F 433 -4.90 35.91 5.26
C VAL F 433 -5.33 36.34 6.66
N PRO F 434 -4.38 36.61 7.56
CA PRO F 434 -4.74 37.15 8.87
C PRO F 434 -5.18 38.60 8.76
N MET F 435 -6.05 39.00 9.69
CA MET F 435 -6.62 40.34 9.63
C MET F 435 -6.64 40.97 11.02
N THR F 436 -6.13 42.18 11.11
CA THR F 436 -6.18 42.96 12.34
C THR F 436 -7.50 43.69 12.44
N PHE F 437 -8.07 43.72 13.64
CA PHE F 437 -9.28 44.50 13.92
C PHE F 437 -8.88 45.68 14.79
N HIS F 438 -8.96 46.88 14.23
CA HIS F 438 -8.50 48.09 14.90
C HIS F 438 -9.42 49.24 14.54
N ARG F 439 -10.12 49.78 15.54
CA ARG F 439 -10.97 50.96 15.37
C ARG F 439 -12.00 50.73 14.26
N ARG F 440 -12.71 49.60 14.36
CA ARG F 440 -13.90 49.24 13.58
C ARG F 440 -13.65 48.73 12.18
N ARG F 441 -12.42 48.36 11.83
CA ARG F 441 -12.13 47.95 10.46
C ARG F 441 -11.30 46.68 10.47
N PHE F 442 -11.47 45.90 9.39
CA PHE F 442 -10.72 44.67 9.17
C PHE F 442 -9.62 44.93 8.16
N TRP F 443 -8.47 44.27 8.36
CA TRP F 443 -7.23 44.61 7.66
C TRP F 443 -6.49 43.35 7.25
N ALA F 444 -6.68 42.93 6.01
CA ALA F 444 -5.86 41.87 5.46
C ALA F 444 -4.38 42.19 5.64
N ARG F 445 -3.68 41.40 6.45
CA ARG F 445 -2.24 41.49 6.55
C ARG F 445 -1.65 40.50 5.54
N LEU F 446 -1.02 41.03 4.50
CA LEU F 446 -0.41 40.20 3.47
C LEU F 446 1.09 40.17 3.65
N SER F 447 1.69 39.05 3.26
CA SER F 447 3.12 38.81 3.46
C SER F 447 3.75 38.54 2.10
N ALA F 448 4.60 39.47 1.65
CA ALA F 448 5.36 39.25 0.43
C ALA F 448 6.56 38.35 0.73
N GLN F 449 7.04 37.68 -0.33
CA GLN F 449 8.19 36.80 -0.20
C GLN F 449 8.86 36.69 -1.56
N VAL F 450 10.10 36.19 -1.55
CA VAL F 450 10.91 36.14 -2.78
C VAL F 450 10.30 35.23 -3.83
N TYR F 451 9.43 34.29 -3.43
CA TYR F 451 8.72 33.45 -4.38
C TYR F 451 7.41 34.08 -4.84
N LEU F 452 7.24 35.38 -4.63
CA LEU F 452 6.05 36.11 -5.06
C LEU F 452 6.48 37.31 -5.90
N GLU F 453 5.53 37.81 -6.70
CA GLU F 453 5.77 38.97 -7.55
C GLU F 453 4.57 39.91 -7.49
N MET F 454 4.31 40.67 -8.56
CA MET F 454 3.18 41.60 -8.53
C MET F 454 1.85 40.89 -8.79
N SER F 455 1.84 39.86 -9.61
CA SER F 455 0.60 39.12 -9.90
C SER F 455 0.04 38.42 -8.68
N ASP F 456 0.83 38.26 -7.62
CA ASP F 456 0.37 37.59 -6.41
C ASP F 456 -0.56 38.47 -5.59
N PHE F 457 -0.21 39.75 -5.45
CA PHE F 457 -1.08 40.69 -4.77
C PHE F 457 -2.28 41.05 -5.64
N GLU F 458 -2.14 40.96 -6.97
CA GLU F 458 -3.28 41.19 -7.84
C GLU F 458 -4.30 40.07 -7.70
N TRP F 459 -3.84 38.82 -7.59
CA TRP F 459 -4.75 37.73 -7.25
C TRP F 459 -5.32 37.91 -5.85
N ALA F 460 -4.50 38.38 -4.91
CA ALA F 460 -4.94 38.55 -3.53
C ALA F 460 -6.00 39.62 -3.42
N GLY F 461 -5.80 40.77 -4.07
CA GLY F 461 -6.79 41.83 -4.00
C GLY F 461 -8.12 41.44 -4.63
N LYS F 462 -8.09 40.55 -5.62
CA LYS F 462 -9.32 40.13 -6.30
C LYS F 462 -10.10 39.12 -5.47
N THR F 463 -9.41 38.12 -4.90
CA THR F 463 -10.10 37.11 -4.10
C THR F 463 -10.65 37.71 -2.81
N LEU F 464 -9.93 38.67 -2.22
CA LEU F 464 -10.48 39.43 -1.10
C LEU F 464 -11.72 40.19 -1.54
N LYS F 465 -11.63 40.85 -2.69
CA LYS F 465 -12.74 41.65 -3.20
C LYS F 465 -13.99 40.82 -3.41
N GLU F 466 -13.85 39.64 -4.02
CA GLU F 466 -15.00 38.76 -4.21
C GLU F 466 -15.62 38.39 -2.87
N LEU F 467 -14.79 37.97 -1.93
CA LEU F 467 -15.27 37.59 -0.61
C LEU F 467 -15.79 38.77 0.19
N CYS F 468 -15.44 40.00 -0.19
CA CYS F 468 -15.92 41.19 0.50
C CYS F 468 -17.26 41.67 -0.02
N GLU F 469 -17.46 41.68 -1.34
CA GLU F 469 -18.81 41.84 -1.86
C GLU F 469 -19.68 40.62 -1.57
N ARG F 470 -19.08 39.54 -1.10
CA ARG F 470 -19.82 38.34 -0.72
C ARG F 470 -20.49 38.50 0.64
N VAL F 471 -19.71 38.90 1.67
CA VAL F 471 -20.28 39.16 2.98
C VAL F 471 -21.25 40.33 2.93
N ALA F 472 -21.12 41.20 1.92
CA ALA F 472 -22.15 42.20 1.67
C ALA F 472 -23.50 41.55 1.39
N LYS F 473 -23.49 40.39 0.74
CA LYS F 473 -24.71 39.64 0.49
C LYS F 473 -25.21 38.88 1.72
N GLY F 474 -24.53 39.03 2.86
CA GLY F 474 -24.96 38.40 4.10
C GLY F 474 -24.88 36.89 4.07
N GLU F 475 -23.69 36.35 3.89
CA GLU F 475 -23.49 34.89 3.86
C GLU F 475 -23.05 34.36 5.21
N TYR F 476 -23.82 34.71 6.25
CA TYR F 476 -23.54 34.17 7.58
C TYR F 476 -23.83 32.68 7.65
N LYS F 477 -24.92 32.24 7.03
CA LYS F 477 -25.33 30.85 7.08
C LYS F 477 -25.48 30.26 5.67
N THR G 28 -48.16 5.82 -25.34
CA THR G 28 -49.38 5.84 -24.54
C THR G 28 -49.24 4.98 -23.28
N GLY G 29 -48.30 4.04 -23.30
CA GLY G 29 -48.11 3.13 -22.21
C GLY G 29 -47.32 3.74 -21.07
N PRO G 30 -47.17 2.97 -20.00
CA PRO G 30 -46.44 3.47 -18.83
C PRO G 30 -44.96 3.61 -19.11
N LEU G 31 -44.30 4.51 -18.38
CA LEU G 31 -42.89 4.74 -18.61
C LEU G 31 -42.06 3.52 -18.20
N PRO G 32 -40.92 3.32 -18.87
CA PRO G 32 -39.95 2.37 -18.33
C PRO G 32 -39.37 2.89 -17.02
N PHE G 33 -38.99 1.95 -16.17
CA PHE G 33 -38.35 2.30 -14.90
C PHE G 33 -36.88 2.58 -15.15
N GLY G 34 -36.11 2.72 -14.08
CA GLY G 34 -34.70 3.02 -14.19
C GLY G 34 -34.39 4.51 -14.12
N ASN G 35 -33.11 4.82 -14.30
CA ASN G 35 -32.64 6.19 -14.15
C ASN G 35 -33.34 7.17 -15.07
N SER G 36 -34.00 6.69 -16.13
CA SER G 36 -34.77 7.60 -16.98
C SER G 36 -35.92 8.23 -16.21
N LEU G 37 -36.50 7.50 -15.25
CA LEU G 37 -37.61 8.01 -14.47
C LEU G 37 -37.21 9.15 -13.55
N LEU G 38 -35.90 9.36 -13.32
CA LEU G 38 -35.44 10.50 -12.53
C LEU G 38 -35.88 11.82 -13.13
N LYS G 39 -36.25 11.84 -14.41
CA LYS G 39 -36.84 13.04 -15.00
C LYS G 39 -38.12 13.44 -14.27
N GLU G 40 -38.87 12.47 -13.76
CA GLU G 40 -40.16 12.72 -13.13
C GLU G 40 -40.06 13.04 -11.65
N PHE G 41 -38.86 13.05 -11.07
CA PHE G 41 -38.65 13.32 -9.66
C PHE G 41 -37.82 14.59 -9.48
N VAL G 42 -37.62 14.97 -8.23
CA VAL G 42 -36.95 16.24 -7.90
C VAL G 42 -35.75 15.99 -6.98
N LEU G 43 -35.08 14.85 -7.16
CA LEU G 43 -33.90 14.54 -6.38
C LEU G 43 -32.67 15.24 -6.94
N ASP G 44 -31.75 15.57 -6.06
CA ASP G 44 -30.48 16.18 -6.44
C ASP G 44 -29.71 15.24 -7.36
N PRO G 45 -29.36 15.68 -8.58
CA PRO G 45 -28.61 14.79 -9.48
C PRO G 45 -27.28 14.34 -8.91
N ALA G 46 -26.66 15.15 -8.06
CA ALA G 46 -25.42 14.77 -7.39
C ALA G 46 -25.64 13.85 -6.19
N TYR G 47 -26.88 13.49 -5.90
CA TYR G 47 -27.23 12.62 -4.79
C TYR G 47 -28.01 11.42 -5.33
N ARG G 48 -27.84 10.27 -4.65
CA ARG G 48 -28.59 9.07 -4.99
C ARG G 48 -29.25 8.54 -3.73
N ASN G 49 -30.58 8.42 -3.76
CA ASN G 49 -31.31 7.94 -2.59
C ASN G 49 -31.34 6.41 -2.66
N LEU G 50 -30.29 5.80 -2.12
CA LEU G 50 -30.30 4.36 -1.86
C LEU G 50 -31.06 4.03 -0.58
N ASN G 51 -31.54 5.04 0.14
CA ASN G 51 -32.29 4.87 1.38
C ASN G 51 -33.63 5.61 1.27
N HIS G 52 -34.42 5.20 0.29
CA HIS G 52 -35.75 5.75 0.13
C HIS G 52 -36.66 5.39 1.30
N GLY G 53 -36.42 4.22 1.91
CA GLY G 53 -37.29 3.70 2.96
C GLY G 53 -37.32 4.53 4.23
N SER G 54 -36.38 5.47 4.41
CA SER G 54 -36.39 6.30 5.61
C SER G 54 -37.47 7.37 5.53
N PHE G 55 -37.39 8.26 4.55
CA PHE G 55 -38.32 9.37 4.42
C PHE G 55 -39.06 9.40 3.09
N GLY G 56 -38.64 8.63 2.09
CA GLY G 56 -39.29 8.64 0.80
C GLY G 56 -39.09 9.95 0.07
N THR G 57 -39.75 10.04 -1.09
CA THR G 57 -39.78 11.26 -1.87
C THR G 57 -40.96 11.19 -2.82
N ILE G 58 -41.23 12.32 -3.48
CA ILE G 58 -42.41 12.43 -4.34
C ILE G 58 -41.99 12.84 -5.74
N PRO G 59 -42.75 12.48 -6.77
CA PRO G 59 -42.47 12.99 -8.11
C PRO G 59 -42.83 14.47 -8.21
N SER G 60 -42.36 15.08 -9.30
CA SER G 60 -42.56 16.52 -9.49
C SER G 60 -44.04 16.86 -9.64
N ALA G 61 -44.83 15.97 -10.25
CA ALA G 61 -46.25 16.23 -10.41
C ALA G 61 -46.95 16.27 -9.05
N ILE G 62 -46.53 15.41 -8.12
CA ILE G 62 -47.17 15.38 -6.81
C ILE G 62 -46.78 16.61 -5.99
N GLN G 63 -45.52 17.05 -6.11
CA GLN G 63 -45.12 18.30 -5.47
C GLN G 63 -45.94 19.47 -5.98
N GLN G 64 -46.38 19.42 -7.25
CA GLN G 64 -47.22 20.48 -7.78
C GLN G 64 -48.63 20.43 -7.18
N LYS G 65 -49.18 19.22 -7.01
CA LYS G 65 -50.49 19.10 -6.37
C LYS G 65 -50.44 19.57 -4.92
N LEU G 66 -49.34 19.28 -4.23
CA LEU G 66 -49.19 19.75 -2.84
C LEU G 66 -49.28 21.26 -2.76
N ARG G 67 -48.54 21.96 -3.61
CA ARG G 67 -48.60 23.42 -3.64
C ARG G 67 -49.95 23.92 -4.14
N SER G 68 -50.67 23.13 -4.93
CA SER G 68 -52.01 23.51 -5.34
C SER G 68 -52.94 23.63 -4.14
N TYR G 69 -52.89 22.64 -3.23
CA TYR G 69 -53.74 22.69 -2.05
C TYR G 69 -53.30 23.78 -1.09
N GLN G 70 -52.00 24.05 -1.01
CA GLN G 70 -51.52 25.15 -0.17
C GLN G 70 -52.01 26.48 -0.70
N THR G 71 -52.03 26.65 -2.02
CA THR G 71 -52.52 27.90 -2.61
C THR G 71 -54.02 28.08 -2.35
N ALA G 72 -54.79 27.01 -2.49
CA ALA G 72 -56.23 27.10 -2.24
C ALA G 72 -56.53 27.37 -0.77
N ALA G 73 -55.77 26.73 0.13
CA ALA G 73 -55.98 26.96 1.56
C ALA G 73 -55.62 28.39 1.95
N GLU G 74 -54.54 28.92 1.39
CA GLU G 74 -54.12 30.27 1.74
C GLU G 74 -54.86 31.36 1.00
N ALA G 75 -55.46 31.04 -0.14
CA ALA G 75 -56.31 32.04 -0.80
C ALA G 75 -57.51 32.37 0.06
N ARG G 76 -58.06 31.36 0.73
CA ARG G 76 -59.32 31.50 1.47
C ARG G 76 -59.33 30.54 2.63
N PRO G 77 -58.70 30.92 3.75
CA PRO G 77 -58.51 29.96 4.83
C PRO G 77 -59.80 29.34 5.36
N CYS G 78 -60.78 30.17 5.75
CA CYS G 78 -61.95 29.61 6.42
C CYS G 78 -62.78 28.73 5.49
N PRO G 79 -63.29 29.20 4.35
CA PRO G 79 -64.18 28.33 3.55
C PRO G 79 -63.50 27.07 3.05
N PHE G 80 -62.20 27.12 2.77
CA PHE G 80 -61.50 25.91 2.32
C PHE G 80 -61.24 24.96 3.47
N LEU G 81 -60.55 25.44 4.51
CA LEU G 81 -60.15 24.55 5.60
C LEU G 81 -61.35 23.99 6.35
N ARG G 82 -62.43 24.77 6.47
CA ARG G 82 -63.59 24.29 7.23
C ARG G 82 -64.42 23.29 6.44
N TYR G 83 -64.62 23.53 5.14
CA TYR G 83 -65.59 22.76 4.38
C TYR G 83 -65.02 22.01 3.18
N GLN G 84 -63.79 22.31 2.75
CA GLN G 84 -63.16 21.54 1.69
C GLN G 84 -62.20 20.49 2.23
N THR G 85 -61.86 20.54 3.52
CA THR G 85 -61.01 19.49 4.09
C THR G 85 -61.73 18.15 4.16
N PRO G 86 -62.94 18.03 4.73
CA PRO G 86 -63.62 16.72 4.71
C PRO G 86 -63.90 16.22 3.30
N VAL G 87 -64.16 17.12 2.35
CA VAL G 87 -64.39 16.70 0.97
C VAL G 87 -63.14 16.06 0.39
N LEU G 88 -62.00 16.75 0.50
CA LEU G 88 -60.75 16.21 -0.04
C LEU G 88 -60.27 15.01 0.77
N LEU G 89 -60.49 15.02 2.09
CA LEU G 89 -60.12 13.86 2.89
C LEU G 89 -60.88 12.61 2.47
N ASP G 90 -62.19 12.75 2.21
CA ASP G 90 -62.99 11.60 1.82
C ASP G 90 -62.54 11.02 0.50
N GLU G 91 -62.11 11.88 -0.43
CA GLU G 91 -61.65 11.39 -1.74
C GLU G 91 -60.36 10.60 -1.61
N SER G 92 -59.43 11.06 -0.77
CA SER G 92 -58.23 10.29 -0.52
C SER G 92 -58.52 9.01 0.24
N ARG G 93 -59.48 9.08 1.19
CA ARG G 93 -59.89 7.87 1.90
C ARG G 93 -60.43 6.82 0.95
N ALA G 94 -61.24 7.24 -0.03
CA ALA G 94 -61.81 6.29 -0.99
C ALA G 94 -60.72 5.70 -1.88
N ALA G 95 -59.75 6.52 -2.29
CA ALA G 95 -58.71 6.05 -3.19
C ALA G 95 -57.82 5.02 -2.51
N VAL G 96 -57.43 5.25 -1.26
CA VAL G 96 -56.53 4.31 -0.61
C VAL G 96 -57.29 3.08 -0.10
N ALA G 97 -58.57 3.23 0.23
CA ALA G 97 -59.36 2.07 0.63
C ALA G 97 -59.56 1.12 -0.54
N ASN G 98 -59.78 1.66 -1.75
CA ASN G 98 -59.91 0.81 -2.92
C ASN G 98 -58.57 0.22 -3.33
N LEU G 99 -57.48 0.94 -3.07
CA LEU G 99 -56.15 0.38 -3.31
C LEU G 99 -55.87 -0.79 -2.39
N LEU G 100 -56.27 -0.68 -1.11
CA LEU G 100 -56.08 -1.74 -0.13
C LEU G 100 -57.20 -2.77 -0.17
N LYS G 101 -58.24 -2.55 -0.97
CA LYS G 101 -59.39 -3.45 -1.05
C LYS G 101 -60.10 -3.59 0.30
N VAL G 102 -60.28 -2.47 0.99
CA VAL G 102 -60.99 -2.44 2.26
C VAL G 102 -62.12 -1.44 2.14
N PRO G 103 -63.15 -1.55 2.98
CA PRO G 103 -64.21 -0.54 2.97
C PRO G 103 -63.66 0.82 3.39
N VAL G 104 -64.19 1.87 2.75
CA VAL G 104 -63.75 3.23 3.07
C VAL G 104 -64.07 3.59 4.51
N GLU G 105 -65.05 2.94 5.13
CA GLU G 105 -65.43 3.25 6.50
C GLU G 105 -64.40 2.77 7.53
N THR G 106 -63.28 2.20 7.11
CA THR G 106 -62.29 1.67 8.04
C THR G 106 -60.93 2.36 7.91
N VAL G 107 -60.82 3.43 7.12
CA VAL G 107 -59.54 4.11 6.93
C VAL G 107 -59.69 5.59 7.24
N VAL G 108 -58.71 6.13 7.97
CA VAL G 108 -58.53 7.56 8.18
C VAL G 108 -57.04 7.86 7.99
N PHE G 109 -56.67 9.13 8.13
CA PHE G 109 -55.29 9.56 7.93
C PHE G 109 -54.79 10.25 9.20
N VAL G 110 -53.58 9.87 9.63
CA VAL G 110 -52.91 10.53 10.74
C VAL G 110 -51.56 11.03 10.26
N ALA G 111 -50.79 11.66 11.16
CA ALA G 111 -49.56 12.33 10.75
C ALA G 111 -48.53 11.33 10.25
N ASN G 112 -48.32 10.24 10.98
CA ASN G 112 -47.29 9.27 10.60
C ASN G 112 -47.54 7.97 11.36
N ALA G 113 -46.63 7.02 11.18
CA ALA G 113 -46.78 5.71 11.82
C ALA G 113 -46.53 5.79 13.31
N THR G 114 -45.58 6.64 13.73
CA THR G 114 -45.37 6.88 15.15
C THR G 114 -46.63 7.42 15.80
N MET G 115 -47.29 8.37 15.14
CA MET G 115 -48.51 8.97 15.70
C MET G 115 -49.63 7.94 15.82
N GLY G 116 -49.71 7.01 14.87
CA GLY G 116 -50.81 6.08 14.85
C GLY G 116 -50.66 4.91 15.80
N VAL G 117 -49.43 4.42 15.98
CA VAL G 117 -49.18 3.43 17.01
C VAL G 117 -49.45 4.02 18.38
N ASN G 118 -49.05 5.29 18.57
CA ASN G 118 -49.40 6.00 19.79
C ASN G 118 -50.91 6.13 19.95
N THR G 119 -51.65 6.23 18.84
CA THR G 119 -53.10 6.33 18.93
C THR G 119 -53.72 5.04 19.47
N VAL G 120 -53.16 3.90 19.06
CA VAL G 120 -53.68 2.62 19.53
C VAL G 120 -53.31 2.39 20.99
N LEU G 121 -52.00 2.45 21.30
CA LEU G 121 -51.52 2.07 22.62
C LEU G 121 -52.07 2.96 23.72
N ARG G 122 -52.38 4.23 23.40
CA ARG G 122 -52.82 5.16 24.42
C ARG G 122 -54.32 5.09 24.71
N ASN G 123 -55.11 4.49 23.82
CA ASN G 123 -56.55 4.41 24.00
C ASN G 123 -57.03 3.07 24.52
N ILE G 124 -56.15 2.07 24.57
CA ILE G 124 -56.54 0.75 25.08
C ILE G 124 -56.79 0.85 26.57
N VAL G 125 -57.98 0.44 27.00
CA VAL G 125 -58.31 0.37 28.42
C VAL G 125 -57.95 -1.03 28.91
N TRP G 126 -56.93 -1.12 29.74
CA TRP G 126 -56.40 -2.41 30.17
C TRP G 126 -57.24 -2.98 31.30
N SER G 127 -57.09 -4.28 31.52
CA SER G 127 -57.85 -4.97 32.55
C SER G 127 -57.50 -4.42 33.93
N ALA G 128 -58.51 -4.33 34.79
CA ALA G 128 -58.30 -3.80 36.14
C ALA G 128 -57.43 -4.70 37.00
N ASP G 129 -57.36 -6.00 36.71
CA ASP G 129 -56.56 -6.91 37.53
C ASP G 129 -55.06 -6.73 37.35
N GLY G 130 -54.63 -5.97 36.34
CA GLY G 130 -53.22 -5.68 36.17
C GLY G 130 -52.39 -6.79 35.57
N LYS G 131 -53.00 -7.71 34.83
CA LYS G 131 -52.28 -8.83 34.24
C LYS G 131 -52.02 -8.66 32.74
N ASP G 132 -52.50 -7.58 32.13
CA ASP G 132 -52.33 -7.38 30.70
C ASP G 132 -50.86 -7.14 30.36
N GLU G 133 -50.41 -7.69 29.23
CA GLU G 133 -49.03 -7.56 28.79
C GLU G 133 -48.99 -7.25 27.31
N ILE G 134 -47.92 -6.56 26.90
CA ILE G 134 -47.72 -6.14 25.51
C ILE G 134 -46.52 -6.89 24.96
N LEU G 135 -46.77 -7.81 24.03
CA LEU G 135 -45.71 -8.58 23.40
C LEU G 135 -45.13 -7.82 22.21
N TYR G 136 -43.80 -7.88 22.08
CA TYR G 136 -43.15 -7.22 20.95
C TYR G 136 -41.80 -7.88 20.67
N PHE G 137 -41.37 -7.79 19.43
CA PHE G 137 -40.11 -8.37 18.98
C PHE G 137 -39.00 -7.32 19.04
N ASP G 138 -37.78 -7.79 19.27
CA ASP G 138 -36.66 -6.88 19.51
C ASP G 138 -36.29 -6.04 18.29
N THR G 139 -36.81 -6.36 17.11
CA THR G 139 -36.63 -5.53 15.92
C THR G 139 -37.70 -4.44 15.82
N ILE G 140 -38.40 -4.14 16.91
CA ILE G 140 -39.41 -3.10 16.89
C ILE G 140 -38.76 -1.75 16.63
N PHE G 141 -39.46 -0.90 15.88
CA PHE G 141 -38.97 0.45 15.64
C PHE G 141 -38.81 1.18 16.96
N GLY G 142 -37.76 2.02 17.03
CA GLY G 142 -37.40 2.63 18.29
C GLY G 142 -38.53 3.43 18.93
N ALA G 143 -39.17 4.30 18.14
CA ALA G 143 -40.23 5.16 18.67
C ALA G 143 -41.40 4.33 19.19
N CYS G 144 -41.73 3.24 18.50
CA CYS G 144 -42.81 2.38 18.97
C CYS G 144 -42.43 1.65 20.25
N GLY G 145 -41.15 1.30 20.41
CA GLY G 145 -40.74 0.59 21.62
C GLY G 145 -40.87 1.43 22.87
N LYS G 146 -40.30 2.64 22.85
CA LYS G 146 -40.43 3.53 24.00
C LYS G 146 -41.84 4.08 24.13
N THR G 147 -42.65 4.03 23.07
CA THR G 147 -44.07 4.31 23.22
C THR G 147 -44.72 3.32 24.17
N ILE G 148 -44.36 2.03 24.05
CA ILE G 148 -44.82 1.04 25.01
C ILE G 148 -44.30 1.37 26.41
N ASP G 149 -43.02 1.74 26.50
CA ASP G 149 -42.44 2.03 27.81
C ASP G 149 -43.12 3.22 28.46
N TYR G 150 -43.47 4.24 27.68
CA TYR G 150 -44.14 5.40 28.28
C TYR G 150 -45.56 5.06 28.74
N VAL G 151 -46.29 4.28 27.93
CA VAL G 151 -47.65 3.92 28.30
C VAL G 151 -47.66 3.12 29.61
N ILE G 152 -46.68 2.23 29.78
CA ILE G 152 -46.55 1.49 31.04
C ILE G 152 -46.29 2.45 32.20
N GLU G 153 -45.44 3.46 31.96
CA GLU G 153 -45.16 4.44 33.00
C GLU G 153 -46.38 5.31 33.28
N ASP G 154 -47.02 5.82 32.21
CA ASP G 154 -48.17 6.70 32.37
C ASP G 154 -49.29 5.99 33.12
N LYS G 155 -49.61 4.76 32.72
CA LYS G 155 -50.64 3.97 33.37
C LYS G 155 -50.13 3.23 34.61
N ARG G 156 -49.05 3.73 35.21
CA ARG G 156 -48.48 3.26 36.48
C ARG G 156 -48.51 1.74 36.62
N GLY G 157 -47.93 1.07 35.63
CA GLY G 157 -47.62 -0.35 35.73
C GLY G 157 -48.78 -1.31 35.62
N ILE G 158 -49.99 -0.82 35.35
CA ILE G 158 -51.12 -1.73 35.17
C ILE G 158 -50.94 -2.59 33.92
N VAL G 159 -50.01 -2.20 33.03
CA VAL G 159 -49.61 -3.01 31.90
C VAL G 159 -48.11 -3.28 32.03
N SER G 160 -47.65 -4.29 31.32
CA SER G 160 -46.24 -4.64 31.26
C SER G 160 -45.90 -5.07 29.85
N SER G 161 -44.60 -5.07 29.54
CA SER G 161 -44.12 -5.42 28.21
C SER G 161 -43.28 -6.69 28.27
N ARG G 162 -43.23 -7.40 27.15
CA ARG G 162 -42.48 -8.64 27.03
C ARG G 162 -41.76 -8.64 25.70
N CYS G 163 -40.44 -8.44 25.73
CA CYS G 163 -39.63 -8.40 24.52
C CYS G 163 -39.31 -9.81 24.04
N ILE G 164 -39.26 -9.98 22.72
CA ILE G 164 -39.03 -11.27 22.10
C ILE G 164 -37.81 -11.16 21.19
N PRO G 165 -36.65 -11.66 21.63
CA PRO G 165 -35.44 -11.52 20.81
C PRO G 165 -35.48 -12.42 19.58
N LEU G 166 -34.92 -11.92 18.49
CA LEU G 166 -34.87 -12.64 17.23
C LEU G 166 -33.44 -12.63 16.69
N ILE G 167 -33.03 -13.75 16.11
CA ILE G 167 -31.71 -13.89 15.50
C ILE G 167 -31.89 -13.91 13.99
N TYR G 168 -31.29 -12.95 13.30
CA TYR G 168 -31.32 -12.93 11.84
C TYR G 168 -29.99 -13.43 11.26
N PRO G 169 -30.04 -14.13 10.12
CA PRO G 169 -31.21 -14.45 9.29
C PRO G 169 -32.18 -15.41 9.99
N ALA G 170 -33.44 -14.99 10.09
CA ALA G 170 -34.45 -15.69 10.87
C ALA G 170 -35.38 -16.48 9.96
N GLU G 171 -35.59 -17.75 10.29
CA GLU G 171 -36.63 -18.52 9.63
C GLU G 171 -38.00 -18.08 10.13
N ASP G 172 -39.01 -18.22 9.27
CA ASP G 172 -40.35 -17.82 9.64
C ASP G 172 -40.91 -18.68 10.77
N ASP G 173 -40.58 -19.97 10.76
CA ASP G 173 -41.05 -20.86 11.82
C ASP G 173 -40.38 -20.54 13.15
N ASP G 174 -39.13 -20.09 13.13
CA ASP G 174 -38.46 -19.70 14.38
C ASP G 174 -39.12 -18.47 14.98
N VAL G 175 -39.49 -17.51 14.15
CA VAL G 175 -40.18 -16.31 14.65
C VAL G 175 -41.52 -16.70 15.26
N VAL G 176 -42.28 -17.56 14.57
CA VAL G 176 -43.56 -18.02 15.09
C VAL G 176 -43.37 -18.79 16.39
N ALA G 177 -42.30 -19.59 16.47
CA ALA G 177 -42.04 -20.35 17.69
C ALA G 177 -41.70 -19.44 18.85
N ALA G 178 -40.87 -18.42 18.61
CA ALA G 178 -40.55 -17.46 19.67
C ALA G 178 -41.78 -16.68 20.10
N PHE G 179 -42.73 -16.47 19.18
CA PHE G 179 -43.97 -15.80 19.54
C PHE G 179 -44.84 -16.70 20.43
N ARG G 180 -44.89 -18.00 20.11
CA ARG G 180 -45.66 -18.92 20.93
C ARG G 180 -45.01 -19.15 22.29
N ASP G 181 -43.68 -19.10 22.35
CA ASP G 181 -43.00 -19.27 23.63
C ASP G 181 -43.27 -18.11 24.58
N ALA G 182 -43.30 -16.88 24.05
CA ALA G 182 -43.57 -15.72 24.89
C ALA G 182 -45.00 -15.76 25.43
N ILE G 183 -45.94 -16.25 24.64
CA ILE G 183 -47.31 -16.42 25.13
C ILE G 183 -47.34 -17.46 26.25
N LYS G 184 -46.62 -18.56 26.06
CA LYS G 184 -46.56 -19.60 27.09
C LYS G 184 -45.90 -19.06 28.36
N LYS G 185 -44.75 -18.38 28.21
CA LYS G 185 -44.03 -17.85 29.36
C LYS G 185 -44.82 -16.76 30.07
N SER G 186 -45.76 -16.12 29.38
CA SER G 186 -46.50 -15.01 29.98
C SER G 186 -47.42 -15.48 31.11
N ARG G 187 -47.97 -16.69 31.01
CA ARG G 187 -48.89 -17.16 32.05
C ARG G 187 -48.15 -17.67 33.27
N GLU G 188 -47.03 -18.38 33.07
CA GLU G 188 -46.26 -18.88 34.20
C GLU G 188 -45.85 -17.76 35.14
N GLU G 189 -45.75 -16.54 34.62
CA GLU G 189 -45.48 -15.37 35.42
C GLU G 189 -46.76 -14.63 35.82
N GLY G 190 -47.92 -15.27 35.62
CA GLY G 190 -49.19 -14.69 36.02
C GLY G 190 -49.71 -13.58 35.14
N LYS G 191 -49.15 -13.40 33.95
CA LYS G 191 -49.56 -12.32 33.05
C LYS G 191 -50.50 -12.84 31.98
N ARG G 192 -51.19 -11.90 31.33
CA ARG G 192 -52.07 -12.20 30.21
C ARG G 192 -51.63 -11.43 28.99
N PRO G 193 -51.16 -12.08 27.94
CA PRO G 193 -50.81 -11.36 26.70
C PRO G 193 -52.06 -10.73 26.08
N ARG G 194 -52.08 -9.40 26.04
CA ARG G 194 -53.25 -8.64 25.62
C ARG G 194 -53.12 -8.06 24.22
N LEU G 195 -51.96 -7.50 23.89
CA LEU G 195 -51.75 -6.84 22.61
C LEU G 195 -50.33 -7.11 22.15
N ALA G 196 -50.16 -7.20 20.83
CA ALA G 196 -48.87 -7.40 20.20
C ALA G 196 -48.68 -6.37 19.09
N VAL G 197 -47.47 -5.84 18.98
CA VAL G 197 -47.12 -4.94 17.89
C VAL G 197 -46.28 -5.74 16.89
N ILE G 198 -46.78 -5.82 15.66
CA ILE G 198 -46.27 -6.72 14.64
C ILE G 198 -45.91 -5.90 13.41
N ASP G 199 -44.73 -6.14 12.85
CA ASP G 199 -44.29 -5.45 11.66
C ASP G 199 -44.79 -6.16 10.41
N VAL G 200 -44.94 -5.39 9.33
CA VAL G 200 -45.13 -5.94 8.00
C VAL G 200 -43.75 -6.13 7.39
N VAL G 201 -42.99 -5.04 7.30
CA VAL G 201 -41.59 -5.06 6.93
C VAL G 201 -40.83 -4.28 8.01
N SER G 202 -39.90 -4.95 8.68
CA SER G 202 -39.17 -4.34 9.78
C SER G 202 -38.28 -3.20 9.29
N SER G 203 -37.90 -2.33 10.22
CA SER G 203 -37.12 -1.15 9.88
C SER G 203 -35.64 -1.49 9.70
N MET G 204 -34.98 -1.87 10.79
CA MET G 204 -33.56 -2.24 10.75
C MET G 204 -33.33 -3.57 11.47
N PRO G 205 -32.99 -4.63 10.72
CA PRO G 205 -32.80 -4.62 9.25
C PRO G 205 -34.13 -4.60 8.47
N GLY G 206 -34.08 -4.08 7.26
CA GLY G 206 -35.26 -4.03 6.42
C GLY G 206 -35.59 -5.38 5.81
N VAL G 207 -36.45 -6.15 6.48
CA VAL G 207 -36.78 -7.49 6.04
C VAL G 207 -38.28 -7.71 6.18
N ARG G 208 -38.82 -8.56 5.29
CA ARG G 208 -40.22 -8.93 5.36
C ARG G 208 -40.46 -9.85 6.54
N PHE G 209 -41.44 -9.49 7.39
CA PHE G 209 -41.82 -10.17 8.63
C PHE G 209 -43.00 -11.11 8.37
N PRO G 210 -43.04 -12.33 9.01
CA PRO G 210 -44.18 -13.24 8.79
C PRO G 210 -45.41 -12.82 9.60
N PHE G 211 -45.98 -11.66 9.23
CA PHE G 211 -47.07 -11.11 10.01
C PHE G 211 -48.38 -11.89 9.80
N GLU G 212 -48.52 -12.54 8.65
CA GLU G 212 -49.73 -13.34 8.41
C GLU G 212 -49.89 -14.40 9.49
N ASP G 213 -48.80 -15.07 9.88
CA ASP G 213 -48.89 -16.14 10.87
C ASP G 213 -49.15 -15.60 12.27
N ILE G 214 -48.48 -14.51 12.63
CA ILE G 214 -48.55 -14.03 14.00
C ILE G 214 -49.87 -13.31 14.28
N VAL G 215 -50.39 -12.56 13.30
CA VAL G 215 -51.74 -12.02 13.43
C VAL G 215 -52.74 -13.15 13.57
N LYS G 216 -52.53 -14.24 12.85
CA LYS G 216 -53.44 -15.38 12.92
C LYS G 216 -53.45 -16.01 14.32
N ILE G 217 -52.27 -16.09 14.95
CA ILE G 217 -52.19 -16.68 16.29
C ILE G 217 -52.82 -15.75 17.33
N CYS G 218 -52.73 -14.44 17.10
CA CYS G 218 -53.35 -13.49 18.02
C CYS G 218 -54.84 -13.74 18.16
N LYS G 219 -55.52 -14.06 17.06
CA LYS G 219 -56.95 -14.38 17.13
C LYS G 219 -57.19 -15.65 17.95
N GLU G 220 -56.26 -16.61 17.90
CA GLU G 220 -56.42 -17.83 18.67
C GLU G 220 -56.19 -17.58 20.16
N GLU G 221 -55.25 -16.70 20.48
CA GLU G 221 -54.87 -16.44 21.86
C GLU G 221 -55.59 -15.25 22.48
N GLU G 222 -56.56 -14.68 21.77
CA GLU G 222 -57.24 -13.46 22.20
C GLU G 222 -56.22 -12.35 22.49
N ILE G 223 -55.37 -12.08 21.51
CA ILE G 223 -54.38 -11.03 21.57
C ILE G 223 -54.72 -10.00 20.50
N ILE G 224 -54.71 -8.72 20.89
CA ILE G 224 -54.97 -7.66 19.93
C ILE G 224 -53.81 -7.55 18.95
N SER G 225 -54.12 -7.63 17.66
CA SER G 225 -53.11 -7.49 16.62
C SER G 225 -52.99 -6.02 16.25
N CYS G 226 -51.85 -5.43 16.58
CA CYS G 226 -51.55 -4.02 16.29
C CYS G 226 -50.39 -4.02 15.30
N VAL G 227 -50.72 -3.99 14.01
CA VAL G 227 -49.72 -4.20 12.96
C VAL G 227 -49.08 -2.87 12.59
N ASP G 228 -47.76 -2.79 12.77
CA ASP G 228 -46.97 -1.63 12.37
C ASP G 228 -46.50 -1.86 10.94
N GLY G 229 -47.30 -1.39 9.97
CA GLY G 229 -46.94 -1.53 8.58
C GLY G 229 -46.34 -0.28 7.99
N ALA G 230 -45.58 0.46 8.81
CA ALA G 230 -44.95 1.70 8.34
C ALA G 230 -44.18 1.47 7.04
N GLN G 231 -43.44 0.36 6.97
CA GLN G 231 -42.85 -0.10 5.70
C GLN G 231 -43.85 -1.08 5.09
N GLY G 232 -44.80 -0.55 4.32
CA GLY G 232 -45.85 -1.39 3.79
C GLY G 232 -46.50 -0.88 2.51
N ILE G 233 -47.41 0.08 2.64
CA ILE G 233 -48.21 0.51 1.51
C ILE G 233 -47.32 1.11 0.43
N GLY G 234 -47.59 0.75 -0.83
CA GLY G 234 -46.77 1.13 -1.94
C GLY G 234 -45.63 0.18 -2.27
N MET G 235 -45.17 -0.61 -1.28
CA MET G 235 -44.05 -1.51 -1.46
C MET G 235 -44.42 -2.98 -1.42
N VAL G 236 -45.30 -3.40 -0.51
CA VAL G 236 -45.75 -4.78 -0.42
C VAL G 236 -47.27 -4.81 -0.32
N ASP G 237 -47.85 -5.94 -0.70
CA ASP G 237 -49.27 -6.18 -0.48
C ASP G 237 -49.50 -6.40 1.01
N LEU G 238 -50.37 -5.59 1.61
CA LEU G 238 -50.63 -5.69 3.04
C LEU G 238 -51.67 -6.74 3.38
N LYS G 239 -52.44 -7.19 2.40
CA LYS G 239 -53.37 -8.31 2.57
C LYS G 239 -54.29 -8.10 3.77
N ILE G 240 -54.88 -6.91 3.83
CA ILE G 240 -55.71 -6.56 4.99
C ILE G 240 -56.92 -7.47 5.08
N THR G 241 -57.56 -7.76 3.94
CA THR G 241 -58.75 -8.59 3.96
C THR G 241 -58.43 -10.06 4.19
N GLU G 242 -57.18 -10.48 3.96
CA GLU G 242 -56.77 -11.85 4.23
C GLU G 242 -56.31 -12.06 5.67
N THR G 243 -55.56 -11.12 6.21
CA THR G 243 -55.03 -11.24 7.56
C THR G 243 -55.99 -10.74 8.63
N ASP G 244 -56.85 -9.76 8.29
CA ASP G 244 -57.84 -9.18 9.19
C ASP G 244 -57.20 -8.67 10.48
N PRO G 245 -56.33 -7.67 10.40
CA PRO G 245 -55.68 -7.15 11.61
C PRO G 245 -56.60 -6.21 12.38
N ASP G 246 -56.44 -6.25 13.72
CA ASP G 246 -57.26 -5.40 14.58
C ASP G 246 -56.93 -3.92 14.40
N PHE G 247 -55.66 -3.60 14.21
CA PHE G 247 -55.22 -2.25 13.91
C PHE G 247 -54.04 -2.32 12.95
N LEU G 248 -53.98 -1.39 12.01
CA LEU G 248 -52.90 -1.35 11.05
C LEU G 248 -52.62 0.09 10.68
N ILE G 249 -51.34 0.44 10.56
CA ILE G 249 -50.92 1.75 10.10
C ILE G 249 -49.78 1.58 9.10
N SER G 250 -49.78 2.43 8.07
CA SER G 250 -48.77 2.34 7.03
C SER G 250 -48.48 3.73 6.48
N ASN G 251 -47.19 4.02 6.28
CA ASN G 251 -46.76 5.34 5.83
C ASN G 251 -46.98 5.46 4.32
N CYS G 252 -47.97 6.26 3.92
CA CYS G 252 -48.13 6.57 2.51
C CYS G 252 -46.94 7.35 1.98
N HIS G 253 -46.21 8.05 2.84
CA HIS G 253 -45.10 8.89 2.40
C HIS G 253 -43.80 8.12 2.26
N TRP G 255 -43.57 4.81 0.69
CA TRP G 255 -43.51 4.07 -0.56
C TRP G 255 -44.71 4.28 -1.49
N LEU G 256 -45.60 5.22 -1.16
CA LEU G 256 -46.74 5.50 -2.02
C LEU G 256 -46.67 6.89 -2.65
N PHE G 257 -45.47 7.48 -2.69
CA PHE G 257 -45.22 8.76 -3.37
C PHE G 257 -46.11 9.87 -2.83
N THR G 258 -46.43 9.81 -1.56
CA THR G 258 -47.18 10.83 -0.86
C THR G 258 -46.21 11.75 -0.11
N PRO G 259 -46.46 13.06 -0.09
CA PRO G 259 -45.60 13.95 0.69
C PRO G 259 -45.55 13.54 2.15
N ARG G 260 -44.40 13.79 2.78
CA ARG G 260 -44.20 13.31 4.14
C ARG G 260 -45.12 14.03 5.11
N GLY G 261 -45.60 13.29 6.11
CA GLY G 261 -46.65 13.75 6.97
C GLY G 261 -47.97 13.09 6.64
N CYS G 262 -47.93 11.81 6.27
CA CYS G 262 -49.16 11.09 5.98
C CYS G 262 -48.99 9.59 6.26
N ALA G 263 -49.93 9.04 7.01
CA ALA G 263 -50.04 7.60 7.20
C ALA G 263 -51.51 7.22 7.23
N VAL G 264 -51.82 6.06 6.68
CA VAL G 264 -53.19 5.55 6.63
C VAL G 264 -53.42 4.68 7.87
N PHE G 265 -54.57 4.88 8.52
CA PHE G 265 -54.92 4.19 9.76
C PHE G 265 -56.10 3.28 9.48
N TYR G 266 -55.86 1.97 9.47
CA TYR G 266 -56.91 0.98 9.23
C TYR G 266 -57.42 0.46 10.57
N VAL G 267 -58.72 0.56 10.78
CA VAL G 267 -59.37 -0.01 11.96
C VAL G 267 -60.71 -0.60 11.53
N PRO G 268 -60.91 -1.91 11.68
CA PRO G 268 -62.24 -2.48 11.37
C PRO G 268 -63.30 -1.89 12.28
N VAL G 269 -64.54 -1.94 11.79
CA VAL G 269 -65.65 -1.29 12.49
C VAL G 269 -65.83 -1.89 13.89
N ARG G 270 -65.50 -3.17 14.07
CA ARG G 270 -65.67 -3.80 15.37
C ARG G 270 -64.75 -3.19 16.42
N ASN G 271 -63.61 -2.62 16.00
CA ASN G 271 -62.63 -2.09 16.93
C ASN G 271 -62.63 -0.58 17.04
N GLN G 272 -63.41 0.12 16.21
CA GLN G 272 -63.35 1.58 16.19
C GLN G 272 -63.84 2.18 17.51
N HIS G 273 -64.71 1.47 18.24
CA HIS G 273 -65.14 1.97 19.55
C HIS G 273 -63.98 2.04 20.54
N LEU G 274 -62.88 1.32 20.28
CA LEU G 274 -61.75 1.34 21.19
C LEU G 274 -60.93 2.62 21.08
N ILE G 275 -60.94 3.27 19.92
CA ILE G 275 -60.24 4.54 19.76
C ILE G 275 -61.08 5.64 20.37
N ARG G 276 -60.99 5.79 21.69
CA ARG G 276 -61.83 6.76 22.40
C ARG G 276 -61.47 8.19 22.02
N SER G 277 -60.19 8.46 21.78
CA SER G 277 -59.72 9.81 21.52
C SER G 277 -58.66 9.82 20.43
N THR G 278 -58.69 10.85 19.59
CA THR G 278 -57.64 11.07 18.62
C THR G 278 -56.39 11.64 19.30
N LEU G 279 -55.32 11.75 18.52
CA LEU G 279 -54.10 12.39 19.00
C LEU G 279 -53.75 13.60 18.15
N PRO G 280 -53.88 14.80 18.72
CA PRO G 280 -54.38 15.03 20.07
C PRO G 280 -55.91 15.05 20.17
N THR G 281 -56.43 15.16 21.38
CA THR G 281 -57.86 15.25 21.59
C THR G 281 -58.39 16.56 21.00
N SER G 282 -59.53 16.48 20.32
CA SER G 282 -60.04 17.65 19.62
C SER G 282 -61.57 17.64 19.67
N HIS G 283 -62.20 18.35 18.73
CA HIS G 283 -63.63 18.63 18.81
C HIS G 283 -64.48 17.36 18.74
N GLY G 284 -63.97 16.31 18.10
CA GLY G 284 -64.77 15.11 17.90
C GLY G 284 -64.95 14.21 19.12
N PHE G 285 -64.20 14.46 20.19
CA PHE G 285 -64.26 13.58 21.34
C PHE G 285 -65.64 13.63 22.00
N VAL G 286 -66.14 12.47 22.40
CA VAL G 286 -67.45 12.35 23.04
C VAL G 286 -67.31 11.66 24.38
N PRO G 287 -67.46 12.37 25.49
CA PRO G 287 -67.42 11.71 26.80
C PRO G 287 -68.67 10.88 27.06
N GLN G 288 -68.55 9.96 28.02
CA GLN G 288 -69.68 9.12 28.39
C GLN G 288 -70.75 9.93 29.13
N ASN G 301 -74.33 11.18 8.04
CA ASN G 301 -74.28 9.73 7.86
C ASN G 301 -72.90 9.19 8.19
N LYS G 302 -71.88 10.01 7.97
CA LYS G 302 -70.50 9.62 8.27
C LYS G 302 -70.39 9.22 9.74
N SER G 303 -69.77 8.07 9.98
CA SER G 303 -69.66 7.56 11.34
C SER G 303 -68.84 8.52 12.20
N ALA G 304 -69.05 8.40 13.52
CA ALA G 304 -68.27 9.19 14.47
C ALA G 304 -66.78 8.99 14.23
N PHE G 305 -66.30 7.74 14.38
CA PHE G 305 -64.87 7.42 14.26
C PHE G 305 -64.18 8.15 13.12
N VAL G 306 -64.79 8.15 11.93
CA VAL G 306 -64.19 8.84 10.80
C VAL G 306 -64.25 10.36 11.01
N SER G 307 -65.35 10.84 11.58
CA SER G 307 -65.56 12.27 11.73
C SER G 307 -64.53 12.92 12.66
N ASN G 308 -64.04 12.19 13.68
CA ASN G 308 -63.13 12.80 14.64
C ASN G 308 -61.74 13.03 14.04
N PHE G 309 -61.32 12.20 13.09
CA PHE G 309 -59.99 12.34 12.53
C PHE G 309 -59.89 13.45 11.49
N GLU G 310 -61.00 14.15 11.21
CA GLU G 310 -60.95 15.22 10.22
C GLU G 310 -60.23 16.45 10.77
N PHE G 311 -60.53 16.83 12.02
CA PHE G 311 -59.93 18.00 12.65
C PHE G 311 -59.38 17.60 14.00
N VAL G 312 -58.06 17.47 14.10
CA VAL G 312 -57.38 17.08 15.33
C VAL G 312 -56.30 18.09 15.65
N GLY G 313 -56.67 19.38 15.61
CA GLY G 313 -55.68 20.43 15.68
C GLY G 313 -55.30 20.84 14.28
N THR G 314 -55.15 22.13 14.04
CA THR G 314 -54.94 22.64 12.69
C THR G 314 -53.50 22.38 12.25
N VAL G 315 -53.36 21.74 11.10
CA VAL G 315 -52.07 21.50 10.46
C VAL G 315 -52.23 21.73 8.96
N ASP G 316 -51.13 21.54 8.23
CA ASP G 316 -51.14 21.54 6.78
C ASP G 316 -51.58 20.15 6.33
N ASN G 317 -52.84 20.03 5.89
CA ASN G 317 -53.39 18.76 5.46
C ASN G 317 -53.07 18.43 4.00
N SER G 318 -52.25 19.23 3.34
CA SER G 318 -51.97 18.99 1.92
C SER G 318 -51.35 17.63 1.64
N PRO G 319 -50.48 17.05 2.48
CA PRO G 319 -50.05 15.66 2.24
C PRO G 319 -51.19 14.68 2.17
N PHE G 320 -52.18 14.80 3.06
CA PHE G 320 -53.32 13.90 3.02
C PHE G 320 -54.07 14.01 1.70
N PHE G 321 -54.27 15.24 1.22
CA PHE G 321 -55.04 15.46 0.00
C PHE G 321 -54.37 14.81 -1.20
N CYS G 322 -53.02 14.82 -1.23
CA CYS G 322 -52.25 14.29 -2.35
C CYS G 322 -52.27 12.77 -2.42
N VAL G 323 -52.89 12.07 -1.47
CA VAL G 323 -52.94 10.61 -1.54
C VAL G 323 -53.70 10.17 -2.79
N LYS G 324 -54.84 10.81 -3.07
CA LYS G 324 -55.58 10.47 -4.29
C LYS G 324 -54.77 10.82 -5.53
N ASP G 325 -53.94 11.86 -5.46
CA ASP G 325 -53.12 12.23 -6.61
C ASP G 325 -51.95 11.27 -6.80
N ALA G 326 -51.36 10.80 -5.70
CA ALA G 326 -50.24 9.88 -5.81
C ALA G 326 -50.69 8.52 -6.34
N ILE G 327 -51.84 8.04 -5.88
CA ILE G 327 -52.33 6.73 -6.32
C ILE G 327 -52.63 6.72 -7.81
N LYS G 328 -53.39 7.73 -8.27
CA LYS G 328 -53.74 7.78 -9.69
C LYS G 328 -52.51 8.03 -10.56
N TRP G 329 -51.54 8.80 -10.06
CA TRP G 329 -50.31 9.02 -10.81
C TRP G 329 -49.51 7.72 -10.93
N ARG G 330 -49.47 6.92 -9.86
CA ARG G 330 -48.83 5.62 -9.95
C ARG G 330 -49.56 4.69 -10.90
N GLU G 331 -50.87 4.89 -11.07
CA GLU G 331 -51.68 3.99 -11.88
C GLU G 331 -51.52 4.29 -13.37
N GLU G 332 -52.01 5.45 -13.81
CA GLU G 332 -52.09 5.77 -15.23
C GLU G 332 -50.77 6.29 -15.81
N VAL G 333 -49.72 6.42 -15.00
CA VAL G 333 -48.44 6.91 -15.47
C VAL G 333 -47.34 5.86 -15.31
N LEU G 334 -47.37 5.08 -14.23
CA LEU G 334 -46.37 4.07 -13.97
C LEU G 334 -46.88 2.64 -14.16
N GLY G 335 -48.18 2.44 -14.34
CA GLY G 335 -48.74 1.14 -14.62
C GLY G 335 -49.60 0.57 -13.49
N GLY G 336 -49.34 0.98 -12.25
CA GLY G 336 -50.13 0.54 -11.12
C GLY G 336 -49.27 -0.04 -10.01
N GLU G 337 -49.94 -0.34 -8.90
CA GLU G 337 -49.25 -0.82 -7.71
C GLU G 337 -48.65 -2.20 -7.92
N GLU G 338 -49.49 -3.18 -8.27
CA GLU G 338 -49.04 -4.57 -8.41
C GLU G 338 -47.84 -4.69 -9.34
N ARG G 339 -47.69 -3.76 -10.26
CA ARG G 339 -46.59 -3.79 -11.22
C ARG G 339 -45.38 -3.02 -10.71
N ILE G 340 -45.59 -1.89 -10.02
CA ILE G 340 -44.49 -1.17 -9.39
C ILE G 340 -43.82 -2.05 -8.35
N MET G 341 -44.63 -2.77 -7.56
CA MET G 341 -44.09 -3.58 -6.48
C MET G 341 -43.14 -4.65 -6.99
N GLU G 342 -43.47 -5.27 -8.13
CA GLU G 342 -42.66 -6.38 -8.62
C GLU G 342 -41.34 -5.93 -9.21
N TYR G 343 -41.23 -4.67 -9.63
CA TYR G 343 -39.94 -4.18 -10.11
C TYR G 343 -38.98 -3.93 -8.96
N MET G 344 -39.48 -3.35 -7.86
CA MET G 344 -38.60 -2.98 -6.76
C MET G 344 -38.14 -4.19 -5.97
N THR G 345 -39.04 -5.14 -5.71
CA THR G 345 -38.64 -6.36 -5.01
C THR G 345 -37.63 -7.15 -5.82
N LYS G 346 -37.86 -7.28 -7.13
CA LYS G 346 -36.91 -7.97 -7.98
C LYS G 346 -35.57 -7.24 -8.03
N LEU G 347 -35.62 -5.91 -8.13
CA LEU G 347 -34.40 -5.11 -8.12
C LEU G 347 -33.70 -5.16 -6.77
N ALA G 348 -34.47 -5.34 -5.68
CA ALA G 348 -33.84 -5.47 -4.36
C ALA G 348 -33.08 -6.77 -4.25
N ARG G 349 -33.64 -7.87 -4.77
CA ARG G 349 -32.96 -9.16 -4.69
C ARG G 349 -31.69 -9.17 -5.52
N GLU G 350 -31.80 -8.80 -6.80
CA GLU G 350 -30.66 -8.91 -7.71
C GLU G 350 -29.65 -7.80 -7.46
N GLY G 351 -30.12 -6.57 -7.20
CA GLY G 351 -29.20 -5.49 -6.92
C GLY G 351 -28.44 -5.68 -5.63
N GLY G 352 -29.13 -6.13 -4.57
CA GLY G 352 -28.45 -6.47 -3.34
C GLY G 352 -27.50 -7.64 -3.50
N GLN G 353 -27.85 -8.60 -4.36
CA GLN G 353 -26.96 -9.73 -4.61
C GLN G 353 -25.69 -9.28 -5.32
N LYS G 354 -25.79 -8.27 -6.19
CA LYS G 354 -24.59 -7.72 -6.82
C LYS G 354 -23.72 -7.00 -5.81
N VAL G 355 -24.35 -6.33 -4.83
CA VAL G 355 -23.61 -5.62 -3.80
C VAL G 355 -22.78 -6.60 -2.97
N ALA G 356 -23.36 -7.75 -2.64
CA ALA G 356 -22.65 -8.72 -1.82
C ALA G 356 -21.48 -9.34 -2.58
N GLU G 357 -21.64 -9.57 -3.88
CA GLU G 357 -20.56 -10.17 -4.66
C GLU G 357 -19.40 -9.18 -4.84
N ILE G 358 -19.71 -7.89 -4.97
CA ILE G 358 -18.65 -6.89 -5.04
C ILE G 358 -17.91 -6.80 -3.70
N LEU G 359 -18.64 -6.96 -2.60
CA LEU G 359 -18.06 -6.88 -1.26
C LEU G 359 -17.51 -8.21 -0.78
N GLY G 360 -17.89 -9.32 -1.40
CA GLY G 360 -17.45 -10.63 -0.96
C GLY G 360 -18.23 -11.20 0.22
N THR G 361 -19.36 -10.59 0.58
CA THR G 361 -20.15 -11.08 1.69
C THR G 361 -21.43 -11.74 1.18
N ARG G 362 -22.57 -11.45 1.80
CA ARG G 362 -23.83 -12.06 1.42
C ARG G 362 -24.98 -11.19 1.90
N VAL G 363 -26.12 -11.34 1.23
CA VAL G 363 -27.33 -10.62 1.64
C VAL G 363 -27.97 -11.34 2.82
N LEU G 364 -28.83 -10.61 3.53
CA LEU G 364 -29.57 -11.16 4.65
C LEU G 364 -30.81 -11.86 4.13
N GLU G 365 -30.86 -13.18 4.26
CA GLU G 365 -31.95 -13.98 3.72
C GLU G 365 -31.96 -15.33 4.42
N ASN G 366 -33.16 -15.88 4.62
CA ASN G 366 -33.30 -17.19 5.23
C ASN G 366 -33.36 -18.27 4.15
N SER G 367 -33.58 -19.52 4.56
CA SER G 367 -33.58 -20.63 3.62
C SER G 367 -34.78 -20.58 2.68
N THR G 368 -35.93 -20.14 3.20
CA THR G 368 -37.15 -20.09 2.39
C THR G 368 -37.19 -18.92 1.43
N GLY G 369 -36.21 -18.02 1.47
CA GLY G 369 -36.20 -16.88 0.58
C GLY G 369 -37.34 -15.92 0.81
N THR G 370 -37.80 -15.77 2.07
CA THR G 370 -38.96 -14.95 2.38
C THR G 370 -38.62 -13.63 3.05
N LEU G 371 -37.36 -13.39 3.42
CA LEU G 371 -37.01 -12.12 4.04
C LEU G 371 -37.02 -10.99 3.02
N ILE G 372 -36.40 -11.21 1.85
CA ILE G 372 -36.37 -10.19 0.81
C ILE G 372 -37.64 -10.29 -0.02
N ARG G 373 -38.78 -10.02 0.62
CA ARG G 373 -40.05 -9.88 -0.08
C ARG G 373 -40.52 -8.43 -0.01
N CYS G 374 -39.62 -7.51 -0.32
CA CYS G 374 -39.90 -6.08 -0.27
C CYS G 374 -38.86 -5.36 -1.10
N ALA G 375 -38.87 -4.03 -1.07
CA ALA G 375 -37.97 -3.23 -1.89
C ALA G 375 -36.65 -2.94 -1.19
N MET G 376 -36.42 -3.49 -0.01
CA MET G 376 -35.20 -3.26 0.74
C MET G 376 -34.43 -4.56 0.90
N VAL G 377 -33.10 -4.44 0.91
CA VAL G 377 -32.21 -5.59 1.03
C VAL G 377 -31.03 -5.20 1.92
N ASN G 378 -30.64 -6.11 2.81
CA ASN G 378 -29.53 -5.89 3.73
C ASN G 378 -28.36 -6.76 3.31
N ILE G 379 -27.18 -6.17 3.22
CA ILE G 379 -25.96 -6.87 2.81
C ILE G 379 -24.93 -6.71 3.92
N ALA G 380 -24.35 -7.83 4.34
CA ALA G 380 -23.28 -7.79 5.33
C ALA G 380 -22.05 -7.12 4.75
N LEU G 381 -21.17 -6.66 5.64
CA LEU G 381 -20.05 -5.84 5.20
C LEU G 381 -18.71 -6.49 5.57
N PRO G 382 -17.66 -6.25 4.77
CA PRO G 382 -16.41 -7.02 4.93
C PRO G 382 -15.59 -6.67 6.16
N PHE G 383 -16.16 -6.82 7.34
CA PHE G 383 -15.39 -6.70 8.58
C PHE G 383 -16.21 -7.26 9.72
N VAL G 384 -15.54 -7.48 10.85
CA VAL G 384 -16.13 -8.07 12.04
C VAL G 384 -15.84 -7.17 13.22
N VAL G 385 -16.81 -7.02 14.11
CA VAL G 385 -16.62 -6.26 15.34
C VAL G 385 -16.13 -7.21 16.42
N GLY G 386 -15.07 -6.83 17.11
CA GLY G 386 -14.62 -7.59 18.26
C GLY G 386 -15.73 -7.72 19.28
N GLU G 387 -15.75 -8.85 19.96
CA GLU G 387 -16.86 -9.17 20.84
C GLU G 387 -16.81 -8.34 22.11
N ASP G 388 -17.94 -7.75 22.45
CA ASP G 388 -18.07 -6.91 23.63
C ASP G 388 -17.98 -7.77 24.88
N PRO G 389 -17.09 -7.45 25.84
CA PRO G 389 -17.28 -7.96 27.19
C PRO G 389 -18.28 -7.06 27.90
N LYS G 390 -19.22 -7.69 28.62
CA LYS G 390 -20.40 -7.05 29.22
C LYS G 390 -21.59 -7.13 28.27
N ALA G 391 -21.34 -7.36 26.97
CA ALA G 391 -22.38 -7.81 26.04
C ALA G 391 -21.83 -8.88 25.09
N PRO G 392 -21.46 -10.05 25.62
CA PRO G 392 -21.00 -11.14 24.74
C PRO G 392 -22.13 -11.87 24.01
N VAL G 393 -21.99 -11.99 22.70
CA VAL G 393 -22.79 -12.90 21.88
C VAL G 393 -21.85 -13.94 21.27
N LYS G 394 -22.09 -15.21 21.57
CA LYS G 394 -21.35 -16.29 20.93
C LYS G 394 -22.05 -16.63 19.62
N LEU G 395 -21.33 -16.51 18.52
CA LEU G 395 -21.92 -16.72 17.21
C LEU G 395 -22.23 -18.19 16.99
N THR G 396 -23.18 -18.46 16.10
CA THR G 396 -23.31 -19.81 15.61
C THR G 396 -22.10 -20.12 14.73
N GLU G 397 -21.84 -21.41 14.55
CA GLU G 397 -20.66 -21.80 13.78
C GLU G 397 -20.75 -21.30 12.34
N LYS G 398 -21.96 -21.21 11.78
CA LYS G 398 -22.11 -20.68 10.43
C LYS G 398 -21.73 -19.21 10.37
N GLU G 399 -22.03 -18.44 11.42
CA GLU G 399 -21.63 -17.04 11.45
C GLU G 399 -20.13 -16.91 11.68
N GLU G 400 -19.56 -17.76 12.54
CA GLU G 400 -18.13 -17.69 12.83
C GLU G 400 -17.30 -18.08 11.61
N LYS G 401 -17.76 -19.06 10.85
CA LYS G 401 -17.08 -19.44 9.61
C LYS G 401 -17.15 -18.33 8.57
N ASP G 402 -18.07 -17.38 8.72
CA ASP G 402 -18.26 -16.32 7.75
C ASP G 402 -17.35 -15.12 7.97
N VAL G 403 -16.58 -15.08 9.07
CA VAL G 403 -15.73 -13.95 9.37
C VAL G 403 -14.25 -14.33 9.39
N GLU G 404 -13.91 -15.57 9.05
CA GLU G 404 -12.50 -15.94 8.96
C GLU G 404 -11.86 -15.22 7.79
N GLY G 405 -10.74 -14.55 8.05
CA GLY G 405 -10.09 -13.70 7.08
C GLY G 405 -10.58 -12.27 7.06
N LEU G 406 -11.76 -12.00 7.62
CA LEU G 406 -12.29 -10.64 7.66
C LEU G 406 -11.55 -9.81 8.69
N TYR G 407 -11.30 -8.55 8.34
CA TYR G 407 -10.65 -7.62 9.26
C TYR G 407 -11.53 -7.40 10.49
N GLU G 408 -10.91 -7.38 11.67
CA GLU G 408 -11.63 -7.21 12.92
C GLU G 408 -11.42 -5.81 13.47
N ILE G 409 -12.50 -5.23 13.96
CA ILE G 409 -12.49 -3.93 14.64
C ILE G 409 -12.80 -4.18 16.11
N PRO G 410 -12.05 -3.59 17.05
CA PRO G 410 -12.40 -3.73 18.46
C PRO G 410 -13.76 -3.10 18.74
N HIS G 411 -14.42 -3.63 19.78
CA HIS G 411 -15.83 -3.29 20.01
C HIS G 411 -16.00 -1.82 20.38
N GLU G 412 -15.14 -1.29 21.25
CA GLU G 412 -15.32 0.09 21.68
C GLU G 412 -15.14 1.08 20.53
N GLU G 413 -14.42 0.69 19.48
CA GLU G 413 -14.25 1.51 18.29
C GLU G 413 -15.35 1.30 17.25
N ALA G 414 -16.38 0.51 17.56
CA ALA G 414 -17.42 0.23 16.57
C ALA G 414 -18.28 1.46 16.31
N ASN G 415 -18.74 2.12 17.38
CA ASN G 415 -19.56 3.32 17.21
C ASN G 415 -18.74 4.44 16.58
N MET G 416 -17.46 4.55 16.94
CA MET G 416 -16.59 5.54 16.31
C MET G 416 -16.49 5.30 14.81
N ALA G 417 -16.39 4.03 14.40
CA ALA G 417 -16.39 3.71 12.97
C ALA G 417 -17.79 3.87 12.37
N PHE G 418 -18.82 3.55 13.14
CA PHE G 418 -20.19 3.71 12.66
C PHE G 418 -20.47 5.17 12.28
N LYS G 419 -20.11 6.10 13.15
CA LYS G 419 -20.29 7.51 12.85
C LYS G 419 -19.41 7.96 11.70
N TRP G 420 -18.20 7.39 11.59
CA TRP G 420 -17.29 7.80 10.52
C TRP G 420 -17.81 7.37 9.15
N MET G 421 -18.31 6.14 9.04
CA MET G 421 -18.83 5.66 7.76
C MET G 421 -19.99 6.52 7.28
N TYR G 422 -20.81 7.03 8.20
CA TYR G 422 -21.93 7.88 7.80
C TYR G 422 -21.44 9.19 7.19
N ASN G 423 -20.62 9.94 7.95
CA ASN G 423 -20.17 11.24 7.49
C ASN G 423 -19.43 11.14 6.16
N VAL G 424 -18.57 10.14 6.01
CA VAL G 424 -17.82 9.99 4.77
C VAL G 424 -18.76 9.65 3.61
N LEU G 425 -19.79 8.85 3.86
CA LEU G 425 -20.79 8.58 2.83
C LEU G 425 -21.54 9.85 2.44
N GLN G 426 -21.55 10.88 3.28
CA GLN G 426 -22.22 12.13 2.97
C GLN G 426 -21.31 13.09 2.20
N ASP G 427 -20.22 13.52 2.83
CA ASP G 427 -19.43 14.62 2.28
C ASP G 427 -18.68 14.20 1.01
N GLU G 428 -18.34 12.93 0.88
CA GLU G 428 -17.52 12.46 -0.23
C GLU G 428 -18.33 11.75 -1.31
N PHE G 429 -19.27 10.88 -0.94
CA PHE G 429 -20.03 10.11 -1.91
C PHE G 429 -21.43 10.64 -2.16
N ASN G 430 -21.89 11.59 -1.33
CA ASN G 430 -23.22 12.18 -1.44
C ASN G 430 -24.30 11.11 -1.56
N THR G 431 -24.35 10.25 -0.54
CA THR G 431 -25.38 9.25 -0.40
C THR G 431 -25.59 8.99 1.08
N PHE G 432 -26.51 8.08 1.40
CA PHE G 432 -26.77 7.71 2.78
C PHE G 432 -27.20 6.26 2.81
N VAL G 433 -26.50 5.44 3.59
CA VAL G 433 -26.81 4.02 3.70
C VAL G 433 -26.95 3.66 5.18
N PRO G 434 -28.16 3.39 5.66
CA PRO G 434 -28.32 2.98 7.06
C PRO G 434 -27.81 1.57 7.27
N MET G 435 -27.28 1.32 8.47
CA MET G 435 -26.61 0.06 8.77
C MET G 435 -27.14 -0.51 10.09
N THR G 436 -27.53 -1.78 10.05
CA THR G 436 -27.93 -2.50 11.24
C THR G 436 -26.72 -3.17 11.88
N PHE G 437 -26.57 -2.99 13.18
CA PHE G 437 -25.54 -3.67 13.96
C PHE G 437 -26.20 -4.88 14.63
N HIS G 438 -25.80 -6.08 14.20
CA HIS G 438 -26.45 -7.30 14.67
C HIS G 438 -25.46 -8.46 14.65
N ARG G 439 -25.23 -9.05 15.82
CA ARG G 439 -24.35 -10.21 15.97
C ARG G 439 -22.94 -9.93 15.44
N ARG G 440 -22.36 -8.84 15.94
CA ARG G 440 -20.97 -8.47 15.66
C ARG G 440 -20.72 -8.19 14.18
N ARG G 441 -21.76 -7.80 13.45
CA ARG G 441 -21.63 -7.47 12.04
C ARG G 441 -22.44 -6.23 11.73
N PHE G 442 -22.10 -5.58 10.62
CA PHE G 442 -22.81 -4.41 10.12
C PHE G 442 -23.56 -4.79 8.86
N TRP G 443 -24.86 -4.59 8.86
CA TRP G 443 -25.71 -4.90 7.71
C TRP G 443 -26.23 -3.58 7.14
N ALA G 444 -25.67 -3.17 6.00
CA ALA G 444 -26.16 -1.99 5.30
C ALA G 444 -27.49 -2.29 4.63
N ARG G 445 -28.41 -1.33 4.71
CA ARG G 445 -29.75 -1.48 4.14
C ARG G 445 -29.88 -0.56 2.93
N LEU G 446 -30.25 -1.14 1.79
CA LEU G 446 -30.45 -0.39 0.55
C LEU G 446 -31.92 -0.46 0.14
N SER G 447 -32.43 0.65 -0.38
CA SER G 447 -33.83 0.77 -0.77
C SER G 447 -33.89 0.97 -2.28
N ALA G 448 -34.23 -0.09 -3.00
CA ALA G 448 -34.45 0.02 -4.43
C ALA G 448 -35.69 0.86 -4.70
N GLN G 449 -35.72 1.51 -5.87
CA GLN G 449 -36.90 2.26 -6.27
C GLN G 449 -37.04 2.26 -7.78
N VAL G 450 -38.18 2.79 -8.24
CA VAL G 450 -38.54 2.78 -9.65
C VAL G 450 -37.60 3.62 -10.49
N TYR G 451 -36.94 4.60 -9.89
CA TYR G 451 -35.96 5.43 -10.60
C TYR G 451 -34.54 4.90 -10.47
N LEU G 452 -34.37 3.66 -9.99
CA LEU G 452 -33.07 3.05 -9.79
C LEU G 452 -32.92 1.83 -10.68
N GLU G 453 -31.68 1.55 -11.06
CA GLU G 453 -31.30 0.39 -11.86
C GLU G 453 -30.27 -0.43 -11.09
N MET G 454 -29.69 -1.42 -11.77
CA MET G 454 -28.60 -2.16 -11.14
C MET G 454 -27.27 -1.44 -11.24
N SER G 455 -27.15 -0.46 -12.15
CA SER G 455 -25.96 0.37 -12.17
C SER G 455 -25.80 1.14 -10.86
N ASP G 456 -26.92 1.49 -10.21
CA ASP G 456 -26.86 2.17 -8.93
C ASP G 456 -26.32 1.25 -7.83
N PHE G 457 -26.76 -0.01 -7.82
CA PHE G 457 -26.29 -0.95 -6.81
C PHE G 457 -24.83 -1.31 -7.02
N GLU G 458 -24.37 -1.37 -8.27
CA GLU G 458 -22.95 -1.57 -8.52
C GLU G 458 -22.13 -0.41 -7.98
N TRP G 459 -22.65 0.81 -8.10
CA TRP G 459 -22.01 1.97 -7.50
C TRP G 459 -22.02 1.88 -5.97
N ALA G 460 -23.07 1.30 -5.40
CA ALA G 460 -23.14 1.15 -3.95
C ALA G 460 -22.16 0.10 -3.45
N GLY G 461 -22.10 -1.05 -4.12
CA GLY G 461 -21.13 -2.06 -3.75
C GLY G 461 -19.70 -1.61 -3.95
N LYS G 462 -19.46 -0.80 -4.98
CA LYS G 462 -18.12 -0.25 -5.20
C LYS G 462 -17.78 0.80 -4.15
N THR G 463 -18.75 1.63 -3.77
CA THR G 463 -18.50 2.66 -2.76
C THR G 463 -18.32 2.04 -1.38
N LEU G 464 -19.15 1.06 -1.03
CA LEU G 464 -19.00 0.40 0.27
C LEU G 464 -17.68 -0.36 0.36
N LYS G 465 -17.16 -0.84 -0.78
CA LYS G 465 -15.89 -1.56 -0.76
C LYS G 465 -14.74 -0.62 -0.42
N GLU G 466 -14.64 0.51 -1.13
CA GLU G 466 -13.59 1.47 -0.83
C GLU G 466 -13.71 2.01 0.60
N LEU G 467 -14.94 2.30 1.02
CA LEU G 467 -15.13 2.82 2.38
C LEU G 467 -14.79 1.77 3.44
N CYS G 468 -15.06 0.49 3.15
CA CYS G 468 -14.66 -0.56 4.08
C CYS G 468 -13.17 -0.84 3.99
N GLU G 469 -12.57 -0.65 2.81
CA GLU G 469 -11.11 -0.68 2.73
C GLU G 469 -10.49 0.38 3.63
N ARG G 470 -11.17 1.53 3.79
CA ARG G 470 -10.63 2.63 4.58
C ARG G 470 -10.89 2.49 6.08
N VAL G 471 -11.91 1.72 6.47
CA VAL G 471 -12.06 1.42 7.90
C VAL G 471 -11.11 0.31 8.33
N ALA G 472 -10.67 -0.53 7.40
CA ALA G 472 -9.67 -1.54 7.73
C ALA G 472 -8.31 -0.90 7.99
N LYS G 473 -7.98 0.16 7.27
CA LYS G 473 -6.73 0.88 7.53
C LYS G 473 -6.86 1.88 8.67
N GLY G 474 -8.01 1.94 9.34
CA GLY G 474 -8.16 2.76 10.52
C GLY G 474 -8.34 4.24 10.26
N GLU G 475 -8.85 4.62 9.07
CA GLU G 475 -9.01 6.03 8.76
C GLU G 475 -10.06 6.68 9.66
N TYR G 476 -11.02 5.90 10.16
CA TYR G 476 -11.96 6.40 11.15
C TYR G 476 -11.23 6.92 12.39
N LYS G 477 -10.04 6.37 12.66
CA LYS G 477 -9.28 6.64 13.88
C LYS G 477 -8.12 7.59 13.66
N GLU G 478 -7.43 7.48 12.52
CA GLU G 478 -6.23 8.25 12.22
C GLU G 478 -6.59 9.46 11.35
N SER G 479 -5.58 10.02 10.69
CA SER G 479 -5.74 11.14 9.79
C SER G 479 -4.89 10.88 8.55
N ALA G 480 -5.34 11.42 7.41
CA ALA G 480 -4.66 11.23 6.13
C ALA G 480 -4.46 9.76 5.81
N GLY H 29 -37.84 51.20 3.17
CA GLY H 29 -38.31 51.23 4.54
C GLY H 29 -39.52 50.33 4.78
N PRO H 30 -40.25 50.59 5.86
CA PRO H 30 -41.44 49.79 6.15
C PRO H 30 -42.61 50.16 5.27
N LEU H 31 -43.45 49.16 4.98
CA LEU H 31 -44.60 49.34 4.12
C LEU H 31 -45.77 49.93 4.91
N PRO H 32 -46.65 50.68 4.25
CA PRO H 32 -47.87 51.14 4.91
C PRO H 32 -48.90 50.03 5.05
N PHE H 33 -49.68 50.13 6.11
CA PHE H 33 -50.75 49.17 6.36
C PHE H 33 -52.00 49.56 5.59
N GLY H 34 -52.95 48.63 5.53
CA GLY H 34 -54.20 48.83 4.82
C GLY H 34 -54.34 47.83 3.68
N ASN H 35 -55.34 48.10 2.83
CA ASN H 35 -55.65 47.20 1.72
C ASN H 35 -54.49 47.09 0.73
N SER H 36 -53.63 48.10 0.65
CA SER H 36 -52.46 48.02 -0.23
C SER H 36 -51.52 46.90 0.19
N LEU H 37 -51.59 46.45 1.44
CA LEU H 37 -50.73 45.37 1.90
C LEU H 37 -51.18 44.01 1.38
N LEU H 38 -52.42 43.90 0.89
CA LEU H 38 -52.88 42.67 0.27
C LEU H 38 -52.01 42.24 -0.91
N LYS H 39 -51.27 43.18 -1.50
CA LYS H 39 -50.35 42.84 -2.57
C LYS H 39 -49.24 41.90 -2.09
N GLU H 40 -48.88 41.98 -0.82
CA GLU H 40 -47.89 41.09 -0.23
C GLU H 40 -48.47 39.74 0.16
N PHE H 41 -49.79 39.58 0.15
CA PHE H 41 -50.45 38.36 0.57
C PHE H 41 -51.09 37.66 -0.62
N VAL H 42 -51.59 36.45 -0.38
CA VAL H 42 -52.06 35.58 -1.45
C VAL H 42 -53.52 35.21 -1.22
N LEU H 43 -54.32 36.17 -0.75
CA LEU H 43 -55.74 35.93 -0.58
C LEU H 43 -56.48 36.13 -1.89
N ASP H 44 -57.55 35.37 -2.06
CA ASP H 44 -58.46 35.55 -3.18
C ASP H 44 -58.98 36.98 -3.18
N PRO H 45 -58.77 37.75 -4.25
CA PRO H 45 -59.26 39.15 -4.25
C PRO H 45 -60.77 39.28 -4.11
N ALA H 46 -61.52 38.21 -4.35
CA ALA H 46 -62.96 38.22 -4.14
C ALA H 46 -63.36 37.81 -2.74
N TYR H 47 -62.41 37.36 -1.91
CA TYR H 47 -62.70 36.90 -0.56
C TYR H 47 -62.30 37.95 0.45
N ARG H 48 -63.17 38.20 1.42
CA ARG H 48 -62.91 39.13 2.51
C ARG H 48 -62.47 38.33 3.73
N ASN H 49 -61.19 38.44 4.08
CA ASN H 49 -60.66 37.73 5.24
C ASN H 49 -60.92 38.60 6.47
N LEU H 50 -62.11 38.46 7.03
CA LEU H 50 -62.45 39.11 8.29
C LEU H 50 -62.17 38.22 9.49
N ASN H 51 -61.76 36.97 9.27
CA ASN H 51 -61.58 36.00 10.33
C ASN H 51 -60.15 35.48 10.36
N HIS H 52 -59.16 36.39 10.32
CA HIS H 52 -57.78 35.97 10.39
C HIS H 52 -57.47 35.20 11.66
N GLY H 53 -58.14 35.53 12.76
CA GLY H 53 -57.83 34.92 14.05
C GLY H 53 -58.13 33.44 14.14
N SER H 54 -58.80 32.86 13.15
CA SER H 54 -59.17 31.45 13.19
C SER H 54 -58.06 30.56 12.65
N PHE H 55 -57.70 30.74 11.37
CA PHE H 55 -56.69 29.93 10.73
C PHE H 55 -55.44 30.69 10.30
N GLY H 56 -55.47 32.02 10.35
CA GLY H 56 -54.33 32.81 9.92
C GLY H 56 -54.10 32.73 8.43
N THR H 57 -53.04 33.40 7.99
CA THR H 57 -52.61 33.36 6.59
C THR H 57 -51.15 33.79 6.54
N ILE H 58 -50.57 33.75 5.35
CA ILE H 58 -49.14 34.02 5.16
C ILE H 58 -48.93 34.95 4.00
N PRO H 59 -47.95 35.85 4.07
CA PRO H 59 -47.60 36.66 2.90
C PRO H 59 -46.87 35.81 1.85
N SER H 60 -46.73 36.39 0.65
CA SER H 60 -46.12 35.66 -0.45
C SER H 60 -44.68 35.26 -0.13
N ALA H 61 -43.95 36.12 0.58
CA ALA H 61 -42.54 35.85 0.83
C ALA H 61 -42.35 34.63 1.72
N ILE H 62 -43.22 34.46 2.72
CA ILE H 62 -43.12 33.28 3.58
C ILE H 62 -43.62 32.04 2.84
N GLN H 63 -44.54 32.23 1.90
CA GLN H 63 -44.98 31.11 1.07
C GLN H 63 -43.83 30.57 0.22
N GLN H 64 -42.99 31.47 -0.30
CA GLN H 64 -41.82 31.01 -1.06
C GLN H 64 -40.76 30.41 -0.15
N LYS H 65 -40.62 30.94 1.07
CA LYS H 65 -39.75 30.30 2.05
C LYS H 65 -40.21 28.88 2.35
N LEU H 66 -41.52 28.71 2.57
CA LEU H 66 -42.08 27.39 2.90
C LEU H 66 -41.69 26.34 1.87
N ARG H 67 -41.66 26.71 0.60
CA ARG H 67 -41.42 25.74 -0.46
C ARG H 67 -39.94 25.52 -0.74
N SER H 68 -39.11 26.55 -0.54
CA SER H 68 -37.66 26.34 -0.62
C SER H 68 -37.21 25.25 0.34
N TYR H 69 -37.76 25.27 1.58
CA TYR H 69 -37.48 24.18 2.51
C TYR H 69 -37.98 22.84 1.99
N GLN H 70 -39.05 22.85 1.20
CA GLN H 70 -39.62 21.60 0.71
C GLN H 70 -38.81 21.02 -0.44
N THR H 71 -38.32 21.87 -1.36
CA THR H 71 -37.42 21.35 -2.39
C THR H 71 -36.10 20.89 -1.79
N ALA H 72 -35.62 21.57 -0.74
CA ALA H 72 -34.42 21.12 -0.04
C ALA H 72 -34.65 19.75 0.58
N ALA H 73 -35.83 19.53 1.17
CA ALA H 73 -36.14 18.23 1.74
C ALA H 73 -36.21 17.14 0.68
N GLU H 74 -36.69 17.49 -0.52
CA GLU H 74 -36.82 16.50 -1.59
C GLU H 74 -35.55 16.36 -2.42
N ALA H 75 -34.63 17.31 -2.34
CA ALA H 75 -33.39 17.22 -3.11
C ALA H 75 -32.50 16.12 -2.56
N ARG H 76 -32.07 16.26 -1.31
CA ARG H 76 -31.28 15.25 -0.61
C ARG H 76 -32.00 14.94 0.70
N PRO H 77 -32.95 13.99 0.69
CA PRO H 77 -33.82 13.77 1.85
C PRO H 77 -33.07 13.48 3.15
N CYS H 78 -32.29 12.41 3.18
CA CYS H 78 -31.63 12.04 4.44
C CYS H 78 -30.60 13.07 4.88
N PRO H 79 -29.72 13.60 4.02
CA PRO H 79 -28.79 14.64 4.51
C PRO H 79 -29.49 15.88 5.03
N PHE H 80 -30.67 16.23 4.51
CA PHE H 80 -31.36 17.42 4.98
C PHE H 80 -32.16 17.14 6.25
N LEU H 81 -33.06 16.15 6.19
CA LEU H 81 -33.99 15.85 7.27
C LEU H 81 -33.31 15.29 8.52
N ARG H 82 -31.99 15.28 8.63
CA ARG H 82 -31.30 14.73 9.80
C ARG H 82 -30.38 15.72 10.50
N TYR H 83 -29.86 16.73 9.80
CA TYR H 83 -28.96 17.72 10.39
C TYR H 83 -29.45 19.14 10.19
N GLN H 84 -29.92 19.48 8.99
CA GLN H 84 -30.45 20.82 8.77
C GLN H 84 -31.73 21.02 9.56
N THR H 85 -32.51 19.95 9.76
CA THR H 85 -33.70 20.07 10.61
C THR H 85 -33.35 20.53 12.03
N PRO H 86 -32.38 19.92 12.74
CA PRO H 86 -31.97 20.52 14.02
C PRO H 86 -31.41 21.93 13.87
N VAL H 87 -30.61 22.19 12.84
CA VAL H 87 -30.02 23.51 12.67
C VAL H 87 -31.10 24.55 12.37
N LEU H 88 -32.07 24.20 11.51
CA LEU H 88 -33.12 25.15 11.18
C LEU H 88 -34.10 25.33 12.34
N LEU H 89 -34.37 24.26 13.09
CA LEU H 89 -35.24 24.37 14.25
C LEU H 89 -34.64 25.31 15.30
N ASP H 90 -33.33 25.24 15.51
CA ASP H 90 -32.70 26.10 16.52
C ASP H 90 -32.68 27.56 16.08
N GLU H 91 -32.49 27.81 14.79
CA GLU H 91 -32.56 29.19 14.30
C GLU H 91 -33.96 29.77 14.51
N SER H 92 -35.00 28.98 14.24
CA SER H 92 -36.35 29.42 14.53
C SER H 92 -36.57 29.54 16.05
N ARG H 93 -36.05 28.58 16.82
CA ARG H 93 -36.16 28.66 18.27
C ARG H 93 -35.51 29.94 18.80
N ALA H 94 -34.34 30.30 18.26
CA ALA H 94 -33.67 31.52 18.71
C ALA H 94 -34.47 32.76 18.32
N ALA H 95 -35.06 32.77 17.12
CA ALA H 95 -35.76 33.96 16.66
C ALA H 95 -37.02 34.24 17.49
N VAL H 96 -37.71 33.19 17.92
CA VAL H 96 -38.94 33.39 18.69
C VAL H 96 -38.62 33.64 20.16
N ALA H 97 -37.60 32.96 20.69
CA ALA H 97 -37.17 33.25 22.05
C ALA H 97 -36.66 34.68 22.18
N ASN H 98 -36.04 35.20 21.12
CA ASN H 98 -35.62 36.60 21.11
C ASN H 98 -36.83 37.52 21.05
N LEU H 99 -37.85 37.16 20.26
CA LEU H 99 -39.08 37.95 20.23
C LEU H 99 -39.80 37.91 21.56
N LEU H 100 -39.87 36.73 22.18
CA LEU H 100 -40.54 36.58 23.47
C LEU H 100 -39.69 37.07 24.64
N LYS H 101 -38.42 37.40 24.40
CA LYS H 101 -37.51 37.88 25.45
C LYS H 101 -37.38 36.85 26.56
N VAL H 102 -37.20 35.59 26.18
CA VAL H 102 -37.01 34.50 27.12
C VAL H 102 -35.76 33.73 26.70
N PRO H 103 -35.19 32.93 27.59
CA PRO H 103 -34.04 32.10 27.20
C PRO H 103 -34.42 31.11 26.11
N VAL H 104 -33.40 30.69 25.36
CA VAL H 104 -33.64 29.82 24.20
C VAL H 104 -33.99 28.40 24.65
N GLU H 105 -33.42 27.94 25.76
CA GLU H 105 -33.68 26.57 26.22
C GLU H 105 -35.09 26.37 26.73
N THR H 106 -35.95 27.39 26.65
CA THR H 106 -37.31 27.32 27.16
C THR H 106 -38.37 27.19 26.08
N VAL H 107 -38.00 27.26 24.80
CA VAL H 107 -38.96 27.25 23.71
C VAL H 107 -38.67 26.06 22.80
N VAL H 108 -39.73 25.34 22.43
CA VAL H 108 -39.69 24.30 21.41
C VAL H 108 -40.96 24.44 20.58
N PHE H 109 -40.99 23.75 19.44
CA PHE H 109 -42.13 23.79 18.54
C PHE H 109 -42.88 22.45 18.56
N VAL H 110 -44.20 22.53 18.53
CA VAL H 110 -45.07 21.37 18.32
C VAL H 110 -46.08 21.72 17.23
N ALA H 111 -46.95 20.75 16.94
CA ALA H 111 -47.86 20.87 15.80
C ALA H 111 -48.72 22.13 15.89
N ASN H 112 -49.42 22.31 17.01
CA ASN H 112 -50.38 23.39 17.13
C ASN H 112 -50.66 23.61 18.61
N ALA H 113 -51.59 24.53 18.89
CA ALA H 113 -51.98 24.80 20.27
C ALA H 113 -52.70 23.61 20.87
N THR H 114 -53.56 22.93 20.09
CA THR H 114 -54.21 21.74 20.57
C THR H 114 -53.19 20.66 20.94
N MET H 115 -52.12 20.55 20.15
CA MET H 115 -51.07 19.60 20.46
C MET H 115 -50.29 20.01 21.71
N GLY H 116 -50.08 21.31 21.90
CA GLY H 116 -49.34 21.78 23.06
C GLY H 116 -50.12 21.62 24.35
N VAL H 117 -51.43 21.90 24.31
CA VAL H 117 -52.26 21.72 25.49
C VAL H 117 -52.33 20.24 25.87
N ASN H 118 -52.44 19.36 24.88
CA ASN H 118 -52.47 17.92 25.17
C ASN H 118 -51.15 17.45 25.76
N THR H 119 -50.02 18.02 25.31
CA THR H 119 -48.72 17.59 25.84
C THR H 119 -48.62 17.89 27.33
N VAL H 120 -49.16 19.03 27.76
CA VAL H 120 -49.15 19.35 29.19
C VAL H 120 -50.09 18.43 29.96
N LEU H 121 -51.36 18.38 29.55
CA LEU H 121 -52.36 17.64 30.30
C LEU H 121 -52.15 16.13 30.27
N ARG H 122 -51.47 15.60 29.25
CA ARG H 122 -51.22 14.16 29.19
C ARG H 122 -49.96 13.74 29.94
N ASN H 123 -49.09 14.68 30.29
CA ASN H 123 -47.85 14.36 31.01
C ASN H 123 -47.95 14.54 32.51
N ILE H 124 -48.91 15.33 33.00
CA ILE H 124 -48.96 15.68 34.42
C ILE H 124 -49.28 14.44 35.24
N VAL H 125 -48.42 14.16 36.23
CA VAL H 125 -48.64 13.07 37.16
C VAL H 125 -49.51 13.58 38.30
N TRP H 126 -50.69 13.00 38.45
CA TRP H 126 -51.67 13.47 39.43
C TRP H 126 -51.47 12.76 40.77
N SER H 127 -51.96 13.39 41.83
CA SER H 127 -51.70 12.92 43.18
C SER H 127 -52.36 11.57 43.43
N ALA H 128 -51.66 10.71 44.18
CA ALA H 128 -52.16 9.37 44.45
C ALA H 128 -53.42 9.37 45.31
N ASP H 129 -53.67 10.42 46.08
CA ASP H 129 -54.89 10.49 46.89
C ASP H 129 -56.13 10.81 46.05
N GLY H 130 -55.97 11.09 44.76
CA GLY H 130 -57.11 11.32 43.90
C GLY H 130 -57.91 12.56 44.19
N LYS H 131 -57.29 13.57 44.79
CA LYS H 131 -57.96 14.83 45.10
C LYS H 131 -57.71 15.92 44.07
N ASP H 132 -56.82 15.69 43.11
CA ASP H 132 -56.44 16.73 42.16
C ASP H 132 -57.64 17.18 41.33
N GLU H 133 -57.71 18.48 41.09
CA GLU H 133 -58.75 19.08 40.26
C GLU H 133 -58.11 20.00 39.23
N ILE H 134 -58.66 19.96 38.01
CA ILE H 134 -58.25 20.85 36.93
C ILE H 134 -59.24 22.00 36.88
N LEU H 135 -58.74 23.22 37.10
CA LEU H 135 -59.57 24.41 37.08
C LEU H 135 -59.56 25.03 35.69
N TYR H 136 -60.73 25.46 35.23
CA TYR H 136 -60.83 26.09 33.92
C TYR H 136 -62.12 26.88 33.84
N PHE H 137 -62.15 27.83 32.91
CA PHE H 137 -63.29 28.69 32.69
C PHE H 137 -64.12 28.18 31.52
N ASP H 138 -65.43 28.46 31.58
CA ASP H 138 -66.34 27.89 30.60
C ASP H 138 -66.19 28.49 29.21
N THR H 139 -65.35 29.50 29.04
CA THR H 139 -64.99 30.01 27.73
C THR H 139 -63.78 29.28 27.14
N ILE H 140 -63.40 28.14 27.72
CA ILE H 140 -62.28 27.38 27.20
C ILE H 140 -62.56 26.95 25.77
N PHE H 141 -61.50 26.86 24.97
CA PHE H 141 -61.61 26.32 23.62
C PHE H 141 -62.19 24.90 23.69
N GLY H 142 -63.11 24.61 22.77
CA GLY H 142 -63.84 23.35 22.83
C GLY H 142 -62.92 22.14 22.84
N ALA H 143 -61.83 22.19 22.06
CA ALA H 143 -60.91 21.05 22.01
C ALA H 143 -60.17 20.89 23.33
N CYS H 144 -59.75 22.00 23.94
CA CYS H 144 -59.04 21.93 25.22
C CYS H 144 -59.95 21.44 26.33
N GLY H 145 -61.23 21.79 26.29
CA GLY H 145 -62.17 21.27 27.27
C GLY H 145 -62.36 19.77 27.14
N LYS H 146 -62.60 19.30 25.92
CA LYS H 146 -62.72 17.86 25.68
C LYS H 146 -61.42 17.12 25.97
N THR H 147 -60.28 17.80 25.89
CA THR H 147 -59.03 17.20 26.32
C THR H 147 -59.03 16.95 27.81
N ILE H 148 -59.51 17.93 28.60
CA ILE H 148 -59.65 17.73 30.04
C ILE H 148 -60.56 16.55 30.32
N ASP H 149 -61.68 16.46 29.59
CA ASP H 149 -62.62 15.37 29.82
C ASP H 149 -62.01 14.01 29.49
N TYR H 150 -61.19 13.93 28.43
CA TYR H 150 -60.56 12.66 28.10
C TYR H 150 -59.49 12.28 29.11
N VAL H 151 -58.63 13.23 29.49
CA VAL H 151 -57.59 12.94 30.46
C VAL H 151 -58.21 12.43 31.77
N ILE H 152 -59.31 13.04 32.18
CA ILE H 152 -60.05 12.53 33.34
C ILE H 152 -60.52 11.11 33.08
N GLU H 153 -61.04 10.85 31.88
CA GLU H 153 -61.49 9.50 31.55
C GLU H 153 -60.32 8.53 31.48
N ASP H 154 -59.17 8.99 30.98
CA ASP H 154 -58.03 8.10 30.80
C ASP H 154 -57.41 7.72 32.13
N LYS H 155 -57.37 8.65 33.09
CA LYS H 155 -56.81 8.37 34.40
C LYS H 155 -57.82 7.74 35.35
N ARG H 156 -59.09 7.62 34.93
CA ARG H 156 -60.09 6.79 35.62
C ARG H 156 -60.38 7.27 37.04
N GLY H 157 -60.41 8.59 37.22
CA GLY H 157 -60.86 9.16 38.47
C GLY H 157 -59.78 9.70 39.38
N ILE H 158 -58.51 9.58 39.00
CA ILE H 158 -57.45 10.13 39.84
C ILE H 158 -57.47 11.66 39.79
N VAL H 159 -58.08 12.26 38.78
CA VAL H 159 -58.17 13.70 38.63
C VAL H 159 -59.56 14.06 38.11
N SER H 160 -60.08 15.19 38.58
CA SER H 160 -61.37 15.70 38.15
C SER H 160 -61.20 17.14 37.68
N SER H 161 -62.30 17.80 37.32
CA SER H 161 -62.24 19.15 36.79
C SER H 161 -63.32 20.02 37.43
N ARG H 162 -63.00 21.30 37.58
CA ARG H 162 -63.92 22.31 38.09
C ARG H 162 -64.07 23.41 37.06
N CYS H 163 -65.31 23.62 36.60
CA CYS H 163 -65.61 24.60 35.56
C CYS H 163 -66.07 25.91 36.19
N ILE H 164 -65.43 27.01 35.80
CA ILE H 164 -65.71 28.34 36.35
C ILE H 164 -66.53 29.10 35.33
N PRO H 165 -67.84 29.29 35.54
CA PRO H 165 -68.65 29.99 34.54
C PRO H 165 -68.35 31.48 34.51
N LEU H 166 -68.29 32.04 33.29
CA LEU H 166 -68.01 33.45 33.09
C LEU H 166 -69.14 34.09 32.30
N ILE H 167 -69.56 35.28 32.74
CA ILE H 167 -70.57 36.08 32.05
C ILE H 167 -69.88 37.27 31.41
N TYR H 168 -70.08 37.44 30.11
CA TYR H 168 -69.47 38.53 29.37
C TYR H 168 -70.50 39.59 28.97
N PRO H 169 -70.10 40.87 28.95
CA PRO H 169 -68.76 41.41 29.24
C PRO H 169 -68.32 41.21 30.68
N ALA H 170 -67.16 40.58 30.85
CA ALA H 170 -66.66 40.17 32.17
C ALA H 170 -65.68 41.20 32.68
N GLU H 171 -65.98 41.77 33.85
CA GLU H 171 -65.02 42.63 34.54
C GLU H 171 -63.82 41.82 35.01
N ASP H 172 -62.65 42.46 34.99
CA ASP H 172 -61.42 41.78 35.37
C ASP H 172 -61.50 41.25 36.80
N ASP H 173 -62.03 42.05 37.72
CA ASP H 173 -62.13 41.59 39.11
C ASP H 173 -63.15 40.48 39.26
N ASP H 174 -64.19 40.46 38.42
CA ASP H 174 -65.20 39.40 38.52
C ASP H 174 -64.64 38.06 38.05
N VAL H 175 -63.76 38.06 37.05
CA VAL H 175 -63.08 36.83 36.67
C VAL H 175 -62.13 36.39 37.78
N VAL H 176 -61.37 37.35 38.34
CA VAL H 176 -60.46 37.05 39.44
C VAL H 176 -61.22 36.51 40.64
N ALA H 177 -62.37 37.11 40.96
CA ALA H 177 -63.15 36.66 42.10
C ALA H 177 -63.74 35.28 41.86
N ALA H 178 -64.20 35.02 40.64
CA ALA H 178 -64.72 33.69 40.31
C ALA H 178 -63.64 32.63 40.42
N PHE H 179 -62.40 32.98 40.07
CA PHE H 179 -61.29 32.04 40.21
C PHE H 179 -60.98 31.79 41.68
N ARG H 180 -60.95 32.86 42.48
CA ARG H 180 -60.69 32.70 43.92
C ARG H 180 -61.80 31.90 44.59
N ASP H 181 -63.04 32.10 44.16
CA ASP H 181 -64.14 31.33 44.76
C ASP H 181 -64.07 29.87 44.36
N ALA H 182 -63.54 29.57 43.17
CA ALA H 182 -63.41 28.18 42.74
C ALA H 182 -62.28 27.48 43.47
N ILE H 183 -61.16 28.19 43.71
CA ILE H 183 -60.06 27.62 44.47
C ILE H 183 -60.52 27.27 45.87
N LYS H 184 -61.23 28.20 46.51
CA LYS H 184 -61.63 28.02 47.90
C LYS H 184 -62.72 26.98 48.03
N LYS H 185 -63.73 26.99 47.15
CA LYS H 185 -64.77 25.97 47.21
C LYS H 185 -64.21 24.58 46.94
N SER H 186 -63.16 24.49 46.11
CA SER H 186 -62.52 23.22 45.84
C SER H 186 -62.01 22.57 47.12
N ARG H 187 -61.28 23.34 47.93
CA ARG H 187 -60.70 22.80 49.16
C ARG H 187 -61.78 22.41 50.17
N GLU H 188 -62.84 23.21 50.29
CA GLU H 188 -63.87 22.90 51.26
C GLU H 188 -64.68 21.66 50.89
N GLU H 189 -64.47 21.12 49.69
CA GLU H 189 -65.03 19.82 49.32
C GLU H 189 -63.98 18.71 49.35
N GLY H 190 -62.80 18.98 49.91
CA GLY H 190 -61.75 18.00 50.01
C GLY H 190 -60.87 17.87 48.78
N LYS H 191 -61.04 18.74 47.80
CA LYS H 191 -60.29 18.67 46.55
C LYS H 191 -59.04 19.55 46.62
N ARG H 192 -58.10 19.27 45.72
CA ARG H 192 -56.84 20.00 45.64
C ARG H 192 -56.75 20.71 44.29
N PRO H 193 -56.94 22.04 44.24
CA PRO H 193 -56.74 22.76 42.97
C PRO H 193 -55.32 22.60 42.46
N ARG H 194 -55.14 21.68 41.51
CA ARG H 194 -53.81 21.26 41.07
C ARG H 194 -53.32 22.03 39.85
N LEU H 195 -54.18 22.24 38.86
CA LEU H 195 -53.77 22.87 37.60
C LEU H 195 -54.92 23.71 37.08
N ALA H 196 -54.58 24.89 36.55
CA ALA H 196 -55.55 25.81 35.97
C ALA H 196 -55.18 26.10 34.53
N VAL H 197 -56.17 26.03 33.64
CA VAL H 197 -55.98 26.31 32.22
C VAL H 197 -56.41 27.76 31.97
N ILE H 198 -55.45 28.62 31.63
CA ILE H 198 -55.66 30.05 31.56
C ILE H 198 -55.49 30.52 30.12
N ASP H 199 -56.38 31.40 29.67
CA ASP H 199 -56.29 32.00 28.35
C ASP H 199 -55.49 33.30 28.39
N VAL H 200 -54.73 33.54 27.32
CA VAL H 200 -54.22 34.88 27.06
C VAL H 200 -55.28 35.71 26.37
N VAL H 201 -55.79 35.22 25.24
CA VAL H 201 -56.97 35.76 24.57
C VAL H 201 -57.91 34.60 24.31
N SER H 202 -59.17 34.75 24.74
CA SER H 202 -60.14 33.68 24.54
C SER H 202 -60.53 33.58 23.07
N SER H 203 -61.09 32.42 22.72
CA SER H 203 -61.47 32.16 21.33
C SER H 203 -62.84 32.76 21.02
N MET H 204 -63.89 32.25 21.65
CA MET H 204 -65.24 32.77 21.45
C MET H 204 -65.90 33.12 22.80
N PRO H 205 -66.03 34.43 23.08
CA PRO H 205 -65.66 35.53 22.20
C PRO H 205 -64.19 35.88 22.26
N GLY H 206 -63.70 36.60 21.26
CA GLY H 206 -62.30 36.95 21.18
C GLY H 206 -61.94 38.13 22.06
N VAL H 207 -61.68 37.87 23.34
CA VAL H 207 -61.44 38.92 24.32
C VAL H 207 -60.10 38.68 25.01
N ARG H 208 -59.47 39.78 25.41
CA ARG H 208 -58.24 39.71 26.20
C ARG H 208 -58.58 39.23 27.61
N PHE H 209 -57.94 38.18 28.03
CA PHE H 209 -58.19 37.60 29.33
C PHE H 209 -57.19 38.14 30.35
N PRO H 210 -57.61 38.43 31.59
CA PRO H 210 -56.68 38.94 32.59
C PRO H 210 -55.76 37.86 33.13
N PHE H 211 -54.91 37.30 32.27
CA PHE H 211 -54.10 36.15 32.66
C PHE H 211 -52.98 36.52 33.63
N GLU H 212 -52.62 37.79 33.72
CA GLU H 212 -51.58 38.20 34.67
C GLU H 212 -52.03 37.96 36.10
N ASP H 213 -53.28 38.32 36.42
CA ASP H 213 -53.79 38.16 37.77
C ASP H 213 -54.10 36.71 38.11
N ILE H 214 -54.36 35.87 37.11
CA ILE H 214 -54.70 34.47 37.38
C ILE H 214 -53.44 33.63 37.54
N VAL H 215 -52.43 33.86 36.71
CA VAL H 215 -51.15 33.19 36.92
C VAL H 215 -50.53 33.63 38.24
N LYS H 216 -50.72 34.89 38.62
CA LYS H 216 -50.20 35.38 39.90
C LYS H 216 -50.88 34.67 41.07
N ILE H 217 -52.19 34.50 41.01
CA ILE H 217 -52.90 33.76 42.05
C ILE H 217 -52.51 32.28 42.03
N CYS H 218 -52.37 31.71 40.83
CA CYS H 218 -51.91 30.32 40.72
C CYS H 218 -50.55 30.14 41.39
N LYS H 219 -49.68 31.15 41.26
CA LYS H 219 -48.37 31.08 41.91
C LYS H 219 -48.51 31.15 43.43
N GLU H 220 -49.40 32.00 43.93
CA GLU H 220 -49.57 32.13 45.38
C GLU H 220 -50.20 30.88 45.98
N GLU H 221 -51.12 30.25 45.25
CA GLU H 221 -51.79 29.04 45.73
C GLU H 221 -51.08 27.76 45.30
N GLU H 222 -49.91 27.87 44.70
CA GLU H 222 -49.13 26.72 44.22
C GLU H 222 -49.96 25.85 43.28
N ILE H 223 -50.40 26.47 42.19
CA ILE H 223 -51.22 25.83 41.17
C ILE H 223 -50.47 25.88 39.85
N ILE H 224 -50.45 24.76 39.13
CA ILE H 224 -49.81 24.70 37.82
C ILE H 224 -50.58 25.61 36.86
N SER H 225 -49.94 26.67 36.41
CA SER H 225 -50.55 27.60 35.47
C SER H 225 -50.29 27.10 34.06
N CYS H 226 -51.31 26.51 33.44
CA CYS H 226 -51.26 26.01 32.07
C CYS H 226 -51.88 27.08 31.18
N VAL H 227 -51.05 27.95 30.62
CA VAL H 227 -51.52 29.13 29.93
C VAL H 227 -51.72 28.81 28.45
N ASP H 228 -52.97 28.74 28.03
CA ASP H 228 -53.31 28.59 26.62
C ASP H 228 -53.27 29.97 25.98
N GLY H 229 -52.14 30.31 25.37
CA GLY H 229 -51.99 31.56 24.67
C GLY H 229 -52.04 31.40 23.16
N ALA H 230 -52.91 30.51 22.68
CA ALA H 230 -53.03 30.28 21.24
C ALA H 230 -53.25 31.60 20.49
N GLN H 231 -54.25 32.38 20.92
CA GLN H 231 -54.44 33.74 20.43
C GLN H 231 -53.44 34.64 21.16
N GLY H 232 -52.19 34.60 20.71
CA GLY H 232 -51.14 35.25 21.46
C GLY H 232 -50.03 35.87 20.65
N ILE H 233 -48.99 35.08 20.34
CA ILE H 233 -47.76 35.65 19.78
C ILE H 233 -48.06 36.30 18.43
N GLY H 234 -47.48 37.49 18.24
CA GLY H 234 -47.74 38.29 17.07
C GLY H 234 -48.92 39.23 17.19
N MET H 235 -49.69 39.16 18.28
CA MET H 235 -50.86 40.00 18.48
C MET H 235 -50.80 40.79 19.78
N VAL H 236 -50.46 40.14 20.89
CA VAL H 236 -50.35 40.80 22.19
C VAL H 236 -49.05 40.40 22.85
N ASP H 237 -48.50 41.33 23.63
CA ASP H 237 -47.28 41.04 24.40
C ASP H 237 -47.61 40.00 25.46
N LEU H 238 -46.98 38.82 25.33
CA LEU H 238 -47.29 37.71 26.24
C LEU H 238 -46.75 37.95 27.64
N LYS H 239 -45.73 38.79 27.80
CA LYS H 239 -45.15 39.12 29.10
C LYS H 239 -44.79 37.85 29.89
N ILE H 240 -44.05 36.98 29.22
CA ILE H 240 -43.76 35.66 29.78
C ILE H 240 -42.84 35.78 31.00
N THR H 241 -41.77 36.56 30.88
CA THR H 241 -40.82 36.67 31.98
C THR H 241 -41.43 37.37 33.19
N GLU H 242 -42.27 38.37 32.94
CA GLU H 242 -42.91 39.08 34.06
C GLU H 242 -43.87 38.16 34.82
N THR H 243 -44.66 37.38 34.10
CA THR H 243 -45.67 36.53 34.73
C THR H 243 -45.13 35.15 35.13
N ASP H 244 -44.00 34.73 34.55
CA ASP H 244 -43.35 33.47 34.87
C ASP H 244 -44.34 32.31 34.94
N PRO H 245 -44.97 31.95 33.82
CA PRO H 245 -45.93 30.85 33.86
C PRO H 245 -45.25 29.49 33.87
N ASP H 246 -46.01 28.47 34.27
CA ASP H 246 -45.48 27.11 34.33
C ASP H 246 -45.41 26.48 32.95
N PHE H 247 -46.43 26.70 32.13
CA PHE H 247 -46.45 26.22 30.75
C PHE H 247 -47.22 27.22 29.91
N LEU H 248 -46.80 27.40 28.66
CA LEU H 248 -47.59 28.25 27.77
C LEU H 248 -47.39 27.81 26.33
N ILE H 249 -48.51 27.71 25.62
CA ILE H 249 -48.55 27.35 24.22
C ILE H 249 -49.15 28.53 23.45
N SER H 250 -48.65 28.77 22.24
CA SER H 250 -49.12 29.91 21.46
C SER H 250 -48.92 29.63 19.98
N ASN H 251 -49.95 29.91 19.18
CA ASN H 251 -49.91 29.63 17.74
C ASN H 251 -49.16 30.75 17.01
N CYS H 252 -48.11 30.37 16.28
CA CYS H 252 -47.44 31.32 15.40
C CYS H 252 -48.20 31.51 14.09
N HIS H 253 -48.88 30.47 13.61
CA HIS H 253 -49.60 30.55 12.35
C HIS H 253 -50.86 31.41 12.46
N TRP H 255 -51.14 34.51 14.36
CA TRP H 255 -50.89 35.96 14.31
C TRP H 255 -49.42 36.36 14.11
N LEU H 256 -48.56 35.41 13.77
CA LEU H 256 -47.16 35.70 13.46
C LEU H 256 -46.83 35.45 11.99
N PHE H 257 -47.84 35.26 11.14
CA PHE H 257 -47.66 35.05 9.70
C PHE H 257 -46.81 33.82 9.41
N THR H 258 -46.83 32.85 10.32
CA THR H 258 -46.15 31.56 10.14
C THR H 258 -47.04 30.59 9.37
N PRO H 259 -46.47 29.76 8.51
CA PRO H 259 -47.29 28.78 7.79
C PRO H 259 -48.07 27.87 8.74
N ARG H 260 -49.19 27.38 8.26
CA ARG H 260 -50.15 26.68 9.10
C ARG H 260 -49.54 25.41 9.67
N GLY H 261 -49.80 25.18 10.95
CA GLY H 261 -49.25 24.03 11.66
C GLY H 261 -47.98 24.37 12.41
N CYS H 262 -48.05 25.36 13.30
CA CYS H 262 -46.89 25.73 14.10
C CYS H 262 -47.34 26.44 15.36
N ALA H 263 -46.83 26.00 16.52
CA ALA H 263 -47.09 26.64 17.79
C ALA H 263 -45.83 26.59 18.63
N VAL H 264 -45.55 27.68 19.34
CA VAL H 264 -44.35 27.78 20.17
C VAL H 264 -44.70 27.32 21.58
N PHE H 265 -43.92 26.35 22.08
CA PHE H 265 -44.15 25.72 23.37
C PHE H 265 -43.11 26.25 24.35
N TYR H 266 -43.55 27.05 25.32
CA TYR H 266 -42.67 27.60 26.34
C TYR H 266 -42.81 26.79 27.64
N VAL H 267 -41.70 26.26 28.12
CA VAL H 267 -41.64 25.60 29.42
C VAL H 267 -40.38 26.09 30.14
N PRO H 268 -40.49 26.71 31.31
CA PRO H 268 -39.29 27.06 32.07
C PRO H 268 -38.53 25.80 32.48
N VAL H 269 -37.20 25.95 32.60
CA VAL H 269 -36.34 24.79 32.88
C VAL H 269 -36.79 24.07 34.15
N ARG H 270 -37.39 24.79 35.10
CA ARG H 270 -37.80 24.17 36.36
C ARG H 270 -38.89 23.13 36.14
N ASN H 271 -39.68 23.25 35.08
CA ASN H 271 -40.79 22.33 34.83
C ASN H 271 -40.57 21.41 33.63
N GLN H 272 -39.43 21.54 32.93
CA GLN H 272 -39.23 20.76 31.73
C GLN H 272 -39.12 19.26 32.02
N HIS H 273 -38.74 18.88 33.24
CA HIS H 273 -38.70 17.46 33.58
C HIS H 273 -40.10 16.87 33.67
N LEU H 274 -41.11 17.71 33.96
CA LEU H 274 -42.49 17.22 34.07
C LEU H 274 -43.01 16.72 32.73
N ILE H 275 -42.52 17.29 31.62
CA ILE H 275 -42.87 16.79 30.30
C ILE H 275 -42.04 15.55 30.03
N ARG H 276 -42.59 14.37 30.32
CA ARG H 276 -41.84 13.14 30.16
C ARG H 276 -41.80 12.72 28.69
N SER H 277 -42.96 12.64 28.04
CA SER H 277 -43.06 12.23 26.66
C SER H 277 -43.64 13.36 25.82
N THR H 278 -43.21 13.43 24.57
CA THR H 278 -43.82 14.34 23.61
C THR H 278 -45.06 13.68 23.01
N LEU H 279 -45.74 14.42 22.15
CA LEU H 279 -46.87 13.87 21.41
C LEU H 279 -46.58 13.87 19.91
N PRO H 280 -46.41 12.68 19.33
CA PRO H 280 -46.45 11.40 20.04
C PRO H 280 -45.12 11.04 20.69
N THR H 281 -45.06 9.91 21.39
CA THR H 281 -43.81 9.44 21.96
C THR H 281 -42.87 9.02 20.84
N SER H 282 -41.65 9.53 20.86
CA SER H 282 -40.71 9.31 19.76
C SER H 282 -39.34 8.94 20.33
N HIS H 283 -38.32 9.05 19.49
CA HIS H 283 -36.98 8.57 19.84
C HIS H 283 -36.39 9.30 21.03
N GLY H 284 -36.70 10.59 21.18
CA GLY H 284 -36.14 11.38 22.26
C GLY H 284 -36.59 11.00 23.64
N PHE H 285 -37.49 10.03 23.78
CA PHE H 285 -38.00 9.65 25.08
C PHE H 285 -37.01 8.76 25.81
N VAL H 286 -36.72 9.11 27.06
CA VAL H 286 -35.80 8.34 27.90
C VAL H 286 -36.62 7.49 28.86
N PRO H 287 -36.74 6.19 28.64
CA PRO H 287 -37.55 5.35 29.54
C PRO H 287 -36.92 5.26 30.92
N GLN H 288 -37.76 4.87 31.89
CA GLN H 288 -37.24 4.58 33.22
C GLN H 288 -36.43 3.30 33.23
N VAL H 289 -36.72 2.37 32.32
CA VAL H 289 -36.07 1.08 32.28
C VAL H 289 -35.51 0.79 30.89
N ASN H 301 -23.93 21.47 24.41
CA ASN H 301 -24.90 20.45 24.03
C ASN H 301 -26.30 20.86 24.49
N LYS H 302 -27.29 20.64 23.62
CA LYS H 302 -28.67 20.98 23.95
C LYS H 302 -29.16 20.13 25.12
N SER H 303 -30.07 20.70 25.90
CA SER H 303 -30.67 19.95 26.99
C SER H 303 -31.51 18.79 26.44
N ALA H 304 -31.86 17.86 27.32
CA ALA H 304 -32.72 16.75 26.93
C ALA H 304 -34.03 17.27 26.37
N PHE H 305 -34.75 18.08 27.17
CA PHE H 305 -36.07 18.60 26.80
C PHE H 305 -36.13 19.12 25.36
N VAL H 306 -35.15 19.93 24.96
CA VAL H 306 -35.13 20.46 23.60
C VAL H 306 -34.91 19.35 22.58
N SER H 307 -34.11 18.35 22.93
CA SER H 307 -33.80 17.28 21.98
C SER H 307 -35.02 16.45 21.61
N ASN H 308 -35.99 16.30 22.53
CA ASN H 308 -37.17 15.49 22.24
C ASN H 308 -37.97 16.07 21.09
N PHE H 309 -38.17 17.38 21.09
CA PHE H 309 -39.06 18.04 20.16
C PHE H 309 -38.42 18.26 18.79
N GLU H 310 -37.34 17.56 18.47
CA GLU H 310 -36.73 17.66 17.15
C GLU H 310 -37.29 16.64 16.18
N PHE H 311 -37.42 15.39 16.61
CA PHE H 311 -37.99 14.31 15.78
C PHE H 311 -39.08 13.64 16.60
N VAL H 312 -40.35 13.97 16.30
CA VAL H 312 -41.49 13.40 17.00
C VAL H 312 -42.39 12.68 15.99
N GLY H 313 -41.78 11.99 15.05
CA GLY H 313 -42.52 11.41 13.95
C GLY H 313 -42.37 12.24 12.70
N THR H 314 -42.18 11.58 11.56
CA THR H 314 -41.84 12.27 10.32
C THR H 314 -43.02 13.12 9.86
N VAL H 315 -42.81 14.45 9.85
CA VAL H 315 -43.79 15.41 9.36
C VAL H 315 -43.06 16.43 8.50
N ASP H 316 -43.83 17.36 7.93
CA ASP H 316 -43.26 18.48 7.18
C ASP H 316 -42.95 19.59 8.18
N ASN H 317 -41.66 19.79 8.46
CA ASN H 317 -41.23 20.79 9.42
C ASN H 317 -41.00 22.16 8.80
N SER H 318 -41.32 22.32 7.51
CA SER H 318 -41.16 23.62 6.87
C SER H 318 -41.90 24.75 7.59
N PRO H 319 -43.12 24.56 8.11
CA PRO H 319 -43.72 25.65 8.91
C PRO H 319 -42.86 26.09 10.08
N PHE H 320 -42.23 25.15 10.79
CA PHE H 320 -41.34 25.53 11.90
C PHE H 320 -40.13 26.29 11.38
N PHE H 321 -39.59 25.88 10.23
CA PHE H 321 -38.41 26.54 9.68
C PHE H 321 -38.71 27.98 9.30
N CYS H 322 -39.97 28.30 8.99
CA CYS H 322 -40.35 29.64 8.56
C CYS H 322 -40.58 30.61 9.72
N VAL H 323 -40.47 30.15 10.98
CA VAL H 323 -40.68 31.06 12.10
C VAL H 323 -39.64 32.17 12.10
N LYS H 324 -38.37 31.80 11.96
CA LYS H 324 -37.32 32.81 11.87
C LYS H 324 -37.51 33.69 10.63
N ASP H 325 -38.07 33.13 9.56
CA ASP H 325 -38.30 33.92 8.35
C ASP H 325 -39.48 34.88 8.54
N ALA H 326 -40.54 34.41 9.21
CA ALA H 326 -41.71 35.26 9.42
C ALA H 326 -41.41 36.40 10.39
N ILE H 327 -40.53 36.17 11.37
CA ILE H 327 -40.16 37.24 12.29
C ILE H 327 -39.32 38.30 11.59
N LYS H 328 -38.40 37.85 10.72
CA LYS H 328 -37.58 38.81 9.97
C LYS H 328 -38.45 39.64 9.04
N TRP H 329 -39.40 39.01 8.35
CA TRP H 329 -40.23 39.73 7.40
C TRP H 329 -41.12 40.76 8.09
N ARG H 330 -41.61 40.44 9.29
CA ARG H 330 -42.44 41.39 10.02
C ARG H 330 -41.63 42.60 10.48
N GLU H 331 -40.37 42.37 10.85
CA GLU H 331 -39.51 43.47 11.29
C GLU H 331 -38.97 44.25 10.11
N GLU H 332 -38.43 43.55 9.11
CA GLU H 332 -37.71 44.20 8.02
C GLU H 332 -38.63 44.88 7.02
N VAL H 333 -39.86 44.36 6.84
CA VAL H 333 -40.78 44.86 5.85
C VAL H 333 -41.94 45.63 6.47
N LEU H 334 -42.49 45.14 7.58
CA LEU H 334 -43.70 45.74 8.15
C LEU H 334 -43.43 46.70 9.31
N GLY H 335 -42.19 46.82 9.77
CA GLY H 335 -41.81 47.82 10.75
C GLY H 335 -41.49 47.27 12.12
N GLY H 336 -42.11 46.16 12.51
CA GLY H 336 -41.84 45.56 13.81
C GLY H 336 -43.07 45.06 14.54
N GLU H 337 -42.86 44.44 15.70
CA GLU H 337 -43.97 43.84 16.43
C GLU H 337 -44.84 44.89 17.10
N GLU H 338 -44.21 45.92 17.70
CA GLU H 338 -44.99 46.98 18.33
C GLU H 338 -45.90 47.68 17.32
N ARG H 339 -45.41 47.88 16.09
CA ARG H 339 -46.22 48.56 15.09
C ARG H 339 -47.36 47.67 14.60
N ILE H 340 -47.08 46.39 14.37
CA ILE H 340 -48.13 45.48 13.91
C ILE H 340 -49.20 45.29 14.96
N MET H 341 -48.79 44.99 16.20
CA MET H 341 -49.76 44.72 17.26
C MET H 341 -50.62 45.95 17.55
N GLU H 342 -50.03 47.14 17.48
CA GLU H 342 -50.73 48.34 17.89
C GLU H 342 -51.68 48.86 16.81
N TYR H 343 -51.36 48.63 15.53
CA TYR H 343 -52.30 48.97 14.48
C TYR H 343 -53.52 48.06 14.53
N MET H 344 -53.31 46.77 14.78
CA MET H 344 -54.42 45.82 14.77
C MET H 344 -55.37 46.08 15.93
N THR H 345 -54.84 46.32 17.13
CA THR H 345 -55.69 46.61 18.28
C THR H 345 -56.45 47.92 18.07
N LYS H 346 -55.76 48.95 17.56
CA LYS H 346 -56.42 50.22 17.28
C LYS H 346 -57.55 50.05 16.25
N LEU H 347 -57.29 49.28 15.20
CA LEU H 347 -58.32 49.01 14.20
C LEU H 347 -59.43 48.13 14.77
N ALA H 348 -59.12 47.32 15.78
CA ALA H 348 -60.13 46.46 16.37
C ALA H 348 -61.16 47.27 17.15
N ARG H 349 -60.71 48.23 17.96
CA ARG H 349 -61.65 49.05 18.72
C ARG H 349 -62.43 49.99 17.81
N GLU H 350 -61.71 50.80 17.02
CA GLU H 350 -62.37 51.78 16.16
C GLU H 350 -63.20 51.11 15.08
N GLY H 351 -62.69 50.02 14.49
CA GLY H 351 -63.45 49.34 13.46
C GLY H 351 -64.66 48.61 14.01
N GLY H 352 -64.52 47.98 15.18
CA GLY H 352 -65.64 47.31 15.80
C GLY H 352 -66.76 48.27 16.21
N GLN H 353 -66.38 49.48 16.65
CA GLN H 353 -67.40 50.44 17.05
C GLN H 353 -68.19 50.93 15.85
N LYS H 354 -67.54 51.08 14.70
CA LYS H 354 -68.27 51.41 13.48
C LYS H 354 -69.28 50.32 13.14
N VAL H 355 -68.89 49.06 13.27
CA VAL H 355 -69.82 47.95 13.09
C VAL H 355 -71.00 48.09 14.04
N ALA H 356 -70.73 48.49 15.29
CA ALA H 356 -71.80 48.65 16.27
C ALA H 356 -72.70 49.82 15.93
N GLU H 357 -72.13 50.91 15.40
CA GLU H 357 -72.95 52.05 15.00
C GLU H 357 -73.83 51.71 13.80
N ILE H 358 -73.27 50.97 12.83
CA ILE H 358 -74.07 50.54 11.67
C ILE H 358 -75.17 49.59 12.13
N LEU H 359 -74.84 48.62 12.98
CA LEU H 359 -75.83 47.67 13.48
C LEU H 359 -76.76 48.29 14.51
N GLY H 360 -76.43 49.46 15.04
CA GLY H 360 -77.22 50.03 16.12
C GLY H 360 -77.09 49.30 17.44
N THR H 361 -76.10 48.42 17.58
CA THR H 361 -75.93 47.63 18.79
C THR H 361 -74.73 48.11 19.58
N ARG H 362 -73.98 47.18 20.16
CA ARG H 362 -72.88 47.51 21.06
C ARG H 362 -71.72 46.56 20.83
N VAL H 363 -70.52 47.06 21.09
CA VAL H 363 -69.32 46.25 21.08
C VAL H 363 -69.18 45.57 22.44
N LEU H 364 -68.69 44.32 22.44
CA LEU H 364 -68.47 43.59 23.68
C LEU H 364 -67.25 44.14 24.41
N GLU H 365 -67.48 44.84 25.52
CA GLU H 365 -66.40 45.46 26.27
C GLU H 365 -66.88 45.67 27.71
N ASN H 366 -65.94 45.60 28.65
CA ASN H 366 -66.26 45.80 30.06
C ASN H 366 -66.08 47.28 30.43
N SER H 367 -66.32 47.59 31.70
CA SER H 367 -66.32 48.97 32.16
C SER H 367 -64.93 49.58 32.25
N THR H 368 -63.87 48.79 32.07
CA THR H 368 -62.51 49.29 32.14
C THR H 368 -61.78 49.25 30.80
N GLY H 369 -62.45 48.86 29.72
CA GLY H 369 -61.83 48.85 28.41
C GLY H 369 -60.71 47.85 28.24
N THR H 370 -60.77 46.71 28.92
CA THR H 370 -59.68 45.74 28.90
C THR H 370 -59.96 44.52 28.03
N LEU H 371 -61.19 44.35 27.52
CA LEU H 371 -61.49 43.19 26.70
C LEU H 371 -60.93 43.32 25.29
N ILE H 372 -61.01 44.51 24.69
CA ILE H 372 -60.47 44.71 23.35
C ILE H 372 -59.02 45.14 23.45
N ARG H 373 -58.21 44.38 24.18
CA ARG H 373 -56.77 44.56 24.19
C ARG H 373 -56.06 43.59 23.26
N CYS H 374 -56.73 43.20 22.18
CA CYS H 374 -56.18 42.31 21.17
C CYS H 374 -56.61 42.82 19.80
N ALA H 375 -56.40 42.00 18.77
CA ALA H 375 -56.73 42.36 17.40
C ALA H 375 -58.12 41.89 16.99
N MET H 376 -58.91 41.34 17.91
CA MET H 376 -60.25 40.87 17.61
C MET H 376 -61.27 41.63 18.45
N VAL H 377 -62.49 41.72 17.93
CA VAL H 377 -63.57 42.47 18.58
C VAL H 377 -64.88 41.76 18.31
N ASN H 378 -65.80 41.86 19.26
CA ASN H 378 -67.11 41.23 19.16
C ASN H 378 -68.20 42.29 19.16
N ILE H 379 -69.18 42.13 18.28
CA ILE H 379 -70.28 43.07 18.13
C ILE H 379 -71.58 42.29 18.18
N ALA H 380 -72.56 42.82 18.91
CA ALA H 380 -73.83 42.15 19.09
C ALA H 380 -74.68 42.28 17.83
N LEU H 381 -75.33 41.17 17.45
CA LEU H 381 -76.24 41.22 16.32
C LEU H 381 -77.58 41.79 16.75
N PRO H 382 -78.27 42.59 15.88
CA PRO H 382 -79.53 43.25 16.28
C PRO H 382 -80.72 42.31 16.26
N PHE H 383 -80.64 41.24 17.06
CA PHE H 383 -81.77 40.38 17.32
C PHE H 383 -81.49 39.59 18.61
N VAL H 384 -82.46 38.77 19.00
CA VAL H 384 -82.36 38.02 20.25
C VAL H 384 -83.03 36.67 20.04
N VAL H 385 -82.58 35.67 20.81
CA VAL H 385 -83.14 34.33 20.76
C VAL H 385 -84.12 34.15 21.91
N GLY H 386 -85.16 33.35 21.67
CA GLY H 386 -86.12 33.04 22.70
C GLY H 386 -85.52 32.15 23.79
N GLU H 387 -86.32 31.93 24.83
CA GLU H 387 -85.83 31.23 26.02
C GLU H 387 -85.92 29.73 25.86
N ASP H 388 -84.81 29.06 26.10
CA ASP H 388 -84.79 27.60 26.07
C ASP H 388 -85.52 27.09 27.31
N PRO H 389 -86.64 26.39 27.14
CA PRO H 389 -87.42 25.97 28.32
C PRO H 389 -86.67 25.02 29.25
N LYS H 390 -85.62 24.36 28.77
CA LYS H 390 -84.84 23.44 29.59
C LYS H 390 -83.47 24.01 29.97
N ALA H 391 -83.22 25.28 29.70
CA ALA H 391 -81.98 25.94 30.10
C ALA H 391 -82.19 27.45 30.11
N PRO H 392 -83.05 27.97 30.98
CA PRO H 392 -83.37 29.40 30.93
C PRO H 392 -82.26 30.25 31.53
N VAL H 393 -82.06 31.43 30.94
CA VAL H 393 -81.02 32.35 31.35
C VAL H 393 -81.70 33.62 31.87
N LYS H 394 -81.43 33.95 33.14
CA LYS H 394 -81.96 35.17 33.72
C LYS H 394 -81.05 36.33 33.36
N LEU H 395 -81.58 37.30 32.63
CA LEU H 395 -80.77 38.38 32.10
C LEU H 395 -80.69 39.54 33.08
N THR H 396 -79.57 40.27 33.00
CA THR H 396 -79.43 41.54 33.69
C THR H 396 -80.53 42.50 33.27
N GLU H 397 -80.87 43.43 34.17
CA GLU H 397 -81.75 44.54 33.76
C GLU H 397 -81.17 45.25 32.54
N LYS H 398 -79.85 45.44 32.52
CA LYS H 398 -79.22 46.03 31.34
C LYS H 398 -79.34 45.10 30.13
N GLU H 399 -79.10 43.80 30.31
CA GLU H 399 -79.24 42.86 29.20
C GLU H 399 -80.67 42.83 28.67
N GLU H 400 -81.66 43.05 29.54
CA GLU H 400 -83.03 43.14 29.08
C GLU H 400 -83.28 44.42 28.29
N LYS H 401 -82.51 45.47 28.56
CA LYS H 401 -82.77 46.76 27.94
C LYS H 401 -82.43 46.76 26.45
N ASP H 402 -81.38 46.05 26.05
CA ASP H 402 -80.94 46.05 24.65
C ASP H 402 -81.82 45.20 23.75
N VAL H 403 -82.81 44.50 24.31
CA VAL H 403 -83.58 43.55 23.53
C VAL H 403 -84.96 44.08 23.14
N GLU H 404 -85.49 45.07 23.87
CA GLU H 404 -86.76 45.67 23.48
C GLU H 404 -86.68 46.21 22.05
N GLY H 405 -87.74 45.96 21.29
CA GLY H 405 -87.78 46.35 19.90
C GLY H 405 -87.02 45.43 18.96
N LEU H 406 -86.06 44.66 19.47
CA LEU H 406 -85.33 43.74 18.62
C LEU H 406 -86.19 42.54 18.25
N TYR H 407 -86.13 42.15 16.99
CA TYR H 407 -86.78 40.92 16.54
C TYR H 407 -86.25 39.73 17.32
N GLU H 408 -87.12 38.77 17.57
CA GLU H 408 -86.80 37.60 18.38
C GLU H 408 -87.05 36.34 17.58
N ILE H 409 -86.03 35.50 17.46
CA ILE H 409 -86.15 34.21 16.78
C ILE H 409 -86.33 33.13 17.84
N PRO H 410 -87.27 32.20 17.67
CA PRO H 410 -87.46 31.14 18.66
C PRO H 410 -86.19 30.32 18.86
N HIS H 411 -86.04 29.78 20.07
CA HIS H 411 -84.83 29.03 20.38
C HIS H 411 -84.73 27.74 19.58
N GLU H 412 -85.86 27.11 19.27
CA GLU H 412 -85.85 25.92 18.44
C GLU H 412 -85.45 26.20 17.00
N GLU H 413 -85.30 27.48 16.63
CA GLU H 413 -84.80 27.86 15.32
C GLU H 413 -83.42 28.52 15.39
N ALA H 414 -82.83 28.59 16.59
CA ALA H 414 -81.56 29.31 16.74
C ALA H 414 -80.45 28.66 15.92
N ASN H 415 -80.35 27.34 15.96
CA ASN H 415 -79.31 26.66 15.20
C ASN H 415 -79.58 26.70 13.69
N MET H 416 -80.87 26.71 13.31
CA MET H 416 -81.21 26.78 11.89
C MET H 416 -80.73 28.10 11.28
N ALA H 417 -81.00 29.22 11.95
CA ALA H 417 -80.53 30.50 11.45
C ALA H 417 -79.03 30.66 11.62
N PHE H 418 -78.44 29.99 12.61
CA PHE H 418 -76.99 30.03 12.78
C PHE H 418 -76.28 29.43 11.57
N LYS H 419 -76.72 28.24 11.14
CA LYS H 419 -76.14 27.61 9.96
C LYS H 419 -76.42 28.43 8.71
N TRP H 420 -77.62 29.01 8.62
CA TRP H 420 -77.99 29.77 7.43
C TRP H 420 -77.09 30.98 7.23
N MET H 421 -76.76 31.68 8.32
CA MET H 421 -75.93 32.87 8.20
C MET H 421 -74.50 32.53 7.79
N TYR H 422 -73.99 31.37 8.21
CA TYR H 422 -72.64 30.99 7.82
C TYR H 422 -72.54 30.71 6.33
N ASN H 423 -73.53 30.02 5.76
CA ASN H 423 -73.50 29.72 4.33
C ASN H 423 -73.66 30.99 3.50
N VAL H 424 -74.59 31.86 3.87
CA VAL H 424 -74.83 33.08 3.10
C VAL H 424 -73.61 33.99 3.13
N LEU H 425 -72.95 34.08 4.28
CA LEU H 425 -71.74 34.89 4.36
C LEU H 425 -70.64 34.37 3.43
N GLN H 426 -70.64 33.08 3.14
CA GLN H 426 -69.66 32.49 2.24
C GLN H 426 -70.15 32.47 0.79
N ASP H 427 -71.40 32.07 0.57
CA ASP H 427 -71.92 31.97 -0.79
C ASP H 427 -72.15 33.35 -1.39
N GLU H 428 -72.93 34.20 -0.72
CA GLU H 428 -73.35 35.47 -1.30
C GLU H 428 -72.35 36.59 -1.07
N PHE H 429 -71.74 36.66 0.12
CA PHE H 429 -70.87 37.78 0.46
C PHE H 429 -69.39 37.43 0.41
N ASN H 430 -69.05 36.15 0.24
CA ASN H 430 -67.67 35.69 0.13
C ASN H 430 -66.81 36.23 1.27
N THR H 431 -67.23 35.88 2.48
CA THR H 431 -66.47 36.18 3.69
C THR H 431 -66.81 35.10 4.71
N PHE H 432 -66.30 35.25 5.92
CA PHE H 432 -66.66 34.34 7.00
C PHE H 432 -66.51 35.08 8.33
N VAL H 433 -67.57 35.07 9.14
CA VAL H 433 -67.58 35.75 10.43
C VAL H 433 -68.08 34.78 11.49
N PRO H 434 -67.22 34.28 12.36
CA PRO H 434 -67.68 33.39 13.42
C PRO H 434 -68.50 34.15 14.46
N MET H 435 -69.45 33.45 15.08
CA MET H 435 -70.38 34.07 16.00
C MET H 435 -70.43 33.28 17.31
N THR H 436 -70.42 34.00 18.43
CA THR H 436 -70.53 33.42 19.75
C THR H 436 -71.97 33.49 20.23
N PHE H 437 -72.52 32.35 20.64
CA PHE H 437 -73.85 32.30 21.24
C PHE H 437 -73.67 32.39 22.74
N HIS H 438 -73.75 33.61 23.27
CA HIS H 438 -73.54 33.84 24.70
C HIS H 438 -74.73 34.60 25.27
N ARG H 439 -75.39 33.97 26.24
CA ARG H 439 -76.52 34.56 26.96
C ARG H 439 -77.52 35.22 26.00
N ARG H 440 -78.02 34.41 25.06
CA ARG H 440 -79.15 34.76 24.20
C ARG H 440 -78.81 35.76 23.11
N ARG H 441 -77.54 36.11 22.94
CA ARG H 441 -77.13 37.02 21.89
C ARG H 441 -76.07 36.36 21.03
N PHE H 442 -76.18 36.55 19.71
CA PHE H 442 -75.10 36.19 18.80
C PHE H 442 -74.12 37.36 18.77
N TRP H 443 -72.85 37.08 19.05
CA TRP H 443 -71.79 38.08 19.00
C TRP H 443 -70.85 37.71 17.86
N ALA H 444 -70.83 38.54 16.82
CA ALA H 444 -69.93 38.31 15.70
C ALA H 444 -68.51 38.69 16.09
N ARG H 445 -67.54 37.81 15.76
CA ARG H 445 -66.14 38.05 16.07
C ARG H 445 -65.41 38.44 14.78
N LEU H 446 -64.98 39.70 14.71
CA LEU H 446 -64.19 40.21 13.60
C LEU H 446 -62.72 40.27 14.00
N SER H 447 -61.84 40.05 13.02
CA SER H 447 -60.40 40.04 13.24
C SER H 447 -59.75 41.14 12.41
N ALA H 448 -59.16 42.12 13.08
CA ALA H 448 -58.42 43.16 12.39
C ALA H 448 -57.06 42.63 11.96
N GLN H 449 -56.53 43.22 10.88
CA GLN H 449 -55.21 42.83 10.40
C GLN H 449 -54.53 44.04 9.76
N VAL H 450 -53.22 43.92 9.57
CA VAL H 450 -52.45 45.01 8.98
C VAL H 450 -52.79 45.21 7.51
N TYR H 451 -53.45 44.24 6.88
CA TYR H 451 -53.92 44.40 5.52
C TYR H 451 -55.40 44.79 5.44
N LEU H 452 -56.04 45.00 6.59
CA LEU H 452 -57.40 45.52 6.65
C LEU H 452 -57.38 46.97 7.09
N GLU H 453 -58.53 47.63 6.98
CA GLU H 453 -58.67 49.03 7.35
C GLU H 453 -60.15 49.30 7.68
N MET H 454 -60.46 50.57 7.92
CA MET H 454 -61.80 50.94 8.39
C MET H 454 -62.88 50.56 7.39
N SER H 455 -62.60 50.76 6.09
CA SER H 455 -63.60 50.44 5.07
C SER H 455 -63.93 48.95 5.04
N ASP H 456 -63.01 48.10 5.51
CA ASP H 456 -63.35 46.68 5.64
C ASP H 456 -64.31 46.44 6.80
N PHE H 457 -64.29 47.31 7.81
CA PHE H 457 -65.24 47.18 8.92
C PHE H 457 -66.58 47.82 8.59
N GLU H 458 -66.61 48.83 7.71
CA GLU H 458 -67.88 49.35 7.24
C GLU H 458 -68.60 48.33 6.37
N TRP H 459 -67.84 47.66 5.49
CA TRP H 459 -68.41 46.58 4.68
C TRP H 459 -68.92 45.44 5.56
N ALA H 460 -68.16 45.09 6.60
CA ALA H 460 -68.60 44.05 7.52
C ALA H 460 -69.87 44.46 8.25
N GLY H 461 -69.92 45.70 8.73
CA GLY H 461 -71.13 46.17 9.40
C GLY H 461 -72.33 46.19 8.47
N LYS H 462 -72.15 46.66 7.24
CA LYS H 462 -73.26 46.70 6.30
C LYS H 462 -73.67 45.30 5.86
N THR H 463 -72.71 44.39 5.70
CA THR H 463 -73.05 43.01 5.38
C THR H 463 -73.84 42.36 6.52
N LEU H 464 -73.34 42.50 7.76
CA LEU H 464 -74.06 41.96 8.90
C LEU H 464 -75.41 42.64 9.09
N LYS H 465 -75.51 43.93 8.77
CA LYS H 465 -76.81 44.60 8.84
C LYS H 465 -77.79 43.98 7.87
N GLU H 466 -77.39 43.83 6.60
CA GLU H 466 -78.27 43.21 5.63
C GLU H 466 -78.56 41.75 5.98
N LEU H 467 -77.54 41.03 6.46
CA LEU H 467 -77.73 39.63 6.81
C LEU H 467 -78.78 39.46 7.91
N CYS H 468 -78.75 40.33 8.93
CA CYS H 468 -79.70 40.24 10.02
C CYS H 468 -81.08 40.78 9.64
N GLU H 469 -81.16 41.62 8.61
CA GLU H 469 -82.47 42.13 8.19
C GLU H 469 -83.31 41.04 7.56
N ARG H 470 -82.69 40.11 6.82
CA ARG H 470 -83.43 39.01 6.22
C ARG H 470 -83.64 37.86 7.20
N VAL H 471 -82.80 37.74 8.23
CA VAL H 471 -83.10 36.81 9.32
C VAL H 471 -84.36 37.26 10.06
N ALA H 472 -84.51 38.57 10.25
CA ALA H 472 -85.77 39.10 10.79
C ALA H 472 -86.94 38.79 9.89
N LYS H 473 -86.71 38.69 8.58
CA LYS H 473 -87.74 38.31 7.63
C LYS H 473 -87.96 36.80 7.55
N GLY H 474 -87.26 36.02 8.37
CA GLY H 474 -87.45 34.58 8.39
C GLY H 474 -86.96 33.87 7.15
N GLU H 475 -85.93 34.40 6.49
CA GLU H 475 -85.45 33.75 5.26
C GLU H 475 -84.70 32.46 5.55
N TYR H 476 -84.25 32.25 6.79
CA TYR H 476 -83.54 31.02 7.14
C TYR H 476 -84.42 29.79 7.12
N LYS H 477 -85.74 29.94 6.94
CA LYS H 477 -86.65 28.82 6.87
C LYS H 477 -86.90 28.38 5.43
#